data_7S01
#
_entry.id   7S01
#
_cell.length_a   176.925
_cell.length_b   110.455
_cell.length_c   222.379
_cell.angle_alpha   90.00
_cell.angle_beta   98.52
_cell.angle_gamma   90.00
#
_symmetry.space_group_name_H-M   'C 1 2 1'
#
loop_
_entity.id
_entity.type
_entity.pdbx_description
1 polymer 'DNA-directed RNA polymerase subunit'
2 polymer "DNA-directed RNA polymerase beta' subunit"
3 polymer 'DNA-directed RNA polymerase beta subunit'
4 polymer 'DNA-directed RNA polymerase'
5 polymer 'DNA-directed RNA polymerase'
6 polymer 'Non-template strand of the forked DNA oligonucleotide (downstream copy)'
7 polymer 'Template strand of the forked DNA oligonucleotide (downstream copy) containing the P077 AR9 promoter motif'
8 non-polymer 'ZINC ION'
#
loop_
_entity_poly.entity_id
_entity_poly.type
_entity_poly.pdbx_seq_one_letter_code
_entity_poly.pdbx_strand_id
1 'polypeptide(L)'
;MDILENYVSFDEQARDINIAFDKLFGRDDISHMNNFSINKRSYYNCLDQISDDLNLVLNKYNDLAYSLLEIRYNMATKEN
YTHMEFYSDIERLFIKNEKLLNVISDIVEEEYDLDLNQASKGKKINIELQVTDNLNKIYLKSSVLMRILIPILCDFNCDD
DINEVLVYDIFKEVIKSFDDGKKNALNKLYKIIYSRVFETKYSDVVIWTYLKNMSTDLMIIVKDYFKVIIKKIFPKLKHN
SSVISYLDVVIKQKLKYLFTFKYPISYKPLKAETTDDEELSEQERMEINLLRNDQGNSIINECSIKQEIAKIKKKYNVTD
EVMKEFINGRELNSIQIYLVKIYYSNKFKVNSNKNDIFYLLYGMTRELGEMNFSIIPEILSCAIAPNVRKMNNRKKLVDK
IIHSDKYSYLLKSYLPIKNILDKNNVILQLMTIKNAKFMNKENKEVDFSTDHLAEEVLDMLLCI
;
A
2 'polypeptide(L)'
;MGKKLSLIDFNEIYNEENLITRANPIENHEFSDDGIYSERIFGSYNEDDDDKDIDTIGWINIEPYYIINPILFTIIKKCI
PSINKIINYQQSIDQNGENIDLTEEIGEDDYIGLVKFKDNFDDLLEKYTDKKKYQKEYDFLIENHDKIFINKLPVFSHKL
RPATLLTGSKGKVLAFDEINNYYNFVIEYINQINEGVVSDDSIDLLLLPLLYNMQFYANNILTRIISEYLRGKKGFLRKN
IMGSRINFSARNVITPLIGHPIDEVAMPYKTFAELYKFQLINLISKVKGINYNEALKFWEKGILGFNQELYNYMEELITK
TKGGCTFLLNRNPTISIGSILYLKIGLIKKDYKDLTLGISNNLLSALSGDYDGDVLNIIPVFDNKMKEHFSLLSPQNFLV
DRNNGRFNGDFDLQKDQILGIFILNN
;
d
3 'polypeptide(L)'
;MISNFRKFHGNKNQEKFNENLILNKENESILNYLDPICKTLEIIPEITYLGSSVEPINKVYKFNKEEKTSDIERSELQLI
KMSFLIEKDDKKEEINKFIYFPKLIDSQYFIINGNRYYPIYQLLDSGTYRTNKALTLKTLLMPIVLREKKETFDDINGET
HTMLNVDLDLFKSKVPFLIYFFSKFGFEGTLEYFGLQDLIHVLMKEDLDQLDEDEINDNVIFMITKNISLVVDKNFFSNK
NNQIIIATLLNCFNTRIKIDKIYEKDYWVKKLGGYFTTNNSNKQEKGEGIILSFERILDEWTKKILRTEEKNKEDIYSVV
RWMINNYLALVKQDNMNLANKRIRLYEYLLHPLLIKFSKGTYRVLNNRNSNKFEKIKTIFSNIQEGFLVKKIINNELLRY
DNSVNSISLFTLILRYTQSGPQSPFSSNSTNNKLRGLHPSYLGRLGLTSTSAGDPGASGSLTPFLELPENSYMHFTEEPE
INLNIDDISIDEVIES
;
c
4 'polypeptide(L)'
;MEKTYNLNDILLSNEYEKIKEDIKEEIINDMASKKVKYSNTSEFAKNDFLKDEFIDLVVDGETYEITYGNLITLLIVARP
FNHFKVPMTEDLLFDLSDLKEYQNYYTTLLEHFGYSNEIKSIIKDVISELAIFSGDINVTFGNTVSIKSLIDLGNKVKRF
RELLHYRLPNDEALEFNDIEAIIKKNLDEIMKILSETDNMLRYYIDSGAGINSKQFGQVLSLVGSKPDLFGKIIPYPINT
SFLRGLDVRSFYINALGARKALITNYQQVRNSGYLTRKISMLLMDTKLIDLDDCGSHENNYLSINVENKDVLKRFSKRSY
LNNNGELVEIDINDESLIGQVIKIPSPTTCASNEGVCRKCYGKLFDINKDLNIGMIAVLLLTDPLTQRLLSAKHLLETRS
SKIDWGTNFEENFIVNRNLIYPKVYNGTVIIKEDDFKEDEETEEQVFDTFTLKSGNRFISISSPMRLFLNKDLKKQLDES
FYNIEEMQFEIPLNKLDEGDSFATFIMDNNELSKPLREIKDLIETNKYIKDHNVNEVVNYFIYLLNESGINIQSVHSELI
IREMMKLDDSDRTQFKNDKMPDYEIFRITDANLKGDSLSRSLLFEQVKKQLTTLDYDTFNKTKSSILDKLL
;
D
5 'polypeptide(L)'
;MDDISVIKNEDYEGSHRFLAEELLMPNANKTDGNRSTMFCSHLAQAVTLQKAEPPLVYTNFENQVGKYSTAGYRKANSNY
KVIEKIYKNDYNYVLIVQDQETGEYTLFERAECEFLTEHYGFQWDNDKIDSLKKDDTIEKDTVLYKNTCYDENMNFGYGV
NLNAAYFSYKNETLEDAIVISESAAKKLGTFSVNKVKVSVNTNDILLNLYGDNENYKGFPDIGEHIKNQIIASRRRFDYN
TALYELKNLNEMRDSDTPFFADGKIVDIEIFSNVPEEELKVQKYNEQVLYYINKQKEFSNNVYQKLKKIVEGKDNNVSDK
LLHFYNNCKMRIDENISYTYQNSKFSGFIMEFTILEEEPLNKGSKITGRYGNKGVISKILPDDQMPTVAEGRFKGLKADI
CLNPLGVFNRLNPSQLIEQELNWIAKFIRKDMEEAGSNEEKVSILLDFLNRVNKEETELMEEFINSLNKTELEEFLNDII
ENGIPICQKPFFGNIGLDELWELYNHYDHIDYFKCEGISTPLIIGEIYMVRLKHEPHSKFSARSTSFMNLRGLPAKSKNF
KEHKDLYSKTPVRIGNMEISNLSLTNEMGSIMDMLNSYSNNETNRRELIMQLLTGNPFDTNIDLSDVESGTSKILKSLFT
CLGLSIDDVEEEWENKLNGKVEDEK
;
C
6 'polydeoxyribonucleotide' (DA)(DT)(DC)(DA)(DC)(DA)(DT)(DA)(DT)(DT)(DG)(DG)(DA)(DG) N,t
7 'polydeoxyribonucleotide'
;(DC)(DT)(DC)(DC)(DA)(DA)(DT)(DA)(DT)(DG)(DT)(DG)(DA)(DT)(DA)(DT)(DA)(DA)(DT)(DA)
(DT)(DA)(DU)(DU)(DG)(DU)(DU)(DU)(DA)(DT)(DT)(DG)
;
T,n
#
# COMPACT_ATOMS: atom_id res chain seq x y z
N ASP A 2 47.69 56.42 53.00
CA ASP A 2 48.26 55.36 52.18
C ASP A 2 47.43 55.15 50.92
N ILE A 3 46.13 54.88 51.09
CA ILE A 3 45.21 54.67 49.99
C ILE A 3 43.98 55.55 50.21
N LEU A 4 43.63 56.35 49.21
CA LEU A 4 42.42 57.15 49.29
C LEU A 4 41.19 56.26 49.19
N GLU A 5 40.08 56.77 49.71
CA GLU A 5 38.82 56.05 49.67
C GLU A 5 38.26 56.04 48.25
N ASN A 6 37.57 54.95 47.92
CA ASN A 6 36.86 54.84 46.65
C ASN A 6 35.42 55.29 46.83
N TYR A 7 34.91 56.05 45.87
CA TYR A 7 33.63 56.71 46.04
C TYR A 7 32.46 55.74 45.99
N VAL A 8 32.47 54.81 45.04
CA VAL A 8 31.36 53.88 44.83
C VAL A 8 31.76 52.51 45.35
N SER A 9 30.82 51.82 46.01
CA SER A 9 31.06 50.49 46.55
C SER A 9 29.78 49.68 46.46
N PHE A 10 29.89 48.37 46.61
CA PHE A 10 28.77 47.47 46.44
C PHE A 10 28.52 46.65 47.70
N ASP A 11 27.27 46.22 47.87
CA ASP A 11 26.87 45.26 48.88
C ASP A 11 26.40 44.00 48.17
N GLU A 12 27.05 42.87 48.47
CA GLU A 12 26.78 41.62 47.78
C GLU A 12 25.46 41.00 48.23
N GLN A 13 25.23 40.93 49.54
CA GLN A 13 23.98 40.37 50.03
C GLN A 13 22.79 41.21 49.61
N ALA A 14 22.91 42.54 49.73
CA ALA A 14 21.87 43.42 49.20
C ALA A 14 21.85 43.44 47.68
N ARG A 15 22.91 42.94 47.04
CA ARG A 15 23.01 42.86 45.58
C ARG A 15 22.88 44.24 44.94
N ASP A 16 23.42 45.26 45.58
CA ASP A 16 23.20 46.63 45.13
C ASP A 16 24.50 47.44 45.19
N ILE A 17 24.73 48.24 44.16
CA ILE A 17 25.88 49.11 44.07
C ILE A 17 25.44 50.54 44.42
N ASN A 18 26.18 51.18 45.32
CA ASN A 18 25.85 52.52 45.81
C ASN A 18 27.00 53.46 45.51
N ILE A 19 26.66 54.62 44.96
CA ILE A 19 27.61 55.70 44.68
C ILE A 19 27.37 56.81 45.69
N ALA A 20 28.44 57.21 46.38
CA ALA A 20 28.34 58.21 47.45
C ALA A 20 28.23 59.61 46.82
N PHE A 21 27.01 59.95 46.43
CA PHE A 21 26.75 61.30 45.91
C PHE A 21 26.84 62.33 47.02
N ASP A 22 26.50 61.96 48.25
CA ASP A 22 26.52 62.91 49.36
C ASP A 22 27.93 63.37 49.68
N LYS A 23 28.92 62.47 49.59
CA LYS A 23 30.30 62.86 49.84
C LYS A 23 30.84 63.75 48.73
N LEU A 24 30.41 63.52 47.49
CA LEU A 24 30.90 64.31 46.37
C LEU A 24 30.30 65.70 46.34
N PHE A 25 28.99 65.81 46.55
CA PHE A 25 28.31 67.10 46.47
C PHE A 25 28.10 67.76 47.83
N GLY A 26 28.48 67.09 48.91
CA GLY A 26 28.44 67.70 50.23
C GLY A 26 27.05 67.99 50.76
N ARG A 27 26.07 67.16 50.43
CA ARG A 27 24.70 67.33 50.90
C ARG A 27 24.20 66.03 51.50
N ASP A 28 23.70 66.09 52.73
CA ASP A 28 23.28 64.89 53.43
C ASP A 28 21.96 64.34 52.89
N ASP A 29 21.06 65.22 52.44
CA ASP A 29 19.78 64.76 51.91
C ASP A 29 19.96 63.88 50.68
N ILE A 30 20.88 64.27 49.80
CA ILE A 30 21.17 63.47 48.61
C ILE A 30 21.63 62.07 48.99
N SER A 31 21.98 61.85 50.27
CA SER A 31 22.30 60.51 50.75
C SER A 31 21.21 59.51 50.43
N HIS A 32 19.95 59.97 50.36
CA HIS A 32 18.85 59.06 50.06
C HIS A 32 18.89 58.53 48.64
N MET A 33 19.54 59.25 47.72
CA MET A 33 19.62 58.85 46.32
C MET A 33 20.90 58.09 46.00
N ASN A 34 21.72 57.77 47.01
CA ASN A 34 23.06 57.25 46.74
C ASN A 34 23.04 55.82 46.23
N ASN A 35 22.02 55.04 46.58
CA ASN A 35 21.98 53.63 46.21
C ASN A 35 21.41 53.43 44.82
N PHE A 36 21.96 52.45 44.10
CA PHE A 36 21.50 52.08 42.77
C PHE A 36 21.05 50.63 42.79
N SER A 37 19.89 50.35 42.19
CA SER A 37 19.32 49.01 42.21
C SER A 37 19.87 48.17 41.06
N ILE A 38 20.19 46.91 41.36
CA ILE A 38 20.67 45.96 40.38
C ILE A 38 19.71 44.78 40.37
N ASN A 39 19.26 44.39 39.17
CA ASN A 39 18.22 43.37 39.04
C ASN A 39 18.68 42.15 38.24
N LYS A 40 19.14 42.34 37.00
CA LYS A 40 19.44 41.19 36.15
C LYS A 40 20.57 40.36 36.74
N ARG A 41 20.40 39.03 36.67
CA ARG A 41 21.32 38.12 37.35
C ARG A 41 22.69 38.11 36.70
N SER A 42 22.75 38.11 35.37
CA SER A 42 24.05 38.08 34.69
C SER A 42 24.86 39.33 35.00
N TYR A 43 24.21 40.49 35.04
CA TYR A 43 24.90 41.71 35.43
C TYR A 43 25.23 41.69 36.93
N TYR A 44 24.41 41.00 37.72
CA TYR A 44 24.68 40.87 39.15
C TYR A 44 25.95 40.06 39.40
N ASN A 45 26.27 39.12 38.51
CA ASN A 45 27.60 38.51 38.53
C ASN A 45 28.64 39.49 38.03
N CYS A 46 29.85 39.36 38.57
CA CYS A 46 30.96 40.26 38.24
C CYS A 46 30.62 41.71 38.55
N LEU A 47 29.78 41.94 39.57
CA LEU A 47 29.49 43.30 39.99
C LEU A 47 30.71 43.97 40.59
N ASP A 48 31.64 43.18 41.13
CA ASP A 48 32.90 43.74 41.60
C ASP A 48 33.67 44.41 40.48
N GLN A 49 33.64 43.82 39.28
CA GLN A 49 34.27 44.45 38.12
C GLN A 49 33.61 45.79 37.80
N ILE A 50 32.27 45.83 37.85
CA ILE A 50 31.56 47.08 37.63
C ILE A 50 32.01 48.14 38.61
N SER A 51 32.03 47.79 39.91
CA SER A 51 32.40 48.76 40.93
C SER A 51 33.85 49.23 40.75
N ASP A 52 34.76 48.29 40.46
CA ASP A 52 36.17 48.64 40.32
C ASP A 52 36.40 49.57 39.14
N ASP A 53 35.82 49.24 37.98
CA ASP A 53 36.03 50.09 36.82
C ASP A 53 35.32 51.43 36.95
N LEU A 54 34.17 51.45 37.62
CA LEU A 54 33.51 52.73 37.90
C LEU A 54 34.37 53.60 38.81
N ASN A 55 34.97 52.99 39.84
CA ASN A 55 35.89 53.73 40.69
C ASN A 55 37.08 54.25 39.89
N LEU A 56 37.60 53.44 38.98
CA LEU A 56 38.73 53.88 38.15
C LEU A 56 38.35 55.11 37.32
N VAL A 57 37.20 55.04 36.64
CA VAL A 57 36.78 56.16 35.79
C VAL A 57 36.53 57.41 36.63
N LEU A 58 35.94 57.25 37.82
CA LEU A 58 35.68 58.42 38.65
C LEU A 58 36.98 59.00 39.21
N ASN A 59 37.94 58.15 39.56
CA ASN A 59 39.20 58.63 40.11
C ASN A 59 40.00 59.37 39.04
N LYS A 60 39.95 58.90 37.79
CA LYS A 60 40.64 59.60 36.72
C LYS A 60 39.98 60.95 36.43
N TYR A 61 38.65 60.97 36.34
CA TYR A 61 37.93 62.20 36.05
C TYR A 61 36.59 62.20 36.77
N ASN A 62 36.20 63.36 37.29
CA ASN A 62 35.01 63.48 38.12
C ASN A 62 33.81 64.07 37.38
N ASP A 63 33.92 64.32 36.08
CA ASP A 63 32.79 64.79 35.29
C ASP A 63 31.67 63.75 35.26
N LEU A 64 32.04 62.47 35.29
CA LEU A 64 31.05 61.41 35.30
C LEU A 64 30.15 61.50 36.52
N ALA A 65 30.64 62.07 37.63
CA ALA A 65 29.80 62.26 38.81
C ALA A 65 28.68 63.25 38.52
N TYR A 66 29.03 64.40 37.92
CA TYR A 66 28.02 65.34 37.47
C TYR A 66 26.98 64.64 36.60
N SER A 67 27.45 63.88 35.60
CA SER A 67 26.52 63.23 34.67
C SER A 67 25.62 62.24 35.40
N LEU A 68 26.18 61.45 36.30
CA LEU A 68 25.39 60.45 37.03
C LEU A 68 24.32 61.13 37.88
N LEU A 69 24.67 62.21 38.58
CA LEU A 69 23.67 62.88 39.39
C LEU A 69 22.59 63.52 38.53
N GLU A 70 22.94 64.03 37.35
CA GLU A 70 21.91 64.59 36.47
C GLU A 70 20.95 63.52 35.97
N ILE A 71 21.48 62.37 35.57
CA ILE A 71 20.61 61.28 35.14
C ILE A 71 19.72 60.81 36.28
N ARG A 72 20.28 60.73 37.49
CA ARG A 72 19.46 60.33 38.64
C ARG A 72 18.39 61.37 38.96
N TYR A 73 18.68 62.64 38.75
CA TYR A 73 17.66 63.68 38.91
C TYR A 73 16.53 63.49 37.92
N ASN A 74 16.87 63.29 36.64
CA ASN A 74 15.85 63.01 35.64
C ASN A 74 15.02 61.79 36.02
N MET A 75 15.66 60.77 36.60
CA MET A 75 14.93 59.61 37.08
C MET A 75 13.99 59.98 38.22
N ALA A 76 14.45 60.86 39.12
CA ALA A 76 13.66 61.29 40.27
C ALA A 76 12.44 62.12 39.87
N THR A 77 12.49 62.79 38.71
CA THR A 77 11.33 63.54 38.25
C THR A 77 10.11 62.64 38.12
N LYS A 78 10.24 61.53 37.37
CA LYS A 78 9.20 60.51 37.25
C LYS A 78 7.90 61.07 36.70
N GLU A 79 8.00 61.95 35.71
CA GLU A 79 6.83 62.47 35.01
C GLU A 79 7.10 62.45 33.51
N ASN A 80 6.28 61.70 32.78
CA ASN A 80 6.40 61.59 31.33
C ASN A 80 7.80 61.17 30.91
N TYR A 81 8.41 60.27 31.69
CA TYR A 81 9.75 59.78 31.41
C TYR A 81 9.64 58.61 30.44
N THR A 82 9.40 58.94 29.18
CA THR A 82 9.34 57.92 28.14
C THR A 82 10.71 57.29 27.95
N HIS A 83 10.72 56.09 27.35
CA HIS A 83 11.98 55.44 27.04
C HIS A 83 12.78 56.25 26.02
N MET A 84 12.09 57.00 25.17
CA MET A 84 12.78 57.88 24.23
C MET A 84 13.46 59.04 24.96
N GLU A 85 12.79 59.59 25.97
CA GLU A 85 13.40 60.69 26.73
C GLU A 85 14.60 60.21 27.53
N PHE A 86 14.49 59.03 28.15
CA PHE A 86 15.64 58.45 28.85
C PHE A 86 16.77 58.14 27.89
N TYR A 87 16.44 57.65 26.69
CA TYR A 87 17.45 57.41 25.66
C TYR A 87 18.15 58.70 25.28
N SER A 88 17.38 59.79 25.13
CA SER A 88 17.98 61.07 24.77
C SER A 88 18.89 61.59 25.89
N ASP A 89 18.46 61.44 27.15
CA ASP A 89 19.29 61.87 28.26
C ASP A 89 20.60 61.09 28.32
N ILE A 90 20.51 59.77 28.19
CA ILE A 90 21.71 58.93 28.22
C ILE A 90 22.62 59.25 27.03
N GLU A 91 22.02 59.55 25.88
CA GLU A 91 22.80 59.87 24.69
C GLU A 91 23.56 61.19 24.87
N ARG A 92 22.87 62.21 25.39
CA ARG A 92 23.50 63.52 25.54
C ARG A 92 24.57 63.50 26.63
N LEU A 93 24.30 62.80 27.74
CA LEU A 93 25.21 62.89 28.87
C LEU A 93 26.42 61.96 28.74
N PHE A 94 26.26 60.80 28.11
CA PHE A 94 27.34 59.83 27.99
C PHE A 94 27.75 59.57 26.55
N ILE A 95 26.79 59.30 25.67
CA ILE A 95 27.13 58.93 24.30
C ILE A 95 27.75 60.10 23.56
N LYS A 96 27.17 61.29 23.70
CA LYS A 96 27.69 62.48 23.04
C LYS A 96 28.84 63.12 23.80
N ASN A 97 29.15 62.66 25.01
CA ASN A 97 30.23 63.23 25.81
C ASN A 97 31.55 62.76 25.23
N GLU A 98 32.20 63.62 24.44
CA GLU A 98 33.49 63.28 23.87
C GLU A 98 34.56 63.12 24.94
N LYS A 99 34.44 63.87 26.03
CA LYS A 99 35.45 63.80 27.09
C LYS A 99 35.46 62.43 27.75
N LEU A 100 34.29 61.87 28.06
CA LEU A 100 34.23 60.56 28.69
C LEU A 100 34.77 59.48 27.76
N LEU A 101 34.37 59.52 26.48
CA LEU A 101 34.91 58.58 25.51
C LEU A 101 36.43 58.68 25.43
N ASN A 102 36.96 59.91 25.46
CA ASN A 102 38.40 60.09 25.34
C ASN A 102 39.13 59.59 26.58
N VAL A 103 38.57 59.80 27.77
CA VAL A 103 39.26 59.33 28.97
C VAL A 103 39.24 57.81 29.03
N ILE A 104 38.13 57.19 28.61
CA ILE A 104 38.11 55.72 28.55
C ILE A 104 39.12 55.22 27.53
N SER A 105 39.20 55.88 26.37
CA SER A 105 40.16 55.48 25.35
C SER A 105 41.59 55.63 25.84
N ASP A 106 41.88 56.68 26.61
CA ASP A 106 43.23 56.85 27.15
C ASP A 106 43.56 55.79 28.18
N ILE A 107 42.58 55.46 29.05
CA ILE A 107 42.82 54.38 30.01
C ILE A 107 43.12 53.07 29.28
N VAL A 108 42.39 52.80 28.20
CA VAL A 108 42.64 51.55 27.47
C VAL A 108 43.99 51.60 26.75
N GLU A 109 44.35 52.74 26.17
CA GLU A 109 45.56 52.84 25.37
C GLU A 109 46.82 52.96 26.21
N GLU A 110 46.70 53.29 27.50
CA GLU A 110 47.89 53.36 28.34
C GLU A 110 48.30 52.01 28.91
N GLU A 111 47.39 51.03 28.91
CA GLU A 111 47.66 49.73 29.52
C GLU A 111 47.76 48.60 28.50
N TYR A 112 47.69 48.90 27.20
CA TYR A 112 47.72 47.83 26.21
C TYR A 112 49.07 47.15 26.22
N ASP A 113 49.06 45.82 26.34
CA ASP A 113 50.28 45.02 26.37
C ASP A 113 50.23 43.90 25.34
N LEU A 114 49.32 43.98 24.38
CA LEU A 114 49.10 42.94 23.38
C LEU A 114 49.31 43.50 21.98
N ASP A 115 49.85 42.67 21.09
CA ASP A 115 50.04 43.01 19.68
C ASP A 115 49.49 41.85 18.85
N LEU A 116 48.17 41.88 18.63
CA LEU A 116 47.51 40.83 17.86
C LEU A 116 47.98 40.82 16.41
N ASN A 117 48.35 41.98 15.87
CA ASN A 117 48.76 42.07 14.48
C ASN A 117 50.02 41.28 14.21
N GLN A 118 50.94 41.22 15.18
CA GLN A 118 52.17 40.45 15.00
C GLN A 118 51.87 38.95 14.96
N ALA A 119 50.96 38.49 15.81
CA ALA A 119 50.64 37.07 15.86
C ALA A 119 49.78 36.64 14.67
N SER A 120 49.02 37.57 14.08
CA SER A 120 48.13 37.22 12.97
C SER A 120 48.88 36.85 11.69
N LYS A 121 50.18 37.14 11.60
CA LYS A 121 50.89 36.94 10.35
C LYS A 121 51.11 35.46 10.05
N GLY A 122 51.32 34.63 11.09
CA GLY A 122 51.66 33.24 10.85
C GLY A 122 50.50 32.43 10.31
N LYS A 123 49.35 32.52 10.97
CA LYS A 123 48.19 31.74 10.57
C LYS A 123 47.61 32.27 9.25
N LYS A 124 46.88 31.40 8.56
CA LYS A 124 46.15 31.82 7.36
C LYS A 124 45.20 32.96 7.71
N ILE A 125 45.22 34.00 6.88
CA ILE A 125 44.50 35.23 7.17
C ILE A 125 43.30 35.32 6.25
N ASN A 126 42.11 35.45 6.84
CA ASN A 126 40.89 35.79 6.13
C ASN A 126 40.54 37.23 6.50
N ILE A 127 40.41 38.08 5.48
CA ILE A 127 40.32 39.52 5.71
C ILE A 127 39.06 39.86 6.51
N GLU A 128 37.95 39.16 6.25
CA GLU A 128 36.72 39.44 6.98
C GLU A 128 36.83 38.99 8.43
N LEU A 129 37.53 37.89 8.68
CA LEU A 129 37.57 37.32 10.03
C LEU A 129 38.61 37.97 10.92
N GLN A 130 39.69 38.50 10.34
CA GLN A 130 40.79 39.03 11.13
C GLN A 130 40.33 40.24 11.96
N VAL A 131 40.81 40.29 13.20
CA VAL A 131 40.50 41.37 14.12
C VAL A 131 41.79 42.14 14.39
N THR A 132 41.81 43.41 14.01
CA THR A 132 42.98 44.25 14.28
C THR A 132 43.07 44.56 15.77
N ASP A 133 44.26 45.00 16.19
CA ASP A 133 44.46 45.37 17.58
C ASP A 133 43.59 46.58 17.94
N ASN A 134 43.41 47.50 16.98
CA ASN A 134 42.57 48.66 17.22
C ASN A 134 41.12 48.25 17.48
N LEU A 135 40.64 47.21 16.81
CA LEU A 135 39.27 46.74 17.03
C LEU A 135 39.13 46.12 18.42
N ASN A 136 40.14 45.36 18.84
CA ASN A 136 40.16 44.82 20.20
C ASN A 136 40.09 45.95 21.23
N LYS A 137 40.86 47.02 21.00
CA LYS A 137 40.84 48.15 21.92
C LYS A 137 39.49 48.87 21.90
N ILE A 138 38.86 48.96 20.73
CA ILE A 138 37.52 49.55 20.63
C ILE A 138 36.53 48.74 21.48
N TYR A 139 36.59 47.41 21.35
CA TYR A 139 35.72 46.56 22.16
C TYR A 139 35.98 46.74 23.65
N LEU A 140 37.24 46.92 24.04
CA LEU A 140 37.55 47.11 25.46
C LEU A 140 37.00 48.44 25.97
N LYS A 141 37.15 49.50 25.18
CA LYS A 141 36.56 50.79 25.53
C LYS A 141 35.05 50.67 25.70
N SER A 142 34.40 50.01 24.74
CA SER A 142 32.97 49.77 24.85
C SER A 142 32.63 48.95 26.08
N SER A 143 33.50 48.02 26.47
CA SER A 143 33.26 47.22 27.67
C SER A 143 33.25 48.11 28.92
N VAL A 144 34.22 49.01 29.02
CA VAL A 144 34.26 49.92 30.16
C VAL A 144 32.99 50.78 30.19
N LEU A 145 32.61 51.34 29.04
CA LEU A 145 31.41 52.17 29.00
C LEU A 145 30.16 51.38 29.37
N MET A 146 30.07 50.14 28.89
CA MET A 146 28.94 49.28 29.22
C MET A 146 28.86 49.01 30.72
N ARG A 147 30.02 48.72 31.33
CA ARG A 147 30.03 48.44 32.77
C ARG A 147 29.59 49.66 33.56
N ILE A 148 30.02 50.86 33.16
CA ILE A 148 29.58 52.02 33.92
C ILE A 148 28.12 52.37 33.63
N LEU A 149 27.59 51.96 32.48
CA LEU A 149 26.19 52.23 32.15
C LEU A 149 25.22 51.21 32.73
N ILE A 150 25.69 50.01 33.09
CA ILE A 150 24.79 48.97 33.59
C ILE A 150 23.98 49.40 34.80
N PRO A 151 24.58 49.96 35.88
CA PRO A 151 23.76 50.27 37.06
C PRO A 151 22.63 51.26 36.79
N ILE A 152 22.87 52.25 35.93
CA ILE A 152 21.82 53.22 35.60
C ILE A 152 20.64 52.51 34.96
N LEU A 153 20.92 51.63 34.00
CA LEU A 153 19.85 50.90 33.32
C LEU A 153 19.14 49.97 34.28
N CYS A 154 19.87 49.37 35.21
CA CYS A 154 19.24 48.46 36.18
C CYS A 154 18.34 49.21 37.15
N ASP A 155 18.71 50.44 37.52
CA ASP A 155 17.87 51.21 38.45
C ASP A 155 16.57 51.68 37.82
N PHE A 156 16.52 51.78 36.49
CA PHE A 156 15.30 52.23 35.82
C PHE A 156 14.17 51.22 36.05
N ASN A 157 13.08 51.69 36.64
CA ASN A 157 11.97 50.84 37.03
C ASN A 157 10.97 50.62 35.89
N CYS A 158 11.35 50.93 34.65
CA CYS A 158 10.47 50.67 33.52
C CYS A 158 10.35 49.16 33.29
N ASP A 159 9.45 48.79 32.37
CA ASP A 159 9.20 47.38 32.09
C ASP A 159 10.48 46.71 31.59
N ASP A 160 10.60 45.41 31.87
CA ASP A 160 11.86 44.70 31.64
C ASP A 160 12.09 44.43 30.16
N ASP A 161 11.03 44.24 29.37
CA ASP A 161 11.20 43.98 27.95
C ASP A 161 11.72 45.20 27.21
N ILE A 162 11.06 46.35 27.40
CA ILE A 162 11.54 47.59 26.82
C ILE A 162 12.92 47.93 27.38
N ASN A 163 13.21 47.51 28.61
CA ASN A 163 14.53 47.77 29.19
C ASN A 163 15.59 46.93 28.51
N GLU A 164 15.29 45.68 28.17
CA GLU A 164 16.25 44.86 27.44
C GLU A 164 16.48 45.40 26.04
N VAL A 165 15.41 45.85 25.37
CA VAL A 165 15.57 46.49 24.07
C VAL A 165 16.46 47.73 24.19
N LEU A 166 16.23 48.54 25.23
CA LEU A 166 17.03 49.74 25.44
C LEU A 166 18.48 49.38 25.72
N VAL A 167 18.72 48.32 26.49
CA VAL A 167 20.09 47.91 26.80
C VAL A 167 20.81 47.49 25.53
N TYR A 168 20.14 46.68 24.70
CA TYR A 168 20.74 46.26 23.43
C TYR A 168 21.08 47.46 22.56
N ASP A 169 20.12 48.38 22.40
CA ASP A 169 20.35 49.55 21.54
C ASP A 169 21.45 50.44 22.11
N ILE A 170 21.46 50.63 23.43
CA ILE A 170 22.44 51.53 24.04
C ILE A 170 23.85 50.94 23.93
N PHE A 171 23.99 49.63 24.10
CA PHE A 171 25.31 49.02 23.97
C PHE A 171 25.79 49.07 22.53
N LYS A 172 24.88 48.79 21.58
CA LYS A 172 25.21 49.00 20.17
C LYS A 172 25.67 50.43 19.93
N GLU A 173 25.02 51.40 20.60
CA GLU A 173 25.38 52.79 20.40
C GLU A 173 26.73 53.15 21.00
N VAL A 174 27.11 52.54 22.13
CA VAL A 174 28.43 52.81 22.68
C VAL A 174 29.51 52.23 21.76
N ILE A 175 29.26 51.05 21.18
CA ILE A 175 30.21 50.50 20.23
C ILE A 175 30.31 51.39 18.99
N LYS A 176 29.18 51.91 18.53
CA LYS A 176 29.19 52.79 17.38
C LYS A 176 29.91 54.10 17.69
N SER A 177 29.72 54.63 18.89
CA SER A 177 30.36 55.89 19.26
C SER A 177 31.87 55.73 19.36
N PHE A 178 32.34 54.59 19.87
CA PHE A 178 33.78 54.33 19.80
C PHE A 178 34.23 54.00 18.38
N ASP A 179 33.32 53.59 17.51
CA ASP A 179 33.65 53.28 16.12
C ASP A 179 33.45 54.48 15.19
N ASP A 180 33.18 55.66 15.73
CA ASP A 180 32.92 56.87 14.94
C ASP A 180 31.72 56.70 14.00
N GLY A 181 30.76 55.87 14.40
CA GLY A 181 29.59 55.62 13.59
C GLY A 181 29.83 54.82 12.33
N LYS A 182 31.02 54.26 12.16
CA LYS A 182 31.32 53.51 10.95
C LYS A 182 30.52 52.22 10.87
N LYS A 183 30.11 51.67 12.02
CA LYS A 183 29.42 50.39 12.14
C LYS A 183 30.26 49.22 11.64
N ASN A 184 31.56 49.42 11.44
CA ASN A 184 32.42 48.34 10.95
C ASN A 184 32.64 47.28 12.01
N ALA A 185 32.76 47.69 13.28
CA ALA A 185 32.96 46.72 14.35
C ALA A 185 31.77 45.78 14.48
N LEU A 186 30.56 46.32 14.35
CA LEU A 186 29.37 45.48 14.44
C LEU A 186 29.30 44.51 13.27
N ASN A 187 29.68 44.97 12.06
CA ASN A 187 29.74 44.09 10.91
C ASN A 187 30.71 42.94 11.16
N LYS A 188 31.89 43.25 11.70
CA LYS A 188 32.89 42.21 11.92
C LYS A 188 32.45 41.24 13.02
N LEU A 189 31.77 41.76 14.05
CA LEU A 189 31.23 40.89 15.10
C LEU A 189 30.19 39.94 14.54
N TYR A 190 29.27 40.47 13.72
CA TYR A 190 28.28 39.61 13.07
C TYR A 190 28.96 38.57 12.19
N LYS A 191 30.02 38.95 11.49
CA LYS A 191 30.73 38.00 10.64
C LYS A 191 31.39 36.91 11.47
N ILE A 192 31.97 37.27 12.61
CA ILE A 192 32.56 36.27 13.50
C ILE A 192 31.51 35.26 13.94
N ILE A 193 30.39 35.75 14.47
CA ILE A 193 29.36 34.85 14.96
C ILE A 193 28.79 34.01 13.81
N TYR A 194 28.61 34.62 12.64
CA TYR A 194 28.09 33.91 11.47
C TYR A 194 29.01 32.77 11.07
N SER A 195 30.32 33.03 11.03
CA SER A 195 31.27 31.97 10.69
C SER A 195 31.22 30.85 11.72
N ARG A 196 31.26 31.20 13.01
CA ARG A 196 31.24 30.19 14.06
C ARG A 196 30.00 29.31 13.97
N VAL A 197 28.85 29.91 13.65
CA VAL A 197 27.62 29.13 13.59
C VAL A 197 27.57 28.29 12.31
N PHE A 198 27.85 28.91 11.16
CA PHE A 198 27.69 28.23 9.89
C PHE A 198 28.76 27.16 9.66
N GLU A 199 29.84 27.16 10.44
CA GLU A 199 30.82 26.06 10.30
C GLU A 199 30.22 24.72 10.70
N THR A 200 29.23 24.72 11.60
CA THR A 200 28.64 23.50 12.10
C THR A 200 27.49 22.98 11.24
N LYS A 201 27.16 23.66 10.15
CA LYS A 201 26.02 23.24 9.33
C LYS A 201 26.28 21.91 8.65
N TYR A 202 27.41 21.80 7.94
CA TYR A 202 27.69 20.56 7.22
C TYR A 202 27.98 19.40 8.17
N SER A 203 28.72 19.66 9.25
CA SER A 203 29.10 18.59 10.16
C SER A 203 27.93 18.16 11.04
N ASP A 204 27.21 19.11 11.62
CA ASP A 204 26.13 18.79 12.56
C ASP A 204 24.76 18.94 11.92
N VAL A 205 24.57 18.35 10.73
CA VAL A 205 23.32 18.53 10.01
C VAL A 205 22.17 17.84 10.73
N VAL A 206 22.45 16.76 11.47
CA VAL A 206 21.38 16.02 12.15
C VAL A 206 20.71 16.90 13.21
N ILE A 207 21.52 17.56 14.04
CA ILE A 207 20.96 18.36 15.11
C ILE A 207 20.24 19.58 14.53
N TRP A 208 20.68 20.09 13.38
CA TRP A 208 19.97 21.21 12.76
C TRP A 208 18.63 20.76 12.20
N THR A 209 18.60 19.57 11.60
CA THR A 209 17.33 19.01 11.12
C THR A 209 16.35 18.83 12.28
N TYR A 210 16.84 18.34 13.42
CA TYR A 210 15.96 18.21 14.58
C TYR A 210 15.52 19.56 15.12
N LEU A 211 16.44 20.52 15.18
CA LEU A 211 16.12 21.84 15.70
C LEU A 211 15.17 22.62 14.81
N LYS A 212 15.07 22.23 13.53
CA LYS A 212 14.05 22.83 12.67
C LYS A 212 12.67 22.70 13.28
N ASN A 213 12.41 21.58 13.98
CA ASN A 213 11.11 21.40 14.62
C ASN A 213 10.90 22.44 15.72
N MET A 214 11.96 22.80 16.44
CA MET A 214 11.88 23.76 17.52
C MET A 214 11.93 25.21 17.04
N SER A 215 11.76 25.44 15.73
CA SER A 215 11.76 26.78 15.15
C SER A 215 13.08 27.50 15.43
N THR A 216 14.18 26.76 15.36
CA THR A 216 15.52 27.31 15.56
C THR A 216 16.33 27.07 14.29
N ASP A 217 16.82 28.16 13.70
CA ASP A 217 17.60 28.12 12.48
C ASP A 217 18.99 28.70 12.73
N LEU A 218 19.88 28.53 11.75
CA LEU A 218 21.24 29.03 11.89
C LEU A 218 21.26 30.55 12.03
N MET A 219 20.55 31.26 11.16
CA MET A 219 20.50 32.72 11.24
C MET A 219 19.82 33.18 12.51
N ILE A 220 18.79 32.45 12.96
CA ILE A 220 18.14 32.78 14.23
C ILE A 220 19.15 32.66 15.38
N ILE A 221 19.96 31.60 15.36
CA ILE A 221 20.99 31.43 16.37
C ILE A 221 22.02 32.55 16.28
N VAL A 222 22.37 32.97 15.06
CA VAL A 222 23.33 34.05 14.89
C VAL A 222 22.79 35.34 15.50
N LYS A 223 21.53 35.67 15.24
CA LYS A 223 20.96 36.91 15.75
C LYS A 223 20.83 36.86 17.27
N ASP A 224 20.35 35.75 17.83
CA ASP A 224 20.23 35.62 19.27
C ASP A 224 21.61 35.69 19.94
N TYR A 225 22.61 35.03 19.35
CA TYR A 225 23.96 35.07 19.89
C TYR A 225 24.54 36.48 19.80
N PHE A 226 24.21 37.21 18.74
CA PHE A 226 24.63 38.60 18.63
C PHE A 226 24.08 39.43 19.78
N LYS A 227 22.77 39.31 20.03
CA LYS A 227 22.18 40.02 21.16
C LYS A 227 22.84 39.63 22.48
N VAL A 228 23.08 38.33 22.68
CA VAL A 228 23.64 37.86 23.95
C VAL A 228 25.07 38.37 24.13
N ILE A 229 25.89 38.29 23.09
CA ILE A 229 27.26 38.75 23.17
C ILE A 229 27.31 40.25 23.46
N ILE A 230 26.48 41.04 22.78
CA ILE A 230 26.50 42.48 23.04
C ILE A 230 25.98 42.78 24.44
N LYS A 231 25.01 42.00 24.94
CA LYS A 231 24.38 42.34 26.21
C LYS A 231 25.05 41.65 27.40
N LYS A 232 25.28 40.34 27.31
CA LYS A 232 25.65 39.55 28.48
C LYS A 232 27.06 38.98 28.43
N ILE A 233 27.91 39.43 27.51
CA ILE A 233 29.27 38.91 27.44
C ILE A 233 30.27 40.06 27.35
N PHE A 234 30.02 41.00 26.43
CA PHE A 234 30.88 42.16 26.31
C PHE A 234 31.07 42.92 27.61
N PRO A 235 30.06 43.12 28.47
CA PRO A 235 30.32 43.73 29.78
C PRO A 235 31.28 42.91 30.64
N LYS A 236 31.32 41.60 30.45
CA LYS A 236 32.17 40.73 31.27
C LYS A 236 33.60 40.65 30.77
N LEU A 237 33.94 41.40 29.73
CA LEU A 237 35.27 41.30 29.14
C LEU A 237 36.32 41.86 30.09
N LYS A 238 37.43 41.12 30.26
CA LYS A 238 38.49 41.52 31.17
C LYS A 238 39.37 42.58 30.52
N HIS A 239 39.97 43.42 31.37
CA HIS A 239 40.85 44.47 30.89
C HIS A 239 42.11 43.90 30.26
N ASN A 240 42.62 44.60 29.25
CA ASN A 240 43.77 44.22 28.44
C ASN A 240 43.77 42.72 28.14
N SER A 241 42.67 42.26 27.56
CA SER A 241 42.50 40.87 27.18
C SER A 241 42.04 40.79 25.74
N SER A 242 42.29 39.62 25.12
CA SER A 242 41.90 39.40 23.74
C SER A 242 40.42 39.07 23.66
N VAL A 243 39.67 39.85 22.88
CA VAL A 243 38.24 39.58 22.73
C VAL A 243 37.99 38.31 21.92
N ILE A 244 38.84 38.02 20.94
CA ILE A 244 38.52 36.95 19.98
C ILE A 244 38.56 35.59 20.66
N SER A 245 39.48 35.37 21.60
CA SER A 245 39.56 34.08 22.29
C SER A 245 38.34 33.85 23.16
N TYR A 246 37.99 34.85 23.99
CA TYR A 246 36.80 34.76 24.82
C TYR A 246 35.56 34.52 23.97
N LEU A 247 35.44 35.25 22.85
CA LEU A 247 34.26 35.10 22.00
C LEU A 247 34.20 33.72 21.37
N ASP A 248 35.33 33.22 20.86
CA ASP A 248 35.36 31.87 20.29
C ASP A 248 34.93 30.85 21.33
N VAL A 249 35.48 30.95 22.55
CA VAL A 249 35.16 29.97 23.58
C VAL A 249 33.67 30.03 23.92
N VAL A 250 33.13 31.23 24.14
CA VAL A 250 31.74 31.32 24.58
C VAL A 250 30.79 30.88 23.47
N ILE A 251 31.09 31.22 22.21
CA ILE A 251 30.20 30.84 21.11
C ILE A 251 30.24 29.33 20.90
N LYS A 252 31.43 28.73 20.92
CA LYS A 252 31.51 27.28 20.74
C LYS A 252 30.84 26.55 21.89
N GLN A 253 31.00 27.05 23.11
CA GLN A 253 30.37 26.42 24.26
C GLN A 253 28.86 26.58 24.22
N LYS A 254 28.36 27.72 23.73
CA LYS A 254 26.92 27.90 23.60
C LYS A 254 26.35 26.98 22.52
N LEU A 255 27.10 26.76 21.44
CA LEU A 255 26.66 25.81 20.43
C LEU A 255 26.63 24.39 20.98
N LYS A 256 27.64 24.02 21.76
CA LYS A 256 27.62 22.72 22.44
C LYS A 256 26.41 22.61 23.35
N TYR A 257 26.14 23.66 24.14
CA TYR A 257 24.99 23.66 25.04
C TYR A 257 23.69 23.48 24.26
N LEU A 258 23.56 24.21 23.15
CA LEU A 258 22.35 24.12 22.32
C LEU A 258 22.15 22.70 21.78
N PHE A 259 23.21 22.12 21.23
CA PHE A 259 23.08 20.77 20.66
C PHE A 259 22.89 19.70 21.72
N THR A 260 23.30 19.94 22.96
CA THR A 260 23.29 18.90 23.98
C THR A 260 22.24 19.10 25.08
N PHE A 261 21.33 20.06 24.93
CA PHE A 261 20.31 20.27 25.95
C PHE A 261 19.15 19.32 25.74
N LYS A 262 18.63 18.77 26.85
CA LYS A 262 17.47 17.88 26.81
C LYS A 262 16.21 18.74 26.84
N TYR A 263 15.56 18.86 25.69
CA TYR A 263 14.34 19.65 25.60
C TYR A 263 13.17 18.87 26.21
N PRO A 264 12.22 19.58 26.83
CA PRO A 264 11.15 18.88 27.57
C PRO A 264 10.33 17.94 26.71
N ILE A 265 10.09 18.29 25.45
CA ILE A 265 9.22 17.52 24.56
C ILE A 265 10.06 17.01 23.39
N SER A 266 10.04 15.70 23.18
CA SER A 266 10.59 15.12 21.98
C SER A 266 9.63 15.32 20.82
N TYR A 267 10.17 15.56 19.63
CA TYR A 267 9.38 16.00 18.49
C TYR A 267 9.37 14.93 17.40
N LYS A 268 8.19 14.63 16.88
CA LYS A 268 8.01 13.68 15.78
C LYS A 268 7.40 14.38 14.59
N PRO A 269 8.19 14.74 13.58
CA PRO A 269 7.65 15.37 12.38
C PRO A 269 7.09 14.33 11.42
N LEU A 270 5.76 14.27 11.32
CA LEU A 270 5.12 13.30 10.44
C LEU A 270 5.51 13.55 8.99
N LYS A 271 6.15 12.56 8.37
CA LYS A 271 6.56 12.66 6.98
C LYS A 271 5.40 12.21 6.10
N ALA A 272 4.80 13.17 5.38
CA ALA A 272 3.68 12.86 4.50
C ALA A 272 4.20 12.56 3.10
N GLU A 273 4.92 11.44 3.00
CA GLU A 273 5.54 11.01 1.75
C GLU A 273 5.31 9.53 1.56
N THR A 274 5.06 9.13 0.31
CA THR A 274 4.76 7.75 -0.04
C THR A 274 5.70 7.24 -1.14
N THR A 275 6.94 7.73 -1.15
CA THR A 275 7.86 7.37 -2.23
C THR A 275 8.15 5.87 -2.26
N ASP A 276 8.22 5.24 -1.08
CA ASP A 276 8.51 3.82 -0.99
C ASP A 276 7.37 3.04 -0.36
N ASP A 277 7.00 3.34 0.88
CA ASP A 277 5.94 2.60 1.56
C ASP A 277 4.57 3.00 1.03
N GLU A 278 3.61 2.10 1.21
CA GLU A 278 2.27 2.34 0.66
C GLU A 278 1.53 3.44 1.40
N GLU A 279 1.66 3.49 2.72
CA GLU A 279 0.96 4.48 3.54
C GLU A 279 1.95 5.30 4.34
N LEU A 280 1.78 6.62 4.32
CA LEU A 280 2.62 7.54 5.05
C LEU A 280 2.12 7.71 6.48
N SER A 281 2.93 8.39 7.31
CA SER A 281 2.66 8.44 8.74
C SER A 281 1.44 9.28 9.07
N GLU A 282 1.30 10.44 8.42
CA GLU A 282 0.14 11.29 8.67
C GLU A 282 -1.15 10.56 8.32
N GLN A 283 -1.14 9.79 7.22
CA GLN A 283 -2.32 9.07 6.77
C GLN A 283 -2.83 8.12 7.85
N GLU A 284 -1.98 7.16 8.23
CA GLU A 284 -2.36 6.16 9.23
C GLU A 284 -2.64 6.81 10.58
N ARG A 285 -1.86 7.82 10.96
CA ARG A 285 -2.06 8.47 12.25
C ARG A 285 -3.41 9.17 12.30
N MET A 286 -3.85 9.72 11.16
CA MET A 286 -5.17 10.30 11.07
C MET A 286 -6.24 9.23 11.22
N GLU A 287 -6.12 8.14 10.45
CA GLU A 287 -7.26 7.22 10.38
C GLU A 287 -7.40 6.37 11.65
N ILE A 288 -6.31 6.15 12.39
CA ILE A 288 -6.38 5.18 13.49
C ILE A 288 -7.09 5.75 14.72
N ASN A 289 -6.52 6.79 15.34
CA ASN A 289 -6.99 7.26 16.64
C ASN A 289 -7.68 8.60 16.62
N LEU A 290 -7.69 9.29 15.47
CA LEU A 290 -8.29 10.62 15.39
C LEU A 290 -9.74 10.50 14.91
N LEU A 291 -10.58 10.00 15.81
CA LEU A 291 -11.98 9.72 15.49
C LEU A 291 -12.89 10.27 16.58
N ARG A 292 -13.94 10.97 16.17
CA ARG A 292 -14.97 11.45 17.07
C ARG A 292 -16.09 10.44 17.18
N ASN A 293 -17.02 10.69 18.09
CA ASN A 293 -18.11 9.76 18.35
C ASN A 293 -19.08 9.73 17.18
N ASP A 294 -19.84 8.64 17.08
CA ASP A 294 -20.80 8.47 16.00
C ASP A 294 -22.06 9.29 16.28
N GLN A 295 -22.77 9.62 15.20
CA GLN A 295 -23.93 10.50 15.26
C GLN A 295 -25.25 9.75 15.36
N GLY A 296 -25.31 8.55 14.76
CA GLY A 296 -26.60 7.87 14.60
C GLY A 296 -27.30 7.59 15.93
N ASN A 297 -26.57 7.06 16.90
CA ASN A 297 -27.18 6.68 18.17
C ASN A 297 -27.68 7.92 18.92
N SER A 298 -26.93 9.02 18.85
CA SER A 298 -27.39 10.27 19.45
C SER A 298 -28.65 10.77 18.76
N ILE A 299 -28.74 10.60 17.44
CA ILE A 299 -29.97 10.97 16.74
C ILE A 299 -31.14 10.09 17.20
N ILE A 300 -30.88 8.81 17.42
CA ILE A 300 -31.91 7.92 17.96
C ILE A 300 -32.43 8.45 19.28
N ASN A 301 -31.50 8.78 20.20
CA ASN A 301 -31.90 9.25 21.51
C ASN A 301 -32.68 10.56 21.43
N GLU A 302 -32.22 11.48 20.58
CA GLU A 302 -32.91 12.77 20.46
C GLU A 302 -34.30 12.61 19.88
N CYS A 303 -34.46 11.75 18.87
CA CYS A 303 -35.78 11.50 18.32
C CYS A 303 -36.69 10.83 19.35
N SER A 304 -36.13 9.98 20.21
CA SER A 304 -36.92 9.40 21.28
C SER A 304 -37.43 10.49 22.24
N ILE A 305 -36.55 11.45 22.58
CA ILE A 305 -36.98 12.56 23.44
C ILE A 305 -38.10 13.34 22.78
N LYS A 306 -37.98 13.62 21.48
CA LYS A 306 -39.01 14.37 20.78
C LYS A 306 -40.32 13.60 20.75
N GLN A 307 -40.26 12.28 20.54
CA GLN A 307 -41.47 11.47 20.58
C GLN A 307 -42.11 11.52 21.96
N GLU A 308 -41.30 11.50 23.02
CA GLU A 308 -41.86 11.57 24.37
C GLU A 308 -42.54 12.91 24.62
N ILE A 309 -41.93 14.01 24.19
CA ILE A 309 -42.56 15.31 24.43
C ILE A 309 -43.82 15.45 23.59
N ALA A 310 -43.87 14.85 22.40
CA ALA A 310 -45.09 14.87 21.60
C ALA A 310 -46.19 14.08 22.28
N LYS A 311 -45.84 12.91 22.84
CA LYS A 311 -46.81 12.14 23.62
C LYS A 311 -47.34 12.95 24.80
N ILE A 312 -46.45 13.66 25.49
CA ILE A 312 -46.88 14.49 26.62
C ILE A 312 -47.84 15.58 26.15
N LYS A 313 -47.51 16.23 25.03
CA LYS A 313 -48.37 17.30 24.53
C LYS A 313 -49.75 16.78 24.14
N LYS A 314 -49.80 15.62 23.50
CA LYS A 314 -51.10 15.08 23.06
C LYS A 314 -51.91 14.52 24.23
N LYS A 315 -51.24 13.96 25.24
CA LYS A 315 -51.96 13.29 26.33
C LYS A 315 -52.81 14.27 27.13
N TYR A 316 -52.24 15.42 27.48
CA TYR A 316 -52.90 16.40 28.33
C TYR A 316 -53.41 17.60 27.55
N ASN A 317 -53.42 17.52 26.22
CA ASN A 317 -53.88 18.63 25.37
C ASN A 317 -53.17 19.93 25.71
N VAL A 318 -51.85 19.81 25.94
CA VAL A 318 -51.07 20.95 26.39
C VAL A 318 -50.89 21.94 25.25
N THR A 319 -51.06 23.22 25.56
CA THR A 319 -50.74 24.31 24.66
C THR A 319 -49.45 24.98 25.13
N ASP A 320 -48.91 25.86 24.27
CA ASP A 320 -47.72 26.60 24.65
C ASP A 320 -47.96 27.48 25.87
N GLU A 321 -49.21 27.92 26.05
CA GLU A 321 -49.53 28.80 27.18
C GLU A 321 -49.48 28.06 28.50
N VAL A 322 -49.89 26.79 28.52
CA VAL A 322 -49.85 26.01 29.75
C VAL A 322 -48.41 25.73 30.15
N MET A 323 -47.57 25.37 29.19
CA MET A 323 -46.14 25.21 29.49
C MET A 323 -45.52 26.53 29.91
N LYS A 324 -45.99 27.64 29.34
CA LYS A 324 -45.51 28.95 29.78
C LYS A 324 -45.88 29.22 31.23
N GLU A 325 -47.10 28.85 31.62
CA GLU A 325 -47.51 28.97 33.02
C GLU A 325 -46.63 28.12 33.92
N PHE A 326 -46.31 26.90 33.50
CA PHE A 326 -45.48 26.03 34.33
C PHE A 326 -44.02 26.51 34.36
N ILE A 327 -43.58 27.23 33.33
CA ILE A 327 -42.18 27.63 33.19
C ILE A 327 -41.95 29.09 33.54
N ASN A 328 -43.01 29.81 33.93
CA ASN A 328 -42.92 31.26 34.10
C ASN A 328 -41.82 31.64 35.10
N GLY A 329 -40.80 32.32 34.60
CA GLY A 329 -39.72 32.78 35.46
C GLY A 329 -39.01 31.65 36.20
N ARG A 330 -38.79 30.54 35.51
CA ARG A 330 -38.22 29.34 36.12
C ARG A 330 -36.77 29.20 35.66
N GLU A 331 -35.88 29.00 36.62
CA GLU A 331 -34.46 28.80 36.35
C GLU A 331 -34.11 27.32 36.42
N LEU A 332 -32.96 26.97 35.83
CA LEU A 332 -32.52 25.59 35.80
C LEU A 332 -32.07 25.15 37.20
N ASN A 333 -32.53 23.97 37.61
CA ASN A 333 -32.25 23.42 38.93
C ASN A 333 -31.55 22.07 38.78
N SER A 334 -30.43 21.90 39.49
CA SER A 334 -29.64 20.67 39.34
C SER A 334 -30.39 19.46 39.88
N ILE A 335 -30.97 19.57 41.07
CA ILE A 335 -31.73 18.46 41.63
C ILE A 335 -32.92 18.11 40.74
N GLN A 336 -33.50 19.12 40.08
CA GLN A 336 -34.64 18.86 39.21
C GLN A 336 -34.24 18.09 37.96
N ILE A 337 -33.12 18.47 37.33
CA ILE A 337 -32.67 17.72 36.17
C ILE A 337 -32.24 16.32 36.59
N TYR A 338 -31.71 16.17 37.80
CA TYR A 338 -31.36 14.83 38.29
C TYR A 338 -32.61 13.96 38.43
N LEU A 339 -33.66 14.51 39.03
CA LEU A 339 -34.91 13.78 39.16
C LEU A 339 -35.50 13.43 37.80
N VAL A 340 -35.42 14.37 36.84
CA VAL A 340 -35.94 14.10 35.50
C VAL A 340 -35.16 12.98 34.84
N LYS A 341 -33.82 12.98 35.00
CA LYS A 341 -33.02 11.85 34.52
C LYS A 341 -33.49 10.55 35.16
N ILE A 342 -33.76 10.57 36.47
CA ILE A 342 -34.15 9.35 37.16
C ILE A 342 -35.47 8.81 36.62
N TYR A 343 -36.44 9.69 36.36
CA TYR A 343 -37.75 9.22 35.91
C TYR A 343 -37.67 8.57 34.53
N TYR A 344 -36.93 9.17 33.60
CA TYR A 344 -36.83 8.68 32.24
C TYR A 344 -35.55 7.90 31.99
N SER A 345 -34.91 7.38 33.05
CA SER A 345 -33.64 6.70 32.88
C SER A 345 -33.78 5.43 32.04
N ASN A 346 -34.95 4.79 32.08
CA ASN A 346 -35.16 3.58 31.28
C ASN A 346 -35.52 3.91 29.84
N LYS A 347 -36.07 5.09 29.59
CA LYS A 347 -36.58 5.41 28.27
C LYS A 347 -35.53 6.07 27.37
N PHE A 348 -34.82 7.09 27.88
CA PHE A 348 -33.86 7.80 27.04
C PHE A 348 -32.87 8.54 27.93
N LYS A 349 -32.03 9.36 27.30
CA LYS A 349 -31.07 10.23 27.98
C LYS A 349 -31.46 11.68 27.74
N VAL A 350 -31.19 12.54 28.73
CA VAL A 350 -31.70 13.90 28.71
C VAL A 350 -30.97 14.73 27.66
N ASN A 351 -31.70 15.62 26.99
CA ASN A 351 -31.16 16.52 25.99
C ASN A 351 -30.68 17.82 26.64
N SER A 352 -29.89 18.58 25.89
CA SER A 352 -29.27 19.78 26.42
C SER A 352 -30.20 20.98 26.42
N ASN A 353 -31.16 21.04 25.50
CA ASN A 353 -32.06 22.17 25.43
C ASN A 353 -32.93 22.26 26.67
N LYS A 354 -32.96 23.44 27.30
CA LYS A 354 -33.69 23.60 28.55
C LYS A 354 -35.20 23.50 28.35
N ASN A 355 -35.70 23.95 27.20
CA ASN A 355 -37.14 23.89 26.94
C ASN A 355 -37.63 22.45 26.90
N ASP A 356 -36.84 21.56 26.31
CA ASP A 356 -37.20 20.14 26.29
C ASP A 356 -37.24 19.56 27.70
N ILE A 357 -36.25 19.93 28.53
CA ILE A 357 -36.23 19.44 29.91
C ILE A 357 -37.44 19.96 30.67
N PHE A 358 -37.88 21.18 30.38
CA PHE A 358 -39.03 21.73 31.10
C PHE A 358 -40.33 21.06 30.64
N TYR A 359 -40.44 20.76 29.35
CA TYR A 359 -41.58 19.98 28.86
C TYR A 359 -41.62 18.62 29.54
N LEU A 360 -40.48 17.94 29.60
CA LEU A 360 -40.40 16.66 30.31
C LEU A 360 -40.75 16.83 31.79
N LEU A 361 -40.38 17.97 32.38
CA LEU A 361 -40.73 18.24 33.78
C LEU A 361 -42.23 18.30 33.96
N TYR A 362 -42.93 19.03 33.08
CA TYR A 362 -44.39 19.12 33.21
C TYR A 362 -45.04 17.75 33.00
N GLY A 363 -44.55 16.99 32.02
CA GLY A 363 -45.11 15.65 31.79
C GLY A 363 -44.91 14.73 32.97
N MET A 364 -43.69 14.73 33.53
CA MET A 364 -43.40 13.97 34.73
C MET A 364 -44.30 14.40 35.89
N THR A 365 -44.51 15.71 36.04
CA THR A 365 -45.36 16.21 37.11
C THR A 365 -46.78 15.68 36.98
N ARG A 366 -47.33 15.73 35.77
CA ARG A 366 -48.70 15.25 35.57
C ARG A 366 -48.80 13.74 35.82
N GLU A 367 -47.88 12.97 35.25
CA GLU A 367 -47.95 11.51 35.43
C GLU A 367 -47.71 11.11 36.87
N LEU A 368 -46.87 11.84 37.60
CA LEU A 368 -46.65 11.54 39.01
C LEU A 368 -47.85 11.97 39.86
N GLY A 369 -48.53 13.04 39.45
CA GLY A 369 -49.75 13.43 40.14
C GLY A 369 -50.87 12.43 39.95
N GLU A 370 -50.90 11.75 38.80
CA GLU A 370 -51.86 10.66 38.63
C GLU A 370 -51.60 9.55 39.66
N MET A 371 -50.34 9.27 39.95
CA MET A 371 -50.00 8.36 41.04
C MET A 371 -50.21 9.04 42.39
N ASN A 372 -50.04 8.27 43.47
CA ASN A 372 -50.23 8.82 44.80
C ASN A 372 -49.11 9.75 45.22
N PHE A 373 -48.01 9.81 44.47
CA PHE A 373 -46.93 10.72 44.81
C PHE A 373 -47.41 12.16 44.77
N SER A 374 -46.97 12.96 45.74
CA SER A 374 -47.46 14.32 45.89
C SER A 374 -46.36 15.34 46.09
N ILE A 375 -45.35 15.05 46.91
CA ILE A 375 -44.35 16.06 47.25
C ILE A 375 -43.40 16.33 46.09
N ILE A 376 -43.08 15.31 45.30
CA ILE A 376 -42.09 15.43 44.23
C ILE A 376 -42.58 16.33 43.10
N PRO A 377 -43.86 16.26 42.68
CA PRO A 377 -44.35 17.24 41.71
C PRO A 377 -44.22 18.67 42.20
N GLU A 378 -44.57 18.94 43.45
CA GLU A 378 -44.42 20.28 44.00
C GLU A 378 -42.95 20.68 44.06
N ILE A 379 -42.06 19.71 44.32
CA ILE A 379 -40.62 19.98 44.25
C ILE A 379 -40.23 20.42 42.85
N LEU A 380 -40.79 19.76 41.83
CA LEU A 380 -40.49 20.12 40.45
C LEU A 380 -41.04 21.52 40.12
N SER A 381 -42.20 21.88 40.67
CA SER A 381 -42.82 23.14 40.31
C SER A 381 -42.04 24.34 40.86
N CYS A 382 -41.61 24.27 42.12
CA CYS A 382 -40.92 25.39 42.73
C CYS A 382 -39.50 25.52 42.19
N ALA A 383 -38.83 26.61 42.58
CA ALA A 383 -37.47 26.90 42.16
C ALA A 383 -36.53 26.85 43.36
N ILE A 384 -35.32 26.34 43.14
CA ILE A 384 -34.36 26.23 44.22
C ILE A 384 -33.70 27.58 44.47
N ALA A 385 -33.20 27.76 45.69
CA ALA A 385 -32.54 29.00 46.06
C ALA A 385 -31.10 29.00 45.54
N PRO A 386 -30.59 30.16 45.14
CA PRO A 386 -29.19 30.22 44.69
C PRO A 386 -28.20 29.83 45.77
N ASN A 387 -28.43 30.28 47.01
CA ASN A 387 -27.58 29.90 48.14
C ASN A 387 -28.08 28.58 48.69
N VAL A 388 -27.75 27.50 47.97
CA VAL A 388 -28.16 26.17 48.37
C VAL A 388 -27.43 25.78 49.65
N ARG A 389 -28.18 25.24 50.61
CA ARG A 389 -27.63 24.80 51.88
C ARG A 389 -27.93 23.33 52.07
N LYS A 390 -26.89 22.51 52.19
CA LYS A 390 -27.08 21.08 52.40
C LYS A 390 -27.61 20.83 53.81
N MET A 391 -28.62 19.97 53.90
CA MET A 391 -29.18 19.63 55.20
C MET A 391 -28.15 18.86 56.02
N ASN A 392 -27.99 19.26 57.27
CA ASN A 392 -27.10 18.54 58.17
C ASN A 392 -27.59 17.11 58.35
N ASN A 393 -26.64 16.19 58.54
CA ASN A 393 -26.96 14.77 58.61
C ASN A 393 -27.88 14.48 59.80
N ARG A 394 -28.99 13.83 59.53
CA ARG A 394 -29.96 13.45 60.57
C ARG A 394 -29.78 11.96 60.87
N LYS A 395 -29.09 11.67 61.97
CA LYS A 395 -28.82 10.27 62.33
C LYS A 395 -30.10 9.50 62.61
N LYS A 396 -31.06 10.13 63.31
CA LYS A 396 -32.32 9.45 63.56
C LYS A 396 -33.03 9.11 62.26
N LEU A 397 -33.13 10.08 61.35
CA LEU A 397 -33.80 9.85 60.08
C LEU A 397 -33.02 8.84 59.22
N VAL A 398 -31.70 8.95 59.19
CA VAL A 398 -30.90 8.05 58.36
C VAL A 398 -31.02 6.61 58.88
N ASP A 399 -30.96 6.42 60.20
CA ASP A 399 -31.10 5.08 60.76
C ASP A 399 -32.51 4.55 60.61
N LYS A 400 -33.53 5.41 60.71
CA LYS A 400 -34.89 4.98 60.45
C LYS A 400 -35.05 4.51 59.01
N ILE A 401 -34.41 5.19 58.07
CA ILE A 401 -34.46 4.77 56.67
C ILE A 401 -33.69 3.48 56.47
N ILE A 402 -32.54 3.35 57.13
CA ILE A 402 -31.75 2.11 57.02
C ILE A 402 -32.55 0.92 57.51
N HIS A 403 -33.28 1.09 58.62
CA HIS A 403 -34.12 0.02 59.13
C HIS A 403 -35.38 -0.20 58.32
N SER A 404 -35.72 0.73 57.42
CA SER A 404 -36.95 0.61 56.65
C SER A 404 -36.88 -0.58 55.70
N ASP A 405 -38.01 -1.26 55.53
CA ASP A 405 -38.05 -2.45 54.68
C ASP A 405 -37.90 -2.09 53.20
N LYS A 406 -38.47 -0.95 52.79
CA LYS A 406 -38.33 -0.51 51.41
C LYS A 406 -36.87 -0.27 51.06
N TYR A 407 -36.12 0.35 51.97
CA TYR A 407 -34.71 0.62 51.71
C TYR A 407 -33.90 -0.67 51.63
N SER A 408 -34.25 -1.67 52.44
CA SER A 408 -33.55 -2.95 52.36
C SER A 408 -33.86 -3.67 51.05
N TYR A 409 -35.13 -3.67 50.64
CA TYR A 409 -35.48 -4.26 49.35
C TYR A 409 -34.77 -3.55 48.21
N LEU A 410 -34.59 -2.24 48.31
CA LEU A 410 -33.85 -1.50 47.30
C LEU A 410 -32.37 -1.85 47.32
N LEU A 411 -31.80 -1.98 48.51
CA LEU A 411 -30.39 -2.32 48.64
C LEU A 411 -30.10 -3.71 48.09
N LYS A 412 -31.07 -4.63 48.17
CA LYS A 412 -30.88 -5.95 47.59
C LYS A 412 -30.61 -5.87 46.09
N SER A 413 -31.24 -4.90 45.40
CA SER A 413 -30.97 -4.74 43.98
C SER A 413 -29.64 -4.06 43.73
N TYR A 414 -29.24 -3.13 44.59
CA TYR A 414 -27.96 -2.44 44.51
C TYR A 414 -26.85 -3.17 45.26
N LEU A 415 -27.06 -4.45 45.59
CA LEU A 415 -26.11 -5.17 46.42
C LEU A 415 -24.72 -5.32 45.80
N PRO A 416 -24.55 -5.60 44.49
CA PRO A 416 -23.19 -5.76 43.96
C PRO A 416 -22.31 -4.53 44.16
N ILE A 417 -22.86 -3.33 43.97
CA ILE A 417 -22.06 -2.11 44.09
C ILE A 417 -21.91 -1.64 45.52
N LYS A 418 -22.54 -2.31 46.48
CA LYS A 418 -22.47 -1.86 47.87
C LYS A 418 -21.07 -2.00 48.45
N ASN A 419 -20.30 -2.98 47.96
CA ASN A 419 -19.03 -3.31 48.60
C ASN A 419 -18.05 -2.14 48.58
N ILE A 420 -18.03 -1.38 47.49
CA ILE A 420 -17.05 -0.32 47.28
C ILE A 420 -17.72 1.04 47.10
N LEU A 421 -18.69 1.13 46.19
CA LEU A 421 -19.23 2.43 45.81
C LEU A 421 -20.17 2.99 46.86
N ASP A 422 -21.04 2.16 47.42
CA ASP A 422 -22.00 2.67 48.40
C ASP A 422 -21.33 3.02 49.72
N LYS A 423 -20.26 2.31 50.08
CA LYS A 423 -19.55 2.62 51.33
C LYS A 423 -18.87 3.98 51.25
N ASN A 424 -18.38 4.36 50.06
CA ASN A 424 -17.82 5.69 49.90
C ASN A 424 -18.91 6.75 49.96
N ASN A 425 -20.06 6.47 49.34
CA ASN A 425 -21.20 7.37 49.38
C ASN A 425 -22.48 6.69 48.95
N VAL A 426 -23.51 6.67 49.80
CA VAL A 426 -24.80 6.09 49.43
C VAL A 426 -25.57 7.15 48.65
N ILE A 427 -25.67 6.97 47.33
CA ILE A 427 -26.31 7.97 46.49
C ILE A 427 -27.78 8.11 46.83
N LEU A 428 -28.43 7.00 47.18
CA LEU A 428 -29.84 7.05 47.58
C LEU A 428 -30.02 7.87 48.84
N GLN A 429 -29.26 7.56 49.89
CA GLN A 429 -29.35 8.32 51.12
C GLN A 429 -28.86 9.75 50.93
N LEU A 430 -27.88 9.98 50.05
CA LEU A 430 -27.41 11.33 49.79
C LEU A 430 -28.50 12.18 49.14
N MET A 431 -29.26 11.58 48.22
CA MET A 431 -30.40 12.29 47.64
C MET A 431 -31.48 12.53 48.68
N THR A 432 -31.75 11.53 49.52
CA THR A 432 -32.81 11.67 50.52
C THR A 432 -32.48 12.77 51.52
N ILE A 433 -31.24 12.84 51.99
CA ILE A 433 -30.89 13.77 53.05
C ILE A 433 -30.79 15.21 52.55
N LYS A 434 -30.58 15.42 51.26
CA LYS A 434 -30.41 16.77 50.71
C LYS A 434 -31.72 17.54 50.84
N ASN A 435 -31.70 18.58 51.66
CA ASN A 435 -32.84 19.49 51.83
C ASN A 435 -32.37 20.91 51.58
N ALA A 436 -32.90 21.54 50.53
CA ALA A 436 -32.51 22.88 50.15
C ALA A 436 -33.73 23.80 50.20
N LYS A 437 -33.45 25.11 50.20
CA LYS A 437 -34.52 26.10 50.24
C LYS A 437 -35.31 26.06 48.94
N PHE A 438 -36.63 26.09 49.06
CA PHE A 438 -37.52 26.01 47.91
C PHE A 438 -38.52 27.15 47.96
N MET A 439 -38.46 28.03 46.96
CA MET A 439 -39.39 29.14 46.83
C MET A 439 -40.13 29.02 45.50
N ASN A 440 -41.45 29.11 45.54
CA ASN A 440 -42.24 29.08 44.32
C ASN A 440 -42.02 30.36 43.51
N LYS A 441 -42.49 30.33 42.26
CA LYS A 441 -42.42 31.54 41.43
C LYS A 441 -43.19 32.69 42.07
N GLU A 442 -44.25 32.38 42.81
CA GLU A 442 -45.02 33.38 43.55
C GLU A 442 -44.32 33.82 44.84
N ASN A 443 -43.03 33.52 44.99
CA ASN A 443 -42.23 33.93 46.15
C ASN A 443 -42.78 33.35 47.45
N LYS A 444 -43.41 32.19 47.39
CA LYS A 444 -43.93 31.52 48.56
C LYS A 444 -43.13 30.25 48.82
N GLU A 445 -42.58 30.13 50.03
CA GLU A 445 -41.77 28.98 50.40
C GLU A 445 -42.65 27.84 50.92
N VAL A 446 -42.08 26.63 50.90
CA VAL A 446 -42.78 25.43 51.32
C VAL A 446 -41.91 24.65 52.28
N ASP A 447 -42.55 23.96 53.21
CA ASP A 447 -41.86 23.13 54.20
C ASP A 447 -42.52 21.76 54.25
N PHE A 448 -41.69 20.72 54.29
CA PHE A 448 -42.19 19.35 54.30
C PHE A 448 -41.24 18.47 55.10
N SER A 449 -41.78 17.40 55.67
CA SER A 449 -40.98 16.49 56.47
C SER A 449 -40.10 15.62 55.59
N THR A 450 -38.92 15.28 56.12
CA THR A 450 -37.98 14.45 55.36
C THR A 450 -38.47 13.02 55.22
N ASP A 451 -39.31 12.55 56.15
CA ASP A 451 -39.77 11.16 56.09
C ASP A 451 -40.71 10.93 54.91
N HIS A 452 -41.59 11.88 54.62
CA HIS A 452 -42.48 11.75 53.48
C HIS A 452 -41.70 11.78 52.17
N LEU A 453 -40.75 12.72 52.06
CA LEU A 453 -39.88 12.77 50.90
C LEU A 453 -39.10 11.46 50.74
N ALA A 454 -38.68 10.87 51.86
CA ALA A 454 -37.93 9.61 51.80
C ALA A 454 -38.81 8.47 51.32
N GLU A 455 -40.04 8.39 51.82
CA GLU A 455 -40.97 7.37 51.34
C GLU A 455 -41.19 7.50 49.84
N GLU A 456 -41.44 8.72 49.37
CA GLU A 456 -41.68 8.89 47.94
C GLU A 456 -40.42 8.67 47.11
N VAL A 457 -39.24 8.95 47.67
CA VAL A 457 -38.00 8.69 46.94
C VAL A 457 -37.77 7.19 46.81
N LEU A 458 -37.99 6.44 47.89
CA LEU A 458 -37.88 4.98 47.81
C LEU A 458 -38.87 4.41 46.80
N ASP A 459 -40.11 4.89 46.84
CA ASP A 459 -41.12 4.36 45.91
C ASP A 459 -40.81 4.78 44.46
N MET A 460 -40.17 5.93 44.27
CA MET A 460 -39.78 6.34 42.93
C MET A 460 -38.64 5.49 42.40
N LEU A 461 -37.63 5.22 43.23
CA LEU A 461 -36.54 4.36 42.79
C LEU A 461 -37.01 2.92 42.58
N LEU A 462 -38.06 2.51 43.30
CA LEU A 462 -38.61 1.17 43.07
C LEU A 462 -39.51 1.12 41.84
N CYS A 463 -40.19 2.21 41.52
CA CYS A 463 -41.11 2.21 40.38
C CYS A 463 -40.39 2.20 39.04
N ILE A 464 -39.06 2.34 39.02
CA ILE A 464 -38.30 2.28 37.79
C ILE A 464 -38.41 0.88 37.19
N MET B 1 -23.15 29.50 -13.21
CA MET B 1 -22.74 28.69 -14.35
C MET B 1 -21.27 28.90 -14.68
N GLY B 2 -20.46 27.90 -14.39
CA GLY B 2 -19.04 27.97 -14.60
C GLY B 2 -18.29 28.36 -13.34
N LYS B 3 -16.98 28.13 -13.37
CA LYS B 3 -16.10 28.44 -12.24
C LYS B 3 -14.89 29.20 -12.75
N LYS B 4 -14.50 30.24 -12.04
CA LYS B 4 -13.40 31.11 -12.43
C LYS B 4 -12.38 31.20 -11.30
N LEU B 5 -11.13 30.89 -11.61
CA LEU B 5 -10.05 31.09 -10.64
C LEU B 5 -9.77 32.57 -10.47
N SER B 6 -9.79 33.04 -9.23
CA SER B 6 -9.67 34.47 -8.95
C SER B 6 -8.67 34.69 -7.83
N LEU B 7 -7.85 35.74 -7.99
CA LEU B 7 -6.94 36.15 -6.93
C LEU B 7 -7.71 36.86 -5.83
N ILE B 8 -7.32 36.61 -4.59
CA ILE B 8 -7.98 37.19 -3.43
C ILE B 8 -6.96 38.04 -2.67
N ASP B 9 -7.41 39.20 -2.19
CA ASP B 9 -6.60 40.09 -1.38
C ASP B 9 -6.93 39.87 0.09
N PHE B 10 -5.94 39.39 0.85
CA PHE B 10 -6.17 39.02 2.25
C PHE B 10 -6.48 40.22 3.14
N ASN B 11 -6.27 41.45 2.66
CA ASN B 11 -6.47 42.62 3.50
C ASN B 11 -7.94 42.80 3.87
N GLU B 12 -8.86 42.39 3.00
CA GLU B 12 -10.27 42.47 3.34
C GLU B 12 -10.73 41.30 4.22
N ILE B 13 -10.04 40.17 4.16
CA ILE B 13 -10.47 39.00 4.91
C ILE B 13 -9.94 39.03 6.33
N TYR B 14 -8.80 39.67 6.56
CA TYR B 14 -8.09 39.58 7.83
C TYR B 14 -8.99 39.96 9.01
N ASN B 15 -8.96 39.13 10.06
CA ASN B 15 -9.66 39.39 11.31
C ASN B 15 -8.64 39.40 12.44
N GLU B 16 -8.64 40.46 13.23
CA GLU B 16 -7.66 40.59 14.30
C GLU B 16 -7.82 39.52 15.37
N GLU B 17 -9.01 38.94 15.51
CA GLU B 17 -9.22 37.90 16.51
C GLU B 17 -8.43 36.63 16.17
N ASN B 18 -8.31 36.32 14.88
CA ASN B 18 -7.55 35.15 14.44
C ASN B 18 -6.11 35.54 14.10
N LEU B 19 -5.40 36.01 15.12
CA LEU B 19 -4.02 36.43 14.99
C LEU B 19 -3.15 35.55 15.89
N ILE B 20 -2.09 34.98 15.31
CA ILE B 20 -1.17 34.11 16.01
C ILE B 20 0.08 34.91 16.35
N THR B 21 0.43 34.96 17.64
CA THR B 21 1.61 35.69 18.10
C THR B 21 2.69 34.79 18.67
N ARG B 22 2.36 33.55 19.04
CA ARG B 22 3.30 32.64 19.68
C ARG B 22 3.73 31.57 18.69
N ALA B 23 5.02 31.53 18.37
CA ALA B 23 5.53 30.49 17.50
C ALA B 23 5.63 29.15 18.21
N ASN B 24 5.98 29.16 19.50
CA ASN B 24 6.06 27.94 20.28
C ASN B 24 4.66 27.43 20.58
N PRO B 25 4.28 26.24 20.10
CA PRO B 25 2.90 25.78 20.30
C PRO B 25 2.55 25.40 21.72
N ILE B 26 3.52 24.91 22.50
CA ILE B 26 3.27 24.37 23.83
C ILE B 26 3.51 25.46 24.87
N GLU B 27 2.59 25.58 25.82
CA GLU B 27 2.71 26.52 26.93
C GLU B 27 2.18 25.88 28.19
N ASN B 28 3.04 25.72 29.20
CA ASN B 28 2.66 25.13 30.49
C ASN B 28 2.03 23.75 30.31
N HIS B 29 2.65 22.94 29.45
CA HIS B 29 2.22 21.56 29.20
C HIS B 29 0.80 21.48 28.64
N GLU B 30 0.43 22.48 27.84
CA GLU B 30 -0.86 22.46 27.15
C GLU B 30 -0.74 23.33 25.91
N PHE B 31 -1.61 23.07 24.93
CA PHE B 31 -1.55 23.79 23.67
C PHE B 31 -1.91 25.26 23.86
N SER B 32 -1.09 26.14 23.31
CA SER B 32 -1.28 27.57 23.50
C SER B 32 -2.45 28.08 22.66
N ASP B 33 -3.24 28.96 23.25
CA ASP B 33 -4.34 29.61 22.54
C ASP B 33 -3.84 30.76 21.65
N ASP B 34 -2.55 31.05 21.66
CA ASP B 34 -1.96 32.05 20.78
C ASP B 34 -1.00 31.42 19.78
N GLY B 35 -1.03 30.11 19.60
CA GLY B 35 -0.17 29.41 18.68
C GLY B 35 -0.93 28.90 17.46
N ILE B 36 -0.22 28.11 16.66
CA ILE B 36 -0.81 27.56 15.45
C ILE B 36 -1.84 26.48 15.76
N TYR B 37 -1.81 25.90 16.96
CA TYR B 37 -2.81 24.94 17.40
C TYR B 37 -3.82 25.58 18.35
N SER B 38 -4.08 26.87 18.19
CA SER B 38 -4.93 27.62 19.11
C SER B 38 -6.35 27.03 19.14
N GLU B 39 -6.79 26.64 20.33
CA GLU B 39 -8.13 26.08 20.47
C GLU B 39 -9.22 27.15 20.44
N ARG B 40 -8.88 28.38 20.84
CA ARG B 40 -9.88 29.45 20.81
C ARG B 40 -10.22 29.86 19.38
N ILE B 41 -9.22 29.92 18.51
CA ILE B 41 -9.43 30.37 17.13
C ILE B 41 -9.86 29.20 16.26
N PHE B 42 -9.04 28.16 16.22
CA PHE B 42 -9.25 27.07 15.27
C PHE B 42 -10.31 26.08 15.76
N GLY B 43 -10.35 25.81 17.06
CA GLY B 43 -11.34 24.93 17.64
C GLY B 43 -10.70 23.82 18.44
N SER B 44 -11.52 22.87 18.86
CA SER B 44 -11.06 21.74 19.65
C SER B 44 -11.28 20.45 18.87
N TYR B 45 -10.37 19.49 19.07
CA TYR B 45 -10.42 18.25 18.31
C TYR B 45 -11.62 17.39 18.70
N ASN B 46 -11.90 17.27 20.00
CA ASN B 46 -12.90 16.32 20.49
C ASN B 46 -13.98 16.99 21.32
N GLU B 47 -14.14 18.31 21.22
CA GLU B 47 -15.11 19.04 22.01
C GLU B 47 -16.17 19.63 21.09
N ASP B 48 -17.43 19.30 21.34
CA ASP B 48 -18.54 19.89 20.61
C ASP B 48 -18.84 21.31 21.06
N ASP B 49 -18.40 21.69 22.27
CA ASP B 49 -18.75 23.00 22.81
C ASP B 49 -17.98 24.12 22.13
N ASP B 50 -16.80 23.84 21.57
CA ASP B 50 -16.01 24.87 20.92
C ASP B 50 -16.74 25.44 19.70
N ASP B 51 -17.28 24.55 18.86
CA ASP B 51 -18.12 24.93 17.73
C ASP B 51 -17.39 25.88 16.77
N LYS B 52 -16.24 25.42 16.30
CA LYS B 52 -15.44 26.15 15.32
C LYS B 52 -15.32 25.28 14.07
N ASP B 53 -15.81 25.79 12.95
CA ASP B 53 -15.81 25.02 11.71
C ASP B 53 -14.40 24.92 11.15
N ILE B 54 -14.22 23.94 10.24
CA ILE B 54 -12.94 23.78 9.56
C ILE B 54 -12.68 24.94 8.60
N ASP B 55 -13.72 25.69 8.25
CA ASP B 55 -13.57 26.85 7.36
C ASP B 55 -12.79 27.98 8.01
N THR B 56 -12.59 27.94 9.33
CA THR B 56 -11.89 29.00 10.02
C THR B 56 -10.45 29.10 9.53
N ILE B 57 -10.00 30.32 9.26
CA ILE B 57 -8.67 30.60 8.75
C ILE B 57 -7.95 31.49 9.75
N GLY B 58 -6.64 31.25 9.94
CA GLY B 58 -5.85 32.05 10.85
C GLY B 58 -4.86 32.92 10.11
N TRP B 59 -4.30 33.93 10.76
CA TRP B 59 -3.45 34.91 10.10
C TRP B 59 -2.17 35.15 10.87
N ILE B 60 -1.10 35.44 10.14
CA ILE B 60 0.18 35.88 10.70
C ILE B 60 0.51 37.21 10.05
N ASN B 61 0.68 38.25 10.87
CA ASN B 61 0.86 39.61 10.37
C ASN B 61 2.35 39.97 10.40
N ILE B 62 2.90 40.23 9.22
CA ILE B 62 4.32 40.55 9.10
C ILE B 62 4.53 42.07 9.01
N GLU B 63 3.54 42.87 9.39
CA GLU B 63 3.67 44.31 9.32
C GLU B 63 4.82 44.77 10.23
N PRO B 64 5.55 45.82 9.83
CA PRO B 64 5.31 46.66 8.66
C PRO B 64 6.05 46.23 7.39
N TYR B 65 6.72 45.09 7.43
CA TYR B 65 7.45 44.59 6.27
C TYR B 65 6.51 43.81 5.34
N TYR B 66 6.89 43.74 4.08
CA TYR B 66 6.10 43.11 3.04
C TYR B 66 6.87 41.95 2.42
N ILE B 67 6.13 41.06 1.76
CA ILE B 67 6.69 39.85 1.16
C ILE B 67 6.06 39.65 -0.21
N ILE B 68 6.79 38.96 -1.09
CA ILE B 68 6.24 38.61 -2.39
C ILE B 68 5.18 37.53 -2.20
N ASN B 69 4.04 37.70 -2.85
CA ASN B 69 3.01 36.67 -2.83
C ASN B 69 3.58 35.39 -3.44
N PRO B 70 3.63 34.29 -2.70
CA PRO B 70 4.32 33.09 -3.23
C PRO B 70 3.70 32.55 -4.50
N ILE B 71 2.36 32.57 -4.60
CA ILE B 71 1.69 31.98 -5.76
C ILE B 71 2.12 32.69 -7.04
N LEU B 72 2.36 34.00 -6.97
CA LEU B 72 2.82 34.74 -8.14
C LEU B 72 4.32 34.67 -8.33
N PHE B 73 5.07 34.29 -7.28
CA PHE B 73 6.53 34.29 -7.33
C PHE B 73 7.05 33.61 -8.59
N THR B 74 6.58 32.40 -8.86
CA THR B 74 7.03 31.64 -10.03
C THR B 74 6.92 32.47 -11.30
N ILE B 75 5.77 33.11 -11.52
CA ILE B 75 5.58 33.93 -12.71
C ILE B 75 6.64 35.01 -12.77
N ILE B 76 6.85 35.71 -11.65
CA ILE B 76 7.87 36.75 -11.59
C ILE B 76 9.23 36.18 -11.94
N LYS B 77 9.51 34.96 -11.49
CA LYS B 77 10.81 34.34 -11.76
C LYS B 77 11.07 34.24 -13.26
N LYS B 78 10.02 34.06 -14.06
CA LYS B 78 10.21 34.02 -15.51
C LYS B 78 10.40 35.42 -16.07
N CYS B 79 9.70 36.42 -15.51
CA CYS B 79 9.84 37.78 -16.00
C CYS B 79 11.18 38.37 -15.60
N ILE B 80 11.58 38.16 -14.36
CA ILE B 80 12.83 38.68 -13.82
C ILE B 80 13.71 37.51 -13.42
N PRO B 81 14.64 37.09 -14.27
CA PRO B 81 15.54 35.99 -13.91
C PRO B 81 16.50 36.41 -12.81
N SER B 82 16.99 35.42 -12.08
CA SER B 82 17.93 35.63 -10.97
C SER B 82 17.33 36.55 -9.91
N ILE B 83 16.03 36.40 -9.66
CA ILE B 83 15.38 37.18 -8.61
C ILE B 83 15.86 36.74 -7.24
N ASN B 84 16.31 35.49 -7.12
CA ASN B 84 16.76 34.98 -5.82
C ASN B 84 18.02 35.69 -5.35
N LYS B 85 18.96 35.97 -6.26
CA LYS B 85 20.13 36.75 -5.88
C LYS B 85 19.75 38.19 -5.54
N ILE B 86 18.72 38.73 -6.20
CA ILE B 86 18.33 40.11 -5.96
C ILE B 86 17.71 40.26 -4.58
N ILE B 87 16.80 39.36 -4.21
CA ILE B 87 16.12 39.48 -2.92
C ILE B 87 17.07 39.15 -1.78
N ASN B 88 18.02 38.24 -1.99
CA ASN B 88 18.99 37.92 -0.96
C ASN B 88 20.00 39.05 -0.81
N TYR B 89 20.43 39.30 0.41
CA TYR B 89 21.37 40.37 0.72
C TYR B 89 22.69 39.78 1.15
N GLN B 90 23.78 40.25 0.54
CA GLN B 90 25.12 39.80 0.90
C GLN B 90 26.09 40.97 0.74
N GLN B 91 26.90 41.20 1.77
CA GLN B 91 27.92 42.23 1.74
C GLN B 91 29.16 41.72 2.44
N SER B 92 30.32 42.13 1.95
CA SER B 92 31.60 41.75 2.50
C SER B 92 32.28 42.96 3.13
N ILE B 93 33.27 42.69 3.98
CA ILE B 93 33.96 43.73 4.73
C ILE B 93 35.46 43.49 4.71
N ASP B 94 36.21 44.56 4.96
CA ASP B 94 37.67 44.51 5.03
C ASP B 94 38.10 44.22 6.46
N GLN B 95 39.41 44.09 6.67
CA GLN B 95 39.94 43.98 8.03
C GLN B 95 39.55 45.19 8.86
N ASN B 96 39.61 46.38 8.27
CA ASN B 96 39.16 47.59 8.95
C ASN B 96 37.64 47.60 9.09
N GLY B 97 36.94 46.95 8.18
CA GLY B 97 35.49 46.84 8.24
C GLY B 97 34.73 47.53 7.12
N GLU B 98 35.43 48.20 6.20
CA GLU B 98 34.77 48.86 5.09
C GLU B 98 34.23 47.82 4.10
N ASN B 99 33.07 48.12 3.53
CA ASN B 99 32.50 47.25 2.49
C ASN B 99 33.44 47.19 1.30
N ILE B 100 33.79 45.97 0.89
CA ILE B 100 34.91 45.76 -0.03
C ILE B 100 34.49 44.90 -1.22
N ASP B 101 33.18 44.66 -1.37
CA ASP B 101 32.71 43.84 -2.49
C ASP B 101 33.03 44.50 -3.83
N LEU B 102 32.89 45.82 -3.92
CA LEU B 102 33.24 46.65 -5.07
C LEU B 102 32.38 46.37 -6.30
N THR B 103 31.46 45.41 -6.25
CA THR B 103 30.55 45.10 -7.36
C THR B 103 31.33 44.83 -8.65
N GLU B 104 32.36 43.98 -8.54
CA GLU B 104 33.21 43.69 -9.70
C GLU B 104 32.56 42.69 -10.65
N GLU B 105 31.93 41.64 -10.11
CA GLU B 105 31.39 40.56 -10.92
C GLU B 105 29.87 40.42 -10.81
N ILE B 106 29.21 41.27 -10.04
CA ILE B 106 27.76 41.19 -9.86
C ILE B 106 27.10 42.39 -10.50
N GLY B 107 25.90 42.17 -11.04
CA GLY B 107 25.13 43.28 -11.55
C GLY B 107 24.68 44.22 -10.46
N GLU B 108 24.47 45.48 -10.84
CA GLU B 108 24.09 46.49 -9.85
C GLU B 108 22.74 46.19 -9.23
N ASP B 109 21.86 45.49 -9.95
CA ASP B 109 20.54 45.18 -9.44
C ASP B 109 20.54 43.98 -8.48
N ASP B 110 21.53 43.11 -8.57
CA ASP B 110 21.58 41.92 -7.73
C ASP B 110 22.00 42.27 -6.31
N TYR B 111 21.53 41.46 -5.36
CA TYR B 111 21.91 41.54 -3.95
C TYR B 111 21.48 42.84 -3.28
N ILE B 112 20.46 43.50 -3.81
CA ILE B 112 20.02 44.76 -3.21
C ILE B 112 19.15 44.51 -1.98
N GLY B 113 18.33 43.45 -2.01
CA GLY B 113 17.44 43.17 -0.91
C GLY B 113 15.98 43.22 -1.30
N LEU B 114 15.12 42.62 -0.47
CA LEU B 114 13.70 42.55 -0.80
C LEU B 114 13.02 43.91 -0.70
N VAL B 115 13.44 44.75 0.25
CA VAL B 115 12.86 46.08 0.39
C VAL B 115 13.24 46.95 -0.80
N LYS B 116 14.53 46.91 -1.19
CA LYS B 116 14.94 47.60 -2.40
C LYS B 116 14.25 47.05 -3.63
N PHE B 117 13.97 45.74 -3.63
CA PHE B 117 13.27 45.13 -4.75
C PHE B 117 11.84 45.65 -4.86
N LYS B 118 11.15 45.78 -3.73
CA LYS B 118 9.80 46.35 -3.78
C LYS B 118 9.83 47.82 -4.17
N ASP B 119 10.84 48.56 -3.71
CA ASP B 119 10.93 49.98 -4.08
C ASP B 119 11.26 50.15 -5.55
N ASN B 120 12.07 49.26 -6.13
CA ASN B 120 12.50 49.35 -7.51
C ASN B 120 11.85 48.28 -8.39
N PHE B 121 10.64 47.85 -8.05
CA PHE B 121 10.03 46.71 -8.73
C PHE B 121 9.62 47.07 -10.15
N ASP B 122 9.09 48.27 -10.36
CA ASP B 122 8.56 48.64 -11.67
C ASP B 122 9.68 48.74 -12.71
N ASP B 123 10.72 49.50 -12.40
CA ASP B 123 11.82 49.66 -13.36
C ASP B 123 12.54 48.35 -13.60
N LEU B 124 12.72 47.54 -12.55
CA LEU B 124 13.35 46.23 -12.73
C LEU B 124 12.50 45.32 -13.63
N LEU B 125 11.17 45.36 -13.43
CA LEU B 125 10.26 44.61 -14.29
C LEU B 125 10.43 45.04 -15.74
N GLU B 126 10.49 46.35 -15.98
CA GLU B 126 10.70 46.83 -17.34
C GLU B 126 12.07 46.42 -17.87
N LYS B 127 13.07 46.29 -16.99
CA LYS B 127 14.41 45.91 -17.43
C LYS B 127 14.45 44.45 -17.89
N TYR B 128 13.93 43.53 -17.09
CA TYR B 128 14.17 42.11 -17.31
C TYR B 128 13.07 41.38 -18.07
N THR B 129 11.90 41.99 -18.27
CA THR B 129 10.84 41.31 -19.00
C THR B 129 11.18 41.22 -20.48
N ASP B 130 11.03 40.02 -21.04
CA ASP B 130 11.16 39.79 -22.47
C ASP B 130 9.75 39.61 -23.03
N LYS B 131 9.36 40.49 -23.95
CA LYS B 131 8.01 40.43 -24.51
C LYS B 131 7.79 39.12 -25.25
N LYS B 132 8.76 38.72 -26.09
CA LYS B 132 8.61 37.59 -27.01
C LYS B 132 8.14 36.34 -26.28
N LYS B 133 8.65 36.10 -25.07
CA LYS B 133 8.35 34.87 -24.34
C LYS B 133 7.49 35.08 -23.11
N TYR B 134 7.39 36.32 -22.59
CA TYR B 134 6.72 36.55 -21.32
C TYR B 134 5.79 37.76 -21.34
N GLN B 135 5.30 38.16 -22.52
CA GLN B 135 4.41 39.32 -22.58
C GLN B 135 3.12 39.06 -21.82
N LYS B 136 2.58 37.84 -21.93
CA LYS B 136 1.34 37.51 -21.22
C LYS B 136 1.53 37.54 -19.71
N GLU B 137 2.66 37.02 -19.23
CA GLU B 137 2.94 37.05 -17.81
C GLU B 137 3.13 38.48 -17.31
N TYR B 138 3.80 39.32 -18.10
CA TYR B 138 3.99 40.71 -17.71
C TYR B 138 2.66 41.45 -17.66
N ASP B 139 1.77 41.16 -18.62
CA ASP B 139 0.43 41.75 -18.60
C ASP B 139 -0.34 41.30 -17.37
N PHE B 140 -0.27 40.00 -17.04
CA PHE B 140 -0.93 39.50 -15.84
C PHE B 140 -0.40 40.19 -14.59
N LEU B 141 0.90 40.43 -14.52
CA LEU B 141 1.46 41.15 -13.38
C LEU B 141 0.94 42.58 -13.33
N ILE B 142 0.83 43.25 -14.49
CA ILE B 142 0.30 44.61 -14.51
C ILE B 142 -1.13 44.63 -13.99
N GLU B 143 -1.96 43.71 -14.47
CA GLU B 143 -3.37 43.69 -14.06
C GLU B 143 -3.52 43.41 -12.57
N ASN B 144 -2.61 42.62 -12.00
CA ASN B 144 -2.69 42.27 -10.58
C ASN B 144 -1.50 42.81 -9.82
N HIS B 145 -1.22 44.11 -9.96
CA HIS B 145 -0.11 44.72 -9.24
C HIS B 145 -0.37 44.77 -7.73
N ASP B 146 -1.64 44.83 -7.33
CA ASP B 146 -1.97 44.91 -5.92
C ASP B 146 -1.67 43.60 -5.20
N LYS B 147 -1.89 42.47 -5.87
CA LYS B 147 -1.72 41.16 -5.25
C LYS B 147 -0.26 40.70 -5.18
N ILE B 148 0.68 41.49 -5.73
CA ILE B 148 2.06 41.03 -5.82
C ILE B 148 2.71 40.99 -4.45
N PHE B 149 2.51 42.04 -3.65
CA PHE B 149 3.15 42.15 -2.34
C PHE B 149 2.08 42.10 -1.25
N ILE B 150 2.31 41.26 -0.25
CA ILE B 150 1.37 41.07 0.85
C ILE B 150 2.14 41.07 2.16
N ASN B 151 1.46 41.47 3.23
CA ASN B 151 2.07 41.55 4.56
C ASN B 151 1.47 40.54 5.54
N LYS B 152 0.44 39.80 5.13
CA LYS B 152 -0.23 38.84 6.00
C LYS B 152 -0.28 37.48 5.34
N LEU B 153 0.01 36.45 6.12
CA LEU B 153 0.07 35.08 5.63
C LEU B 153 -1.02 34.23 6.28
N PRO B 154 -1.86 33.56 5.49
CA PRO B 154 -2.88 32.69 6.08
C PRO B 154 -2.34 31.33 6.48
N VAL B 155 -3.00 30.74 7.47
CA VAL B 155 -2.69 29.41 7.96
C VAL B 155 -4.01 28.66 8.19
N PHE B 156 -4.11 27.46 7.65
CA PHE B 156 -5.38 26.76 7.66
C PHE B 156 -5.58 26.01 8.97
N SER B 157 -6.79 25.47 9.13
CA SER B 157 -7.25 24.96 10.42
C SER B 157 -6.32 23.86 10.94
N HIS B 158 -6.26 23.75 12.26
CA HIS B 158 -5.40 22.74 12.89
C HIS B 158 -6.00 21.34 12.79
N LYS B 159 -7.29 21.23 12.48
CA LYS B 159 -7.87 19.90 12.27
C LYS B 159 -7.35 19.27 10.97
N LEU B 160 -6.94 20.10 10.01
CA LEU B 160 -6.29 19.59 8.82
C LEU B 160 -4.81 19.33 9.04
N ARG B 161 -4.20 20.03 9.99
CA ARG B 161 -2.80 19.83 10.38
C ARG B 161 -2.75 18.94 11.61
N PRO B 162 -2.59 17.62 11.45
CA PRO B 162 -2.69 16.72 12.60
C PRO B 162 -1.62 17.03 13.65
N ALA B 163 -2.08 17.19 14.88
CA ALA B 163 -1.19 17.49 16.01
C ALA B 163 -1.68 16.69 17.21
N THR B 164 -0.89 15.70 17.62
CA THR B 164 -1.22 14.86 18.77
C THR B 164 -0.19 15.05 19.86
N LEU B 165 -0.66 15.26 21.08
CA LEU B 165 0.20 15.42 22.26
C LEU B 165 0.25 14.10 23.03
N LEU B 166 1.02 13.17 22.48
CA LEU B 166 1.11 11.85 23.08
C LEU B 166 2.05 11.87 24.27
N THR B 167 1.82 10.96 25.22
CA THR B 167 2.61 10.88 26.44
C THR B 167 3.43 9.60 26.42
N GLY B 168 4.74 9.74 26.63
CA GLY B 168 5.62 8.58 26.69
C GLY B 168 6.30 8.48 28.04
N SER B 169 6.81 7.29 28.37
CA SER B 169 7.45 7.08 29.66
C SER B 169 8.72 7.91 29.77
N LYS B 170 9.66 7.72 28.84
CA LYS B 170 10.91 8.48 28.87
C LYS B 170 10.66 9.96 28.64
N GLY B 171 9.71 10.29 27.77
CA GLY B 171 9.38 11.68 27.48
C GLY B 171 8.12 11.85 26.65
N LYS B 172 7.47 12.99 26.79
CA LYS B 172 6.30 13.29 26.00
C LYS B 172 6.68 13.50 24.53
N VAL B 173 5.73 13.22 23.64
CA VAL B 173 5.97 13.31 22.21
C VAL B 173 4.88 14.12 21.55
N LEU B 174 5.26 14.83 20.48
CA LEU B 174 4.35 15.67 19.71
C LEU B 174 4.42 15.24 18.25
N ALA B 175 3.30 14.77 17.71
CA ALA B 175 3.22 14.35 16.32
C ALA B 175 2.54 15.44 15.52
N PHE B 176 3.25 15.96 14.50
CA PHE B 176 2.76 17.03 13.66
C PHE B 176 3.25 16.81 12.24
N ASP B 177 2.48 17.30 11.27
CA ASP B 177 2.96 17.30 9.89
C ASP B 177 3.98 18.41 9.72
N GLU B 178 4.92 18.20 8.78
CA GLU B 178 6.04 19.12 8.62
C GLU B 178 5.57 20.55 8.36
N ILE B 179 4.42 20.72 7.69
CA ILE B 179 3.92 22.04 7.34
C ILE B 179 3.91 22.95 8.56
N ASN B 180 3.46 22.43 9.70
CA ASN B 180 3.40 23.22 10.92
C ASN B 180 4.73 23.89 11.22
N ASN B 181 5.82 23.11 11.22
CA ASN B 181 7.16 23.66 11.41
C ASN B 181 7.35 24.93 10.61
N TYR B 182 7.13 24.84 9.30
CA TYR B 182 7.34 25.99 8.42
C TYR B 182 6.54 27.19 8.93
N TYR B 183 5.25 27.00 9.17
CA TYR B 183 4.43 28.06 9.74
C TYR B 183 5.10 28.67 10.96
N ASN B 184 5.40 27.82 11.95
CA ASN B 184 6.03 28.32 13.18
C ASN B 184 7.28 29.12 12.84
N PHE B 185 8.11 28.59 11.94
CA PHE B 185 9.34 29.28 11.55
C PHE B 185 9.03 30.73 11.20
N VAL B 186 8.09 30.92 10.26
CA VAL B 186 7.72 32.27 9.83
C VAL B 186 7.47 33.15 11.04
N ILE B 187 6.58 32.70 11.94
CA ILE B 187 6.21 33.50 13.10
C ILE B 187 7.46 33.95 13.84
N GLU B 188 8.33 32.98 14.20
CA GLU B 188 9.53 33.31 14.95
C GLU B 188 10.27 34.46 14.27
N TYR B 189 10.53 34.30 12.96
CA TYR B 189 11.26 35.33 12.23
C TYR B 189 10.63 36.69 12.42
N ILE B 190 9.32 36.80 12.14
CA ILE B 190 8.69 38.11 12.20
C ILE B 190 8.83 38.71 13.58
N ASN B 191 8.74 37.87 14.62
CA ASN B 191 8.89 38.38 15.98
C ASN B 191 10.26 39.00 16.16
N GLN B 192 11.31 38.27 15.77
CA GLN B 192 12.66 38.80 15.90
C GLN B 192 12.88 40.01 15.01
N ILE B 193 12.04 40.20 13.99
CA ILE B 193 12.15 41.40 13.17
C ILE B 193 11.35 42.55 13.79
N ASN B 194 10.28 42.26 14.52
CA ASN B 194 9.43 43.30 15.04
C ASN B 194 9.84 43.79 16.43
N GLU B 195 10.54 42.95 17.20
CA GLU B 195 11.00 43.39 18.52
C GLU B 195 12.02 44.52 18.40
N GLY B 196 12.79 44.54 17.32
CA GLY B 196 13.67 45.67 17.07
C GLY B 196 12.91 46.79 16.38
N VAL B 197 13.14 48.01 16.85
CA VAL B 197 12.42 49.17 16.34
C VAL B 197 12.76 49.34 14.86
N VAL B 198 11.72 49.37 14.02
CA VAL B 198 11.94 49.45 12.58
C VAL B 198 12.43 50.84 12.17
N SER B 199 12.05 51.87 12.94
CA SER B 199 12.48 53.23 12.60
C SER B 199 13.97 53.41 12.82
N ASP B 200 14.50 52.83 13.89
CA ASP B 200 15.93 52.94 14.17
C ASP B 200 16.72 52.16 13.13
N ASP B 201 17.77 52.79 12.60
CA ASP B 201 18.61 52.14 11.61
C ASP B 201 19.39 50.99 12.24
N SER B 202 19.32 49.82 11.62
CA SER B 202 20.04 48.65 12.08
C SER B 202 20.88 48.09 10.95
N ILE B 203 21.83 47.23 11.32
CA ILE B 203 22.69 46.58 10.32
C ILE B 203 21.83 45.75 9.37
N ASP B 204 22.08 45.93 8.07
CA ASP B 204 21.31 45.22 7.05
C ASP B 204 21.54 43.71 7.09
N LEU B 205 22.75 43.30 7.47
CA LEU B 205 23.08 41.87 7.55
C LEU B 205 22.22 41.14 8.58
N LEU B 206 21.69 41.87 9.56
CA LEU B 206 20.87 41.27 10.60
C LEU B 206 19.40 41.16 10.22
N LEU B 207 18.95 41.94 9.24
CA LEU B 207 17.53 42.05 8.92
C LEU B 207 17.16 41.50 7.56
N LEU B 208 17.92 41.84 6.51
CA LEU B 208 17.50 41.48 5.15
C LEU B 208 17.58 39.97 4.90
N PRO B 209 18.64 39.25 5.27
CA PRO B 209 18.62 37.80 5.10
C PRO B 209 17.47 37.13 5.84
N LEU B 210 17.02 37.71 6.95
CA LEU B 210 15.85 37.18 7.62
C LEU B 210 14.62 37.26 6.73
N LEU B 211 14.44 38.39 6.04
CA LEU B 211 13.32 38.53 5.11
C LEU B 211 13.44 37.54 3.96
N TYR B 212 14.65 37.34 3.44
CA TYR B 212 14.83 36.38 2.35
C TYR B 212 14.50 34.97 2.80
N ASN B 213 14.92 34.60 4.01
CA ASN B 213 14.61 33.27 4.54
C ASN B 213 13.12 33.12 4.80
N MET B 214 12.46 34.18 5.25
CA MET B 214 11.01 34.16 5.41
C MET B 214 10.32 33.90 4.07
N GLN B 215 10.80 34.55 3.01
CA GLN B 215 10.23 34.32 1.68
C GLN B 215 10.44 32.88 1.25
N PHE B 216 11.62 32.33 1.51
CA PHE B 216 11.88 30.93 1.17
C PHE B 216 10.92 30.00 1.91
N TYR B 217 10.72 30.25 3.20
CA TYR B 217 9.82 29.41 3.99
C TYR B 217 8.38 29.51 3.49
N ALA B 218 7.94 30.71 3.11
CA ALA B 218 6.57 30.85 2.59
C ALA B 218 6.42 30.12 1.26
N ASN B 219 7.42 30.23 0.38
CA ASN B 219 7.41 29.47 -0.86
C ASN B 219 7.30 27.98 -0.59
N ASN B 220 8.07 27.49 0.38
CA ASN B 220 7.99 26.07 0.73
C ASN B 220 6.62 25.71 1.31
N ILE B 221 6.00 26.61 2.08
CA ILE B 221 4.67 26.35 2.60
C ILE B 221 3.68 26.14 1.46
N LEU B 222 3.67 27.06 0.50
CA LEU B 222 2.76 26.92 -0.64
C LEU B 222 3.03 25.64 -1.42
N THR B 223 4.32 25.37 -1.69
CA THR B 223 4.68 24.18 -2.44
C THR B 223 4.26 22.90 -1.72
N ARG B 224 4.40 22.87 -0.40
CA ARG B 224 4.04 21.68 0.35
C ARG B 224 2.52 21.52 0.42
N ILE B 225 1.78 22.62 0.53
CA ILE B 225 0.32 22.52 0.50
C ILE B 225 -0.13 21.93 -0.83
N ILE B 226 0.50 22.33 -1.93
CA ILE B 226 0.10 21.77 -3.22
C ILE B 226 0.54 20.31 -3.34
N SER B 227 1.78 20.00 -2.93
CA SER B 227 2.35 18.68 -3.16
C SER B 227 1.88 17.62 -2.17
N GLU B 228 1.21 18.01 -1.09
CA GLU B 228 0.76 17.05 -0.09
C GLU B 228 -0.76 17.06 0.06
N TYR B 229 -1.35 18.21 0.38
CA TYR B 229 -2.77 18.26 0.72
C TYR B 229 -3.69 18.34 -0.50
N LEU B 230 -3.18 18.74 -1.66
CA LEU B 230 -4.04 19.12 -2.78
C LEU B 230 -3.70 18.44 -4.09
N ARG B 231 -2.89 17.38 -4.11
CA ARG B 231 -2.50 16.76 -5.36
C ARG B 231 -2.38 15.26 -5.19
N GLY B 232 -2.81 14.53 -6.22
CA GLY B 232 -2.62 13.09 -6.28
C GLY B 232 -3.75 12.31 -5.67
N LYS B 233 -3.54 10.98 -5.62
CA LYS B 233 -4.49 10.10 -4.96
C LYS B 233 -4.68 10.50 -3.50
N LYS B 234 -3.59 10.84 -2.81
CA LYS B 234 -3.68 11.32 -1.43
C LYS B 234 -4.35 12.68 -1.35
N GLY B 235 -4.27 13.47 -2.43
CA GLY B 235 -4.75 14.84 -2.37
C GLY B 235 -6.25 14.92 -2.16
N PHE B 236 -6.66 15.99 -1.47
CA PHE B 236 -8.08 16.21 -1.20
C PHE B 236 -8.88 16.38 -2.50
N LEU B 237 -8.21 16.79 -3.57
CA LEU B 237 -8.90 17.00 -4.84
C LEU B 237 -9.42 15.68 -5.41
N ARG B 238 -8.54 14.70 -5.54
CA ARG B 238 -8.94 13.42 -6.14
C ARG B 238 -9.63 12.53 -5.13
N LYS B 239 -9.22 12.57 -3.86
CA LYS B 239 -9.76 11.64 -2.87
C LYS B 239 -11.19 12.01 -2.50
N ASN B 240 -11.41 13.25 -2.04
CA ASN B 240 -12.67 13.59 -1.41
C ASN B 240 -13.52 14.61 -2.16
N ILE B 241 -12.94 15.34 -3.13
CA ILE B 241 -13.75 16.29 -3.89
C ILE B 241 -14.56 15.57 -4.95
N MET B 242 -13.93 14.66 -5.69
CA MET B 242 -14.65 13.84 -6.67
C MET B 242 -15.17 12.56 -6.02
N GLY B 243 -14.27 11.76 -5.45
CA GLY B 243 -14.67 10.60 -4.71
C GLY B 243 -15.00 10.95 -3.27
N SER B 244 -15.24 9.90 -2.48
CA SER B 244 -15.50 10.03 -1.05
C SER B 244 -15.74 8.68 -0.42
N ARG B 245 -15.38 8.57 0.86
CA ARG B 245 -15.84 7.44 1.67
C ARG B 245 -17.32 7.60 1.93
N ILE B 246 -18.09 6.55 1.70
CA ILE B 246 -19.55 6.65 1.65
C ILE B 246 -20.14 5.86 2.83
N ASN B 247 -20.96 6.54 3.62
CA ASN B 247 -21.76 5.85 4.62
C ASN B 247 -22.89 5.08 3.93
N PHE B 248 -23.52 4.18 4.68
CA PHE B 248 -24.54 3.29 4.15
C PHE B 248 -23.99 2.50 2.95
N SER B 249 -22.91 1.76 3.21
CA SER B 249 -22.25 0.98 2.18
C SER B 249 -21.96 -0.41 2.71
N ALA B 250 -21.86 -1.38 1.81
CA ALA B 250 -21.59 -2.76 2.17
C ALA B 250 -20.67 -3.41 1.14
N ARG B 251 -20.03 -4.49 1.56
CA ARG B 251 -19.12 -5.25 0.72
C ARG B 251 -19.44 -6.73 0.88
N ASN B 252 -19.83 -7.38 -0.22
CA ASN B 252 -20.31 -8.76 -0.14
C ASN B 252 -19.68 -9.63 -1.22
N VAL B 253 -19.52 -10.91 -0.92
CA VAL B 253 -19.14 -11.91 -1.91
C VAL B 253 -20.37 -12.24 -2.77
N ILE B 254 -20.12 -12.79 -3.96
CA ILE B 254 -21.19 -13.11 -4.90
C ILE B 254 -21.30 -14.63 -5.02
N THR B 255 -22.53 -15.12 -5.18
CA THR B 255 -22.82 -16.52 -5.41
C THR B 255 -24.00 -16.64 -6.38
N PRO B 256 -24.05 -17.71 -7.17
CA PRO B 256 -25.16 -17.87 -8.12
C PRO B 256 -26.50 -18.01 -7.43
N LEU B 257 -27.51 -17.35 -8.00
CA LEU B 257 -28.89 -17.46 -7.55
C LEU B 257 -29.75 -17.98 -8.70
N ILE B 258 -30.67 -18.88 -8.38
CA ILE B 258 -31.45 -19.58 -9.40
C ILE B 258 -32.93 -19.29 -9.21
N GLY B 259 -33.69 -19.42 -10.30
CA GLY B 259 -35.14 -19.38 -10.24
C GLY B 259 -35.75 -18.05 -9.86
N HIS B 260 -35.02 -16.96 -10.01
CA HIS B 260 -35.49 -15.63 -9.67
C HIS B 260 -35.31 -14.70 -10.86
N PRO B 261 -36.05 -13.59 -10.89
CA PRO B 261 -35.84 -12.62 -11.98
C PRO B 261 -34.40 -12.10 -11.99
N ILE B 262 -34.02 -11.56 -13.15
CA ILE B 262 -32.62 -11.18 -13.36
C ILE B 262 -32.26 -9.97 -12.51
N ASP B 263 -33.20 -9.07 -12.26
CA ASP B 263 -32.95 -7.86 -11.47
C ASP B 263 -33.23 -8.05 -9.99
N GLU B 264 -33.55 -9.27 -9.56
CA GLU B 264 -33.88 -9.57 -8.18
C GLU B 264 -32.77 -10.41 -7.58
N VAL B 265 -32.28 -10.01 -6.40
CA VAL B 265 -31.16 -10.67 -5.75
C VAL B 265 -31.52 -11.04 -4.32
N ALA B 266 -30.77 -12.00 -3.78
CA ALA B 266 -30.94 -12.45 -2.41
C ALA B 266 -29.86 -11.81 -1.54
N MET B 267 -30.28 -11.12 -0.47
CA MET B 267 -29.35 -10.38 0.37
C MET B 267 -29.20 -11.06 1.73
N PRO B 268 -27.98 -11.16 2.24
CA PRO B 268 -27.78 -11.78 3.56
C PRO B 268 -28.42 -10.98 4.68
N TYR B 269 -28.38 -11.58 5.88
CA TYR B 269 -29.08 -11.04 7.03
C TYR B 269 -28.38 -9.81 7.60
N LYS B 270 -27.10 -9.95 7.93
CA LYS B 270 -26.38 -8.88 8.61
C LYS B 270 -26.28 -7.62 7.75
N THR B 271 -26.00 -7.78 6.46
CA THR B 271 -25.80 -6.62 5.59
C THR B 271 -27.09 -5.83 5.43
N PHE B 272 -28.21 -6.51 5.13
CA PHE B 272 -29.48 -5.80 5.02
C PHE B 272 -29.86 -5.18 6.36
N ALA B 273 -29.63 -5.89 7.45
CA ALA B 273 -30.00 -5.37 8.76
C ALA B 273 -29.27 -4.06 9.07
N GLU B 274 -27.95 -4.03 8.87
CA GLU B 274 -27.20 -2.81 9.17
C GLU B 274 -27.50 -1.71 8.17
N LEU B 275 -27.54 -2.04 6.87
CA LEU B 275 -27.78 -1.02 5.86
C LEU B 275 -29.14 -0.35 6.05
N TYR B 276 -30.18 -1.15 6.31
CA TYR B 276 -31.53 -0.65 6.48
C TYR B 276 -31.93 -0.58 7.95
N LYS B 277 -30.98 -0.25 8.82
CA LYS B 277 -31.20 -0.34 10.26
C LYS B 277 -32.23 0.68 10.75
N PHE B 278 -32.14 1.92 10.26
CA PHE B 278 -32.99 2.98 10.79
C PHE B 278 -34.45 2.75 10.42
N GLN B 279 -34.70 2.28 9.20
CA GLN B 279 -36.06 1.96 8.79
C GLN B 279 -36.63 0.82 9.64
N LEU B 280 -35.80 -0.18 9.94
CA LEU B 280 -36.25 -1.28 10.79
C LEU B 280 -36.55 -0.79 12.20
N ILE B 281 -35.76 0.16 12.71
CA ILE B 281 -36.04 0.72 14.03
C ILE B 281 -37.36 1.47 14.02
N ASN B 282 -37.62 2.24 12.97
CA ASN B 282 -38.91 2.90 12.83
C ASN B 282 -40.06 1.90 12.84
N LEU B 283 -39.92 0.83 12.05
CA LEU B 283 -40.98 -0.17 11.96
C LEU B 283 -41.20 -0.86 13.31
N ILE B 284 -40.12 -1.16 14.03
CA ILE B 284 -40.27 -1.79 15.35
C ILE B 284 -40.94 -0.84 16.33
N SER B 285 -40.55 0.44 16.30
CA SER B 285 -41.17 1.41 17.21
C SER B 285 -42.66 1.53 16.95
N LYS B 286 -43.07 1.45 15.68
CA LYS B 286 -44.50 1.52 15.37
C LYS B 286 -45.22 0.22 15.74
N VAL B 287 -44.59 -0.92 15.50
CA VAL B 287 -45.28 -2.20 15.67
C VAL B 287 -45.42 -2.53 17.15
N LYS B 288 -44.33 -2.49 17.90
CA LYS B 288 -44.32 -2.91 19.29
C LYS B 288 -44.75 -1.81 20.26
N GLY B 289 -45.00 -0.60 19.76
CA GLY B 289 -45.47 0.48 20.62
C GLY B 289 -44.45 0.92 21.67
N ILE B 290 -43.17 0.94 21.31
CA ILE B 290 -42.12 1.33 22.22
C ILE B 290 -41.34 2.48 21.60
N ASN B 291 -40.54 3.15 22.43
CA ASN B 291 -39.72 4.25 21.94
C ASN B 291 -38.58 3.72 21.07
N TYR B 292 -37.88 4.64 20.42
CA TYR B 292 -36.89 4.26 19.42
C TYR B 292 -35.66 3.61 20.05
N ASN B 293 -35.31 3.98 21.27
CA ASN B 293 -34.13 3.40 21.91
C ASN B 293 -34.35 1.93 22.26
N GLU B 294 -35.57 1.59 22.70
CA GLU B 294 -35.88 0.19 22.95
C GLU B 294 -35.93 -0.61 21.65
N ALA B 295 -36.35 0.02 20.56
CA ALA B 295 -36.26 -0.63 19.25
C ALA B 295 -34.82 -0.86 18.85
N LEU B 296 -33.93 0.07 19.20
CA LEU B 296 -32.51 -0.14 18.94
C LEU B 296 -31.97 -1.29 19.80
N LYS B 297 -32.45 -1.41 21.03
CA LYS B 297 -32.09 -2.56 21.86
C LYS B 297 -32.53 -3.86 21.19
N PHE B 298 -33.76 -3.89 20.66
CA PHE B 298 -34.24 -5.12 20.02
C PHE B 298 -33.45 -5.43 18.75
N TRP B 299 -33.10 -4.42 17.97
CA TRP B 299 -32.28 -4.65 16.79
C TRP B 299 -30.88 -5.13 17.18
N GLU B 300 -30.34 -4.60 18.28
CA GLU B 300 -29.04 -5.06 18.77
C GLU B 300 -29.10 -6.52 19.19
N LYS B 301 -30.20 -6.94 19.81
CA LYS B 301 -30.35 -8.34 20.17
C LYS B 301 -30.58 -9.22 18.95
N GLY B 302 -31.24 -8.69 17.91
CA GLY B 302 -31.50 -9.47 16.72
C GLY B 302 -30.34 -9.57 15.75
N ILE B 303 -29.40 -8.62 15.81
CA ILE B 303 -28.21 -8.69 14.96
C ILE B 303 -27.24 -9.77 15.44
N LEU B 304 -27.37 -10.24 16.67
CA LEU B 304 -26.46 -11.27 17.17
C LEU B 304 -26.78 -12.62 16.57
N GLY B 305 -28.04 -13.06 16.68
CA GLY B 305 -28.45 -14.31 16.08
C GLY B 305 -29.76 -14.13 15.35
N PHE B 306 -30.07 -15.11 14.50
CA PHE B 306 -31.29 -15.05 13.70
C PHE B 306 -32.53 -14.97 14.58
N ASN B 307 -33.31 -13.92 14.39
CA ASN B 307 -34.57 -13.72 15.10
C ASN B 307 -35.69 -13.70 14.09
N GLN B 308 -36.71 -14.54 14.30
CA GLN B 308 -37.80 -14.65 13.33
C GLN B 308 -38.57 -13.35 13.20
N GLU B 309 -38.75 -12.62 14.31
CA GLU B 309 -39.48 -11.36 14.25
C GLU B 309 -38.75 -10.34 13.39
N LEU B 310 -37.42 -10.24 13.56
CA LEU B 310 -36.66 -9.27 12.77
C LEU B 310 -36.67 -9.63 11.29
N TYR B 311 -36.58 -10.91 10.95
CA TYR B 311 -36.65 -11.30 9.55
C TYR B 311 -38.03 -11.05 8.97
N ASN B 312 -39.08 -11.22 9.79
CA ASN B 312 -40.43 -10.87 9.33
C ASN B 312 -40.54 -9.38 9.05
N TYR B 313 -39.97 -8.54 9.91
CA TYR B 313 -39.93 -7.11 9.63
C TYR B 313 -39.17 -6.81 8.36
N MET B 314 -38.05 -7.51 8.14
CA MET B 314 -37.24 -7.28 6.94
C MET B 314 -38.02 -7.63 5.68
N GLU B 315 -38.68 -8.79 5.67
CA GLU B 315 -39.45 -9.18 4.50
C GLU B 315 -40.66 -8.26 4.30
N GLU B 316 -41.26 -7.78 5.39
CA GLU B 316 -42.34 -6.79 5.28
C GLU B 316 -41.84 -5.52 4.62
N LEU B 317 -40.65 -5.05 5.01
CA LEU B 317 -40.08 -3.86 4.39
C LEU B 317 -39.74 -4.10 2.94
N ILE B 318 -39.22 -5.29 2.61
CA ILE B 318 -38.89 -5.61 1.22
C ILE B 318 -40.15 -5.62 0.36
N THR B 319 -41.26 -6.12 0.90
CA THR B 319 -42.48 -6.24 0.11
C THR B 319 -43.21 -4.92 -0.01
N LYS B 320 -43.25 -4.11 1.05
CA LYS B 320 -44.14 -2.96 1.11
C LYS B 320 -43.48 -1.64 0.71
N THR B 321 -42.17 -1.61 0.49
CA THR B 321 -41.54 -0.37 0.03
C THR B 321 -41.93 -0.09 -1.41
N LYS B 322 -42.13 1.20 -1.73
CA LYS B 322 -42.59 1.58 -3.05
C LYS B 322 -41.58 1.21 -4.13
N GLY B 323 -40.35 1.68 -3.99
CA GLY B 323 -39.33 1.39 -4.98
C GLY B 323 -38.87 -0.06 -4.95
N GLY B 324 -38.96 -0.71 -3.80
CA GLY B 324 -38.57 -2.09 -3.65
C GLY B 324 -37.27 -2.34 -2.92
N CYS B 325 -36.82 -1.41 -2.07
CA CYS B 325 -35.58 -1.55 -1.32
C CYS B 325 -34.40 -1.82 -2.25
N THR B 326 -34.23 -0.92 -3.22
CA THR B 326 -33.24 -1.12 -4.26
C THR B 326 -31.86 -0.65 -3.82
N PHE B 327 -30.85 -1.05 -4.60
CA PHE B 327 -29.47 -0.71 -4.30
C PHE B 327 -28.69 -0.64 -5.61
N LEU B 328 -27.42 -0.25 -5.50
CA LEU B 328 -26.50 -0.16 -6.62
C LEU B 328 -25.32 -1.08 -6.36
N LEU B 329 -25.05 -1.97 -7.31
CA LEU B 329 -24.01 -2.99 -7.17
C LEU B 329 -22.89 -2.70 -8.16
N ASN B 330 -21.66 -2.58 -7.65
CA ASN B 330 -20.52 -2.28 -8.52
C ASN B 330 -19.38 -3.25 -8.26
N ARG B 331 -18.65 -3.56 -9.33
CA ARG B 331 -17.46 -4.39 -9.30
C ARG B 331 -16.25 -3.55 -9.69
N ASN B 332 -15.32 -3.38 -8.75
CA ASN B 332 -14.10 -2.68 -9.07
C ASN B 332 -13.13 -3.60 -9.82
N PRO B 333 -12.49 -3.12 -10.90
CA PRO B 333 -12.60 -1.75 -11.43
C PRO B 333 -13.82 -1.53 -12.31
N THR B 334 -14.40 -0.33 -12.24
CA THR B 334 -15.57 0.04 -13.04
C THR B 334 -15.13 0.61 -14.39
N ILE B 335 -14.47 -0.24 -15.17
CA ILE B 335 -13.81 0.19 -16.41
C ILE B 335 -14.70 -0.10 -17.61
N SER B 336 -15.94 -0.54 -17.35
CA SER B 336 -16.83 -0.90 -18.44
C SER B 336 -18.26 -0.57 -18.07
N ILE B 337 -19.11 -0.47 -19.10
CA ILE B 337 -20.53 -0.26 -18.88
C ILE B 337 -21.14 -1.51 -18.26
N GLY B 338 -22.13 -1.30 -17.39
CA GLY B 338 -22.71 -2.39 -16.64
C GLY B 338 -21.96 -2.79 -15.41
N SER B 339 -20.83 -2.13 -15.11
CA SER B 339 -20.11 -2.43 -13.87
C SER B 339 -20.94 -2.07 -12.65
N ILE B 340 -21.72 -1.00 -12.74
CA ILE B 340 -22.66 -0.60 -11.70
C ILE B 340 -24.08 -0.85 -12.21
N LEU B 341 -24.86 -1.58 -11.44
CA LEU B 341 -26.21 -1.98 -11.82
C LEU B 341 -27.18 -1.64 -10.70
N TYR B 342 -28.32 -1.07 -11.09
CA TYR B 342 -29.40 -0.74 -10.15
C TYR B 342 -30.27 -1.98 -9.99
N LEU B 343 -30.16 -2.63 -8.84
CA LEU B 343 -30.80 -3.92 -8.62
C LEU B 343 -31.75 -3.85 -7.43
N LYS B 344 -32.56 -4.89 -7.29
CA LYS B 344 -33.61 -4.96 -6.28
C LYS B 344 -33.41 -6.17 -5.38
N ILE B 345 -33.62 -5.97 -4.09
CA ILE B 345 -33.60 -7.06 -3.13
C ILE B 345 -34.95 -7.76 -3.15
N GLY B 346 -34.94 -9.07 -3.35
CA GLY B 346 -36.18 -9.82 -3.39
C GLY B 346 -36.31 -10.85 -2.28
N LEU B 347 -35.21 -11.11 -1.58
CA LEU B 347 -35.21 -12.10 -0.51
C LEU B 347 -34.15 -11.76 0.51
N ILE B 348 -34.48 -11.96 1.78
CA ILE B 348 -33.53 -11.85 2.89
C ILE B 348 -33.16 -13.27 3.31
N LYS B 349 -31.87 -13.59 3.26
CA LYS B 349 -31.43 -14.94 3.56
C LYS B 349 -31.68 -15.28 5.02
N LYS B 350 -32.15 -16.52 5.25
CA LYS B 350 -32.60 -16.96 6.56
C LYS B 350 -31.48 -17.53 7.43
N ASP B 351 -30.24 -17.55 6.94
CA ASP B 351 -29.13 -18.13 7.68
C ASP B 351 -28.12 -17.04 8.04
N TYR B 352 -27.80 -16.94 9.33
CA TYR B 352 -26.81 -15.97 9.78
C TYR B 352 -25.42 -16.30 9.24
N LYS B 353 -25.12 -17.59 9.05
CA LYS B 353 -23.80 -17.97 8.57
C LYS B 353 -23.62 -17.60 7.09
N ASP B 354 -24.69 -17.71 6.31
CA ASP B 354 -24.61 -17.40 4.88
C ASP B 354 -24.51 -15.88 4.70
N LEU B 355 -23.42 -15.43 4.08
CA LEU B 355 -23.15 -14.01 3.89
C LEU B 355 -22.74 -13.73 2.45
N THR B 356 -23.55 -14.22 1.50
CA THR B 356 -23.23 -14.12 0.09
C THR B 356 -24.41 -13.53 -0.67
N LEU B 357 -24.16 -12.44 -1.39
CA LEU B 357 -25.15 -11.89 -2.31
C LEU B 357 -25.45 -12.89 -3.42
N GLY B 358 -26.71 -13.33 -3.49
CA GLY B 358 -27.13 -14.20 -4.56
C GLY B 358 -27.46 -13.41 -5.80
N ILE B 359 -26.56 -13.41 -6.77
CA ILE B 359 -26.73 -12.63 -8.00
C ILE B 359 -27.04 -13.58 -9.15
N SER B 360 -27.79 -13.08 -10.11
CA SER B 360 -28.15 -13.88 -11.28
C SER B 360 -26.94 -14.08 -12.19
N ASN B 361 -26.94 -15.21 -12.90
CA ASN B 361 -25.80 -15.55 -13.74
C ASN B 361 -25.67 -14.62 -14.94
N ASN B 362 -26.80 -14.27 -15.56
CA ASN B 362 -26.75 -13.41 -16.74
C ASN B 362 -26.16 -12.03 -16.44
N LEU B 363 -26.12 -11.63 -15.17
CA LEU B 363 -25.53 -10.37 -14.78
C LEU B 363 -24.01 -10.38 -14.77
N LEU B 364 -23.38 -11.55 -14.93
CA LEU B 364 -21.93 -11.63 -14.80
C LEU B 364 -21.21 -10.88 -15.91
N SER B 365 -21.70 -11.00 -17.15
CA SER B 365 -20.97 -10.43 -18.28
C SER B 365 -21.00 -8.90 -18.25
N ALA B 366 -22.13 -8.32 -17.85
CA ALA B 366 -22.21 -6.86 -17.75
C ALA B 366 -21.26 -6.33 -16.68
N LEU B 367 -21.20 -7.02 -15.54
CA LEU B 367 -20.26 -6.67 -14.49
C LEU B 367 -18.81 -6.95 -14.88
N SER B 368 -18.58 -7.73 -15.95
CA SER B 368 -17.25 -8.16 -16.36
C SER B 368 -16.54 -8.88 -15.23
N GLY B 369 -17.28 -9.73 -14.51
CA GLY B 369 -16.75 -10.42 -13.35
C GLY B 369 -17.13 -11.88 -13.36
N ASP B 370 -16.46 -12.63 -12.50
CA ASP B 370 -16.65 -14.07 -12.36
C ASP B 370 -16.76 -14.42 -10.87
N TYR B 371 -17.05 -15.70 -10.61
CA TYR B 371 -17.18 -16.19 -9.24
C TYR B 371 -15.82 -16.61 -8.69
N ASP B 372 -14.89 -15.65 -8.69
CA ASP B 372 -13.57 -15.87 -8.10
C ASP B 372 -13.51 -15.42 -6.64
N GLY B 373 -14.65 -15.03 -6.06
CA GLY B 373 -14.71 -14.61 -4.68
C GLY B 373 -14.46 -13.13 -4.44
N ASP B 374 -14.14 -12.36 -5.49
CA ASP B 374 -13.88 -10.95 -5.31
C ASP B 374 -15.13 -10.22 -4.84
N VAL B 375 -14.94 -9.26 -3.94
CA VAL B 375 -16.04 -8.61 -3.26
C VAL B 375 -16.64 -7.53 -4.16
N LEU B 376 -17.97 -7.46 -4.17
CA LEU B 376 -18.70 -6.42 -4.86
C LEU B 376 -19.26 -5.43 -3.85
N ASN B 377 -19.34 -4.17 -4.25
CA ASN B 377 -19.79 -3.10 -3.37
C ASN B 377 -21.27 -2.82 -3.59
N ILE B 378 -21.98 -2.61 -2.48
CA ILE B 378 -23.42 -2.40 -2.46
C ILE B 378 -23.69 -1.05 -1.82
N ILE B 379 -24.38 -0.17 -2.54
CA ILE B 379 -24.80 1.11 -1.99
C ILE B 379 -26.32 1.19 -2.08
N PRO B 380 -27.04 1.05 -0.97
CA PRO B 380 -28.51 1.11 -1.03
C PRO B 380 -29.00 2.50 -1.40
N VAL B 381 -30.07 2.54 -2.17
CA VAL B 381 -30.72 3.77 -2.59
C VAL B 381 -32.04 3.88 -1.82
N PHE B 382 -32.22 5.00 -1.11
CA PHE B 382 -33.38 5.18 -0.24
C PHE B 382 -34.42 6.12 -0.83
N ASP B 383 -34.02 7.28 -1.33
CA ASP B 383 -34.98 8.27 -1.81
C ASP B 383 -35.67 7.77 -3.08
N ASN B 384 -36.99 7.94 -3.13
CA ASN B 384 -37.77 7.47 -4.26
C ASN B 384 -37.39 8.21 -5.54
N LYS B 385 -37.23 9.54 -5.45
CA LYS B 385 -36.75 10.30 -6.59
C LYS B 385 -35.38 9.79 -7.05
N MET B 386 -34.49 9.50 -6.10
CA MET B 386 -33.21 8.91 -6.46
C MET B 386 -33.39 7.54 -7.11
N LYS B 387 -34.41 6.79 -6.70
CA LYS B 387 -34.67 5.50 -7.33
C LYS B 387 -35.05 5.69 -8.79
N GLU B 388 -35.96 6.64 -9.07
CA GLU B 388 -36.34 6.87 -10.45
C GLU B 388 -35.19 7.47 -11.26
N HIS B 389 -34.27 8.17 -10.61
CA HIS B 389 -33.13 8.74 -11.33
C HIS B 389 -32.08 7.69 -11.65
N PHE B 390 -31.78 6.81 -10.71
CA PHE B 390 -30.79 5.76 -10.92
C PHE B 390 -31.36 4.53 -11.61
N SER B 391 -32.67 4.50 -11.87
CA SER B 391 -33.24 3.41 -12.65
C SER B 391 -32.71 3.35 -14.07
N LEU B 392 -32.03 4.40 -14.55
CA LEU B 392 -31.38 4.33 -15.85
C LEU B 392 -30.20 3.36 -15.86
N LEU B 393 -29.72 2.93 -14.69
CA LEU B 393 -28.70 1.91 -14.58
C LEU B 393 -29.29 0.52 -14.37
N SER B 394 -30.60 0.38 -14.50
CA SER B 394 -31.25 -0.91 -14.34
C SER B 394 -30.89 -1.82 -15.53
N PRO B 395 -31.03 -3.13 -15.37
CA PRO B 395 -30.72 -4.04 -16.49
C PRO B 395 -31.58 -3.80 -17.73
N GLN B 396 -32.81 -3.31 -17.56
CA GLN B 396 -33.65 -3.06 -18.73
C GLN B 396 -33.03 -1.99 -19.63
N ASN B 397 -32.52 -0.90 -19.04
CA ASN B 397 -31.93 0.16 -19.85
C ASN B 397 -30.66 -0.30 -20.54
N PHE B 398 -29.97 -1.29 -19.99
CA PHE B 398 -28.78 -1.85 -20.61
C PHE B 398 -29.09 -3.05 -21.51
N LEU B 399 -30.36 -3.46 -21.60
CA LEU B 399 -30.73 -4.51 -22.53
C LEU B 399 -30.44 -4.10 -23.97
N VAL B 400 -30.64 -2.82 -24.29
CA VAL B 400 -30.38 -2.29 -25.63
C VAL B 400 -28.92 -1.85 -25.70
N ASP B 401 -28.13 -2.52 -26.53
CA ASP B 401 -26.74 -2.15 -26.71
C ASP B 401 -26.66 -0.77 -27.35
N ARG B 402 -25.97 0.17 -26.68
CA ARG B 402 -25.94 1.55 -27.14
C ARG B 402 -25.09 1.74 -28.39
N ASN B 403 -24.23 0.77 -28.73
CA ASN B 403 -23.41 0.91 -29.93
C ASN B 403 -24.26 0.74 -31.19
N ASN B 404 -25.02 -0.34 -31.26
CA ASN B 404 -25.78 -0.67 -32.46
C ASN B 404 -27.27 -0.41 -32.33
N GLY B 405 -27.76 -0.04 -31.15
CA GLY B 405 -29.20 0.04 -30.94
C GLY B 405 -29.88 -1.30 -31.03
N ARG B 406 -29.19 -2.37 -30.63
CA ARG B 406 -29.68 -3.74 -30.73
C ARG B 406 -29.69 -4.37 -29.35
N PHE B 407 -30.08 -5.64 -29.30
CA PHE B 407 -30.10 -6.35 -28.02
C PHE B 407 -28.68 -6.65 -27.56
N ASN B 408 -28.39 -6.35 -26.29
CA ASN B 408 -27.05 -6.56 -25.75
C ASN B 408 -26.84 -8.02 -25.42
N GLY B 409 -25.85 -8.64 -26.08
CA GLY B 409 -25.50 -10.01 -25.79
C GLY B 409 -24.93 -10.25 -24.41
N ASP B 410 -24.51 -9.19 -23.72
CA ASP B 410 -23.97 -9.34 -22.37
C ASP B 410 -25.04 -9.81 -21.40
N PHE B 411 -26.31 -9.50 -21.68
CA PHE B 411 -27.44 -9.95 -20.86
C PHE B 411 -28.10 -11.20 -21.41
N ASP B 412 -27.53 -11.81 -22.45
CA ASP B 412 -28.09 -13.03 -23.02
C ASP B 412 -27.59 -14.24 -22.25
N LEU B 413 -27.74 -15.43 -22.82
CA LEU B 413 -27.39 -16.65 -22.12
C LEU B 413 -25.87 -16.82 -22.02
N GLN B 414 -25.41 -17.23 -20.85
CA GLN B 414 -24.01 -17.58 -20.65
C GLN B 414 -23.75 -18.96 -21.27
N LYS B 415 -22.48 -19.39 -21.24
CA LYS B 415 -22.08 -20.55 -22.02
C LYS B 415 -22.77 -21.83 -21.54
N ASP B 416 -23.01 -21.96 -20.24
CA ASP B 416 -23.67 -23.16 -19.73
C ASP B 416 -25.16 -23.18 -20.12
N GLN B 417 -25.82 -22.03 -19.97
CA GLN B 417 -27.20 -21.90 -20.45
C GLN B 417 -27.26 -22.11 -21.95
N ILE B 418 -26.23 -21.66 -22.68
CA ILE B 418 -26.16 -21.89 -24.12
C ILE B 418 -26.08 -23.37 -24.42
N LEU B 419 -25.27 -24.11 -23.64
CA LEU B 419 -25.20 -25.56 -23.82
C LEU B 419 -26.54 -26.21 -23.58
N GLY B 420 -27.24 -25.81 -22.52
CA GLY B 420 -28.56 -26.37 -22.26
C GLY B 420 -29.54 -26.12 -23.38
N ILE B 421 -29.63 -24.86 -23.83
CA ILE B 421 -30.57 -24.51 -24.89
C ILE B 421 -30.20 -25.22 -26.19
N PHE B 422 -28.91 -25.37 -26.47
CA PHE B 422 -28.47 -26.05 -27.69
C PHE B 422 -28.84 -27.53 -27.64
N ILE B 423 -28.65 -28.18 -26.49
CA ILE B 423 -29.08 -29.56 -26.35
C ILE B 423 -30.58 -29.68 -26.55
N LEU B 424 -31.33 -28.72 -26.03
CA LEU B 424 -32.79 -28.78 -26.15
C LEU B 424 -33.24 -28.62 -27.60
N ASN B 425 -32.71 -27.62 -28.31
CA ASN B 425 -33.22 -27.24 -29.61
C ASN B 425 -32.41 -27.77 -30.79
N ASN B 426 -31.28 -28.44 -30.53
CA ASN B 426 -30.46 -28.93 -31.63
C ASN B 426 -29.70 -30.19 -31.26
N MET C 1 -1.68 -52.08 8.09
CA MET C 1 -2.34 -50.78 8.05
C MET C 1 -1.75 -49.93 6.93
N ILE C 2 -2.59 -49.08 6.33
CA ILE C 2 -2.14 -48.23 5.23
C ILE C 2 -1.10 -47.23 5.72
N SER C 3 -1.26 -46.74 6.95
CA SER C 3 -0.30 -45.80 7.52
C SER C 3 1.11 -46.40 7.57
N ASN C 4 1.20 -47.69 7.89
CA ASN C 4 2.49 -48.37 7.93
C ASN C 4 3.17 -48.33 6.57
N PHE C 5 2.41 -48.66 5.52
CA PHE C 5 2.98 -48.66 4.18
C PHE C 5 3.36 -47.25 3.74
N ARG C 6 2.57 -46.25 4.11
CA ARG C 6 2.92 -44.87 3.76
C ARG C 6 4.22 -44.46 4.42
N LYS C 7 4.37 -44.77 5.71
CA LYS C 7 5.62 -44.45 6.40
C LYS C 7 6.80 -45.21 5.79
N PHE C 8 6.59 -46.48 5.45
CA PHE C 8 7.67 -47.28 4.87
C PHE C 8 8.11 -46.71 3.53
N HIS C 9 7.14 -46.40 2.66
CA HIS C 9 7.46 -45.80 1.36
C HIS C 9 8.17 -44.46 1.53
N GLY C 10 7.67 -43.62 2.44
CA GLY C 10 8.31 -42.33 2.65
C GLY C 10 9.75 -42.48 3.14
N ASN C 11 10.00 -43.45 4.01
CA ASN C 11 11.35 -43.64 4.53
C ASN C 11 12.27 -44.27 3.48
N LYS C 12 11.71 -45.01 2.53
CA LYS C 12 12.51 -45.66 1.49
C LYS C 12 12.73 -44.77 0.26
N ASN C 13 12.31 -43.51 0.31
CA ASN C 13 12.48 -42.63 -0.83
C ASN C 13 13.96 -42.29 -1.04
N GLN C 14 14.42 -42.43 -2.27
CA GLN C 14 15.84 -42.19 -2.56
C GLN C 14 16.17 -40.71 -2.47
N GLU C 15 15.38 -39.85 -3.12
CA GLU C 15 15.64 -38.43 -3.11
C GLU C 15 15.22 -37.82 -1.78
N LYS C 16 16.15 -37.10 -1.13
CA LYS C 16 15.92 -36.55 0.19
C LYS C 16 16.38 -35.10 0.22
N PHE C 17 15.72 -34.32 1.08
CA PHE C 17 16.07 -32.91 1.22
C PHE C 17 17.41 -32.74 1.93
N ASN C 18 18.00 -31.57 1.75
CA ASN C 18 19.26 -31.22 2.42
C ASN C 18 18.91 -30.62 3.77
N GLU C 19 19.09 -31.40 4.84
CA GLU C 19 18.77 -30.92 6.18
C GLU C 19 19.61 -29.72 6.55
N ASN C 20 20.88 -29.70 6.12
CA ASN C 20 21.76 -28.59 6.44
C ASN C 20 21.26 -27.28 5.85
N LEU C 21 20.63 -27.34 4.67
CA LEU C 21 20.06 -26.14 4.10
C LEU C 21 18.85 -25.65 4.89
N ILE C 22 18.06 -26.57 5.42
CA ILE C 22 16.87 -26.19 6.19
C ILE C 22 17.26 -25.45 7.45
N LEU C 23 18.35 -25.88 8.09
CA LEU C 23 18.82 -25.27 9.33
C LEU C 23 20.03 -24.36 9.11
N ASN C 24 20.17 -23.81 7.89
CA ASN C 24 21.27 -22.89 7.63
C ASN C 24 21.13 -21.61 8.44
N LYS C 25 19.90 -21.24 8.80
CA LYS C 25 19.70 -20.07 9.65
C LYS C 25 20.41 -20.23 10.99
N GLU C 26 20.57 -21.47 11.46
CA GLU C 26 21.33 -21.72 12.68
C GLU C 26 22.82 -21.47 12.47
N ASN C 27 23.32 -21.67 11.25
CA ASN C 27 24.75 -21.58 11.00
C ASN C 27 25.26 -20.14 11.11
N GLU C 28 24.44 -19.17 10.72
CA GLU C 28 24.87 -17.78 10.71
C GLU C 28 25.05 -17.25 12.13
N SER C 29 26.21 -16.67 12.40
CA SER C 29 26.54 -16.09 13.69
C SER C 29 26.65 -14.58 13.55
N ILE C 30 26.22 -13.85 14.57
CA ILE C 30 26.06 -12.40 14.45
C ILE C 30 27.40 -11.68 14.53
N LEU C 31 28.38 -12.23 15.25
CA LEU C 31 29.63 -11.52 15.48
C LEU C 31 30.44 -11.37 14.20
N ASN C 32 30.43 -12.41 13.36
CA ASN C 32 31.21 -12.38 12.12
C ASN C 32 30.73 -11.26 11.20
N TYR C 33 29.42 -11.06 11.11
CA TYR C 33 28.89 -9.97 10.30
C TYR C 33 28.98 -8.63 11.01
N LEU C 34 29.01 -8.63 12.35
CA LEU C 34 29.05 -7.39 13.10
C LEU C 34 30.45 -6.76 13.10
N ASP C 35 31.50 -7.57 13.01
CA ASP C 35 32.86 -7.01 13.08
C ASP C 35 33.15 -5.96 12.01
N PRO C 36 32.85 -6.16 10.73
CA PRO C 36 33.20 -5.12 9.74
C PRO C 36 32.48 -3.81 9.96
N ILE C 37 31.22 -3.85 10.37
CA ILE C 37 30.46 -2.61 10.59
C ILE C 37 31.09 -1.79 11.72
N CYS C 38 31.54 -2.47 12.78
CA CYS C 38 32.25 -1.77 13.84
C CYS C 38 33.59 -1.26 13.35
N LYS C 39 34.29 -2.05 12.52
CA LYS C 39 35.59 -1.63 12.01
C LYS C 39 35.48 -0.41 11.10
N THR C 40 34.32 -0.18 10.50
CA THR C 40 34.15 1.01 9.65
C THR C 40 34.52 2.29 10.39
N LEU C 41 34.29 2.34 11.71
CA LEU C 41 34.59 3.54 12.48
C LEU C 41 36.09 3.79 12.64
N GLU C 42 36.94 2.81 12.33
CA GLU C 42 38.38 3.00 12.40
C GLU C 42 38.90 4.02 11.40
N ILE C 43 38.03 4.50 10.50
CA ILE C 43 38.35 5.64 9.65
C ILE C 43 38.90 6.78 10.47
N ILE C 44 38.30 7.06 11.62
CA ILE C 44 38.78 8.10 12.53
C ILE C 44 40.04 7.56 13.21
N PRO C 45 41.18 8.25 13.10
CA PRO C 45 42.44 7.68 13.60
C PRO C 45 42.44 7.37 15.08
N GLU C 46 41.62 8.08 15.87
CA GLU C 46 41.62 7.88 17.31
C GLU C 46 40.87 6.63 17.72
N ILE C 47 39.89 6.19 16.93
CA ILE C 47 39.06 5.06 17.29
C ILE C 47 39.82 3.76 17.05
N THR C 48 39.78 2.86 18.03
CA THR C 48 40.38 1.53 17.91
C THR C 48 39.33 0.50 18.30
N TYR C 49 39.13 -0.50 17.43
CA TYR C 49 38.10 -1.51 17.63
C TYR C 49 38.66 -2.62 18.51
N LEU C 50 38.29 -2.62 19.79
CA LEU C 50 38.70 -3.69 20.68
C LEU C 50 38.05 -5.01 20.28
N GLY C 51 36.73 -5.03 20.16
CA GLY C 51 36.07 -6.22 19.67
C GLY C 51 34.67 -6.36 20.23
N SER C 52 33.93 -7.31 19.66
CA SER C 52 32.54 -7.55 20.03
C SER C 52 32.34 -9.00 20.42
N SER C 53 31.54 -9.22 21.46
CA SER C 53 31.22 -10.57 21.90
C SER C 53 29.88 -10.54 22.61
N VAL C 54 29.26 -11.71 22.74
CA VAL C 54 27.95 -11.80 23.36
C VAL C 54 28.10 -11.81 24.87
N GLU C 55 27.40 -10.90 25.53
CA GLU C 55 27.42 -10.85 26.99
C GLU C 55 26.61 -12.02 27.55
N PRO C 56 27.05 -12.63 28.66
CA PRO C 56 26.36 -13.81 29.19
C PRO C 56 24.89 -13.53 29.48
N ILE C 57 24.03 -14.44 29.04
CA ILE C 57 22.59 -14.35 29.24
C ILE C 57 22.14 -15.21 30.43
N ASN C 58 23.09 -15.75 31.19
CA ASN C 58 22.79 -16.63 32.31
C ASN C 58 22.34 -15.87 33.57
N LYS C 59 22.00 -14.59 33.44
CA LYS C 59 21.59 -13.81 34.60
C LYS C 59 20.28 -14.35 35.17
N VAL C 60 20.22 -14.44 36.50
CA VAL C 60 19.07 -14.98 37.21
C VAL C 60 18.47 -13.86 38.05
N TYR C 61 17.13 -13.90 38.19
CA TYR C 61 16.43 -12.87 38.94
C TYR C 61 16.67 -13.01 40.44
N LYS C 62 16.57 -11.88 41.14
CA LYS C 62 16.73 -11.82 42.58
C LYS C 62 15.61 -10.97 43.17
N PHE C 63 15.11 -11.39 44.34
CA PHE C 63 14.04 -10.65 45.01
C PHE C 63 14.49 -9.22 45.32
N ASN C 64 13.73 -8.25 44.83
CA ASN C 64 14.09 -6.84 44.95
C ASN C 64 12.89 -6.03 45.39
N LYS C 65 13.17 -4.85 45.93
CA LYS C 65 12.16 -3.86 46.27
C LYS C 65 12.31 -2.61 45.41
N GLU C 66 12.88 -2.75 44.23
CA GLU C 66 13.24 -1.63 43.37
C GLU C 66 12.07 -1.12 42.53
N GLU C 67 10.91 -1.76 42.59
CA GLU C 67 9.74 -1.39 41.78
C GLU C 67 10.08 -1.44 40.29
N LYS C 68 10.67 -2.56 39.87
CA LYS C 68 10.98 -2.75 38.46
C LYS C 68 9.71 -3.08 37.68
N THR C 69 9.67 -2.64 36.42
CA THR C 69 8.52 -2.83 35.57
C THR C 69 8.86 -3.78 34.43
N SER C 70 7.85 -4.53 33.98
CA SER C 70 7.98 -5.46 32.88
C SER C 70 6.82 -5.29 31.91
N ASP C 71 7.13 -5.35 30.62
CA ASP C 71 6.11 -5.18 29.60
C ASP C 71 5.25 -6.44 29.49
N ILE C 72 3.96 -6.23 29.20
CA ILE C 72 3.06 -7.36 28.98
C ILE C 72 3.49 -8.15 27.75
N GLU C 73 3.92 -7.46 26.70
CA GLU C 73 4.43 -8.11 25.52
C GLU C 73 5.76 -8.80 25.82
N ARG C 74 5.93 -10.00 25.28
CA ARG C 74 7.11 -10.82 25.55
C ARG C 74 8.03 -10.79 24.34
N SER C 75 9.33 -10.61 24.60
CA SER C 75 10.34 -10.58 23.56
C SER C 75 11.53 -11.42 23.98
N GLU C 76 11.94 -12.35 23.12
CA GLU C 76 13.10 -13.21 23.38
C GLU C 76 14.28 -12.66 22.58
N LEU C 77 15.24 -12.05 23.28
CA LEU C 77 16.34 -11.34 22.65
C LEU C 77 17.65 -11.73 23.30
N GLN C 78 18.76 -11.39 22.63
CA GLN C 78 20.10 -11.57 23.17
C GLN C 78 20.80 -10.22 23.19
N LEU C 79 21.87 -10.14 23.96
CA LEU C 79 22.62 -8.91 24.15
C LEU C 79 24.04 -9.08 23.62
N ILE C 80 24.50 -8.10 22.84
CA ILE C 80 25.85 -8.10 22.27
C ILE C 80 26.60 -6.91 22.83
N LYS C 81 27.76 -7.18 23.43
CA LYS C 81 28.68 -6.15 23.90
C LYS C 81 29.66 -5.79 22.79
N MET C 82 29.81 -4.48 22.55
CA MET C 82 30.76 -3.93 21.60
C MET C 82 31.73 -3.06 22.38
N SER C 83 33.03 -3.31 22.20
CA SER C 83 34.06 -2.64 22.97
C SER C 83 34.96 -1.86 22.02
N PHE C 84 35.04 -0.55 22.23
CA PHE C 84 35.88 0.36 21.49
C PHE C 84 36.81 1.09 22.46
N LEU C 85 37.84 1.71 21.91
CA LEU C 85 38.80 2.47 22.70
C LEU C 85 39.15 3.75 21.94
N ILE C 86 39.06 4.89 22.61
CA ILE C 86 39.28 6.18 21.97
C ILE C 86 40.31 6.96 22.76
N GLU C 87 41.37 7.39 22.07
CA GLU C 87 42.47 8.13 22.68
C GLU C 87 42.62 9.48 22.00
N LYS C 88 42.58 10.55 22.78
CA LYS C 88 42.74 11.92 22.28
C LYS C 88 43.69 12.67 23.20
N ASP C 89 44.78 13.19 22.64
CA ASP C 89 45.77 13.98 23.37
C ASP C 89 46.26 13.24 24.60
N ASP C 90 46.65 11.99 24.40
CA ASP C 90 47.18 11.10 25.44
C ASP C 90 46.17 10.79 26.53
N LYS C 91 44.89 11.09 26.31
CA LYS C 91 43.81 10.75 27.23
C LYS C 91 42.98 9.65 26.61
N LYS C 92 42.96 8.48 27.23
CA LYS C 92 42.30 7.30 26.68
C LYS C 92 41.06 6.96 27.49
N GLU C 93 39.98 6.60 26.78
CA GLU C 93 38.74 6.16 27.40
C GLU C 93 38.25 4.91 26.69
N GLU C 94 37.90 3.91 27.48
CA GLU C 94 37.37 2.64 26.98
C GLU C 94 35.86 2.70 27.00
N ILE C 95 35.23 2.48 25.84
CA ILE C 95 33.78 2.59 25.71
C ILE C 95 33.22 1.20 25.44
N ASN C 96 32.18 0.83 26.19
CA ASN C 96 31.46 -0.41 25.97
C ASN C 96 30.00 -0.09 25.77
N LYS C 97 29.40 -0.64 24.71
CA LYS C 97 28.02 -0.37 24.37
C LYS C 97 27.32 -1.67 24.02
N PHE C 98 26.09 -1.81 24.50
CA PHE C 98 25.35 -3.06 24.37
C PHE C 98 24.13 -2.87 23.47
N ILE C 99 23.92 -3.82 22.57
CA ILE C 99 22.80 -3.76 21.63
C ILE C 99 22.03 -5.07 21.72
N TYR C 100 20.69 -4.97 21.70
CA TYR C 100 19.85 -6.15 21.67
C TYR C 100 19.67 -6.63 20.23
N PHE C 101 19.60 -7.94 20.06
CA PHE C 101 19.45 -8.54 18.75
C PHE C 101 18.53 -9.74 18.87
N PRO C 102 17.69 -10.01 17.87
CA PRO C 102 16.77 -11.14 17.96
C PRO C 102 17.50 -12.47 18.14
N LYS C 103 16.95 -13.30 19.02
CA LYS C 103 17.46 -14.64 19.25
C LYS C 103 16.61 -15.65 18.48
N LEU C 104 17.28 -16.59 17.82
CA LEU C 104 16.59 -17.58 17.00
C LEU C 104 15.71 -18.48 17.87
N ILE C 105 14.47 -18.68 17.44
CA ILE C 105 13.49 -19.50 18.14
C ILE C 105 12.97 -20.53 17.16
N ASP C 106 12.91 -21.80 17.60
CA ASP C 106 12.44 -22.91 16.78
C ASP C 106 13.28 -23.08 15.52
N SER C 107 14.55 -22.66 15.58
CA SER C 107 15.55 -22.78 14.53
C SER C 107 15.24 -21.96 13.28
N GLN C 108 14.12 -21.23 13.25
CA GLN C 108 13.77 -20.48 12.04
C GLN C 108 12.98 -19.21 12.30
N TYR C 109 12.72 -18.82 13.55
CA TYR C 109 11.87 -17.66 13.81
C TYR C 109 12.49 -16.79 14.90
N PHE C 110 12.03 -15.56 14.95
CA PHE C 110 12.23 -14.64 16.08
C PHE C 110 10.88 -14.25 16.65
N ILE C 111 10.87 -13.96 17.95
CA ILE C 111 9.70 -13.45 18.64
C ILE C 111 10.06 -12.08 19.20
N ILE C 112 9.35 -11.05 18.76
CA ILE C 112 9.63 -9.69 19.21
C ILE C 112 8.30 -8.99 19.49
N ASN C 113 8.20 -8.34 20.66
CA ASN C 113 7.04 -7.53 21.02
C ASN C 113 5.74 -8.32 20.89
N GLY C 114 5.77 -9.58 21.31
CA GLY C 114 4.60 -10.43 21.25
C GLY C 114 4.15 -10.79 19.85
N ASN C 115 5.04 -10.68 18.86
CA ASN C 115 4.72 -11.00 17.48
C ASN C 115 5.77 -11.91 16.89
N ARG C 116 5.34 -12.76 15.96
CA ARG C 116 6.21 -13.74 15.32
C ARG C 116 6.77 -13.15 14.04
N TYR C 117 8.08 -12.87 14.03
CA TYR C 117 8.77 -12.35 12.86
C TYR C 117 9.71 -13.44 12.35
N TYR C 118 9.72 -13.66 11.04
CA TYR C 118 10.59 -14.67 10.48
C TYR C 118 11.57 -14.05 9.50
N PRO C 119 12.87 -14.32 9.64
CA PRO C 119 13.85 -13.75 8.71
C PRO C 119 13.78 -14.42 7.35
N ILE C 120 14.29 -13.71 6.34
CA ILE C 120 14.13 -14.08 4.94
C ILE C 120 15.46 -13.87 4.22
N TYR C 121 15.87 -14.87 3.44
CA TYR C 121 17.08 -14.75 2.63
C TYR C 121 16.89 -13.73 1.52
N GLN C 122 17.91 -12.91 1.30
CA GLN C 122 17.91 -11.94 0.22
C GLN C 122 18.93 -12.35 -0.83
N LEU C 123 18.56 -12.19 -2.10
CA LEU C 123 19.39 -12.57 -3.23
C LEU C 123 20.03 -11.33 -3.82
N LEU C 124 21.36 -11.32 -3.91
CA LEU C 124 22.09 -10.15 -4.37
C LEU C 124 23.30 -10.60 -5.19
N ASP C 125 23.68 -9.78 -6.17
CA ASP C 125 24.83 -10.09 -7.00
C ASP C 125 26.11 -10.10 -6.16
N SER C 126 27.04 -10.96 -6.54
CA SER C 126 28.29 -11.09 -5.79
C SER C 126 29.17 -9.86 -5.99
N GLY C 127 29.47 -9.51 -7.23
CA GLY C 127 30.30 -8.35 -7.49
C GLY C 127 30.42 -8.13 -8.99
N THR C 128 30.71 -6.87 -9.33
CA THR C 128 30.88 -6.43 -10.71
C THR C 128 29.67 -6.79 -11.57
N TYR C 129 28.51 -6.28 -11.16
CA TYR C 129 27.31 -6.51 -11.93
C TYR C 129 27.15 -5.46 -13.02
N ARG C 130 26.47 -5.85 -14.09
CA ARG C 130 26.39 -5.07 -15.32
C ARG C 130 25.11 -4.24 -15.34
N THR C 131 25.25 -2.95 -15.65
CA THR C 131 24.12 -2.09 -15.94
C THR C 131 24.42 -1.33 -17.22
N ASN C 132 23.41 -0.64 -17.74
CA ASN C 132 23.51 0.02 -19.03
C ASN C 132 24.68 1.00 -19.08
N LYS C 133 25.71 0.63 -19.85
CA LYS C 133 26.92 1.44 -20.03
C LYS C 133 27.67 1.64 -18.72
N ALA C 134 27.67 0.63 -17.84
CA ALA C 134 28.37 0.78 -16.57
C ALA C 134 28.57 -0.58 -15.91
N LEU C 135 29.68 -0.67 -15.18
CA LEU C 135 29.99 -1.81 -14.32
C LEU C 135 29.99 -1.33 -12.87
N THR C 136 29.29 -2.06 -12.00
CA THR C 136 29.09 -1.61 -10.63
C THR C 136 29.54 -2.66 -9.64
N LEU C 137 30.30 -2.23 -8.63
CA LEU C 137 30.63 -3.05 -7.47
C LEU C 137 30.02 -2.40 -6.24
N LYS C 138 29.30 -3.18 -5.44
CA LYS C 138 28.56 -2.65 -4.31
C LYS C 138 29.37 -2.85 -3.03
N THR C 139 29.76 -1.75 -2.41
CA THR C 139 30.42 -1.77 -1.11
C THR C 139 29.37 -1.67 -0.01
N LEU C 140 29.82 -1.54 1.25
CA LEU C 140 28.89 -1.52 2.37
C LEU C 140 28.00 -0.28 2.33
N LEU C 141 28.57 0.87 1.95
CA LEU C 141 27.83 2.13 1.97
C LEU C 141 27.76 2.77 0.59
N MET C 142 28.91 3.10 -0.01
CA MET C 142 28.94 3.81 -1.27
C MET C 142 29.30 2.86 -2.41
N PRO C 143 28.41 2.60 -3.35
CA PRO C 143 28.75 1.72 -4.48
C PRO C 143 29.66 2.43 -5.47
N ILE C 144 30.60 1.67 -6.02
CA ILE C 144 31.56 2.18 -7.01
C ILE C 144 31.08 1.79 -8.39
N VAL C 145 30.76 2.79 -9.21
CA VAL C 145 30.23 2.58 -10.56
C VAL C 145 31.20 3.18 -11.56
N LEU C 146 31.42 2.46 -12.66
CA LEU C 146 32.31 2.89 -13.73
C LEU C 146 31.50 2.95 -15.02
N ARG C 147 31.42 4.14 -15.61
CA ARG C 147 30.59 4.39 -16.79
C ARG C 147 31.48 4.54 -18.02
N GLU C 148 31.04 3.95 -19.13
CA GLU C 148 31.76 3.97 -20.39
C GLU C 148 31.11 4.94 -21.37
N LYS C 149 31.94 5.62 -22.15
CA LYS C 149 31.49 6.60 -23.13
C LYS C 149 32.23 6.34 -24.44
N LYS C 150 31.49 6.18 -25.52
CA LYS C 150 32.10 5.95 -26.84
C LYS C 150 32.59 7.29 -27.39
N GLU C 151 33.90 7.37 -27.66
CA GLU C 151 34.52 8.59 -28.11
C GLU C 151 35.32 8.33 -29.37
N THR C 152 35.59 9.40 -30.12
CA THR C 152 36.31 9.30 -31.39
C THR C 152 37.50 10.25 -31.35
N PHE C 153 38.67 9.74 -31.72
CA PHE C 153 39.90 10.51 -31.73
C PHE C 153 40.62 10.30 -33.05
N ASP C 154 40.97 11.39 -33.72
CA ASP C 154 41.66 11.28 -35.00
C ASP C 154 43.15 11.04 -34.81
N ASP C 155 43.69 10.13 -35.61
CA ASP C 155 45.12 9.87 -35.60
C ASP C 155 45.87 11.08 -36.18
N ILE C 156 47.16 11.14 -35.91
CA ILE C 156 47.99 12.21 -36.47
C ILE C 156 47.97 12.15 -37.99
N ASN C 157 47.84 10.95 -38.56
CA ASN C 157 47.72 10.81 -40.00
C ASN C 157 46.35 11.22 -40.54
N GLY C 158 45.38 11.44 -39.66
CA GLY C 158 44.06 11.87 -40.08
C GLY C 158 42.99 10.80 -40.06
N GLU C 159 43.31 9.59 -39.63
CA GLU C 159 42.36 8.47 -39.61
C GLU C 159 41.76 8.36 -38.22
N THR C 160 40.44 8.57 -38.13
CA THR C 160 39.76 8.55 -36.85
C THR C 160 39.64 7.13 -36.30
N HIS C 161 39.70 7.01 -34.98
CA HIS C 161 39.57 5.74 -34.29
C HIS C 161 38.52 5.89 -33.19
N THR C 162 37.70 4.86 -33.02
CA THR C 162 36.65 4.84 -32.02
C THR C 162 37.11 4.04 -30.82
N MET C 163 37.10 4.67 -29.65
CA MET C 163 37.56 4.05 -28.41
C MET C 163 36.56 4.33 -27.30
N LEU C 164 36.88 3.88 -26.09
CA LEU C 164 35.96 3.94 -24.95
C LEU C 164 36.66 4.64 -23.79
N ASN C 165 36.08 5.72 -23.31
CA ASN C 165 36.57 6.43 -22.14
C ASN C 165 35.69 6.07 -20.95
N VAL C 166 36.29 5.52 -19.90
CA VAL C 166 35.58 5.12 -18.70
C VAL C 166 35.89 6.11 -17.58
N ASP C 167 34.89 6.37 -16.74
CA ASP C 167 35.05 7.33 -15.66
C ASP C 167 34.17 6.93 -14.49
N LEU C 168 34.58 7.39 -13.30
CA LEU C 168 33.85 7.11 -12.08
C LEU C 168 32.84 8.20 -11.79
N ASP C 169 31.67 7.82 -11.26
CA ASP C 169 30.64 8.76 -10.88
C ASP C 169 30.55 8.94 -9.36
N LEU C 170 31.62 8.62 -8.64
CA LEU C 170 31.62 8.74 -7.19
C LEU C 170 31.48 10.20 -6.76
N PHE C 171 30.79 10.40 -5.65
CA PHE C 171 30.58 11.73 -5.06
C PHE C 171 29.86 12.67 -6.03
N LYS C 172 28.98 12.11 -6.86
CA LYS C 172 28.10 12.88 -7.74
C LYS C 172 28.89 13.73 -8.72
N SER C 173 29.86 13.10 -9.38
CA SER C 173 30.67 13.78 -10.40
C SER C 173 31.36 12.73 -11.25
N LYS C 174 31.34 12.94 -12.56
CA LYS C 174 31.94 12.00 -13.52
C LYS C 174 33.41 12.37 -13.68
N VAL C 175 34.28 11.62 -13.00
CA VAL C 175 35.72 11.87 -13.01
C VAL C 175 36.40 10.63 -13.60
N PRO C 176 37.32 10.79 -14.54
CA PRO C 176 38.07 9.63 -15.04
C PRO C 176 38.86 8.96 -13.93
N PHE C 177 38.93 7.62 -13.98
CA PHE C 177 39.71 6.88 -12.99
C PHE C 177 41.18 7.26 -13.03
N LEU C 178 41.69 7.64 -14.20
CA LEU C 178 43.08 8.04 -14.30
C LEU C 178 43.36 9.28 -13.46
N ILE C 179 42.36 10.13 -13.23
CA ILE C 179 42.56 11.28 -12.37
C ILE C 179 42.85 10.84 -10.94
N TYR C 180 42.05 9.90 -10.42
CA TYR C 180 42.29 9.35 -9.09
C TYR C 180 43.67 8.72 -9.01
N PHE C 181 44.01 7.89 -10.00
CA PHE C 181 45.31 7.21 -9.97
C PHE C 181 46.47 8.17 -10.10
N PHE C 182 46.29 9.26 -10.86
CA PHE C 182 47.33 10.28 -10.98
C PHE C 182 47.52 11.01 -9.66
N SER C 183 46.41 11.34 -8.99
CA SER C 183 46.52 12.01 -7.70
C SER C 183 47.20 11.10 -6.68
N LYS C 184 46.97 9.79 -6.76
CA LYS C 184 47.58 8.90 -5.79
C LYS C 184 49.06 8.66 -6.08
N PHE C 185 49.40 8.25 -7.31
CA PHE C 185 50.77 7.83 -7.62
C PHE C 185 51.53 8.77 -8.55
N GLY C 186 50.86 9.73 -9.17
CA GLY C 186 51.47 10.49 -10.24
C GLY C 186 51.41 9.75 -11.56
N PHE C 187 51.57 10.51 -12.65
CA PHE C 187 51.40 9.91 -13.98
C PHE C 187 52.43 8.82 -14.23
N GLU C 188 53.69 9.05 -13.83
CA GLU C 188 54.71 8.03 -13.96
C GLU C 188 54.42 6.84 -13.05
N GLY C 189 54.08 7.11 -11.80
CA GLY C 189 53.69 6.04 -10.89
C GLY C 189 52.43 5.32 -11.33
N THR C 190 51.52 6.03 -12.01
CA THR C 190 50.32 5.38 -12.52
C THR C 190 50.65 4.46 -13.68
N LEU C 191 51.50 4.90 -14.61
CA LEU C 191 51.92 4.02 -15.70
C LEU C 191 52.68 2.81 -15.17
N GLU C 192 53.49 3.00 -14.13
CA GLU C 192 54.24 1.87 -13.57
C GLU C 192 53.33 0.93 -12.78
N TYR C 193 52.28 1.47 -12.15
CA TYR C 193 51.32 0.64 -11.43
C TYR C 193 50.60 -0.31 -12.37
N PHE C 194 50.27 0.16 -13.57
CA PHE C 194 49.68 -0.67 -14.61
C PHE C 194 50.73 -1.37 -15.46
N GLY C 195 52.02 -1.14 -15.19
CA GLY C 195 53.08 -1.76 -15.96
C GLY C 195 53.15 -1.30 -17.41
N LEU C 196 52.87 -0.02 -17.66
CA LEU C 196 52.80 0.51 -19.02
C LEU C 196 53.84 1.58 -19.28
N GLN C 197 54.93 1.59 -18.51
CA GLN C 197 55.93 2.64 -18.67
C GLN C 197 56.71 2.50 -19.98
N ASP C 198 56.85 1.27 -20.48
CA ASP C 198 57.53 1.06 -21.76
C ASP C 198 56.62 1.27 -22.96
N LEU C 199 55.31 1.12 -22.78
CA LEU C 199 54.36 1.13 -23.90
C LEU C 199 53.93 2.55 -24.27
N ILE C 200 53.73 3.42 -23.29
CA ILE C 200 53.22 4.77 -23.52
C ILE C 200 54.30 5.77 -23.14
N HIS C 201 54.45 6.81 -23.96
CA HIS C 201 55.38 7.89 -23.66
C HIS C 201 54.76 9.22 -24.09
N VAL C 202 55.29 10.30 -23.52
CA VAL C 202 54.91 11.66 -23.90
C VAL C 202 56.19 12.42 -24.27
N LEU C 203 56.14 13.15 -25.37
CA LEU C 203 57.36 13.73 -25.92
C LEU C 203 57.07 15.08 -26.57
N MET C 204 58.15 15.77 -26.93
CA MET C 204 58.12 17.09 -27.54
C MET C 204 58.03 16.97 -29.06
N LYS C 205 57.51 18.02 -29.69
CA LYS C 205 57.42 18.05 -31.15
C LYS C 205 58.79 17.90 -31.81
N GLU C 206 59.80 18.57 -31.26
CA GLU C 206 61.15 18.44 -31.82
C GLU C 206 61.67 17.02 -31.64
N ASP C 207 61.40 16.41 -30.49
CA ASP C 207 61.77 15.01 -30.27
C ASP C 207 61.04 14.12 -31.26
N LEU C 208 59.78 14.44 -31.59
CA LEU C 208 59.05 13.69 -32.60
C LEU C 208 59.72 13.81 -33.96
N ASP C 209 60.17 15.02 -34.31
CA ASP C 209 60.89 15.19 -35.57
C ASP C 209 62.20 14.43 -35.57
N GLN C 210 62.83 14.27 -34.40
CA GLN C 210 64.09 13.54 -34.33
C GLN C 210 63.88 12.03 -34.49
N LEU C 211 62.70 11.53 -34.13
CA LEU C 211 62.43 10.10 -34.18
C LEU C 211 62.49 9.58 -35.61
N ASP C 212 63.00 8.36 -35.76
CA ASP C 212 63.16 7.75 -37.08
C ASP C 212 61.82 7.24 -37.59
N GLU C 213 61.81 6.85 -38.88
CA GLU C 213 60.58 6.39 -39.50
C GLU C 213 60.16 5.01 -39.00
N ASP C 214 61.13 4.17 -38.61
CA ASP C 214 60.81 2.84 -38.12
C ASP C 214 60.05 2.89 -36.79
N GLU C 215 60.36 3.87 -35.94
CA GLU C 215 59.64 4.01 -34.69
C GLU C 215 58.22 4.50 -34.93
N ILE C 216 58.04 5.39 -35.90
CA ILE C 216 56.70 5.82 -36.28
C ILE C 216 55.91 4.67 -36.87
N ASN C 217 56.60 3.75 -37.57
CA ASN C 217 55.93 2.60 -38.15
C ASN C 217 55.47 1.61 -37.07
N ASP C 218 56.17 1.55 -35.95
CA ASP C 218 55.87 0.61 -34.88
C ASP C 218 55.04 1.24 -33.75
N ASN C 219 54.63 2.49 -33.88
CA ASN C 219 53.88 3.16 -32.83
C ASN C 219 52.73 3.96 -33.44
N VAL C 220 51.77 4.32 -32.60
CA VAL C 220 50.65 5.17 -32.98
C VAL C 220 50.78 6.47 -32.18
N ILE C 221 50.66 7.60 -32.87
CA ILE C 221 50.96 8.91 -32.30
C ILE C 221 49.68 9.73 -32.26
N PHE C 222 49.40 10.32 -31.10
CA PHE C 222 48.30 11.27 -30.94
C PHE C 222 48.86 12.54 -30.33
N MET C 223 48.82 13.64 -31.08
CA MET C 223 49.38 14.89 -30.60
C MET C 223 48.39 15.53 -29.63
N ILE C 224 48.77 15.61 -28.36
CA ILE C 224 47.96 16.32 -27.37
C ILE C 224 47.79 17.77 -27.80
N THR C 225 48.90 18.47 -27.98
CA THR C 225 48.93 19.81 -28.54
C THR C 225 49.90 19.82 -29.72
N LYS C 226 50.09 21.02 -30.29
CA LYS C 226 51.12 21.17 -31.32
C LYS C 226 52.52 21.04 -30.73
N ASN C 227 52.68 21.40 -29.45
CA ASN C 227 53.98 21.40 -28.78
C ASN C 227 54.33 20.04 -28.19
N ILE C 228 53.35 19.32 -27.66
CA ILE C 228 53.59 18.06 -26.97
C ILE C 228 52.67 17.00 -27.55
N SER C 229 53.13 15.75 -27.55
CA SER C 229 52.39 14.65 -28.15
C SER C 229 52.57 13.40 -27.30
N LEU C 230 51.75 12.39 -27.61
CA LEU C 230 51.73 11.13 -26.90
C LEU C 230 51.92 10.00 -27.90
N VAL C 231 52.63 8.96 -27.49
CA VAL C 231 52.93 7.82 -28.35
C VAL C 231 52.58 6.53 -27.61
N VAL C 232 51.88 5.63 -28.30
CA VAL C 232 51.45 4.37 -27.71
C VAL C 232 51.79 3.24 -28.69
N ASP C 233 52.28 2.12 -28.14
CA ASP C 233 52.71 1.02 -29.00
C ASP C 233 51.52 0.46 -29.78
N LYS C 234 51.81 -0.02 -30.99
CA LYS C 234 50.74 -0.54 -31.86
C LYS C 234 50.17 -1.84 -31.31
N ASN C 235 51.03 -2.72 -30.80
CA ASN C 235 50.55 -3.97 -30.21
C ASN C 235 49.65 -3.70 -29.01
N PHE C 236 49.93 -2.64 -28.26
CA PHE C 236 49.04 -2.25 -27.17
C PHE C 236 47.71 -1.72 -27.71
N PHE C 237 47.76 -0.96 -28.80
CA PHE C 237 46.53 -0.40 -29.38
C PHE C 237 45.67 -1.46 -30.05
N SER C 238 46.24 -2.61 -30.41
CA SER C 238 45.47 -3.65 -31.08
C SER C 238 44.34 -4.18 -30.20
N ASN C 239 44.52 -4.16 -28.88
CA ASN C 239 43.51 -4.64 -27.95
C ASN C 239 42.62 -3.48 -27.51
N LYS C 240 41.30 -3.67 -27.60
CA LYS C 240 40.36 -2.61 -27.27
C LYS C 240 40.32 -2.35 -25.77
N ASN C 241 40.43 -3.41 -24.97
CA ASN C 241 40.50 -3.23 -23.52
C ASN C 241 41.69 -2.36 -23.13
N ASN C 242 42.77 -2.42 -23.91
CA ASN C 242 43.87 -1.47 -23.73
C ASN C 242 43.55 -0.11 -24.33
N GLN C 243 42.72 -0.07 -25.37
CA GLN C 243 42.32 1.21 -25.95
C GLN C 243 41.51 2.03 -24.94
N ILE C 244 40.87 1.37 -23.99
CA ILE C 244 40.10 2.09 -22.97
C ILE C 244 41.00 3.05 -22.18
N ILE C 245 42.17 2.55 -21.77
CA ILE C 245 43.11 3.37 -21.00
C ILE C 245 43.58 4.56 -21.82
N ILE C 246 43.87 4.33 -23.10
CA ILE C 246 44.35 5.41 -23.95
C ILE C 246 43.27 6.46 -24.15
N ALA C 247 42.02 6.04 -24.30
CA ALA C 247 40.93 6.99 -24.45
C ALA C 247 40.73 7.81 -23.18
N THR C 248 40.79 7.16 -22.02
CA THR C 248 40.71 7.90 -20.76
C THR C 248 41.85 8.90 -20.63
N LEU C 249 43.06 8.49 -21.02
CA LEU C 249 44.21 9.39 -20.95
C LEU C 249 44.04 10.58 -21.89
N LEU C 250 43.51 10.34 -23.09
CA LEU C 250 43.28 11.44 -24.02
C LEU C 250 42.22 12.39 -23.49
N ASN C 251 41.19 11.87 -22.81
CA ASN C 251 40.18 12.74 -22.22
C ASN C 251 40.74 13.52 -21.03
N CYS C 252 41.72 12.96 -20.32
CA CYS C 252 42.27 13.64 -19.16
C CYS C 252 43.10 14.86 -19.55
N PHE C 253 43.94 14.72 -20.57
CA PHE C 253 44.82 15.81 -20.97
C PHE C 253 44.02 16.97 -21.56
N ASN C 254 44.46 18.19 -21.24
CA ASN C 254 43.80 19.40 -21.70
C ASN C 254 44.68 20.11 -22.75
N THR C 255 44.03 20.97 -23.54
CA THR C 255 44.75 21.72 -24.55
C THR C 255 45.77 22.67 -23.93
N ARG C 256 45.39 23.30 -22.82
CA ARG C 256 46.32 24.13 -22.04
C ARG C 256 47.04 23.19 -21.07
N ILE C 257 48.30 22.87 -21.37
CA ILE C 257 49.06 21.89 -20.61
C ILE C 257 50.54 22.17 -20.75
N LYS C 258 51.33 21.64 -19.82
CA LYS C 258 52.78 21.75 -19.85
C LYS C 258 53.36 20.39 -19.45
N ILE C 259 54.56 20.09 -19.95
CA ILE C 259 55.21 18.84 -19.60
C ILE C 259 55.45 18.77 -18.08
N ASP C 260 55.88 19.89 -17.48
CA ASP C 260 56.04 19.92 -16.04
C ASP C 260 54.69 19.84 -15.32
N LYS C 261 53.62 20.34 -15.96
CA LYS C 261 52.29 20.19 -15.40
C LYS C 261 51.86 18.73 -15.38
N ILE C 262 52.17 17.98 -16.44
CA ILE C 262 51.91 16.55 -16.45
C ILE C 262 52.75 15.86 -15.38
N TYR C 263 54.00 16.29 -15.22
CA TYR C 263 54.86 15.71 -14.19
C TYR C 263 54.42 16.09 -12.79
N GLU C 264 53.56 17.09 -12.63
CA GLU C 264 53.15 17.58 -11.32
C GLU C 264 51.95 16.78 -10.83
N LYS C 265 52.10 16.16 -9.66
CA LYS C 265 50.99 15.47 -9.01
C LYS C 265 49.94 16.46 -8.52
N ASP C 266 50.39 17.61 -8.02
CA ASP C 266 49.47 18.62 -7.52
C ASP C 266 48.53 19.11 -8.61
N TYR C 267 48.96 19.10 -9.87
CA TYR C 267 48.06 19.48 -10.95
C TYR C 267 46.90 18.50 -11.09
N TRP C 268 47.19 17.19 -10.94
CA TRP C 268 46.12 16.19 -10.99
C TRP C 268 45.19 16.33 -9.79
N VAL C 269 45.76 16.55 -8.60
CA VAL C 269 44.92 16.75 -7.41
C VAL C 269 44.03 17.98 -7.59
N LYS C 270 44.59 19.05 -8.18
CA LYS C 270 43.83 20.26 -8.41
C LYS C 270 42.73 20.05 -9.44
N LYS C 271 43.02 19.26 -10.49
CA LYS C 271 41.98 18.96 -11.48
C LYS C 271 40.85 18.17 -10.85
N LEU C 272 41.17 17.23 -9.96
CA LEU C 272 40.12 16.48 -9.27
C LEU C 272 39.28 17.40 -8.39
N GLY C 273 39.94 18.20 -7.55
CA GLY C 273 39.23 19.16 -6.73
C GLY C 273 38.38 20.13 -7.54
N GLY C 274 38.84 20.46 -8.75
CA GLY C 274 38.04 21.31 -9.63
C GLY C 274 36.84 20.58 -10.19
N TYR C 275 36.98 19.29 -10.47
CA TYR C 275 35.82 18.47 -10.79
C TYR C 275 34.77 18.56 -9.70
N PHE C 276 35.20 18.52 -8.44
CA PHE C 276 34.19 18.53 -7.37
C PHE C 276 33.76 19.92 -6.91
N THR C 277 34.66 20.91 -6.91
CA THR C 277 34.28 22.25 -6.51
C THR C 277 35.11 23.26 -7.29
N THR C 278 34.55 24.46 -7.49
CA THR C 278 35.16 25.47 -8.34
C THR C 278 36.06 26.45 -7.58
N ASN C 279 36.27 26.25 -6.28
CA ASN C 279 37.10 27.17 -5.50
C ASN C 279 38.57 26.80 -5.73
N ASN C 280 39.30 27.68 -6.41
CA ASN C 280 40.68 27.38 -6.78
C ASN C 280 41.60 27.30 -5.57
N SER C 281 41.32 28.07 -4.51
CA SER C 281 42.25 28.17 -3.39
C SER C 281 42.33 26.86 -2.63
N ASN C 282 41.21 26.14 -2.48
CA ASN C 282 41.16 24.93 -1.69
C ASN C 282 41.10 23.66 -2.55
N LYS C 283 41.41 23.77 -3.85
CA LYS C 283 41.29 22.61 -4.72
C LYS C 283 42.21 21.48 -4.27
N GLN C 284 43.40 21.82 -3.77
CA GLN C 284 44.32 20.79 -3.29
C GLN C 284 43.75 20.05 -2.09
N GLU C 285 43.21 20.80 -1.12
CA GLU C 285 42.61 20.19 0.06
C GLU C 285 41.37 19.39 -0.31
N LYS C 286 40.58 19.89 -1.26
CA LYS C 286 39.40 19.16 -1.73
C LYS C 286 39.82 17.82 -2.33
N GLY C 287 40.83 17.84 -3.20
CA GLY C 287 41.31 16.60 -3.80
C GLY C 287 41.89 15.64 -2.79
N GLU C 288 42.58 16.17 -1.77
CA GLU C 288 43.13 15.32 -0.72
C GLU C 288 42.02 14.63 0.06
N GLY C 289 40.99 15.39 0.45
CA GLY C 289 39.85 14.79 1.13
C GLY C 289 39.13 13.78 0.26
N ILE C 290 39.05 14.05 -1.04
CA ILE C 290 38.42 13.12 -1.97
C ILE C 290 39.21 11.82 -2.05
N ILE C 291 40.54 11.92 -2.09
CA ILE C 291 41.37 10.72 -2.12
C ILE C 291 41.22 9.92 -0.83
N LEU C 292 41.11 10.62 0.30
CA LEU C 292 40.85 9.93 1.56
C LEU C 292 39.53 9.18 1.53
N SER C 293 38.47 9.85 1.08
CA SER C 293 37.16 9.20 0.97
C SER C 293 37.22 8.01 0.01
N PHE C 294 37.97 8.15 -1.08
CA PHE C 294 38.12 7.05 -2.03
C PHE C 294 38.83 5.86 -1.40
N GLU C 295 39.86 6.12 -0.60
CA GLU C 295 40.48 5.06 0.19
C GLU C 295 39.46 4.39 1.10
N ARG C 296 38.53 5.18 1.64
CA ARG C 296 37.58 4.65 2.62
C ARG C 296 36.33 4.04 1.98
N ILE C 297 36.16 4.14 0.66
CA ILE C 297 34.99 3.53 0.02
C ILE C 297 35.01 2.01 0.21
N LEU C 298 36.19 1.40 0.05
CA LEU C 298 36.30 -0.04 0.18
C LEU C 298 36.13 -0.47 1.64
N ASP C 299 35.55 -1.66 1.83
CA ASP C 299 35.38 -2.25 3.14
C ASP C 299 35.91 -3.68 3.13
N GLU C 300 36.25 -4.18 4.31
CA GLU C 300 36.88 -5.50 4.42
C GLU C 300 35.92 -6.61 4.01
N TRP C 301 34.65 -6.48 4.36
CA TRP C 301 33.67 -7.50 3.99
C TRP C 301 33.58 -7.63 2.48
N THR C 302 33.59 -6.50 1.76
CA THR C 302 33.61 -6.53 0.30
C THR C 302 34.86 -7.22 -0.21
N LYS C 303 36.01 -6.97 0.44
CA LYS C 303 37.23 -7.67 0.08
C LYS C 303 37.05 -9.18 0.20
N LYS C 304 36.42 -9.63 1.28
CA LYS C 304 36.30 -11.07 1.50
C LYS C 304 35.32 -11.70 0.52
N ILE C 305 34.18 -11.06 0.27
CA ILE C 305 33.18 -11.67 -0.61
C ILE C 305 33.63 -11.69 -2.06
N LEU C 306 34.60 -10.86 -2.44
CA LEU C 306 35.09 -10.85 -3.81
C LEU C 306 35.90 -12.11 -4.09
N ARG C 307 35.65 -12.73 -5.24
CA ARG C 307 36.29 -13.99 -5.61
C ARG C 307 37.61 -13.79 -6.34
N THR C 308 37.99 -12.55 -6.64
CA THR C 308 39.23 -12.30 -7.34
C THR C 308 40.43 -12.67 -6.47
N GLU C 309 41.59 -12.77 -7.11
CA GLU C 309 42.82 -13.05 -6.38
C GLU C 309 43.09 -11.97 -5.34
N GLU C 310 43.65 -12.37 -4.20
CA GLU C 310 43.90 -11.44 -3.11
C GLU C 310 44.85 -10.31 -3.51
N LYS C 311 45.69 -10.54 -4.52
CA LYS C 311 46.58 -9.48 -5.00
C LYS C 311 45.78 -8.28 -5.49
N ASN C 312 44.63 -8.53 -6.13
CA ASN C 312 43.76 -7.46 -6.58
C ASN C 312 42.86 -6.93 -5.47
N LYS C 313 42.90 -7.53 -4.28
CA LYS C 313 42.02 -7.16 -3.18
C LYS C 313 42.77 -6.43 -2.07
N GLU C 314 43.98 -5.95 -2.35
CA GLU C 314 44.77 -5.29 -1.31
C GLU C 314 44.17 -3.95 -0.92
N ASP C 315 43.80 -3.14 -1.90
CA ASP C 315 43.22 -1.82 -1.65
C ASP C 315 42.27 -1.48 -2.78
N ILE C 316 41.66 -0.29 -2.68
CA ILE C 316 40.66 0.11 -3.68
C ILE C 316 41.31 0.29 -5.05
N TYR C 317 42.54 0.79 -5.08
CA TYR C 317 43.22 1.02 -6.35
C TYR C 317 43.48 -0.28 -7.09
N SER C 318 43.83 -1.34 -6.36
CA SER C 318 44.00 -2.65 -6.99
C SER C 318 42.69 -3.14 -7.59
N VAL C 319 41.57 -2.88 -6.91
CA VAL C 319 40.27 -3.30 -7.42
C VAL C 319 39.93 -2.54 -8.69
N VAL C 320 40.18 -1.23 -8.71
CA VAL C 320 39.91 -0.46 -9.92
C VAL C 320 40.81 -0.91 -11.06
N ARG C 321 42.06 -1.25 -10.76
CA ARG C 321 42.96 -1.77 -11.79
C ARG C 321 42.43 -3.08 -12.36
N TRP C 322 42.02 -3.99 -11.48
CA TRP C 322 41.47 -5.27 -11.92
C TRP C 322 40.22 -5.07 -12.78
N MET C 323 39.35 -4.16 -12.38
CA MET C 323 38.14 -3.91 -13.16
C MET C 323 38.48 -3.32 -14.53
N ILE C 324 39.35 -2.31 -14.57
CA ILE C 324 39.61 -1.61 -15.81
C ILE C 324 40.34 -2.50 -16.81
N ASN C 325 41.35 -3.24 -16.34
CA ASN C 325 42.11 -4.09 -17.25
C ASN C 325 41.26 -5.25 -17.77
N ASN C 326 40.26 -5.70 -16.99
CA ASN C 326 39.33 -6.73 -17.42
C ASN C 326 37.93 -6.16 -17.61
N TYR C 327 37.82 -4.92 -18.08
CA TYR C 327 36.53 -4.26 -18.17
C TYR C 327 35.67 -4.88 -19.28
N LEU C 328 36.27 -5.15 -20.43
CA LEU C 328 35.50 -5.68 -21.55
C LEU C 328 34.95 -7.07 -21.23
N ALA C 329 35.69 -7.87 -20.47
CA ALA C 329 35.23 -9.20 -20.12
C ALA C 329 34.21 -9.17 -18.98
N LEU C 330 34.45 -8.32 -17.96
CA LEU C 330 33.52 -8.24 -16.83
C LEU C 330 32.19 -7.63 -17.24
N VAL C 331 32.20 -6.68 -18.17
CA VAL C 331 30.96 -6.06 -18.63
C VAL C 331 30.09 -7.08 -19.36
N LYS C 332 30.69 -8.01 -20.09
CA LYS C 332 29.95 -9.04 -20.82
C LYS C 332 29.70 -10.23 -19.91
N GLN C 333 28.84 -10.00 -18.91
CA GLN C 333 28.46 -11.06 -17.97
C GLN C 333 26.97 -10.93 -17.67
N ASP C 334 26.36 -12.06 -17.33
CA ASP C 334 24.92 -12.10 -17.10
C ASP C 334 24.60 -11.63 -15.68
N ASN C 335 23.65 -10.70 -15.57
CA ASN C 335 23.25 -10.19 -14.27
C ASN C 335 22.43 -11.21 -13.49
N MET C 336 21.74 -12.11 -14.20
CA MET C 336 20.84 -13.06 -13.56
C MET C 336 21.42 -14.44 -13.38
N ASN C 337 22.63 -14.70 -13.91
CA ASN C 337 23.25 -16.00 -13.71
C ASN C 337 23.52 -16.20 -12.22
N LEU C 338 23.02 -17.32 -11.68
CA LEU C 338 23.09 -17.54 -10.23
C LEU C 338 24.53 -17.67 -9.75
N ALA C 339 25.46 -18.05 -10.63
CA ALA C 339 26.86 -18.10 -10.22
C ALA C 339 27.39 -16.72 -9.86
N ASN C 340 26.83 -15.68 -10.45
CA ASN C 340 27.18 -14.30 -10.14
C ASN C 340 26.38 -13.74 -8.97
N LYS C 341 25.60 -14.56 -8.29
CA LYS C 341 24.72 -14.12 -7.22
C LYS C 341 24.98 -14.93 -5.95
N ARG C 342 24.40 -14.46 -4.85
CA ARG C 342 24.56 -15.05 -3.54
C ARG C 342 23.33 -14.72 -2.71
N ILE C 343 23.20 -15.40 -1.58
CA ILE C 343 22.11 -15.14 -0.64
C ILE C 343 22.71 -14.73 0.70
N ARG C 344 21.99 -13.86 1.40
CA ARG C 344 22.44 -13.33 2.68
C ARG C 344 21.26 -13.22 3.63
N LEU C 345 21.55 -13.26 4.93
CA LEU C 345 20.52 -13.25 5.95
C LEU C 345 20.76 -12.18 7.01
N TYR C 346 21.69 -12.43 7.93
CA TYR C 346 21.91 -11.49 9.02
C TYR C 346 22.54 -10.17 8.56
N GLU C 347 23.14 -10.14 7.36
CA GLU C 347 23.86 -8.94 6.93
C GLU C 347 22.92 -7.74 6.79
N TYR C 348 21.75 -7.94 6.18
CA TYR C 348 20.85 -6.81 6.00
C TYR C 348 20.20 -6.37 7.30
N LEU C 349 20.26 -7.20 8.35
CA LEU C 349 19.70 -6.79 9.63
C LEU C 349 20.57 -5.76 10.32
N LEU C 350 21.88 -5.79 10.08
CA LEU C 350 22.81 -4.87 10.74
C LEU C 350 23.00 -3.56 9.99
N HIS C 351 22.31 -3.37 8.86
CA HIS C 351 22.53 -2.17 8.06
C HIS C 351 22.14 -0.87 8.76
N PRO C 352 21.04 -0.78 9.53
CA PRO C 352 20.76 0.48 10.23
C PRO C 352 21.87 0.93 11.16
N LEU C 353 22.51 -0.01 11.88
CA LEU C 353 23.65 0.35 12.72
C LEU C 353 24.78 0.94 11.89
N LEU C 354 25.01 0.38 10.70
CA LEU C 354 26.03 0.92 9.81
C LEU C 354 25.68 2.33 9.36
N ILE C 355 24.39 2.58 9.07
CA ILE C 355 23.96 3.91 8.67
C ILE C 355 24.19 4.90 9.80
N LYS C 356 23.87 4.52 11.03
CA LYS C 356 24.07 5.40 12.18
C LYS C 356 25.56 5.70 12.36
N PHE C 357 26.40 4.67 12.27
CA PHE C 357 27.84 4.85 12.41
C PHE C 357 28.38 5.77 11.32
N SER C 358 27.89 5.60 10.09
CA SER C 358 28.35 6.44 8.98
C SER C 358 27.94 7.89 9.18
N LYS C 359 26.73 8.13 9.69
CA LYS C 359 26.33 9.50 10.01
C LYS C 359 27.27 10.11 11.05
N GLY C 360 27.53 9.37 12.12
CA GLY C 360 28.43 9.90 13.15
C GLY C 360 29.83 10.18 12.64
N THR C 361 30.37 9.27 11.83
CA THR C 361 31.74 9.46 11.35
C THR C 361 31.81 10.55 10.27
N TYR C 362 30.75 10.74 9.50
CA TYR C 362 30.70 11.89 8.58
C TYR C 362 30.67 13.19 9.37
N ARG C 363 29.94 13.20 10.48
CA ARG C 363 29.94 14.37 11.36
C ARG C 363 31.34 14.67 11.86
N VAL C 364 32.04 13.65 12.35
CA VAL C 364 33.36 13.87 12.94
C VAL C 364 34.36 14.31 11.87
N LEU C 365 34.31 13.69 10.69
CA LEU C 365 35.24 14.08 9.62
C LEU C 365 35.01 15.51 9.18
N ASN C 366 33.76 15.92 9.08
CA ASN C 366 33.41 17.26 8.62
C ASN C 366 33.41 18.30 9.73
N ASN C 367 33.76 17.90 10.95
CA ASN C 367 33.80 18.85 12.06
C ASN C 367 34.96 19.83 11.89
N ARG C 368 34.71 21.10 12.21
CA ARG C 368 35.67 22.16 12.01
C ARG C 368 35.80 22.98 13.28
N ASN C 369 37.03 23.11 13.78
CA ASN C 369 37.36 24.00 14.90
C ASN C 369 36.54 23.66 16.15
N SER C 370 36.55 22.38 16.51
CA SER C 370 35.87 21.94 17.71
C SER C 370 36.63 20.75 18.29
N ASN C 371 36.31 20.40 19.53
CA ASN C 371 36.99 19.30 20.20
C ASN C 371 36.64 17.98 19.51
N LYS C 372 37.67 17.32 18.96
CA LYS C 372 37.46 16.04 18.29
C LYS C 372 36.90 15.00 19.25
N PHE C 373 37.40 14.98 20.48
CA PHE C 373 36.91 14.03 21.48
C PHE C 373 35.42 14.18 21.70
N GLU C 374 34.92 15.42 21.67
CA GLU C 374 33.49 15.65 21.88
C GLU C 374 32.66 14.98 20.80
N LYS C 375 33.02 15.18 19.53
CA LYS C 375 32.27 14.56 18.44
C LYS C 375 32.40 13.05 18.45
N ILE C 376 33.59 12.54 18.79
CA ILE C 376 33.77 11.10 18.92
C ILE C 376 32.84 10.55 20.00
N LYS C 377 32.63 11.33 21.07
CA LYS C 377 31.67 10.91 22.09
C LYS C 377 30.24 10.96 21.56
N THR C 378 29.91 11.99 20.77
CA THR C 378 28.57 12.06 20.17
C THR C 378 28.28 10.87 19.29
N ILE C 379 29.32 10.28 18.69
CA ILE C 379 29.11 9.07 17.89
C ILE C 379 28.37 8.00 18.69
N PHE C 380 28.80 7.77 19.93
CA PHE C 380 28.23 6.72 20.77
C PHE C 380 27.39 7.29 21.91
N SER C 381 26.75 8.44 21.71
CA SER C 381 26.02 9.07 22.81
C SER C 381 24.62 8.48 22.95
N ASN C 382 23.89 8.35 21.84
CA ASN C 382 22.52 7.88 21.87
C ASN C 382 22.36 6.43 21.45
N ILE C 383 23.47 5.68 21.33
CA ILE C 383 23.36 4.26 21.05
C ILE C 383 22.67 3.57 22.22
N GLN C 384 21.53 2.94 21.96
CA GLN C 384 20.70 2.36 22.99
C GLN C 384 20.48 0.88 22.72
N GLU C 385 20.12 0.16 23.78
CA GLU C 385 20.02 -1.30 23.69
C GLU C 385 18.94 -1.72 22.70
N GLY C 386 17.83 -0.97 22.66
CA GLY C 386 16.74 -1.29 21.76
C GLY C 386 16.82 -0.66 20.39
N PHE C 387 17.93 0.01 20.06
CA PHE C 387 18.03 0.70 18.78
C PHE C 387 17.92 -0.28 17.61
N LEU C 388 18.71 -1.36 17.64
CA LEU C 388 18.72 -2.30 16.52
C LEU C 388 17.36 -2.97 16.35
N VAL C 389 16.74 -3.38 17.46
CA VAL C 389 15.46 -4.08 17.37
C VAL C 389 14.38 -3.13 16.81
N LYS C 390 14.31 -1.92 17.36
CA LYS C 390 13.32 -0.95 16.88
C LYS C 390 13.53 -0.61 15.42
N LYS C 391 14.80 -0.43 15.00
CA LYS C 391 15.06 -0.11 13.61
C LYS C 391 14.73 -1.28 12.70
N ILE C 392 14.99 -2.50 13.16
CA ILE C 392 14.65 -3.68 12.37
C ILE C 392 13.15 -3.76 12.14
N ILE C 393 12.37 -3.58 13.21
CA ILE C 393 10.92 -3.71 13.09
C ILE C 393 10.35 -2.57 12.26
N ASN C 394 10.65 -1.33 12.64
CA ASN C 394 10.00 -0.19 12.02
C ASN C 394 10.36 -0.05 10.55
N ASN C 395 11.62 -0.34 10.20
CA ASN C 395 12.01 -0.31 8.79
C ASN C 395 11.45 -1.47 8.00
N GLU C 396 10.69 -2.36 8.63
CA GLU C 396 10.06 -3.49 7.97
C GLU C 396 11.07 -4.36 7.21
N LEU C 397 12.29 -4.46 7.75
CA LEU C 397 13.26 -5.40 7.19
C LEU C 397 12.84 -6.84 7.47
N LEU C 398 12.30 -7.09 8.67
CA LEU C 398 11.80 -8.41 9.03
C LEU C 398 10.36 -8.56 8.57
N ARG C 399 9.99 -9.79 8.25
CA ARG C 399 8.66 -10.10 7.74
C ARG C 399 7.82 -10.74 8.84
N TYR C 400 6.63 -10.20 9.05
CA TYR C 400 5.71 -10.75 10.05
C TYR C 400 5.14 -12.07 9.56
N ASP C 401 4.96 -13.00 10.49
CA ASP C 401 4.45 -14.33 10.15
C ASP C 401 2.96 -14.26 9.85
N ASN C 402 2.62 -14.11 8.57
CA ASN C 402 1.23 -14.12 8.13
C ASN C 402 0.76 -15.52 7.75
N SER C 403 1.44 -16.56 8.23
CA SER C 403 1.10 -17.93 7.84
C SER C 403 -0.29 -18.29 8.29
N VAL C 404 -1.02 -19.01 7.42
CA VAL C 404 -2.39 -19.43 7.70
C VAL C 404 -2.49 -20.89 8.11
N ASN C 405 -1.43 -21.67 7.92
CA ASN C 405 -1.49 -23.11 8.16
C ASN C 405 -0.23 -23.53 8.92
N SER C 406 -0.07 -24.85 9.09
CA SER C 406 1.09 -25.38 9.78
C SER C 406 2.30 -25.50 8.87
N ILE C 407 2.09 -25.67 7.57
CA ILE C 407 3.20 -25.80 6.64
C ILE C 407 4.00 -24.50 6.64
N SER C 408 5.26 -24.58 7.05
CA SER C 408 6.15 -23.43 7.05
C SER C 408 7.33 -23.60 6.11
N LEU C 409 7.55 -24.80 5.56
CA LEU C 409 8.74 -25.07 4.76
C LEU C 409 8.80 -24.18 3.52
N PHE C 410 7.67 -24.01 2.85
CA PHE C 410 7.66 -23.29 1.58
C PHE C 410 7.23 -21.83 1.72
N THR C 411 6.52 -21.47 2.79
CA THR C 411 6.09 -20.09 2.94
C THR C 411 7.08 -19.24 3.71
N LEU C 412 7.93 -19.86 4.54
CA LEU C 412 8.87 -19.07 5.34
C LEU C 412 10.31 -19.52 5.19
N ILE C 413 10.58 -20.81 5.36
CA ILE C 413 11.96 -21.28 5.46
C ILE C 413 12.70 -21.07 4.14
N LEU C 414 12.09 -21.42 3.02
CA LEU C 414 12.73 -21.37 1.72
C LEU C 414 12.45 -20.09 0.95
N ARG C 415 11.77 -19.13 1.58
CA ARG C 415 11.38 -17.90 0.89
C ARG C 415 12.60 -17.04 0.58
N TYR C 416 12.77 -16.69 -0.68
CA TYR C 416 13.78 -15.73 -1.11
C TYR C 416 13.09 -14.50 -1.69
N THR C 417 13.72 -13.34 -1.53
CA THR C 417 13.19 -12.11 -2.08
C THR C 417 14.34 -11.25 -2.61
N GLN C 418 14.07 -10.56 -3.72
CA GLN C 418 15.06 -9.64 -4.27
C GLN C 418 14.99 -8.27 -3.60
N SER C 419 13.82 -7.89 -3.11
CA SER C 419 13.67 -6.60 -2.42
C SER C 419 14.30 -6.67 -1.03
N GLY C 420 14.72 -5.49 -0.54
CA GLY C 420 15.35 -5.39 0.75
C GLY C 420 16.39 -4.29 0.79
N PRO C 421 17.25 -4.30 1.80
CA PRO C 421 18.35 -3.32 1.84
C PRO C 421 19.30 -3.54 0.68
N GLN C 422 19.81 -2.43 0.14
CA GLN C 422 20.66 -2.44 -1.06
C GLN C 422 19.96 -3.17 -2.20
N SER C 423 18.69 -2.84 -2.38
CA SER C 423 17.83 -3.57 -3.31
C SER C 423 18.27 -3.36 -4.75
N PRO C 424 18.58 -4.43 -5.49
CA PRO C 424 18.71 -4.31 -6.95
C PRO C 424 17.39 -4.31 -7.68
N PHE C 425 16.28 -4.48 -6.97
CA PHE C 425 14.95 -4.56 -7.53
C PHE C 425 14.11 -3.38 -7.06
N SER C 426 13.21 -2.93 -7.93
CA SER C 426 12.25 -1.89 -7.58
C SER C 426 11.01 -2.07 -8.42
N SER C 427 9.92 -1.41 -8.01
CA SER C 427 8.66 -1.50 -8.72
C SER C 427 8.69 -0.84 -10.09
N ASN C 428 9.81 -0.22 -10.47
CA ASN C 428 9.90 0.39 -11.79
C ASN C 428 9.90 -0.66 -12.88
N SER C 429 9.53 -0.23 -14.09
CA SER C 429 9.23 -1.18 -15.16
C SER C 429 10.49 -1.81 -15.74
N THR C 430 11.57 -1.03 -15.88
CA THR C 430 12.77 -1.53 -16.53
C THR C 430 13.37 -2.73 -15.80
N ASN C 431 13.08 -2.89 -14.51
CA ASN C 431 13.54 -4.04 -13.74
C ASN C 431 12.80 -5.34 -14.09
N ASN C 432 11.99 -5.32 -15.14
CA ASN C 432 11.19 -6.48 -15.51
C ASN C 432 12.04 -7.74 -15.65
N LYS C 433 13.26 -7.58 -16.18
CA LYS C 433 14.13 -8.75 -16.38
C LYS C 433 14.36 -9.48 -15.06
N LEU C 434 14.54 -8.75 -13.96
CA LEU C 434 14.75 -9.39 -12.67
C LEU C 434 13.57 -10.25 -12.26
N ARG C 435 12.36 -9.87 -12.67
CA ARG C 435 11.19 -10.67 -12.33
C ARG C 435 11.16 -11.98 -13.09
N GLY C 436 11.78 -12.03 -14.27
CA GLY C 436 11.76 -13.22 -15.09
C GLY C 436 12.64 -14.33 -14.53
N LEU C 437 12.62 -15.45 -15.25
CA LEU C 437 13.36 -16.65 -14.86
C LEU C 437 14.57 -16.84 -15.78
N HIS C 438 15.61 -17.46 -15.23
CA HIS C 438 16.86 -17.66 -15.94
C HIS C 438 17.20 -19.15 -15.93
N PRO C 439 17.78 -19.68 -17.01
CA PRO C 439 18.06 -21.13 -17.05
C PRO C 439 18.97 -21.60 -15.93
N SER C 440 19.89 -20.75 -15.45
CA SER C 440 20.74 -21.13 -14.33
C SER C 440 19.94 -21.29 -13.05
N TYR C 441 18.72 -20.77 -12.99
CA TYR C 441 17.87 -20.96 -11.82
C TYR C 441 17.42 -22.41 -11.68
N LEU C 442 17.51 -23.20 -12.74
CA LEU C 442 17.02 -24.57 -12.71
C LEU C 442 17.79 -25.40 -11.70
N GLY C 443 17.06 -26.21 -10.93
CA GLY C 443 17.64 -27.03 -9.89
C GLY C 443 18.06 -26.29 -8.65
N ARG C 444 17.89 -24.97 -8.61
CA ARG C 444 18.29 -24.15 -7.48
C ARG C 444 17.17 -23.28 -6.95
N LEU C 445 16.35 -22.70 -7.83
CA LEU C 445 15.25 -21.83 -7.45
C LEU C 445 13.95 -22.33 -8.03
N GLY C 446 12.88 -22.22 -7.25
CA GLY C 446 11.58 -22.64 -7.75
C GLY C 446 11.13 -21.79 -8.92
N LEU C 447 10.46 -22.43 -9.88
CA LEU C 447 10.07 -21.76 -11.11
C LEU C 447 8.66 -21.19 -11.06
N THR C 448 7.79 -21.68 -10.17
CA THR C 448 6.41 -21.25 -10.11
C THR C 448 6.04 -20.69 -8.73
N SER C 449 7.03 -20.28 -7.95
CA SER C 449 6.81 -19.84 -6.58
C SER C 449 6.59 -18.34 -6.45
N THR C 450 6.52 -17.61 -7.55
CA THR C 450 6.40 -16.17 -7.49
C THR C 450 5.06 -15.75 -6.89
N SER C 451 5.03 -14.54 -6.33
CA SER C 451 3.83 -13.98 -5.73
C SER C 451 3.07 -13.16 -6.76
N ALA C 452 1.74 -13.22 -6.69
CA ALA C 452 0.90 -12.49 -7.64
C ALA C 452 0.89 -10.99 -7.35
N GLY C 453 1.12 -10.59 -6.11
CA GLY C 453 1.13 -9.18 -5.78
C GLY C 453 2.30 -8.44 -6.40
N ASP C 454 3.48 -9.04 -6.33
CA ASP C 454 4.68 -8.47 -6.95
C ASP C 454 5.44 -9.59 -7.64
N PRO C 455 5.11 -9.88 -8.90
CA PRO C 455 5.72 -11.03 -9.58
C PRO C 455 7.23 -10.90 -9.70
N GLY C 456 7.92 -12.01 -9.49
CA GLY C 456 9.37 -12.07 -9.61
C GLY C 456 10.14 -11.59 -8.41
N ALA C 457 9.56 -10.73 -7.58
CA ALA C 457 10.27 -10.24 -6.40
C ALA C 457 10.42 -11.33 -5.35
N SER C 458 9.47 -12.26 -5.28
CA SER C 458 9.48 -13.31 -4.27
C SER C 458 9.52 -14.68 -4.92
N GLY C 459 10.08 -15.64 -4.21
CA GLY C 459 10.11 -17.01 -4.68
C GLY C 459 10.55 -17.95 -3.57
N SER C 460 10.82 -19.19 -3.94
CA SER C 460 11.21 -20.21 -2.98
C SER C 460 12.41 -20.99 -3.49
N LEU C 461 13.38 -21.22 -2.62
CA LEU C 461 14.53 -22.05 -2.95
C LEU C 461 14.12 -23.52 -3.02
N THR C 462 14.76 -24.26 -3.92
CA THR C 462 14.51 -25.68 -3.99
C THR C 462 15.10 -26.38 -2.77
N PRO C 463 14.39 -27.36 -2.20
CA PRO C 463 14.95 -28.06 -1.02
C PRO C 463 16.20 -28.87 -1.33
N PHE C 464 16.32 -29.39 -2.55
CA PHE C 464 17.46 -30.23 -2.92
C PHE C 464 18.72 -29.41 -3.21
N LEU C 465 18.65 -28.09 -3.12
CA LEU C 465 19.81 -27.25 -3.39
C LEU C 465 20.86 -27.43 -2.30
N GLU C 466 22.13 -27.49 -2.73
CA GLU C 466 23.26 -27.55 -1.82
C GLU C 466 24.18 -26.37 -2.11
N LEU C 467 24.30 -25.47 -1.15
CA LEU C 467 25.28 -24.40 -1.30
C LEU C 467 26.68 -24.92 -0.96
N PRO C 468 27.69 -24.52 -1.71
CA PRO C 468 29.06 -24.97 -1.41
C PRO C 468 29.47 -24.53 -0.02
N GLU C 469 29.96 -25.49 0.76
CA GLU C 469 30.34 -25.21 2.14
C GLU C 469 31.54 -24.27 2.18
N ASN C 470 31.52 -23.33 3.13
CA ASN C 470 32.59 -22.36 3.32
C ASN C 470 32.78 -21.47 2.09
N SER C 471 31.71 -21.24 1.33
CA SER C 471 31.75 -20.41 0.14
C SER C 471 30.93 -19.13 0.30
N TYR C 472 30.80 -18.65 1.55
CA TYR C 472 30.12 -17.39 1.85
C TYR C 472 28.68 -17.40 1.37
N MET C 473 28.03 -18.57 1.40
CA MET C 473 26.66 -18.75 0.93
C MET C 473 26.46 -18.28 -0.51
N HIS C 474 27.52 -18.32 -1.31
CA HIS C 474 27.38 -18.11 -2.74
C HIS C 474 26.75 -19.35 -3.38
N PHE C 475 26.01 -19.12 -4.47
CA PHE C 475 25.42 -20.26 -5.18
C PHE C 475 26.50 -21.15 -5.78
N THR C 476 27.57 -20.56 -6.29
CA THR C 476 28.65 -21.30 -6.93
C THR C 476 29.97 -20.93 -6.29
N GLU C 477 30.88 -21.90 -6.21
CA GLU C 477 32.19 -21.66 -5.62
C GLU C 477 32.97 -20.63 -6.42
N GLU C 478 32.85 -20.65 -7.74
CA GLU C 478 33.59 -19.75 -8.62
C GLU C 478 32.63 -19.05 -9.57
N PRO C 479 32.97 -17.84 -10.03
CA PRO C 479 32.02 -17.07 -10.85
C PRO C 479 31.83 -17.62 -12.26
N GLU C 480 31.09 -16.86 -13.08
CA GLU C 480 30.78 -17.32 -14.43
C GLU C 480 32.03 -17.28 -15.32
N ILE C 481 32.73 -16.15 -15.34
CA ILE C 481 33.94 -16.00 -16.14
C ILE C 481 35.15 -16.32 -15.27
N ASN C 482 36.06 -17.14 -15.81
CA ASN C 482 37.23 -17.58 -15.07
C ASN C 482 38.51 -16.88 -15.51
N LEU C 483 38.43 -15.95 -16.47
CA LEU C 483 39.57 -15.16 -16.90
C LEU C 483 40.73 -16.04 -17.40
N ASN C 484 40.39 -16.97 -18.29
CA ASN C 484 41.38 -17.89 -18.84
C ASN C 484 42.35 -17.16 -19.77
N MET D 1 -46.85 -36.85 -27.02
CA MET D 1 -46.86 -35.56 -27.69
C MET D 1 -48.02 -35.46 -28.68
N GLU D 2 -48.88 -34.46 -28.49
CA GLU D 2 -49.86 -34.15 -29.52
C GLU D 2 -49.14 -33.66 -30.76
N LYS D 3 -49.43 -34.30 -31.90
CA LYS D 3 -48.63 -34.07 -33.10
C LYS D 3 -48.76 -32.65 -33.62
N THR D 4 -49.89 -32.00 -33.38
CA THR D 4 -50.16 -30.68 -33.94
C THR D 4 -50.48 -29.69 -32.83
N TYR D 5 -49.85 -28.51 -32.90
CA TYR D 5 -50.10 -27.41 -31.98
C TYR D 5 -50.37 -26.14 -32.77
N ASN D 6 -51.36 -25.36 -32.32
CA ASN D 6 -51.69 -24.07 -32.92
C ASN D 6 -50.99 -22.99 -32.11
N LEU D 7 -50.05 -22.29 -32.74
CA LEU D 7 -49.20 -21.35 -32.01
C LEU D 7 -50.01 -20.18 -31.47
N ASN D 8 -50.74 -19.47 -32.35
CA ASN D 8 -51.45 -18.28 -31.93
C ASN D 8 -52.53 -18.61 -30.91
N ASP D 9 -53.14 -19.79 -30.99
CA ASP D 9 -54.18 -20.17 -30.04
C ASP D 9 -53.61 -20.41 -28.65
N ILE D 10 -52.44 -21.06 -28.57
CA ILE D 10 -51.78 -21.24 -27.29
C ILE D 10 -51.32 -19.89 -26.74
N LEU D 11 -50.87 -19.00 -27.63
CA LEU D 11 -50.38 -17.70 -27.16
C LEU D 11 -51.51 -16.82 -26.64
N LEU D 12 -52.68 -16.87 -27.29
CA LEU D 12 -53.80 -16.03 -26.85
C LEU D 12 -54.54 -16.62 -25.67
N SER D 13 -54.51 -17.95 -25.50
CA SER D 13 -55.27 -18.59 -24.43
C SER D 13 -54.67 -18.28 -23.07
N ASN D 14 -55.52 -18.29 -22.05
CA ASN D 14 -55.07 -18.10 -20.67
C ASN D 14 -54.50 -19.36 -20.06
N GLU D 15 -54.56 -20.49 -20.76
CA GLU D 15 -53.93 -21.74 -20.35
C GLU D 15 -52.49 -21.86 -20.84
N TYR D 16 -51.88 -20.75 -21.24
CA TYR D 16 -50.56 -20.76 -21.85
C TYR D 16 -49.49 -21.21 -20.85
N GLU D 17 -49.57 -20.72 -19.62
CA GLU D 17 -48.55 -21.03 -18.61
C GLU D 17 -48.55 -22.51 -18.25
N LYS D 18 -49.73 -23.07 -17.99
CA LYS D 18 -49.80 -24.48 -17.62
C LYS D 18 -49.40 -25.38 -18.78
N ILE D 19 -49.68 -24.96 -20.02
CA ILE D 19 -49.26 -25.75 -21.17
C ILE D 19 -47.73 -25.76 -21.29
N LYS D 20 -47.11 -24.59 -21.12
CA LYS D 20 -45.65 -24.53 -21.11
C LYS D 20 -45.08 -25.44 -20.03
N GLU D 21 -45.64 -25.38 -18.82
CA GLU D 21 -45.10 -26.19 -17.73
C GLU D 21 -45.31 -27.67 -17.97
N ASP D 22 -46.45 -28.05 -18.57
CA ASP D 22 -46.69 -29.46 -18.87
C ASP D 22 -45.69 -29.97 -19.90
N ILE D 23 -45.45 -29.19 -20.96
CA ILE D 23 -44.45 -29.59 -21.95
C ILE D 23 -43.08 -29.73 -21.31
N LYS D 24 -42.71 -28.76 -20.47
CA LYS D 24 -41.40 -28.80 -19.80
C LYS D 24 -41.27 -30.05 -18.93
N GLU D 25 -42.31 -30.34 -18.14
CA GLU D 25 -42.28 -31.51 -17.27
C GLU D 25 -42.16 -32.79 -18.07
N GLU D 26 -42.91 -32.90 -19.17
CA GLU D 26 -42.82 -34.09 -20.01
C GLU D 26 -41.41 -34.27 -20.55
N ILE D 27 -40.82 -33.18 -21.05
CA ILE D 27 -39.48 -33.29 -21.65
C ILE D 27 -38.46 -33.70 -20.61
N ILE D 28 -38.49 -33.07 -19.42
CA ILE D 28 -37.46 -33.36 -18.43
C ILE D 28 -37.63 -34.77 -17.87
N ASN D 29 -38.88 -35.22 -17.66
CA ASN D 29 -39.08 -36.58 -17.19
C ASN D 29 -38.64 -37.60 -18.22
N ASP D 30 -38.94 -37.37 -19.50
CA ASP D 30 -38.52 -38.30 -20.52
C ASP D 30 -36.99 -38.35 -20.64
N MET D 31 -36.33 -37.19 -20.50
CA MET D 31 -34.87 -37.19 -20.52
C MET D 31 -34.30 -37.95 -19.34
N ALA D 32 -34.90 -37.78 -18.16
CA ALA D 32 -34.44 -38.53 -16.99
C ALA D 32 -34.64 -40.03 -17.18
N SER D 33 -35.69 -40.43 -17.88
CA SER D 33 -35.96 -41.85 -18.05
C SER D 33 -34.97 -42.52 -18.99
N LYS D 34 -34.51 -41.82 -20.02
CA LYS D 34 -33.68 -42.41 -21.06
C LYS D 34 -32.20 -42.11 -20.84
N LYS D 35 -31.36 -42.85 -21.55
CA LYS D 35 -29.91 -42.76 -21.44
C LYS D 35 -29.30 -42.53 -22.82
N VAL D 36 -28.29 -41.68 -22.88
CA VAL D 36 -27.68 -41.29 -24.15
C VAL D 36 -26.62 -42.31 -24.54
N LYS D 37 -26.56 -42.62 -25.84
CA LYS D 37 -25.65 -43.62 -26.39
C LYS D 37 -24.75 -42.95 -27.40
N TYR D 38 -23.45 -43.17 -27.28
CA TYR D 38 -22.45 -42.54 -28.14
C TYR D 38 -21.80 -43.61 -29.02
N SER D 39 -21.94 -43.44 -30.35
CA SER D 39 -21.33 -44.38 -31.27
C SER D 39 -19.82 -44.17 -31.39
N ASN D 40 -19.36 -42.94 -31.17
CA ASN D 40 -17.95 -42.58 -31.34
C ASN D 40 -17.44 -42.93 -32.73
N THR D 41 -18.31 -42.83 -33.73
CA THR D 41 -17.95 -43.10 -35.11
C THR D 41 -18.73 -42.17 -36.02
N SER D 42 -18.52 -42.31 -37.32
CA SER D 42 -19.23 -41.46 -38.29
C SER D 42 -20.73 -41.69 -38.22
N GLU D 43 -21.15 -42.94 -38.02
CA GLU D 43 -22.56 -43.23 -37.87
C GLU D 43 -23.07 -42.79 -36.50
N PHE D 44 -24.34 -42.44 -36.44
CA PHE D 44 -24.96 -41.89 -35.25
C PHE D 44 -26.01 -42.87 -34.71
N ALA D 45 -25.99 -43.09 -33.40
CA ALA D 45 -26.84 -44.10 -32.79
C ALA D 45 -28.30 -43.64 -32.76
N LYS D 46 -29.19 -44.61 -32.53
CA LYS D 46 -30.63 -44.35 -32.50
C LYS D 46 -31.05 -44.00 -31.07
N ASN D 47 -30.84 -42.73 -30.73
CA ASN D 47 -31.27 -42.20 -29.44
C ASN D 47 -32.55 -41.42 -29.65
N ASP D 48 -33.64 -41.91 -29.07
CA ASP D 48 -34.97 -41.32 -29.25
C ASP D 48 -35.37 -40.61 -27.96
N PHE D 49 -35.32 -39.27 -27.99
CA PHE D 49 -35.76 -38.43 -26.89
C PHE D 49 -36.98 -37.64 -27.32
N LEU D 50 -37.70 -37.09 -26.33
CA LEU D 50 -38.88 -36.30 -26.63
C LEU D 50 -38.51 -35.00 -27.34
N LYS D 51 -37.32 -34.46 -27.07
CA LYS D 51 -36.88 -33.24 -27.73
C LYS D 51 -36.63 -33.47 -29.22
N ASP D 52 -36.17 -34.66 -29.59
CA ASP D 52 -35.80 -34.93 -30.98
C ASP D 52 -37.00 -35.20 -31.88
N GLU D 53 -38.14 -35.60 -31.30
CA GLU D 53 -39.31 -35.92 -32.12
C GLU D 53 -39.88 -34.66 -32.75
N PHE D 54 -40.34 -34.80 -33.99
CA PHE D 54 -40.90 -33.68 -34.73
C PHE D 54 -42.38 -33.50 -34.41
N ILE D 55 -42.85 -32.26 -34.59
CA ILE D 55 -44.25 -31.89 -34.46
C ILE D 55 -44.59 -30.87 -35.52
N ASP D 56 -45.89 -30.71 -35.75
CA ASP D 56 -46.43 -29.78 -36.73
C ASP D 56 -47.03 -28.59 -36.00
N LEU D 57 -46.66 -27.38 -36.42
CA LEU D 57 -47.08 -26.15 -35.77
C LEU D 57 -47.90 -25.34 -36.76
N VAL D 58 -49.07 -24.87 -36.32
CA VAL D 58 -49.96 -24.08 -37.15
C VAL D 58 -49.78 -22.62 -36.74
N VAL D 59 -49.20 -21.83 -37.64
CA VAL D 59 -48.98 -20.41 -37.41
C VAL D 59 -49.59 -19.63 -38.58
N ASP D 60 -50.54 -18.75 -38.28
CA ASP D 60 -51.20 -17.90 -39.27
C ASP D 60 -51.77 -18.72 -40.43
N GLY D 61 -52.25 -19.93 -40.13
CA GLY D 61 -52.84 -20.77 -41.16
C GLY D 61 -51.86 -21.53 -42.03
N GLU D 62 -50.59 -21.61 -41.62
CA GLU D 62 -49.58 -22.36 -42.35
C GLU D 62 -48.90 -23.35 -41.42
N THR D 63 -48.46 -24.46 -41.97
CA THR D 63 -47.88 -25.55 -41.20
C THR D 63 -46.36 -25.52 -41.31
N TYR D 64 -45.69 -25.45 -40.15
CA TYR D 64 -44.24 -25.48 -40.06
C TYR D 64 -43.84 -26.68 -39.21
N GLU D 65 -42.85 -27.44 -39.67
CA GLU D 65 -42.41 -28.65 -38.98
C GLU D 65 -41.21 -28.32 -38.10
N ILE D 66 -41.38 -28.43 -36.78
CA ILE D 66 -40.31 -28.10 -35.83
C ILE D 66 -40.28 -29.17 -34.76
N THR D 67 -39.21 -29.17 -33.96
CA THR D 67 -39.12 -30.16 -32.91
C THR D 67 -39.91 -29.71 -31.68
N TYR D 68 -40.08 -30.64 -30.74
CA TYR D 68 -40.85 -30.37 -29.53
C TYR D 68 -40.12 -29.38 -28.62
N GLY D 69 -38.82 -29.58 -28.44
CA GLY D 69 -38.02 -28.60 -27.71
C GLY D 69 -38.03 -27.24 -28.38
N ASN D 70 -37.99 -27.22 -29.72
CA ASN D 70 -38.19 -25.97 -30.44
C ASN D 70 -39.53 -25.35 -30.09
N LEU D 71 -40.56 -26.17 -29.91
CA LEU D 71 -41.88 -25.65 -29.56
C LEU D 71 -41.87 -25.00 -28.18
N ILE D 72 -41.29 -25.67 -27.19
CA ILE D 72 -41.32 -25.11 -25.84
C ILE D 72 -40.45 -23.85 -25.77
N THR D 73 -39.31 -23.85 -26.47
CA THR D 73 -38.49 -22.64 -26.51
C THR D 73 -39.22 -21.51 -27.23
N LEU D 74 -39.97 -21.84 -28.28
CA LEU D 74 -40.74 -20.83 -29.00
C LEU D 74 -41.83 -20.24 -28.12
N LEU D 75 -42.46 -21.08 -27.30
CA LEU D 75 -43.46 -20.58 -26.36
C LEU D 75 -42.83 -19.66 -25.33
N ILE D 76 -41.63 -20.02 -24.85
CA ILE D 76 -40.93 -19.14 -23.91
C ILE D 76 -40.62 -17.79 -24.57
N VAL D 77 -40.17 -17.83 -25.84
CA VAL D 77 -39.76 -16.59 -26.52
C VAL D 77 -40.95 -15.81 -27.05
N ALA D 78 -42.18 -16.33 -26.91
CA ALA D 78 -43.38 -15.68 -27.44
C ALA D 78 -44.25 -15.09 -26.33
N ARG D 79 -43.64 -14.78 -25.18
CA ARG D 79 -44.37 -14.10 -24.11
C ARG D 79 -45.02 -12.77 -24.52
N PRO D 80 -44.42 -11.94 -25.38
CA PRO D 80 -45.09 -10.68 -25.74
C PRO D 80 -46.49 -10.86 -26.30
N PHE D 81 -46.73 -11.94 -27.02
CA PHE D 81 -48.03 -12.13 -27.66
C PHE D 81 -49.10 -12.55 -26.65
N ASN D 82 -48.71 -13.24 -25.59
CA ASN D 82 -49.65 -13.50 -24.50
C ASN D 82 -49.86 -12.24 -23.66
N HIS D 83 -48.83 -11.41 -23.50
CA HIS D 83 -48.98 -10.21 -22.69
C HIS D 83 -49.87 -9.18 -23.37
N PHE D 84 -49.64 -8.93 -24.66
CA PHE D 84 -50.35 -7.90 -25.39
C PHE D 84 -51.61 -8.41 -26.09
N LYS D 85 -51.84 -9.71 -26.08
CA LYS D 85 -53.00 -10.31 -26.75
C LYS D 85 -53.00 -10.03 -28.25
N VAL D 86 -51.81 -9.99 -28.84
CA VAL D 86 -51.66 -9.76 -30.28
C VAL D 86 -51.27 -11.07 -30.94
N PRO D 87 -51.77 -11.37 -32.14
CA PRO D 87 -51.44 -12.65 -32.78
C PRO D 87 -49.98 -12.73 -33.17
N MET D 88 -49.40 -13.92 -33.03
CA MET D 88 -48.04 -14.15 -33.47
C MET D 88 -47.93 -13.96 -34.97
N THR D 89 -46.96 -13.16 -35.39
CA THR D 89 -46.75 -12.84 -36.79
C THR D 89 -45.66 -13.73 -37.37
N GLU D 90 -45.88 -14.23 -38.59
CA GLU D 90 -44.96 -15.21 -39.16
C GLU D 90 -43.58 -14.61 -39.40
N ASP D 91 -43.49 -13.29 -39.58
CA ASP D 91 -42.18 -12.66 -39.73
C ASP D 91 -41.40 -12.67 -38.43
N LEU D 92 -42.08 -12.79 -37.28
CA LEU D 92 -41.43 -12.91 -35.98
C LEU D 92 -41.11 -14.37 -35.67
N LEU D 93 -40.54 -15.07 -36.65
CA LEU D 93 -40.19 -16.47 -36.53
C LEU D 93 -38.83 -16.69 -37.16
N PHE D 94 -38.11 -17.69 -36.68
CA PHE D 94 -36.75 -17.95 -37.14
C PHE D 94 -36.42 -19.41 -36.89
N ASP D 95 -35.18 -19.79 -37.24
CA ASP D 95 -34.67 -21.13 -36.99
C ASP D 95 -34.28 -21.24 -35.52
N LEU D 96 -35.13 -21.89 -34.72
CA LEU D 96 -34.84 -22.08 -33.31
C LEU D 96 -33.68 -23.04 -33.07
N SER D 97 -33.18 -23.70 -34.12
CA SER D 97 -31.99 -24.54 -33.97
C SER D 97 -30.72 -23.70 -33.89
N ASP D 98 -30.67 -22.62 -34.67
CA ASP D 98 -29.51 -21.73 -34.68
C ASP D 98 -29.61 -20.75 -33.53
N LEU D 99 -28.65 -20.81 -32.61
CA LEU D 99 -28.68 -19.92 -31.44
C LEU D 99 -28.31 -18.49 -31.81
N LYS D 100 -27.40 -18.32 -32.79
CA LYS D 100 -26.91 -16.99 -33.13
C LYS D 100 -28.03 -16.05 -33.54
N GLU D 101 -29.12 -16.58 -34.10
CA GLU D 101 -30.21 -15.74 -34.55
C GLU D 101 -31.10 -15.24 -33.42
N TYR D 102 -31.03 -15.87 -32.23
CA TYR D 102 -31.90 -15.47 -31.13
C TYR D 102 -31.83 -13.98 -30.87
N GLN D 103 -30.61 -13.46 -30.71
CA GLN D 103 -30.41 -12.02 -30.50
C GLN D 103 -31.20 -11.21 -31.52
N ASN D 104 -31.07 -11.55 -32.81
CA ASN D 104 -31.79 -10.84 -33.85
C ASN D 104 -33.29 -10.76 -33.53
N TYR D 105 -33.90 -11.89 -33.21
CA TYR D 105 -35.31 -11.89 -32.82
C TYR D 105 -35.56 -10.84 -31.76
N TYR D 106 -34.80 -10.89 -30.65
CA TYR D 106 -34.96 -9.93 -29.57
C TYR D 106 -34.89 -8.51 -30.12
N THR D 107 -33.87 -8.23 -30.95
CA THR D 107 -33.75 -6.90 -31.54
C THR D 107 -35.03 -6.53 -32.28
N THR D 108 -35.50 -7.41 -33.17
CA THR D 108 -36.73 -7.14 -33.90
C THR D 108 -37.88 -6.89 -32.93
N LEU D 109 -37.94 -7.66 -31.85
CA LEU D 109 -38.95 -7.43 -30.82
C LEU D 109 -38.91 -5.99 -30.35
N LEU D 110 -37.72 -5.52 -29.97
CA LEU D 110 -37.58 -4.14 -29.51
C LEU D 110 -38.04 -3.15 -30.57
N GLU D 111 -37.85 -3.48 -31.85
CA GLU D 111 -38.31 -2.57 -32.90
C GLU D 111 -39.79 -2.73 -33.19
N HIS D 112 -40.36 -3.91 -32.90
CA HIS D 112 -41.74 -4.14 -33.28
C HIS D 112 -42.71 -3.45 -32.34
N PHE D 113 -42.39 -3.40 -31.05
CA PHE D 113 -43.25 -2.78 -30.05
C PHE D 113 -42.80 -1.37 -29.70
N GLY D 114 -41.96 -0.75 -30.54
CA GLY D 114 -41.58 0.64 -30.36
C GLY D 114 -40.71 0.91 -29.15
N TYR D 115 -39.84 -0.04 -28.78
CA TYR D 115 -38.95 0.11 -27.63
C TYR D 115 -39.72 0.47 -26.36
N SER D 116 -40.89 -0.16 -26.19
CA SER D 116 -41.68 0.08 -25.00
C SER D 116 -40.96 -0.45 -23.77
N ASN D 117 -41.24 0.16 -22.62
CA ASN D 117 -40.70 -0.37 -21.36
C ASN D 117 -41.26 -1.76 -21.08
N GLU D 118 -42.51 -1.99 -21.46
CA GLU D 118 -43.14 -3.30 -21.21
C GLU D 118 -42.47 -4.39 -22.03
N ILE D 119 -42.14 -4.11 -23.30
CA ILE D 119 -41.47 -5.14 -24.11
C ILE D 119 -40.09 -5.43 -23.56
N LYS D 120 -39.43 -4.44 -22.96
CA LYS D 120 -38.14 -4.68 -22.34
C LYS D 120 -38.29 -5.56 -21.10
N SER D 121 -39.31 -5.29 -20.29
CA SER D 121 -39.63 -6.18 -19.17
C SER D 121 -39.90 -7.59 -19.64
N ILE D 122 -40.60 -7.75 -20.77
CA ILE D 122 -40.91 -9.07 -21.28
C ILE D 122 -39.64 -9.77 -21.76
N ILE D 123 -38.73 -9.02 -22.38
CA ILE D 123 -37.44 -9.61 -22.77
C ILE D 123 -36.71 -10.14 -21.55
N LYS D 124 -36.68 -9.35 -20.47
CA LYS D 124 -36.00 -9.81 -19.26
C LYS D 124 -36.69 -11.05 -18.68
N ASP D 125 -38.02 -11.10 -18.75
CA ASP D 125 -38.76 -12.26 -18.26
C ASP D 125 -38.42 -13.51 -19.09
N VAL D 126 -38.37 -13.35 -20.41
CA VAL D 126 -38.04 -14.47 -21.29
C VAL D 126 -36.63 -14.96 -21.00
N ILE D 127 -35.70 -14.05 -20.76
CA ILE D 127 -34.33 -14.45 -20.44
C ILE D 127 -34.30 -15.27 -19.16
N SER D 128 -35.01 -14.81 -18.14
CA SER D 128 -35.03 -15.54 -16.86
C SER D 128 -35.62 -16.94 -17.03
N GLU D 129 -36.78 -17.04 -17.70
CA GLU D 129 -37.42 -18.33 -17.86
C GLU D 129 -36.57 -19.29 -18.68
N LEU D 130 -35.98 -18.78 -19.77
CA LEU D 130 -35.11 -19.61 -20.60
C LEU D 130 -33.89 -20.08 -19.82
N ALA D 131 -33.36 -19.23 -18.93
CA ALA D 131 -32.23 -19.64 -18.11
C ALA D 131 -32.61 -20.75 -17.14
N ILE D 132 -33.79 -20.64 -16.52
CA ILE D 132 -34.25 -21.68 -15.61
C ILE D 132 -34.39 -23.00 -16.35
N PHE D 133 -35.01 -22.97 -17.54
CA PHE D 133 -35.16 -24.19 -18.30
C PHE D 133 -33.80 -24.74 -18.75
N SER D 134 -32.84 -23.85 -19.02
CA SER D 134 -31.49 -24.30 -19.36
C SER D 134 -30.86 -25.05 -18.20
N GLY D 135 -31.02 -24.53 -16.98
CA GLY D 135 -30.53 -25.24 -15.82
C GLY D 135 -31.17 -26.61 -15.66
N ASP D 136 -32.48 -26.69 -15.92
CA ASP D 136 -33.17 -27.98 -15.85
C ASP D 136 -32.59 -28.96 -16.87
N ILE D 137 -32.41 -28.50 -18.12
CA ILE D 137 -31.85 -29.36 -19.15
C ILE D 137 -30.45 -29.83 -18.75
N ASN D 138 -29.66 -28.94 -18.16
CA ASN D 138 -28.29 -29.29 -17.82
C ASN D 138 -28.22 -30.30 -16.68
N VAL D 139 -29.10 -30.17 -15.68
CA VAL D 139 -29.05 -31.12 -14.57
C VAL D 139 -29.60 -32.48 -15.01
N THR D 140 -30.69 -32.48 -15.79
CA THR D 140 -31.27 -33.75 -16.22
C THR D 140 -30.40 -34.41 -17.29
N PHE D 141 -30.00 -33.65 -18.30
CA PHE D 141 -29.09 -34.13 -19.34
C PHE D 141 -27.69 -33.65 -18.96
N GLY D 142 -26.93 -34.53 -18.32
CA GLY D 142 -25.65 -34.12 -17.77
C GLY D 142 -24.62 -33.77 -18.84
N ASN D 143 -23.63 -32.99 -18.41
CA ASN D 143 -22.46 -32.66 -19.21
C ASN D 143 -21.22 -33.07 -18.42
N THR D 144 -20.26 -33.70 -19.10
CA THR D 144 -19.11 -34.28 -18.41
C THR D 144 -17.90 -34.26 -19.34
N VAL D 145 -16.73 -33.99 -18.76
CA VAL D 145 -15.45 -34.07 -19.47
C VAL D 145 -14.62 -35.17 -18.80
N SER D 146 -14.02 -36.03 -19.62
CA SER D 146 -13.20 -37.14 -19.12
C SER D 146 -12.22 -37.55 -20.20
N ILE D 147 -11.15 -38.23 -19.76
CA ILE D 147 -10.14 -38.72 -20.70
C ILE D 147 -10.63 -39.97 -21.44
N LYS D 148 -11.43 -40.80 -20.75
CA LYS D 148 -11.95 -42.01 -21.39
C LYS D 148 -12.75 -41.70 -22.63
N SER D 149 -13.36 -40.50 -22.71
CA SER D 149 -14.06 -40.09 -23.92
C SER D 149 -13.11 -40.07 -25.11
N LEU D 150 -12.00 -39.34 -24.97
CA LEU D 150 -11.02 -39.28 -26.06
C LEU D 150 -10.42 -40.65 -26.35
N ILE D 151 -10.21 -41.45 -25.30
CA ILE D 151 -9.62 -42.78 -25.50
C ILE D 151 -10.56 -43.66 -26.31
N ASP D 152 -11.86 -43.63 -26.00
CA ASP D 152 -12.81 -44.43 -26.76
C ASP D 152 -12.95 -43.94 -28.20
N LEU D 153 -13.00 -42.62 -28.39
CA LEU D 153 -13.07 -42.09 -29.75
C LEU D 153 -11.85 -42.51 -30.55
N GLY D 154 -10.68 -42.57 -29.92
CA GLY D 154 -9.50 -43.07 -30.59
C GLY D 154 -9.55 -44.57 -30.84
N ASN D 155 -10.19 -45.32 -29.94
CA ASN D 155 -10.40 -46.74 -30.17
C ASN D 155 -11.20 -46.98 -31.45
N LYS D 156 -12.29 -46.23 -31.63
CA LYS D 156 -13.11 -46.43 -32.81
C LYS D 156 -12.48 -45.85 -34.06
N VAL D 157 -11.87 -44.66 -33.96
CA VAL D 157 -11.27 -43.99 -35.10
C VAL D 157 -9.76 -43.94 -34.88
N LYS D 158 -9.01 -44.65 -35.72
CA LYS D 158 -7.56 -44.72 -35.53
C LYS D 158 -6.86 -43.41 -35.88
N ARG D 159 -7.46 -42.60 -36.76
CA ARG D 159 -6.85 -41.32 -37.12
C ARG D 159 -6.77 -40.41 -35.89
N PHE D 160 -7.78 -40.47 -35.02
CA PHE D 160 -7.73 -39.71 -33.78
C PHE D 160 -6.54 -40.15 -32.93
N ARG D 161 -6.29 -41.47 -32.84
CA ARG D 161 -5.15 -41.95 -32.08
C ARG D 161 -3.83 -41.53 -32.71
N GLU D 162 -3.75 -41.56 -34.04
CA GLU D 162 -2.53 -41.11 -34.72
C GLU D 162 -2.25 -39.65 -34.44
N LEU D 163 -3.29 -38.81 -34.44
CA LEU D 163 -3.10 -37.40 -34.17
C LEU D 163 -2.75 -37.16 -32.70
N LEU D 164 -3.39 -37.89 -31.78
CA LEU D 164 -3.08 -37.73 -30.36
C LEU D 164 -1.66 -38.16 -30.05
N HIS D 165 -1.12 -39.13 -30.80
CA HIS D 165 0.24 -39.60 -30.61
C HIS D 165 1.22 -38.96 -31.57
N TYR D 166 0.81 -37.89 -32.26
CA TYR D 166 1.67 -37.26 -33.24
C TYR D 166 2.87 -36.60 -32.59
N ARG D 167 4.00 -36.63 -33.29
CA ARG D 167 5.23 -35.99 -32.86
C ARG D 167 5.93 -35.42 -34.08
N LEU D 168 6.46 -34.21 -33.95
CA LEU D 168 7.17 -33.58 -35.05
C LEU D 168 8.45 -34.36 -35.33
N PRO D 169 8.79 -34.60 -36.60
CA PRO D 169 9.98 -35.40 -36.92
C PRO D 169 11.25 -34.65 -36.58
N ASN D 170 12.02 -35.20 -35.64
CA ASN D 170 13.34 -34.67 -35.31
C ASN D 170 14.43 -35.19 -36.23
N ASP D 171 14.11 -36.13 -37.12
CA ASP D 171 15.11 -36.64 -38.05
C ASP D 171 15.43 -35.62 -39.13
N GLU D 172 14.44 -34.85 -39.57
CA GLU D 172 14.60 -33.89 -40.64
C GLU D 172 14.41 -32.47 -40.11
N ALA D 173 15.11 -31.52 -40.74
CA ALA D 173 15.07 -30.14 -40.30
C ALA D 173 13.75 -29.49 -40.70
N LEU D 174 13.20 -28.67 -39.79
CA LEU D 174 11.93 -28.00 -40.02
C LEU D 174 12.05 -26.54 -39.59
N GLU D 175 11.53 -25.65 -40.42
CA GLU D 175 11.50 -24.24 -40.08
C GLU D 175 10.28 -23.94 -39.20
N PHE D 176 10.31 -22.75 -38.59
CA PHE D 176 9.28 -22.39 -37.62
C PHE D 176 7.89 -22.30 -38.27
N ASN D 177 7.82 -21.71 -39.46
CA ASN D 177 6.54 -21.55 -40.13
C ASN D 177 5.94 -22.90 -40.50
N ASP D 178 6.79 -23.85 -40.90
CA ASP D 178 6.29 -25.21 -41.18
C ASP D 178 5.75 -25.86 -39.92
N ILE D 179 6.38 -25.61 -38.78
CA ILE D 179 5.87 -26.13 -37.50
C ILE D 179 4.49 -25.55 -37.23
N GLU D 180 4.34 -24.24 -37.40
CA GLU D 180 3.04 -23.60 -37.18
C GLU D 180 1.98 -24.16 -38.11
N ALA D 181 2.33 -24.38 -39.38
CA ALA D 181 1.38 -24.93 -40.33
C ALA D 181 1.01 -26.36 -39.96
N ILE D 182 1.96 -27.15 -39.46
CA ILE D 182 1.66 -28.50 -39.00
C ILE D 182 0.66 -28.46 -37.86
N ILE D 183 0.90 -27.57 -36.88
CA ILE D 183 -0.03 -27.43 -35.76
C ILE D 183 -1.42 -27.09 -36.26
N LYS D 184 -1.52 -26.11 -37.18
CA LYS D 184 -2.84 -25.69 -37.65
C LYS D 184 -3.54 -26.81 -38.40
N LYS D 185 -2.83 -27.53 -39.28
CA LYS D 185 -3.44 -28.62 -40.02
C LYS D 185 -3.96 -29.70 -39.07
N ASN D 186 -3.12 -30.15 -38.14
CA ASN D 186 -3.53 -31.22 -37.23
C ASN D 186 -4.66 -30.77 -36.32
N LEU D 187 -4.67 -29.50 -35.90
CA LEU D 187 -5.74 -29.01 -35.03
C LEU D 187 -7.06 -28.93 -35.79
N ASP D 188 -7.01 -28.48 -37.05
CA ASP D 188 -8.23 -28.48 -37.86
C ASP D 188 -8.75 -29.89 -38.05
N GLU D 189 -7.85 -30.86 -38.26
CA GLU D 189 -8.30 -32.24 -38.41
C GLU D 189 -8.92 -32.76 -37.11
N ILE D 190 -8.33 -32.39 -35.96
CA ILE D 190 -8.88 -32.79 -34.67
C ILE D 190 -10.30 -32.24 -34.51
N MET D 191 -10.48 -30.95 -34.81
CA MET D 191 -11.80 -30.35 -34.69
C MET D 191 -12.80 -30.99 -35.64
N LYS D 192 -12.36 -31.33 -36.86
CA LYS D 192 -13.25 -31.98 -37.81
C LYS D 192 -13.66 -33.37 -37.32
N ILE D 193 -12.72 -34.12 -36.74
CA ILE D 193 -13.07 -35.43 -36.20
C ILE D 193 -14.06 -35.28 -35.04
N LEU D 194 -13.86 -34.28 -34.20
CA LEU D 194 -14.79 -34.04 -33.10
C LEU D 194 -16.18 -33.66 -33.59
N SER D 195 -16.26 -32.94 -34.71
CA SER D 195 -17.56 -32.50 -35.20
C SER D 195 -18.26 -33.57 -36.03
N GLU D 196 -17.52 -34.45 -36.69
CA GLU D 196 -18.09 -35.40 -37.64
C GLU D 196 -18.53 -36.71 -37.02
N THR D 197 -18.18 -36.98 -35.76
CA THR D 197 -18.53 -38.24 -35.11
C THR D 197 -19.32 -37.98 -33.83
N ASP D 198 -20.00 -39.02 -33.36
CA ASP D 198 -20.87 -38.93 -32.19
C ASP D 198 -20.07 -39.26 -30.95
N ASN D 199 -19.40 -38.24 -30.39
CA ASN D 199 -18.62 -38.39 -29.16
C ASN D 199 -19.30 -37.64 -28.02
N MET D 200 -18.79 -37.88 -26.81
CA MET D 200 -19.34 -37.21 -25.63
C MET D 200 -19.06 -35.72 -25.62
N LEU D 201 -18.10 -35.26 -26.43
CA LEU D 201 -17.74 -33.85 -26.49
C LEU D 201 -18.36 -33.14 -27.69
N ARG D 202 -19.25 -33.81 -28.43
CA ARG D 202 -19.81 -33.22 -29.64
C ARG D 202 -20.66 -31.99 -29.32
N TYR D 203 -21.44 -32.06 -28.24
CA TYR D 203 -22.31 -30.93 -27.89
C TYR D 203 -21.49 -29.71 -27.50
N TYR D 204 -20.37 -29.91 -26.80
CA TYR D 204 -19.50 -28.80 -26.45
C TYR D 204 -19.01 -28.07 -27.70
N ILE D 205 -18.39 -28.81 -28.62
CA ILE D 205 -17.75 -28.18 -29.77
C ILE D 205 -18.80 -27.63 -30.74
N ASP D 206 -19.94 -28.29 -30.87
CA ASP D 206 -20.98 -27.77 -31.77
C ASP D 206 -21.69 -26.57 -31.18
N SER D 207 -21.79 -26.49 -29.86
CA SER D 207 -22.41 -25.34 -29.21
C SER D 207 -21.48 -24.14 -29.12
N GLY D 208 -20.19 -24.33 -29.34
CA GLY D 208 -19.22 -23.26 -29.17
C GLY D 208 -18.93 -22.89 -27.74
N ALA D 209 -19.44 -23.64 -26.77
CA ALA D 209 -19.25 -23.37 -25.36
C ALA D 209 -18.45 -24.50 -24.73
N GLY D 210 -17.40 -24.14 -23.99
CA GLY D 210 -16.59 -25.11 -23.29
C GLY D 210 -15.40 -25.64 -24.06
N ILE D 211 -15.23 -25.27 -25.33
CA ILE D 211 -14.12 -25.74 -26.16
C ILE D 211 -13.53 -24.55 -26.88
N ASN D 212 -12.25 -24.26 -26.60
CA ASN D 212 -11.45 -23.33 -27.38
C ASN D 212 -10.46 -24.14 -28.20
N SER D 213 -10.43 -23.89 -29.51
CA SER D 213 -9.68 -24.75 -30.42
C SER D 213 -8.20 -24.80 -30.07
N LYS D 214 -7.61 -23.64 -29.77
CA LYS D 214 -6.18 -23.60 -29.52
C LYS D 214 -5.80 -24.31 -28.23
N GLN D 215 -6.51 -24.02 -27.14
CA GLN D 215 -6.20 -24.65 -25.86
C GLN D 215 -6.47 -26.15 -25.91
N PHE D 216 -7.61 -26.55 -26.48
CA PHE D 216 -7.95 -27.97 -26.55
C PHE D 216 -6.97 -28.72 -27.44
N GLY D 217 -6.51 -28.07 -28.52
CA GLY D 217 -5.49 -28.69 -29.35
C GLY D 217 -4.15 -28.80 -28.67
N GLN D 218 -3.82 -27.84 -27.81
CA GLN D 218 -2.63 -27.97 -26.98
C GLN D 218 -2.77 -29.15 -26.03
N VAL D 219 -3.97 -29.38 -25.51
CA VAL D 219 -4.20 -30.51 -24.62
C VAL D 219 -4.05 -31.84 -25.37
N LEU D 220 -4.62 -31.92 -26.58
CA LEU D 220 -4.63 -33.18 -27.31
C LEU D 220 -3.32 -33.40 -28.07
N SER D 221 -2.96 -32.46 -28.94
CA SER D 221 -1.80 -32.59 -29.80
C SER D 221 -0.67 -31.67 -29.32
N LEU D 222 0.33 -31.49 -30.18
CA LEU D 222 1.53 -30.76 -29.80
C LEU D 222 1.20 -29.32 -29.40
N VAL D 223 1.98 -28.81 -28.45
CA VAL D 223 1.77 -27.45 -27.95
C VAL D 223 2.36 -26.43 -28.91
N GLY D 224 3.56 -26.68 -29.40
CA GLY D 224 4.20 -25.80 -30.35
C GLY D 224 5.22 -24.88 -29.71
N SER D 225 5.70 -23.94 -30.52
CA SER D 225 6.68 -22.97 -30.04
C SER D 225 6.01 -21.95 -29.11
N LYS D 226 6.78 -21.50 -28.12
CA LYS D 226 6.29 -20.56 -27.14
C LYS D 226 7.25 -19.38 -27.01
N PRO D 227 6.74 -18.19 -26.72
CA PRO D 227 7.60 -17.00 -26.75
C PRO D 227 8.33 -16.78 -25.44
N ASP D 228 9.30 -15.87 -25.49
CA ASP D 228 10.06 -15.43 -24.34
C ASP D 228 9.40 -14.21 -23.70
N LEU D 229 9.89 -13.86 -22.51
CA LEU D 229 9.37 -12.67 -21.81
C LEU D 229 9.59 -11.41 -22.63
N PHE D 230 10.72 -11.32 -23.33
CA PHE D 230 11.05 -10.16 -24.15
C PHE D 230 10.42 -10.21 -25.53
N GLY D 231 9.59 -11.21 -25.82
CA GLY D 231 8.95 -11.29 -27.11
C GLY D 231 9.75 -12.00 -28.19
N LYS D 232 10.85 -12.65 -27.84
CA LYS D 232 11.65 -13.39 -28.80
C LYS D 232 11.21 -14.85 -28.81
N ILE D 233 11.08 -15.41 -30.01
CA ILE D 233 10.61 -16.78 -30.14
C ILE D 233 11.68 -17.74 -29.63
N ILE D 234 11.29 -18.62 -28.73
CA ILE D 234 12.21 -19.59 -28.15
C ILE D 234 12.42 -20.72 -29.16
N PRO D 235 13.67 -21.10 -29.45
CA PRO D 235 13.90 -22.04 -30.56
C PRO D 235 13.26 -23.41 -30.36
N TYR D 236 13.47 -24.03 -29.21
CA TYR D 236 13.06 -25.42 -29.02
C TYR D 236 11.56 -25.50 -28.76
N PRO D 237 10.79 -26.18 -29.60
CA PRO D 237 9.35 -26.23 -29.42
C PRO D 237 8.92 -27.35 -28.48
N ILE D 238 7.64 -27.28 -28.08
CA ILE D 238 7.06 -28.25 -27.16
C ILE D 238 6.38 -29.32 -28.00
N ASN D 239 7.07 -30.44 -28.20
CA ASN D 239 6.57 -31.49 -29.09
C ASN D 239 5.40 -32.25 -28.48
N THR D 240 5.54 -32.68 -27.23
CA THR D 240 4.53 -33.52 -26.62
C THR D 240 3.39 -32.69 -26.03
N SER D 241 2.20 -33.29 -26.01
CA SER D 241 1.02 -32.63 -25.47
C SER D 241 1.01 -32.71 -23.95
N PHE D 242 0.26 -31.80 -23.33
CA PHE D 242 0.17 -31.77 -21.88
C PHE D 242 -0.31 -33.10 -21.31
N LEU D 243 -1.28 -33.72 -21.97
CA LEU D 243 -1.78 -35.01 -21.51
C LEU D 243 -0.73 -36.11 -21.68
N ARG D 244 0.04 -36.04 -22.78
CA ARG D 244 1.03 -37.08 -23.04
C ARG D 244 2.24 -36.94 -22.11
N GLY D 245 2.57 -35.73 -21.68
CA GLY D 245 3.66 -35.48 -20.76
C GLY D 245 4.38 -34.20 -21.11
N LEU D 246 5.54 -34.01 -20.51
CA LEU D 246 6.38 -32.85 -20.77
C LEU D 246 7.82 -33.17 -20.40
N ASP D 247 8.72 -32.32 -20.86
CA ASP D 247 10.14 -32.44 -20.54
C ASP D 247 10.57 -31.25 -19.68
N VAL D 248 11.74 -31.37 -19.07
CA VAL D 248 12.21 -30.34 -18.14
C VAL D 248 12.45 -29.03 -18.88
N ARG D 249 13.00 -29.10 -20.10
CA ARG D 249 13.18 -27.91 -20.91
C ARG D 249 11.84 -27.28 -21.25
N SER D 250 10.87 -28.12 -21.66
CA SER D 250 9.52 -27.63 -21.91
C SER D 250 8.90 -27.04 -20.66
N PHE D 251 9.21 -27.62 -19.49
CA PHE D 251 8.70 -27.07 -18.24
C PHE D 251 9.27 -25.68 -17.97
N TYR D 252 10.56 -25.48 -18.24
CA TYR D 252 11.15 -24.16 -18.09
C TYR D 252 10.49 -23.15 -19.01
N ILE D 253 10.27 -23.54 -20.27
CA ILE D 253 9.59 -22.64 -21.21
C ILE D 253 8.19 -22.28 -20.71
N ASN D 254 7.47 -23.28 -20.21
CA ASN D 254 6.10 -23.05 -19.74
C ASN D 254 6.06 -22.11 -18.53
N ALA D 255 6.96 -22.34 -17.57
CA ALA D 255 7.00 -21.48 -16.39
C ALA D 255 7.39 -20.05 -16.77
N LEU D 256 8.30 -19.90 -17.73
CA LEU D 256 8.67 -18.57 -18.21
C LEU D 256 7.46 -17.87 -18.83
N GLY D 257 6.69 -18.59 -19.64
CA GLY D 257 5.48 -18.00 -20.20
C GLY D 257 4.48 -17.58 -19.13
N ALA D 258 4.32 -18.41 -18.09
CA ALA D 258 3.41 -18.06 -17.00
C ALA D 258 3.87 -16.79 -16.28
N ARG D 259 5.18 -16.68 -16.03
CA ARG D 259 5.70 -15.47 -15.40
C ARG D 259 5.45 -14.24 -16.27
N LYS D 260 5.63 -14.38 -17.59
CA LYS D 260 5.31 -13.30 -18.51
C LYS D 260 3.86 -12.88 -18.38
N ALA D 261 2.95 -13.86 -18.30
CA ALA D 261 1.53 -13.55 -18.17
C ALA D 261 1.24 -12.78 -16.89
N LEU D 262 1.83 -13.21 -15.78
CA LEU D 262 1.61 -12.52 -14.50
C LEU D 262 2.13 -11.08 -14.55
N ILE D 263 3.33 -10.90 -15.10
CA ILE D 263 3.91 -9.56 -15.22
C ILE D 263 3.01 -8.67 -16.06
N THR D 264 2.52 -9.20 -17.19
CA THR D 264 1.63 -8.44 -18.06
C THR D 264 0.38 -8.00 -17.33
N ASN D 265 -0.25 -8.94 -16.61
CA ASN D 265 -1.45 -8.59 -15.85
C ASN D 265 -1.16 -7.48 -14.85
N TYR D 266 -0.04 -7.60 -14.13
CA TYR D 266 0.31 -6.60 -13.12
C TYR D 266 0.44 -5.21 -13.74
N GLN D 267 1.09 -5.11 -14.90
CA GLN D 267 1.29 -3.79 -15.50
C GLN D 267 -0.01 -3.24 -16.09
N GLN D 268 -0.82 -4.10 -16.69
CA GLN D 268 -2.06 -3.61 -17.29
C GLN D 268 -3.06 -3.15 -16.23
N VAL D 269 -3.03 -3.76 -15.04
CA VAL D 269 -3.84 -3.29 -13.92
C VAL D 269 -3.60 -1.80 -13.68
N ARG D 270 -2.36 -1.35 -13.82
CA ARG D 270 -2.04 0.05 -13.59
C ARG D 270 -2.36 0.91 -14.82
N ASN D 271 -2.17 0.38 -16.02
CA ASN D 271 -2.33 1.22 -17.21
C ASN D 271 -3.80 1.50 -17.55
N SER D 272 -4.67 0.51 -17.38
CA SER D 272 -6.05 0.62 -17.87
C SER D 272 -6.79 1.77 -17.20
N GLY D 273 -6.64 1.88 -15.87
CA GLY D 273 -7.34 2.93 -15.14
C GLY D 273 -6.93 4.32 -15.60
N TYR D 274 -5.63 4.52 -15.82
CA TYR D 274 -5.14 5.82 -16.29
C TYR D 274 -5.76 6.17 -17.64
N LEU D 275 -5.71 5.24 -18.59
CA LEU D 275 -6.23 5.54 -19.93
C LEU D 275 -7.73 5.87 -19.86
N THR D 276 -8.51 4.99 -19.22
CA THR D 276 -9.96 5.23 -19.17
C THR D 276 -10.28 6.49 -18.38
N ARG D 277 -9.47 6.83 -17.38
CA ARG D 277 -9.72 8.05 -16.61
C ARG D 277 -9.55 9.28 -17.48
N LYS D 278 -8.45 9.34 -18.24
CA LYS D 278 -8.25 10.49 -19.13
C LYS D 278 -9.41 10.63 -20.12
N ILE D 279 -9.76 9.54 -20.80
CA ILE D 279 -10.77 9.65 -21.85
C ILE D 279 -12.13 10.00 -21.26
N SER D 280 -12.47 9.40 -20.10
CA SER D 280 -13.76 9.70 -19.47
C SER D 280 -13.81 11.14 -18.99
N MET D 281 -12.74 11.63 -18.37
CA MET D 281 -12.72 13.01 -17.92
C MET D 281 -12.90 13.98 -19.08
N LEU D 282 -12.33 13.66 -20.25
CA LEU D 282 -12.51 14.55 -21.38
C LEU D 282 -13.94 14.49 -21.92
N LEU D 283 -14.48 13.28 -22.10
CA LEU D 283 -15.76 13.12 -22.79
C LEU D 283 -16.97 13.20 -21.85
N MET D 284 -16.77 13.50 -20.57
CA MET D 284 -17.90 13.54 -19.65
C MET D 284 -18.93 14.61 -20.01
N ASP D 285 -18.51 15.72 -20.60
CA ASP D 285 -19.40 16.86 -20.83
C ASP D 285 -20.06 16.87 -22.20
N THR D 286 -20.00 15.77 -22.95
CA THR D 286 -20.68 15.70 -24.23
C THR D 286 -22.18 15.65 -24.04
N LYS D 287 -22.91 16.44 -24.84
CA LYS D 287 -24.34 16.61 -24.66
C LYS D 287 -25.07 16.36 -25.98
N LEU D 288 -26.39 16.47 -25.94
CA LEU D 288 -27.26 16.26 -27.09
C LEU D 288 -28.46 17.19 -26.97
N ILE D 289 -28.89 17.75 -28.10
CA ILE D 289 -30.05 18.62 -28.15
C ILE D 289 -31.01 18.12 -29.23
N ASP D 290 -32.30 18.42 -29.05
CA ASP D 290 -33.33 17.98 -29.98
C ASP D 290 -33.59 19.07 -31.02
N LEU D 291 -32.62 19.20 -31.93
CA LEU D 291 -32.72 20.12 -33.05
C LEU D 291 -32.43 19.34 -34.33
N ASP D 292 -33.38 19.37 -35.27
CA ASP D 292 -33.25 18.55 -36.47
C ASP D 292 -32.08 18.99 -37.33
N ASP D 293 -31.97 20.29 -37.60
CA ASP D 293 -30.91 20.85 -38.44
C ASP D 293 -30.15 21.92 -37.66
N CYS D 294 -28.84 21.76 -37.57
CA CYS D 294 -27.99 22.71 -36.89
C CYS D 294 -27.45 23.80 -37.80
N GLY D 295 -27.75 23.73 -39.09
CA GLY D 295 -27.19 24.67 -40.05
C GLY D 295 -25.80 24.34 -40.52
N SER D 296 -25.27 23.17 -40.17
CA SER D 296 -23.93 22.80 -40.59
C SER D 296 -23.85 22.74 -42.10
N HIS D 297 -22.75 23.26 -42.65
CA HIS D 297 -22.58 23.31 -44.09
C HIS D 297 -22.40 21.92 -44.68
N GLU D 298 -23.05 21.68 -45.83
CA GLU D 298 -22.93 20.39 -46.49
C GLU D 298 -21.49 20.13 -46.93
N ASN D 299 -20.79 21.17 -47.38
CA ASN D 299 -19.38 21.01 -47.72
C ASN D 299 -18.56 20.70 -46.48
N ASN D 300 -18.99 21.18 -45.32
CA ASN D 300 -18.25 20.94 -44.09
C ASN D 300 -18.40 19.51 -43.57
N TYR D 301 -19.42 18.78 -44.01
CA TYR D 301 -19.53 17.37 -43.69
C TYR D 301 -18.29 16.63 -44.19
N LEU D 302 -17.56 16.01 -43.28
CA LEU D 302 -16.30 15.38 -43.65
C LEU D 302 -16.54 14.06 -44.38
N SER D 303 -15.49 13.57 -45.02
CA SER D 303 -15.57 12.41 -45.89
C SER D 303 -14.90 11.20 -45.24
N ILE D 304 -15.34 10.02 -45.67
CA ILE D 304 -14.79 8.76 -45.19
C ILE D 304 -14.75 7.78 -46.36
N ASN D 305 -13.72 6.94 -46.37
CA ASN D 305 -13.50 5.99 -47.45
C ASN D 305 -14.11 4.64 -47.06
N VAL D 306 -15.03 4.16 -47.89
CA VAL D 306 -15.62 2.84 -47.70
C VAL D 306 -14.67 1.80 -48.28
N GLU D 307 -13.55 1.55 -47.60
CA GLU D 307 -12.52 0.68 -48.15
C GLU D 307 -12.94 -0.79 -48.12
N ASN D 308 -13.51 -1.23 -47.01
CA ASN D 308 -13.89 -2.64 -46.85
C ASN D 308 -15.27 -2.71 -46.20
N LYS D 309 -15.67 -3.93 -45.85
CA LYS D 309 -16.99 -4.15 -45.27
C LYS D 309 -17.07 -3.69 -43.82
N ASP D 310 -15.99 -3.81 -43.05
CA ASP D 310 -16.02 -3.40 -41.66
C ASP D 310 -16.21 -1.90 -41.53
N VAL D 311 -15.57 -1.13 -42.40
CA VAL D 311 -15.74 0.32 -42.38
C VAL D 311 -17.19 0.70 -42.65
N LEU D 312 -17.86 -0.03 -43.54
CA LEU D 312 -19.28 0.18 -43.75
C LEU D 312 -20.09 -0.26 -42.55
N LYS D 313 -19.62 -1.29 -41.83
CA LYS D 313 -20.33 -1.75 -40.64
C LYS D 313 -20.27 -0.73 -39.52
N ARG D 314 -19.18 0.03 -39.44
CA ARG D 314 -19.08 1.06 -38.40
C ARG D 314 -20.23 2.06 -38.47
N PHE D 315 -20.62 2.45 -39.67
CA PHE D 315 -21.66 3.47 -39.85
C PHE D 315 -23.02 2.79 -39.99
N SER D 316 -23.81 2.85 -38.93
CA SER D 316 -25.20 2.42 -38.96
C SER D 316 -26.05 3.51 -38.32
N LYS D 317 -27.29 3.64 -38.80
CA LYS D 317 -28.15 4.77 -38.44
C LYS D 317 -27.46 6.09 -38.75
N ARG D 318 -26.73 6.11 -39.86
CA ARG D 318 -25.88 7.22 -40.26
C ARG D 318 -26.37 7.78 -41.60
N SER D 319 -26.29 9.10 -41.76
CA SER D 319 -26.79 9.76 -42.95
C SER D 319 -25.65 10.01 -43.95
N TYR D 320 -26.02 10.15 -45.22
CA TYR D 320 -25.08 10.49 -46.27
C TYR D 320 -25.84 11.16 -47.40
N LEU D 321 -25.12 11.90 -48.22
CA LEU D 321 -25.73 12.71 -49.27
C LEU D 321 -25.71 11.94 -50.58
N ASN D 322 -26.88 11.76 -51.19
CA ASN D 322 -26.97 11.10 -52.48
C ASN D 322 -26.57 12.06 -53.59
N ASN D 323 -26.65 11.60 -54.83
CA ASN D 323 -26.27 12.44 -55.97
C ASN D 323 -27.38 13.42 -56.37
N ASN D 324 -28.59 13.25 -55.84
CA ASN D 324 -29.61 14.29 -56.02
C ASN D 324 -29.35 15.52 -55.16
N GLY D 325 -28.61 15.38 -54.07
CA GLY D 325 -28.36 16.46 -53.16
C GLY D 325 -29.17 16.43 -51.88
N GLU D 326 -29.86 15.33 -51.60
CA GLU D 326 -30.70 15.19 -50.42
C GLU D 326 -30.08 14.22 -49.44
N LEU D 327 -30.16 14.55 -48.16
CA LEU D 327 -29.68 13.64 -47.12
C LEU D 327 -30.54 12.38 -47.08
N VAL D 328 -29.89 11.22 -47.00
CA VAL D 328 -30.58 9.94 -47.03
C VAL D 328 -29.83 8.98 -46.10
N GLU D 329 -30.58 8.13 -45.41
CA GLU D 329 -29.99 7.16 -44.49
C GLU D 329 -29.08 6.19 -45.24
N ILE D 330 -28.13 5.62 -44.50
CA ILE D 330 -27.23 4.60 -45.02
C ILE D 330 -27.77 3.23 -44.64
N ASP D 331 -27.86 2.33 -45.62
CA ASP D 331 -28.22 0.94 -45.39
C ASP D 331 -26.95 0.10 -45.45
N ILE D 332 -26.65 -0.60 -44.36
CA ILE D 332 -25.38 -1.33 -44.25
C ILE D 332 -25.33 -2.47 -45.25
N ASN D 333 -26.48 -3.01 -45.64
CA ASN D 333 -26.49 -4.20 -46.50
C ASN D 333 -26.09 -3.87 -47.93
N ASP D 334 -26.31 -2.64 -48.38
CA ASP D 334 -25.98 -2.27 -49.74
C ASP D 334 -24.48 -2.27 -49.96
N GLU D 335 -24.03 -2.96 -51.00
CA GLU D 335 -22.62 -3.03 -51.35
C GLU D 335 -22.23 -2.02 -52.42
N SER D 336 -23.19 -1.21 -52.90
CA SER D 336 -22.87 -0.21 -53.93
C SER D 336 -21.92 0.85 -53.40
N LEU D 337 -21.91 1.09 -52.09
CA LEU D 337 -21.06 2.12 -51.52
C LEU D 337 -19.60 1.69 -51.41
N ILE D 338 -19.32 0.39 -51.47
CA ILE D 338 -17.95 -0.08 -51.34
C ILE D 338 -17.12 0.43 -52.52
N GLY D 339 -15.82 0.62 -52.28
CA GLY D 339 -14.95 1.17 -53.30
C GLY D 339 -15.16 2.64 -53.58
N GLN D 340 -15.98 3.33 -52.79
CA GLN D 340 -16.26 4.74 -52.98
C GLN D 340 -15.89 5.53 -51.73
N VAL D 341 -15.77 6.84 -51.89
CA VAL D 341 -15.57 7.77 -50.79
C VAL D 341 -16.85 8.58 -50.63
N ILE D 342 -17.40 8.61 -49.41
CA ILE D 342 -18.70 9.20 -49.15
C ILE D 342 -18.53 10.30 -48.10
N LYS D 343 -19.13 11.46 -48.35
CA LYS D 343 -19.17 12.53 -47.37
C LYS D 343 -20.42 12.38 -46.51
N ILE D 344 -20.23 12.39 -45.20
CA ILE D 344 -21.33 12.10 -44.27
C ILE D 344 -21.45 13.23 -43.25
N PRO D 345 -22.66 13.59 -42.84
CA PRO D 345 -22.81 14.49 -41.69
C PRO D 345 -22.17 13.86 -40.45
N SER D 346 -21.25 14.59 -39.84
CA SER D 346 -20.44 14.02 -38.77
C SER D 346 -20.58 14.84 -37.49
N PRO D 347 -20.45 14.21 -36.33
CA PRO D 347 -20.50 14.97 -35.07
C PRO D 347 -19.39 15.99 -34.95
N THR D 348 -18.22 15.73 -35.54
CA THR D 348 -17.10 16.66 -35.46
C THR D 348 -17.37 17.97 -36.20
N THR D 349 -18.29 17.97 -37.16
CA THR D 349 -18.61 19.18 -37.91
C THR D 349 -19.91 19.82 -37.45
N CYS D 350 -20.45 19.40 -36.31
CA CYS D 350 -21.68 20.01 -35.79
C CYS D 350 -21.43 21.48 -35.45
N ALA D 351 -22.40 22.32 -35.84
CA ALA D 351 -22.27 23.76 -35.68
C ALA D 351 -23.08 24.30 -34.50
N SER D 352 -23.57 23.43 -33.62
CA SER D 352 -24.36 23.85 -32.47
C SER D 352 -23.49 23.78 -31.22
N ASN D 353 -23.34 24.93 -30.55
CA ASN D 353 -22.55 24.98 -29.33
C ASN D 353 -23.29 24.39 -28.13
N GLU D 354 -24.62 24.36 -28.15
CA GLU D 354 -25.38 23.83 -27.03
C GLU D 354 -25.23 22.32 -26.92
N GLY D 355 -25.19 21.63 -28.05
CA GLY D 355 -25.05 20.19 -28.04
C GLY D 355 -25.16 19.65 -29.45
N VAL D 356 -24.92 18.35 -29.58
CA VAL D 356 -24.98 17.70 -30.88
C VAL D 356 -26.43 17.62 -31.33
N CYS D 357 -26.66 17.86 -32.62
CA CYS D 357 -28.00 17.81 -33.19
C CYS D 357 -28.40 16.37 -33.50
N ARG D 358 -29.66 16.22 -33.92
CA ARG D 358 -30.15 14.89 -34.29
C ARG D 358 -29.50 14.40 -35.58
N LYS D 359 -29.09 15.31 -36.47
CA LYS D 359 -28.50 14.91 -37.73
C LYS D 359 -27.09 14.36 -37.55
N CYS D 360 -26.27 15.03 -36.73
CA CYS D 360 -24.87 14.66 -36.62
C CYS D 360 -24.69 13.36 -35.82
N TYR D 361 -25.55 13.10 -34.84
CA TYR D 361 -25.46 11.84 -34.11
C TYR D 361 -26.08 10.69 -34.89
N GLY D 362 -27.18 10.95 -35.57
CA GLY D 362 -27.88 9.93 -36.33
C GLY D 362 -29.20 9.55 -35.68
N LYS D 363 -29.80 8.49 -36.22
CA LYS D 363 -31.07 8.01 -35.66
C LYS D 363 -30.89 7.36 -34.29
N LEU D 364 -29.65 7.04 -33.91
CA LEU D 364 -29.39 6.47 -32.59
C LEU D 364 -29.67 7.46 -31.46
N PHE D 365 -29.83 8.75 -31.78
CA PHE D 365 -30.06 9.78 -30.76
C PHE D 365 -31.16 9.37 -29.79
N ASP D 366 -32.36 9.11 -30.31
CA ASP D 366 -33.50 8.78 -29.46
C ASP D 366 -33.22 7.57 -28.58
N ILE D 367 -32.33 6.67 -29.02
CA ILE D 367 -32.03 5.49 -28.22
C ILE D 367 -31.10 5.84 -27.06
N ASN D 368 -30.11 6.71 -27.30
CA ASN D 368 -29.09 6.99 -26.30
C ASN D 368 -29.30 8.33 -25.60
N LYS D 369 -30.43 8.99 -25.82
CA LYS D 369 -30.66 10.28 -25.18
C LYS D 369 -30.88 10.16 -23.69
N ASP D 370 -31.19 8.96 -23.19
CA ASP D 370 -31.44 8.81 -21.75
C ASP D 370 -30.14 8.89 -20.96
N LEU D 371 -29.05 8.37 -21.51
CA LEU D 371 -27.76 8.35 -20.83
C LEU D 371 -26.83 9.41 -21.42
N ASN D 372 -25.73 9.65 -20.70
CA ASN D 372 -24.72 10.58 -21.20
C ASN D 372 -23.96 9.95 -22.36
N ILE D 373 -23.77 10.74 -23.41
CA ILE D 373 -23.27 10.21 -24.68
C ILE D 373 -21.77 9.94 -24.60
N GLY D 374 -20.99 10.92 -24.14
CA GLY D 374 -19.55 10.75 -24.08
C GLY D 374 -19.14 9.60 -23.20
N MET D 375 -19.88 9.36 -22.11
CA MET D 375 -19.58 8.23 -21.25
C MET D 375 -19.82 6.90 -21.96
N ILE D 376 -20.94 6.80 -22.68
CA ILE D 376 -21.20 5.62 -23.50
C ILE D 376 -20.04 5.38 -24.46
N ALA D 377 -19.60 6.45 -25.13
CA ALA D 377 -18.51 6.33 -26.11
C ALA D 377 -17.22 5.83 -25.47
N VAL D 378 -16.82 6.48 -24.36
CA VAL D 378 -15.54 6.12 -23.75
C VAL D 378 -15.58 4.70 -23.21
N LEU D 379 -16.72 4.27 -22.65
CA LEU D 379 -16.82 2.90 -22.18
C LEU D 379 -16.75 1.91 -23.32
N LEU D 380 -17.50 2.18 -24.40
CA LEU D 380 -17.50 1.31 -25.57
C LEU D 380 -16.11 1.18 -26.17
N LEU D 381 -15.28 2.22 -26.06
CA LEU D 381 -13.93 2.10 -26.60
C LEU D 381 -12.98 1.43 -25.61
N THR D 382 -13.14 1.69 -24.31
CA THR D 382 -12.12 1.28 -23.36
C THR D 382 -12.29 -0.17 -22.90
N ASP D 383 -13.52 -0.71 -22.88
CA ASP D 383 -13.68 -2.08 -22.40
C ASP D 383 -13.04 -3.09 -23.35
N PRO D 384 -13.42 -3.16 -24.63
CA PRO D 384 -12.84 -4.19 -25.50
C PRO D 384 -11.34 -4.04 -25.68
N LEU D 385 -10.82 -2.82 -25.72
CA LEU D 385 -9.39 -2.63 -25.94
C LEU D 385 -8.57 -3.23 -24.80
N THR D 386 -8.90 -2.87 -23.56
CA THR D 386 -8.17 -3.40 -22.41
C THR D 386 -8.36 -4.90 -22.29
N GLN D 387 -9.60 -5.38 -22.45
CA GLN D 387 -9.84 -6.82 -22.35
C GLN D 387 -9.07 -7.58 -23.41
N ARG D 388 -9.03 -7.06 -24.63
CA ARG D 388 -8.31 -7.72 -25.72
C ARG D 388 -6.80 -7.73 -25.45
N LEU D 389 -6.25 -6.61 -24.98
CA LEU D 389 -4.83 -6.57 -24.64
C LEU D 389 -4.50 -7.66 -23.62
N LEU D 390 -5.24 -7.67 -22.51
CA LEU D 390 -4.96 -8.65 -21.45
C LEU D 390 -5.09 -10.08 -21.96
N SER D 391 -6.18 -10.38 -22.68
CA SER D 391 -6.41 -11.74 -23.13
C SER D 391 -5.40 -12.17 -24.17
N ALA D 392 -5.00 -11.26 -25.08
CA ALA D 392 -4.05 -11.61 -26.12
C ALA D 392 -2.69 -11.92 -25.53
N LYS D 393 -2.21 -11.09 -24.60
CA LYS D 393 -0.90 -11.39 -24.03
C LYS D 393 -0.97 -12.57 -23.05
N HIS D 394 -2.13 -12.81 -22.44
CA HIS D 394 -2.28 -13.99 -21.59
C HIS D 394 -2.28 -15.28 -22.41
N LEU D 395 -2.80 -15.22 -23.64
CA LEU D 395 -2.77 -16.37 -24.55
C LEU D 395 -1.46 -16.31 -25.31
N LEU D 396 -0.43 -16.95 -24.76
CA LEU D 396 0.88 -16.95 -25.39
C LEU D 396 0.84 -17.66 -26.73
N GLU D 397 1.20 -16.93 -27.79
CA GLU D 397 1.11 -17.44 -29.14
C GLU D 397 2.38 -17.10 -29.91
N THR D 398 2.72 -17.97 -30.87
CA THR D 398 3.90 -17.81 -31.72
C THR D 398 3.45 -17.41 -33.12
N ARG D 399 4.07 -16.35 -33.66
CA ARG D 399 3.79 -15.85 -35.00
C ARG D 399 5.11 -15.80 -35.76
N SER D 400 5.51 -16.93 -36.33
CA SER D 400 6.77 -17.02 -37.06
C SER D 400 6.59 -16.50 -38.48
N SER D 401 7.53 -15.67 -38.92
CA SER D 401 7.51 -15.10 -40.26
C SER D 401 8.45 -15.87 -41.18
N LYS D 402 7.98 -16.13 -42.39
CA LYS D 402 8.80 -16.83 -43.37
C LYS D 402 9.98 -15.97 -43.78
N ILE D 403 11.14 -16.61 -43.94
CA ILE D 403 12.39 -15.93 -44.26
C ILE D 403 12.91 -16.47 -45.58
N ASP D 404 13.16 -15.56 -46.54
CA ASP D 404 13.78 -15.91 -47.81
C ASP D 404 15.29 -15.79 -47.64
N TRP D 405 15.95 -16.92 -47.38
CA TRP D 405 17.37 -16.88 -47.02
C TRP D 405 18.26 -16.55 -48.22
N GLY D 406 17.87 -16.94 -49.42
CA GLY D 406 18.67 -16.67 -50.60
C GLY D 406 19.22 -17.93 -51.24
N THR D 407 19.47 -17.86 -52.55
CA THR D 407 19.88 -19.06 -53.29
C THR D 407 21.25 -19.55 -52.83
N ASN D 408 22.22 -18.63 -52.69
CA ASN D 408 23.55 -19.03 -52.24
C ASN D 408 23.50 -19.67 -50.86
N PHE D 409 22.81 -19.01 -49.93
CA PHE D 409 22.69 -19.55 -48.56
C PHE D 409 21.99 -20.89 -48.56
N GLU D 410 20.88 -21.01 -49.30
CA GLU D 410 20.12 -22.25 -49.26
C GLU D 410 20.86 -23.40 -49.93
N GLU D 411 21.69 -23.11 -50.94
CA GLU D 411 22.42 -24.18 -51.61
C GLU D 411 23.73 -24.53 -50.91
N ASN D 412 24.27 -23.65 -50.07
CA ASN D 412 25.50 -23.95 -49.35
C ASN D 412 25.31 -24.11 -47.85
N PHE D 413 24.11 -23.90 -47.32
CA PHE D 413 23.87 -24.00 -45.88
C PHE D 413 22.52 -24.66 -45.64
N ILE D 414 22.27 -25.01 -44.37
CA ILE D 414 21.03 -25.67 -43.97
C ILE D 414 20.59 -25.07 -42.64
N VAL D 415 19.35 -24.61 -42.57
CA VAL D 415 18.80 -23.96 -41.39
C VAL D 415 17.82 -24.90 -40.71
N ASN D 416 17.94 -25.04 -39.39
CA ASN D 416 17.03 -25.86 -38.60
C ASN D 416 16.75 -25.12 -37.29
N ARG D 417 15.51 -24.69 -37.10
CA ARG D 417 15.08 -23.91 -35.93
C ARG D 417 15.90 -22.63 -35.91
N ASN D 418 16.66 -22.34 -34.86
CA ASN D 418 17.51 -21.16 -34.80
C ASN D 418 18.95 -21.46 -35.16
N LEU D 419 19.23 -22.65 -35.69
CA LEU D 419 20.60 -23.12 -35.90
C LEU D 419 20.95 -23.09 -37.38
N ILE D 420 22.12 -22.53 -37.70
CA ILE D 420 22.65 -22.51 -39.05
C ILE D 420 23.76 -23.55 -39.14
N TYR D 421 23.71 -24.40 -40.16
CA TYR D 421 24.61 -25.52 -40.30
C TYR D 421 25.28 -25.48 -41.66
N PRO D 422 26.58 -25.77 -41.73
CA PRO D 422 27.23 -25.93 -43.04
C PRO D 422 26.88 -27.28 -43.65
N LYS D 423 26.64 -27.28 -44.96
CA LYS D 423 26.35 -28.54 -45.65
C LYS D 423 27.59 -29.42 -45.69
N VAL D 424 28.74 -28.83 -46.04
CA VAL D 424 30.02 -29.51 -45.99
C VAL D 424 30.93 -28.75 -45.03
N TYR D 425 31.72 -29.50 -44.26
CA TYR D 425 32.64 -28.89 -43.30
C TYR D 425 34.03 -28.70 -43.92
N ASN D 426 34.06 -27.90 -44.98
CA ASN D 426 35.29 -27.56 -45.68
C ASN D 426 35.20 -26.11 -46.15
N GLY D 427 36.26 -25.64 -46.80
CA GLY D 427 36.34 -24.25 -47.21
C GLY D 427 36.53 -23.34 -46.00
N THR D 428 36.62 -22.04 -46.28
CA THR D 428 36.82 -21.07 -45.21
C THR D 428 35.77 -19.96 -45.31
N VAL D 429 35.31 -19.53 -44.15
CA VAL D 429 34.35 -18.42 -44.04
C VAL D 429 35.15 -17.16 -43.75
N ILE D 430 35.14 -16.22 -44.68
CA ILE D 430 35.77 -14.92 -44.53
C ILE D 430 34.69 -13.91 -44.15
N ILE D 431 35.00 -13.08 -43.17
CA ILE D 431 34.08 -12.04 -42.71
C ILE D 431 34.89 -10.77 -42.47
N LYS D 432 34.43 -9.66 -43.06
CA LYS D 432 35.16 -8.41 -42.95
C LYS D 432 35.10 -7.88 -41.52
N GLU D 433 36.22 -7.30 -41.08
CA GLU D 433 36.34 -6.88 -39.68
C GLU D 433 35.31 -5.82 -39.32
N ASP D 434 34.98 -4.93 -40.27
CA ASP D 434 34.00 -3.89 -39.98
C ASP D 434 32.58 -4.45 -39.98
N ASP D 435 32.33 -5.53 -40.71
CA ASP D 435 30.99 -6.10 -40.76
C ASP D 435 30.61 -6.83 -39.48
N PHE D 436 31.59 -7.13 -38.61
CA PHE D 436 31.31 -7.62 -37.27
C PHE D 436 30.90 -6.42 -36.41
N LYS D 437 29.65 -5.99 -36.60
CA LYS D 437 29.18 -4.82 -35.87
C LYS D 437 28.60 -5.28 -34.54
N GLU D 438 27.98 -4.37 -33.79
CA GLU D 438 27.46 -4.69 -32.48
C GLU D 438 25.96 -4.44 -32.44
N ASP D 439 25.21 -5.45 -32.01
CA ASP D 439 23.77 -5.34 -31.85
C ASP D 439 23.44 -4.78 -30.47
N GLU D 440 22.44 -3.90 -30.42
CA GLU D 440 22.14 -3.18 -29.18
C GLU D 440 21.56 -4.11 -28.12
N GLU D 441 20.54 -4.89 -28.47
CA GLU D 441 19.90 -5.75 -27.49
C GLU D 441 20.81 -6.92 -27.10
N THR D 442 21.58 -7.44 -28.05
CA THR D 442 22.43 -8.58 -27.78
C THR D 442 23.66 -8.21 -26.96
N GLU D 443 24.15 -6.98 -27.12
CA GLU D 443 25.38 -6.50 -26.49
C GLU D 443 26.60 -7.31 -26.93
N GLU D 444 26.49 -8.03 -28.05
CA GLU D 444 27.57 -8.84 -28.58
C GLU D 444 27.65 -8.60 -30.08
N GLN D 445 28.74 -9.09 -30.69
CA GLN D 445 29.01 -8.80 -32.09
C GLN D 445 28.20 -9.72 -33.01
N VAL D 446 27.72 -9.14 -34.11
CA VAL D 446 26.94 -9.84 -35.12
C VAL D 446 27.52 -9.53 -36.50
N PHE D 447 27.41 -10.50 -37.40
CA PHE D 447 27.85 -10.36 -38.78
C PHE D 447 26.67 -10.62 -39.71
N ASP D 448 26.50 -9.76 -40.72
CA ASP D 448 25.36 -9.83 -41.62
C ASP D 448 25.71 -10.25 -43.03
N THR D 449 26.97 -10.09 -43.45
CA THR D 449 27.38 -10.42 -44.82
C THR D 449 28.73 -11.10 -44.77
N PHE D 450 28.81 -12.33 -45.24
CA PHE D 450 30.03 -13.12 -45.16
C PHE D 450 30.26 -13.84 -46.49
N THR D 451 31.52 -14.15 -46.79
CA THR D 451 31.88 -14.80 -48.04
C THR D 451 32.58 -16.12 -47.74
N LEU D 452 32.09 -17.21 -48.32
CA LEU D 452 32.65 -18.53 -48.10
C LEU D 452 33.39 -18.98 -49.35
N LYS D 453 34.64 -19.39 -49.20
CA LYS D 453 35.41 -19.93 -50.32
C LYS D 453 35.48 -21.44 -50.21
N SER D 454 35.11 -22.12 -51.29
CA SER D 454 35.19 -23.57 -51.40
C SER D 454 35.85 -23.90 -52.75
N GLY D 455 36.90 -24.69 -52.70
CA GLY D 455 37.61 -25.03 -53.93
C GLY D 455 38.11 -23.79 -54.65
N ASN D 456 37.91 -23.78 -55.96
CA ASN D 456 38.26 -22.60 -56.75
C ASN D 456 37.25 -21.48 -56.62
N ARG D 457 36.05 -21.77 -56.10
CA ARG D 457 34.98 -20.77 -56.10
C ARG D 457 34.93 -19.99 -54.79
N PHE D 458 34.56 -18.71 -54.92
CA PHE D 458 34.36 -17.79 -53.81
C PHE D 458 32.93 -17.29 -53.89
N ILE D 459 32.08 -17.71 -52.96
CA ILE D 459 30.69 -17.30 -52.93
C ILE D 459 30.52 -16.22 -51.88
N SER D 460 29.55 -15.34 -52.09
CA SER D 460 29.23 -14.25 -51.18
C SER D 460 27.77 -14.37 -50.76
N ILE D 461 27.52 -14.24 -49.46
CA ILE D 461 26.21 -14.47 -48.88
C ILE D 461 25.86 -13.29 -47.97
N SER D 462 24.60 -12.86 -48.04
CA SER D 462 24.05 -11.84 -47.16
C SER D 462 22.85 -12.42 -46.43
N SER D 463 22.85 -12.32 -45.10
CA SER D 463 21.81 -12.98 -44.31
C SER D 463 20.66 -12.01 -44.04
N PRO D 464 19.41 -12.42 -44.23
CA PRO D 464 18.28 -11.55 -43.89
C PRO D 464 18.18 -11.26 -42.40
N MET D 465 18.60 -12.19 -41.55
CA MET D 465 18.60 -11.99 -40.11
C MET D 465 20.04 -11.95 -39.59
N ARG D 466 20.25 -11.19 -38.53
CA ARG D 466 21.57 -11.09 -37.92
C ARG D 466 21.99 -12.43 -37.35
N LEU D 467 23.27 -12.76 -37.48
CA LEU D 467 23.80 -14.07 -37.13
C LEU D 467 24.80 -13.94 -35.99
N PHE D 468 24.60 -14.74 -34.94
CA PHE D 468 25.55 -14.84 -33.83
C PHE D 468 26.44 -16.05 -34.06
N LEU D 469 27.74 -15.82 -34.17
CA LEU D 469 28.68 -16.91 -34.41
C LEU D 469 28.73 -17.86 -33.22
N ASN D 470 29.05 -19.12 -33.49
CA ASN D 470 29.16 -20.13 -32.44
C ASN D 470 30.25 -19.73 -31.45
N LYS D 471 30.06 -20.14 -30.20
CA LYS D 471 30.95 -19.71 -29.13
C LYS D 471 32.37 -20.22 -29.33
N ASP D 472 32.51 -21.50 -29.70
CA ASP D 472 33.84 -22.10 -29.83
C ASP D 472 34.65 -21.42 -30.92
N LEU D 473 34.01 -21.10 -32.05
CA LEU D 473 34.73 -20.42 -33.13
C LEU D 473 35.04 -18.98 -32.76
N LYS D 474 34.13 -18.31 -32.06
CA LYS D 474 34.37 -16.93 -31.63
C LYS D 474 35.52 -16.86 -30.64
N LYS D 475 35.70 -17.89 -29.82
CA LYS D 475 36.78 -17.89 -28.84
C LYS D 475 38.15 -17.81 -29.51
N GLN D 476 38.33 -18.51 -30.63
CA GLN D 476 39.60 -18.56 -31.33
C GLN D 476 39.67 -17.57 -32.49
N LEU D 477 38.78 -16.58 -32.52
CA LEU D 477 38.70 -15.69 -33.67
C LEU D 477 39.91 -14.77 -33.75
N ASP D 478 40.27 -14.13 -32.64
CA ASP D 478 41.38 -13.19 -32.65
C ASP D 478 42.74 -13.90 -32.59
N GLU D 479 42.80 -15.09 -32.00
CA GLU D 479 44.09 -15.74 -31.77
C GLU D 479 44.68 -16.30 -33.06
N SER D 480 43.86 -16.98 -33.87
CA SER D 480 44.37 -17.70 -35.03
C SER D 480 43.55 -17.54 -36.30
N PHE D 481 42.38 -16.90 -36.26
CA PHE D 481 41.52 -16.80 -37.43
C PHE D 481 41.51 -15.41 -38.05
N TYR D 482 42.53 -14.60 -37.77
CA TYR D 482 42.60 -13.23 -38.26
C TYR D 482 43.87 -13.04 -39.08
N ASN D 483 43.72 -12.40 -40.24
CA ASN D 483 44.85 -12.03 -41.10
C ASN D 483 44.95 -10.51 -41.11
N ILE D 484 46.04 -9.98 -40.53
CA ILE D 484 46.17 -8.54 -40.35
C ILE D 484 46.39 -7.83 -41.68
N GLU D 485 47.04 -8.50 -42.64
CA GLU D 485 47.29 -7.88 -43.94
C GLU D 485 45.98 -7.57 -44.66
N GLU D 486 45.02 -8.48 -44.59
CA GLU D 486 43.76 -8.35 -45.30
C GLU D 486 42.65 -7.75 -44.46
N MET D 487 42.84 -7.63 -43.14
CA MET D 487 41.85 -7.09 -42.23
C MET D 487 40.52 -7.83 -42.37
N GLN D 488 40.60 -9.16 -42.42
CA GLN D 488 39.45 -10.03 -42.56
C GLN D 488 39.66 -11.26 -41.70
N PHE D 489 38.56 -11.80 -41.17
CA PHE D 489 38.61 -13.01 -40.35
C PHE D 489 38.37 -14.21 -41.24
N GLU D 490 39.29 -15.16 -41.23
CA GLU D 490 39.19 -16.40 -42.00
C GLU D 490 39.04 -17.55 -41.03
N ILE D 491 37.87 -18.17 -41.04
CA ILE D 491 37.52 -19.26 -40.12
C ILE D 491 37.44 -20.55 -40.94
N PRO D 492 38.30 -21.54 -40.67
CA PRO D 492 38.18 -22.83 -41.37
C PRO D 492 37.02 -23.64 -40.81
N LEU D 493 36.07 -23.98 -41.67
CA LEU D 493 34.99 -24.89 -41.27
C LEU D 493 35.48 -26.31 -41.06
N ASN D 494 36.71 -26.62 -41.47
CA ASN D 494 37.27 -27.94 -41.22
C ASN D 494 37.47 -28.20 -39.73
N LYS D 495 37.73 -27.13 -38.96
CA LYS D 495 37.96 -27.29 -37.53
C LYS D 495 36.67 -27.65 -36.79
N LEU D 496 35.54 -27.12 -37.26
CA LEU D 496 34.27 -27.38 -36.61
C LEU D 496 33.89 -28.85 -36.76
N ASP D 497 33.62 -29.51 -35.63
CA ASP D 497 33.19 -30.90 -35.66
C ASP D 497 31.81 -31.02 -36.28
N GLU D 498 31.52 -32.22 -36.79
CA GLU D 498 30.24 -32.46 -37.44
C GLU D 498 29.09 -32.33 -36.45
N GLY D 499 27.97 -31.78 -36.90
CA GLY D 499 26.82 -31.56 -36.06
C GLY D 499 26.88 -30.31 -35.20
N ASP D 500 27.92 -29.49 -35.35
CA ASP D 500 28.04 -28.25 -34.60
C ASP D 500 27.59 -27.08 -35.47
N SER D 501 26.77 -26.21 -34.90
CA SER D 501 26.17 -25.13 -35.67
C SER D 501 27.20 -24.07 -36.02
N PHE D 502 27.14 -23.58 -37.26
CA PHE D 502 28.03 -22.50 -37.68
C PHE D 502 27.67 -21.19 -37.00
N ALA D 503 26.36 -20.90 -36.88
CA ALA D 503 25.92 -19.66 -36.27
C ALA D 503 24.50 -19.86 -35.76
N THR D 504 24.00 -18.84 -35.06
CA THR D 504 22.67 -18.82 -34.49
C THR D 504 22.04 -17.47 -34.75
N PHE D 505 20.72 -17.44 -34.86
CA PHE D 505 19.98 -16.20 -35.05
C PHE D 505 18.80 -16.17 -34.09
N ILE D 506 18.30 -14.96 -33.84
CA ILE D 506 17.13 -14.75 -33.00
C ILE D 506 15.99 -14.24 -33.88
N MET D 507 14.77 -14.64 -33.54
CA MET D 507 13.58 -14.28 -34.30
C MET D 507 12.51 -13.76 -33.37
N ASP D 508 11.96 -12.60 -33.69
CA ASP D 508 10.90 -11.97 -32.91
C ASP D 508 9.58 -12.13 -33.63
N ASN D 509 8.58 -12.66 -32.92
CA ASN D 509 7.26 -12.83 -33.51
C ASN D 509 6.49 -11.53 -33.52
N ASN D 510 5.51 -11.45 -34.43
CA ASN D 510 4.64 -10.29 -34.51
C ASN D 510 3.55 -10.44 -33.46
N GLU D 511 3.66 -9.68 -32.37
CA GLU D 511 2.70 -9.77 -31.29
C GLU D 511 1.32 -9.28 -31.76
N LEU D 512 0.28 -9.81 -31.12
CA LEU D 512 -1.08 -9.49 -31.47
C LEU D 512 -1.56 -8.18 -30.88
N SER D 513 -0.71 -7.47 -30.13
CA SER D 513 -1.10 -6.26 -29.42
C SER D 513 -0.68 -4.99 -30.15
N LYS D 514 -0.09 -5.10 -31.34
CA LYS D 514 0.43 -3.93 -32.02
C LYS D 514 -0.65 -2.95 -32.45
N PRO D 515 -1.76 -3.37 -33.08
CA PRO D 515 -2.79 -2.37 -33.45
C PRO D 515 -3.44 -1.70 -32.25
N LEU D 516 -3.66 -2.44 -31.16
CA LEU D 516 -4.21 -1.85 -29.95
C LEU D 516 -3.26 -0.79 -29.40
N ARG D 517 -1.96 -1.11 -29.38
CA ARG D 517 -0.96 -0.14 -28.98
C ARG D 517 -0.99 1.08 -29.89
N GLU D 518 -1.23 0.88 -31.18
CA GLU D 518 -1.30 2.01 -32.10
C GLU D 518 -2.51 2.89 -31.80
N ILE D 519 -3.63 2.28 -31.43
CA ILE D 519 -4.78 3.05 -30.93
C ILE D 519 -4.34 3.95 -29.77
N LYS D 520 -3.73 3.34 -28.75
CA LYS D 520 -3.33 4.11 -27.58
C LYS D 520 -2.34 5.22 -27.95
N ASP D 521 -1.39 4.92 -28.84
CA ASP D 521 -0.41 5.91 -29.24
C ASP D 521 -1.06 7.08 -29.98
N LEU D 522 -1.96 6.78 -30.92
CA LEU D 522 -2.67 7.83 -31.63
C LEU D 522 -3.44 8.71 -30.65
N ILE D 523 -3.99 8.12 -29.59
CA ILE D 523 -4.69 8.95 -28.61
C ILE D 523 -3.71 9.81 -27.80
N GLU D 524 -2.55 9.27 -27.46
CA GLU D 524 -1.63 9.99 -26.56
C GLU D 524 -0.40 10.56 -27.22
N THR D 525 0.32 9.76 -28.02
CA THR D 525 1.65 10.18 -28.48
C THR D 525 1.61 11.42 -29.37
N ASN D 526 0.48 11.73 -29.99
CA ASN D 526 0.29 12.90 -30.83
C ASN D 526 1.20 12.90 -32.06
N LYS D 527 1.83 11.76 -32.39
CA LYS D 527 2.66 11.70 -33.57
C LYS D 527 1.82 11.82 -34.85
N TYR D 528 0.75 11.03 -34.94
CA TYR D 528 -0.11 11.07 -36.12
C TYR D 528 -1.00 12.30 -36.12
N ILE D 529 -1.30 12.87 -34.94
CA ILE D 529 -2.28 13.94 -34.85
C ILE D 529 -1.71 15.24 -35.44
N LYS D 530 -0.45 15.56 -35.11
CA LYS D 530 0.09 16.87 -35.49
C LYS D 530 0.25 17.00 -37.00
N ASP D 531 0.71 15.94 -37.67
CA ASP D 531 0.95 16.02 -39.10
C ASP D 531 -0.32 15.91 -39.92
N HIS D 532 -1.30 15.16 -39.44
CA HIS D 532 -2.48 14.81 -40.22
C HIS D 532 -3.69 15.64 -39.80
N ASN D 533 -4.75 15.55 -40.62
CA ASN D 533 -6.00 16.26 -40.40
C ASN D 533 -7.08 15.29 -39.96
N VAL D 534 -8.28 15.82 -39.72
CA VAL D 534 -9.36 15.00 -39.17
C VAL D 534 -9.77 13.90 -40.15
N ASN D 535 -9.88 14.25 -41.43
CA ASN D 535 -10.33 13.28 -42.44
C ASN D 535 -9.47 12.02 -42.45
N GLU D 536 -8.17 12.16 -42.18
CA GLU D 536 -7.30 11.00 -42.14
C GLU D 536 -7.20 10.37 -40.76
N VAL D 537 -7.39 11.14 -39.69
CA VAL D 537 -7.32 10.50 -38.37
C VAL D 537 -8.55 9.61 -38.15
N VAL D 538 -9.71 9.97 -38.69
CA VAL D 538 -10.86 9.08 -38.53
C VAL D 538 -10.65 7.79 -39.31
N ASN D 539 -10.08 7.89 -40.50
CA ASN D 539 -9.81 6.69 -41.29
C ASN D 539 -8.74 5.81 -40.62
N TYR D 540 -7.70 6.43 -40.07
CA TYR D 540 -6.70 5.69 -39.32
C TYR D 540 -7.32 5.00 -38.11
N PHE D 541 -8.22 5.69 -37.42
CA PHE D 541 -8.90 5.10 -36.27
C PHE D 541 -9.73 3.89 -36.68
N ILE D 542 -10.49 4.02 -37.76
CA ILE D 542 -11.34 2.90 -38.20
C ILE D 542 -10.48 1.73 -38.67
N TYR D 543 -9.40 2.01 -39.40
CA TYR D 543 -8.53 0.94 -39.88
C TYR D 543 -7.86 0.21 -38.72
N LEU D 544 -7.40 0.96 -37.71
CA LEU D 544 -6.79 0.33 -36.54
C LEU D 544 -7.83 -0.43 -35.73
N LEU D 545 -9.07 0.05 -35.68
CA LEU D 545 -10.14 -0.69 -35.00
C LEU D 545 -10.40 -2.02 -35.69
N ASN D 546 -10.40 -2.02 -37.03
CA ASN D 546 -10.56 -3.27 -37.76
C ASN D 546 -9.38 -4.21 -37.52
N GLU D 547 -8.16 -3.65 -37.48
CA GLU D 547 -6.99 -4.48 -37.22
C GLU D 547 -7.04 -5.11 -35.82
N SER D 548 -7.54 -4.35 -34.84
CA SER D 548 -7.62 -4.87 -33.48
C SER D 548 -8.83 -5.77 -33.25
N GLY D 549 -9.83 -5.71 -34.13
CA GLY D 549 -11.05 -6.47 -33.94
C GLY D 549 -12.07 -5.81 -33.06
N ILE D 550 -11.79 -4.63 -32.52
CA ILE D 550 -12.73 -3.94 -31.65
C ILE D 550 -13.92 -3.45 -32.47
N ASN D 551 -15.12 -3.84 -32.05
CA ASN D 551 -16.35 -3.45 -32.73
C ASN D 551 -16.99 -2.29 -31.97
N ILE D 552 -16.71 -1.07 -32.41
CA ILE D 552 -17.33 0.13 -31.89
C ILE D 552 -17.75 1.01 -33.06
N GLN D 553 -18.96 1.55 -33.00
CA GLN D 553 -19.46 2.36 -34.10
C GLN D 553 -18.66 3.65 -34.21
N SER D 554 -18.52 4.13 -35.45
CA SER D 554 -17.68 5.27 -35.73
C SER D 554 -18.24 6.59 -35.21
N VAL D 555 -19.51 6.64 -34.84
CA VAL D 555 -20.07 7.86 -34.27
C VAL D 555 -19.43 8.16 -32.92
N HIS D 556 -19.30 7.14 -32.08
CA HIS D 556 -18.67 7.32 -30.78
C HIS D 556 -17.20 7.69 -30.92
N SER D 557 -16.51 7.06 -31.87
CA SER D 557 -15.12 7.42 -32.14
C SER D 557 -15.01 8.84 -32.66
N GLU D 558 -15.98 9.29 -33.46
CA GLU D 558 -15.98 10.66 -33.93
C GLU D 558 -16.18 11.64 -32.78
N LEU D 559 -17.02 11.27 -31.80
CA LEU D 559 -17.15 12.10 -30.59
C LEU D 559 -15.84 12.15 -29.82
N ILE D 560 -15.17 11.01 -29.67
CA ILE D 560 -13.89 10.95 -28.98
C ILE D 560 -12.88 11.88 -29.64
N ILE D 561 -12.82 11.84 -30.97
CA ILE D 561 -11.87 12.71 -31.68
C ILE D 561 -12.30 14.16 -31.63
N ARG D 562 -13.62 14.42 -31.65
CA ARG D 562 -14.11 15.79 -31.62
C ARG D 562 -13.73 16.48 -30.32
N GLU D 563 -13.88 15.79 -29.19
CA GLU D 563 -13.53 16.40 -27.91
C GLU D 563 -12.04 16.71 -27.81
N MET D 564 -11.20 16.03 -28.58
CA MET D 564 -9.77 16.31 -28.54
C MET D 564 -9.42 17.61 -29.27
N MET D 565 -10.14 17.93 -30.34
CA MET D 565 -9.84 19.12 -31.11
C MET D 565 -10.35 20.38 -30.42
N LYS D 566 -9.63 21.48 -30.64
CA LYS D 566 -9.99 22.78 -30.09
C LYS D 566 -10.02 23.78 -31.24
N LEU D 567 -11.15 24.47 -31.37
CA LEU D 567 -11.29 25.49 -32.41
C LEU D 567 -10.52 26.74 -31.99
N ASP D 568 -9.77 27.32 -32.93
CA ASP D 568 -9.08 28.57 -32.65
C ASP D 568 -10.08 29.68 -32.34
N ASP D 569 -11.23 29.67 -33.01
CA ASP D 569 -12.31 30.60 -32.68
C ASP D 569 -13.11 30.15 -31.46
N SER D 570 -13.09 28.85 -31.15
CA SER D 570 -13.82 28.29 -30.01
C SER D 570 -15.32 28.56 -30.11
N ASP D 571 -15.84 28.64 -31.33
CA ASP D 571 -17.27 28.83 -31.58
C ASP D 571 -17.72 27.81 -32.61
N ARG D 572 -18.78 27.08 -32.30
CA ARG D 572 -19.27 26.04 -33.20
C ARG D 572 -19.94 26.63 -34.44
N THR D 573 -20.51 27.84 -34.30
CA THR D 573 -21.25 28.45 -35.41
C THR D 573 -20.40 28.64 -36.65
N GLN D 574 -19.07 28.72 -36.51
CA GLN D 574 -18.20 28.87 -37.67
C GLN D 574 -18.27 27.66 -38.59
N PHE D 575 -18.71 26.50 -38.09
CA PHE D 575 -18.92 25.35 -38.97
C PHE D 575 -20.07 25.58 -39.94
N LYS D 576 -21.01 26.47 -39.61
CA LYS D 576 -22.08 26.81 -40.54
C LYS D 576 -21.57 27.54 -41.78
N ASN D 577 -20.40 28.17 -41.69
CA ASN D 577 -19.82 28.89 -42.81
C ASN D 577 -19.42 27.91 -43.92
N ASP D 578 -18.96 28.47 -45.03
CA ASP D 578 -18.74 27.67 -46.24
C ASP D 578 -17.62 26.66 -46.05
N LYS D 579 -16.48 27.09 -45.54
CA LYS D 579 -15.30 26.25 -45.41
C LYS D 579 -15.03 25.95 -43.94
N MET D 580 -14.28 24.86 -43.71
CA MET D 580 -14.01 24.41 -42.35
C MET D 580 -13.25 25.47 -41.58
N PRO D 581 -13.63 25.77 -40.34
CA PRO D 581 -12.94 26.81 -39.58
C PRO D 581 -11.56 26.35 -39.12
N ASP D 582 -10.83 27.29 -38.53
CA ASP D 582 -9.50 26.99 -38.01
C ASP D 582 -9.60 26.17 -36.74
N TYR D 583 -8.83 25.09 -36.66
CA TYR D 583 -8.87 24.20 -35.51
C TYR D 583 -7.49 23.60 -35.30
N GLU D 584 -7.30 22.99 -34.14
CA GLU D 584 -6.06 22.28 -33.82
C GLU D 584 -6.40 21.08 -32.94
N ILE D 585 -5.97 19.91 -33.35
CA ILE D 585 -6.26 18.68 -32.61
C ILE D 585 -5.15 18.44 -31.60
N PHE D 586 -5.54 18.06 -30.39
CA PHE D 586 -4.62 17.85 -29.29
C PHE D 586 -4.72 16.42 -28.76
N ARG D 587 -3.75 16.05 -27.93
CA ARG D 587 -3.79 14.77 -27.24
C ARG D 587 -4.77 14.84 -26.07
N ILE D 588 -5.08 13.67 -25.50
CA ILE D 588 -6.13 13.58 -24.49
C ILE D 588 -5.72 14.31 -23.22
N THR D 589 -4.43 14.28 -22.87
CA THR D 589 -3.99 14.98 -21.67
C THR D 589 -3.97 16.48 -21.87
N ASP D 590 -3.48 16.94 -23.03
CA ASP D 590 -3.44 18.37 -23.31
C ASP D 590 -4.82 18.94 -23.58
N ALA D 591 -5.79 18.12 -24.00
CA ALA D 591 -7.09 18.64 -24.42
C ALA D 591 -7.80 19.34 -23.27
N ASN D 592 -7.93 18.66 -22.13
CA ASN D 592 -8.63 19.27 -20.99
C ASN D 592 -7.74 20.27 -20.26
N LEU D 593 -6.41 20.08 -20.31
CA LEU D 593 -5.51 21.05 -19.69
C LEU D 593 -5.45 22.35 -20.49
N LYS D 594 -5.41 22.24 -21.81
CA LYS D 594 -5.48 23.42 -22.68
C LYS D 594 -6.92 23.82 -22.98
N GLY D 595 -7.90 23.14 -22.40
CA GLY D 595 -9.29 23.47 -22.61
C GLY D 595 -9.69 24.72 -21.86
N ASP D 596 -11.01 24.91 -21.77
CA ASP D 596 -11.58 26.09 -21.13
C ASP D 596 -12.43 25.75 -19.91
N SER D 597 -12.34 24.52 -19.39
CA SER D 597 -13.11 24.11 -18.22
C SER D 597 -12.17 24.02 -17.01
N LEU D 598 -12.55 24.70 -15.93
CA LEU D 598 -11.72 24.74 -14.73
C LEU D 598 -11.77 23.44 -13.95
N SER D 599 -12.97 22.86 -13.80
CA SER D 599 -13.11 21.70 -12.92
C SER D 599 -12.44 20.46 -13.50
N ARG D 600 -12.66 20.18 -14.78
CA ARG D 600 -12.08 18.98 -15.36
C ARG D 600 -10.56 19.08 -15.50
N SER D 601 -10.01 20.29 -15.42
CA SER D 601 -8.56 20.47 -15.47
C SER D 601 -7.94 20.42 -14.08
N LEU D 602 -8.56 21.06 -13.09
CA LEU D 602 -8.03 21.05 -11.74
C LEU D 602 -8.14 19.68 -11.09
N LEU D 603 -9.18 18.92 -11.42
CA LEU D 603 -9.44 17.62 -10.82
C LEU D 603 -8.83 16.48 -11.61
N PHE D 604 -7.87 16.76 -12.49
CA PHE D 604 -7.33 15.75 -13.38
C PHE D 604 -5.84 15.52 -13.14
N GLU D 605 -5.00 16.38 -13.74
CA GLU D 605 -3.56 16.19 -13.68
C GLU D 605 -2.85 17.54 -13.63
N GLN D 606 -1.64 17.53 -13.06
CA GLN D 606 -0.74 18.69 -13.07
C GLN D 606 -1.38 19.91 -12.41
N VAL D 607 -1.79 19.73 -11.16
CA VAL D 607 -2.40 20.84 -10.41
C VAL D 607 -1.37 21.93 -10.17
N LYS D 608 -0.12 21.54 -9.91
CA LYS D 608 0.93 22.50 -9.57
C LYS D 608 1.16 23.49 -10.71
N LYS D 609 1.40 22.99 -11.93
CA LYS D 609 1.68 23.88 -13.04
C LYS D 609 0.47 24.74 -13.41
N GLN D 610 -0.74 24.21 -13.20
CA GLN D 610 -1.94 25.01 -13.48
C GLN D 610 -2.06 26.18 -12.52
N LEU D 611 -1.88 25.93 -11.22
CA LEU D 611 -2.05 27.00 -10.25
C LEU D 611 -0.88 27.97 -10.22
N THR D 612 0.34 27.49 -10.50
CA THR D 612 1.49 28.38 -10.35
C THR D 612 1.77 29.17 -11.62
N THR D 613 1.70 28.54 -12.78
CA THR D 613 2.01 29.19 -14.05
C THR D 613 0.76 29.32 -14.92
N LEU D 614 0.78 30.31 -15.80
CA LEU D 614 -0.31 30.57 -16.73
C LEU D 614 -0.15 29.83 -18.06
N ASP D 615 0.78 28.88 -18.13
CA ASP D 615 1.00 28.13 -19.37
C ASP D 615 -0.29 27.50 -19.90
N TYR D 616 -1.19 27.09 -19.02
CA TYR D 616 -2.47 26.52 -19.41
C TYR D 616 -3.59 27.54 -19.44
N ASP D 617 -3.29 28.82 -19.20
CA ASP D 617 -4.29 29.89 -19.20
C ASP D 617 -5.47 29.54 -18.29
N THR D 618 -5.14 29.04 -17.09
CA THR D 618 -6.16 28.52 -16.19
C THR D 618 -7.08 29.61 -15.66
N PHE D 619 -6.55 30.82 -15.47
CA PHE D 619 -7.37 31.91 -14.91
C PHE D 619 -8.43 32.37 -15.90
N ASN D 620 -8.18 32.22 -17.20
CA ASN D 620 -9.14 32.64 -18.21
C ASN D 620 -10.26 31.64 -18.42
N LYS D 621 -10.13 30.42 -17.91
CA LYS D 621 -11.17 29.41 -18.11
C LYS D 621 -12.45 29.81 -17.37
N THR D 622 -13.57 29.78 -18.10
CA THR D 622 -14.87 30.09 -17.51
C THR D 622 -15.96 29.10 -17.89
N LYS D 623 -15.70 28.14 -18.77
CA LYS D 623 -16.73 27.23 -19.23
C LYS D 623 -17.20 26.33 -18.09
N SER D 624 -18.48 25.96 -18.13
CA SER D 624 -19.09 25.18 -17.08
C SER D 624 -19.04 23.69 -17.40
N SER D 625 -19.27 22.89 -16.37
CA SER D 625 -19.30 21.44 -16.50
C SER D 625 -20.16 20.88 -15.37
N ILE D 626 -20.65 19.66 -15.57
CA ILE D 626 -21.39 18.99 -14.50
C ILE D 626 -20.47 18.73 -13.31
N LEU D 627 -19.20 18.42 -13.59
CA LEU D 627 -18.21 18.19 -12.54
C LEU D 627 -18.03 19.41 -11.65
N ASP D 628 -18.51 20.59 -12.09
CA ASP D 628 -18.45 21.78 -11.23
C ASP D 628 -19.27 21.58 -9.97
N LYS D 629 -20.37 20.83 -10.04
CA LYS D 629 -21.21 20.64 -8.86
C LYS D 629 -20.50 19.84 -7.77
N LEU D 630 -19.50 19.05 -8.13
CA LEU D 630 -18.76 18.30 -7.12
C LEU D 630 -17.83 19.19 -6.30
N LEU D 631 -17.41 20.32 -6.86
CA LEU D 631 -16.54 21.24 -6.16
C LEU D 631 -17.26 21.88 -4.98
N MET E 1 15.59 -17.54 -26.44
CA MET E 1 16.89 -17.50 -27.11
C MET E 1 17.63 -18.83 -26.94
N ASP E 2 18.90 -18.85 -27.33
CA ASP E 2 19.72 -20.05 -27.23
C ASP E 2 20.31 -20.25 -25.84
N ASP E 3 20.06 -19.34 -24.90
CA ASP E 3 20.50 -19.53 -23.53
C ASP E 3 19.92 -20.82 -22.95
N ILE E 4 18.64 -21.08 -23.22
CA ILE E 4 17.91 -22.24 -22.72
C ILE E 4 18.59 -23.50 -23.24
N SER E 5 19.46 -23.34 -24.25
CA SER E 5 20.22 -24.48 -24.77
C SER E 5 21.07 -25.14 -23.69
N VAL E 6 21.39 -24.42 -22.61
CA VAL E 6 22.21 -25.03 -21.56
C VAL E 6 21.43 -26.13 -20.85
N ILE E 7 20.11 -26.07 -20.86
CA ILE E 7 19.28 -27.06 -20.18
C ILE E 7 19.37 -28.38 -20.95
N LYS E 8 19.96 -29.40 -20.31
CA LYS E 8 20.14 -30.71 -20.91
C LYS E 8 19.15 -31.68 -20.26
N ASN E 9 18.29 -32.28 -21.08
CA ASN E 9 17.30 -33.22 -20.56
C ASN E 9 17.95 -34.44 -19.95
N GLU E 10 19.12 -34.85 -20.45
CA GLU E 10 19.80 -36.03 -19.92
C GLU E 10 20.31 -35.79 -18.51
N ASP E 11 20.72 -34.55 -18.20
CA ASP E 11 21.26 -34.27 -16.87
C ASP E 11 20.19 -34.41 -15.79
N TYR E 12 18.97 -33.97 -16.09
CA TYR E 12 17.85 -34.09 -15.15
C TYR E 12 16.98 -35.28 -15.52
N GLU E 13 17.57 -36.47 -15.39
CA GLU E 13 16.88 -37.73 -15.60
C GLU E 13 16.75 -38.45 -14.28
N GLY E 14 15.53 -38.85 -13.93
CA GLY E 14 15.28 -39.41 -12.61
C GLY E 14 15.58 -38.42 -11.50
N SER E 15 15.37 -37.14 -11.75
CA SER E 15 15.74 -36.08 -10.81
C SER E 15 14.54 -35.19 -10.56
N HIS E 16 14.38 -34.78 -9.30
CA HIS E 16 13.34 -33.82 -8.91
C HIS E 16 13.95 -32.60 -8.22
N ARG E 17 15.21 -32.28 -8.52
CA ARG E 17 15.86 -31.15 -7.86
C ARG E 17 15.37 -29.81 -8.37
N PHE E 18 14.77 -29.77 -9.56
CA PHE E 18 14.24 -28.50 -10.06
C PHE E 18 12.88 -28.18 -9.45
N LEU E 19 12.11 -29.19 -9.09
CA LEU E 19 10.82 -28.97 -8.46
C LEU E 19 11.00 -28.54 -7.01
N ALA E 20 10.09 -27.68 -6.54
CA ALA E 20 10.10 -27.23 -5.16
C ALA E 20 8.72 -27.41 -4.55
N GLU E 21 7.89 -26.37 -4.62
CA GLU E 21 6.50 -26.48 -4.18
C GLU E 21 5.76 -27.54 -4.98
N GLU E 22 5.97 -27.53 -6.30
CA GLU E 22 5.30 -28.45 -7.21
C GLU E 22 5.44 -29.90 -6.79
N LEU E 23 6.41 -30.20 -5.91
CA LEU E 23 6.60 -31.57 -5.45
C LEU E 23 5.35 -32.15 -4.82
N LEU E 24 4.49 -31.31 -4.23
CA LEU E 24 3.27 -31.85 -3.66
C LEU E 24 2.17 -32.06 -4.71
N MET E 25 2.39 -31.63 -5.95
CA MET E 25 1.39 -31.76 -6.99
C MET E 25 1.67 -33.01 -7.82
N PRO E 26 0.82 -34.02 -7.77
CA PRO E 26 0.99 -35.18 -8.66
C PRO E 26 0.78 -34.78 -10.12
N ASN E 27 1.50 -35.49 -11.00
CA ASN E 27 1.46 -35.23 -12.44
C ASN E 27 1.71 -33.76 -12.76
N ALA E 28 2.70 -33.17 -12.07
CA ALA E 28 3.12 -31.82 -12.39
C ALA E 28 3.63 -31.70 -13.82
N ASN E 29 4.04 -32.82 -14.42
CA ASN E 29 4.44 -32.83 -15.82
C ASN E 29 3.32 -32.34 -16.73
N LYS E 30 2.09 -32.66 -16.39
CA LYS E 30 0.96 -32.43 -17.30
C LYS E 30 0.29 -31.07 -17.09
N THR E 31 0.39 -30.50 -15.90
CA THR E 31 -0.25 -29.22 -15.63
C THR E 31 0.54 -28.07 -16.24
N ASP E 32 -0.18 -27.01 -16.59
CA ASP E 32 0.45 -25.83 -17.15
C ASP E 32 1.04 -24.97 -16.03
N GLY E 33 1.91 -24.04 -16.43
CA GLY E 33 2.63 -23.23 -15.45
C GLY E 33 1.71 -22.35 -14.62
N ASN E 34 0.65 -21.82 -15.25
CA ASN E 34 -0.27 -20.94 -14.54
C ASN E 34 -0.96 -21.67 -13.40
N ARG E 35 -1.49 -22.86 -13.69
CA ARG E 35 -2.15 -23.64 -12.66
C ARG E 35 -1.17 -24.05 -11.57
N SER E 36 0.09 -24.30 -11.94
CA SER E 36 1.11 -24.65 -10.96
C SER E 36 1.40 -23.48 -10.03
N THR E 37 1.51 -22.27 -10.58
CA THR E 37 1.67 -21.08 -9.75
C THR E 37 0.48 -20.91 -8.81
N MET E 38 -0.74 -21.13 -9.32
CA MET E 38 -1.91 -21.08 -8.47
C MET E 38 -1.82 -22.10 -7.33
N PHE E 39 -1.31 -23.30 -7.62
CA PHE E 39 -1.15 -24.30 -6.57
C PHE E 39 -0.13 -23.86 -5.52
N CYS E 40 0.98 -23.26 -5.97
CA CYS E 40 1.98 -22.77 -5.03
C CYS E 40 1.40 -21.70 -4.12
N SER E 41 0.54 -20.84 -4.65
CA SER E 41 -0.12 -19.84 -3.81
C SER E 41 -1.17 -20.49 -2.89
N HIS E 42 -1.86 -21.52 -3.39
CA HIS E 42 -2.89 -22.19 -2.60
C HIS E 42 -2.27 -22.89 -1.39
N LEU E 43 -1.09 -23.47 -1.55
CA LEU E 43 -0.43 -24.12 -0.42
C LEU E 43 -0.25 -23.15 0.75
N ALA E 44 0.03 -21.88 0.45
CA ALA E 44 0.07 -20.88 1.51
C ALA E 44 -1.33 -20.51 1.97
N GLN E 45 -2.28 -20.41 1.03
CA GLN E 45 -3.65 -20.05 1.40
C GLN E 45 -4.42 -21.19 2.06
N ALA E 46 -3.81 -22.35 2.25
CA ALA E 46 -4.52 -23.48 2.83
C ALA E 46 -4.74 -23.29 4.32
N VAL E 47 -5.78 -23.93 4.84
CA VAL E 47 -6.10 -23.89 6.26
C VAL E 47 -6.08 -25.30 6.81
N THR E 48 -5.78 -25.42 8.10
CA THR E 48 -5.71 -26.72 8.74
C THR E 48 -7.11 -27.33 8.85
N LEU E 49 -7.22 -28.61 8.53
CA LEU E 49 -8.48 -29.33 8.56
C LEU E 49 -8.55 -30.24 9.77
N GLN E 50 -9.70 -30.23 10.44
CA GLN E 50 -9.89 -31.08 11.62
C GLN E 50 -9.83 -32.55 11.25
N LYS E 51 -10.34 -32.92 10.07
CA LYS E 51 -10.34 -34.31 9.63
C LYS E 51 -9.37 -34.52 8.49
N ALA E 52 -8.11 -34.15 8.69
CA ALA E 52 -7.11 -34.27 7.64
C ALA E 52 -6.81 -35.74 7.34
N GLU E 53 -6.71 -36.06 6.05
CA GLU E 53 -6.46 -37.42 5.59
C GLU E 53 -5.24 -37.45 4.68
N PRO E 54 -4.44 -38.52 4.73
CA PRO E 54 -3.35 -38.66 3.77
C PRO E 54 -3.89 -38.81 2.36
N PRO E 55 -3.19 -38.27 1.36
CA PRO E 55 -3.71 -38.30 -0.01
C PRO E 55 -3.78 -39.72 -0.57
N LEU E 56 -4.91 -40.03 -1.20
CA LEU E 56 -5.05 -41.32 -1.89
C LEU E 56 -4.09 -41.43 -3.05
N VAL E 57 -4.07 -40.41 -3.92
CA VAL E 57 -3.06 -40.28 -4.96
C VAL E 57 -1.99 -39.33 -4.44
N TYR E 58 -0.77 -39.82 -4.30
CA TYR E 58 0.28 -39.10 -3.60
C TYR E 58 1.56 -39.08 -4.42
N THR E 59 2.52 -38.27 -3.95
CA THR E 59 3.84 -38.20 -4.54
C THR E 59 4.94 -38.78 -3.65
N ASN E 60 4.61 -39.08 -2.39
CA ASN E 60 5.52 -39.67 -1.40
C ASN E 60 6.56 -38.66 -0.93
N PHE E 61 6.63 -37.50 -1.57
CA PHE E 61 7.42 -36.39 -1.05
C PHE E 61 6.67 -35.58 0.00
N GLU E 62 5.42 -35.95 0.29
CA GLU E 62 4.57 -35.17 1.18
C GLU E 62 4.98 -35.35 2.64
N ASN E 63 5.28 -36.58 3.04
CA ASN E 63 5.69 -36.83 4.42
C ASN E 63 7.00 -36.12 4.75
N GLN E 64 7.88 -35.98 3.76
CA GLN E 64 9.11 -35.21 3.96
C GLN E 64 8.79 -33.76 4.23
N VAL E 65 7.88 -33.18 3.43
CA VAL E 65 7.45 -31.80 3.65
C VAL E 65 6.89 -31.63 5.05
N GLY E 66 6.08 -32.60 5.49
CA GLY E 66 5.53 -32.54 6.84
C GLY E 66 6.61 -32.61 7.92
N LYS E 67 7.61 -33.47 7.71
CA LYS E 67 8.67 -33.62 8.71
C LYS E 67 9.49 -32.34 8.82
N TYR E 68 9.93 -31.79 7.68
CA TYR E 68 10.84 -30.65 7.72
C TYR E 68 10.15 -29.34 8.08
N SER E 69 8.83 -29.27 7.96
CA SER E 69 8.09 -28.14 8.50
C SER E 69 7.88 -28.37 10.00
N THR E 70 8.43 -27.47 10.82
CA THR E 70 8.51 -27.68 12.26
C THR E 70 7.35 -27.07 13.03
N ALA E 71 6.39 -26.44 12.35
CA ALA E 71 5.32 -25.73 13.05
C ALA E 71 4.20 -26.64 13.50
N GLY E 72 4.14 -27.88 13.03
CA GLY E 72 3.02 -28.76 13.33
C GLY E 72 3.29 -29.77 14.44
N TYR E 73 4.55 -30.18 14.58
CA TYR E 73 4.92 -31.20 15.55
C TYR E 73 6.11 -30.71 16.38
N ARG E 74 6.26 -31.32 17.56
CA ARG E 74 7.38 -31.06 18.45
C ARG E 74 8.12 -32.36 18.70
N LYS E 75 9.44 -32.32 18.56
CA LYS E 75 10.29 -33.49 18.77
C LYS E 75 11.33 -33.18 19.83
N ALA E 76 11.42 -34.05 20.83
CA ALA E 76 12.44 -33.93 21.88
C ALA E 76 13.74 -34.53 21.34
N ASN E 77 14.64 -33.67 20.86
CA ASN E 77 15.80 -34.12 20.10
C ASN E 77 16.71 -35.05 20.89
N SER E 78 16.78 -34.87 22.21
CA SER E 78 17.58 -35.73 23.06
C SER E 78 16.67 -36.58 23.94
N ASN E 79 17.29 -37.55 24.62
CA ASN E 79 16.56 -38.35 25.59
C ASN E 79 16.32 -37.53 26.85
N TYR E 80 15.08 -37.54 27.33
CA TYR E 80 14.68 -36.69 28.46
C TYR E 80 14.08 -37.54 29.56
N LYS E 81 14.07 -36.96 30.77
CA LYS E 81 13.40 -37.54 31.93
C LYS E 81 12.52 -36.46 32.54
N VAL E 82 11.25 -36.77 32.74
CA VAL E 82 10.29 -35.78 33.23
C VAL E 82 10.62 -35.48 34.70
N ILE E 83 11.08 -34.26 34.97
CA ILE E 83 11.33 -33.84 36.34
C ILE E 83 10.02 -33.51 37.04
N GLU E 84 9.15 -32.74 36.38
CA GLU E 84 7.93 -32.32 37.06
C GLU E 84 6.91 -31.80 36.06
N LYS E 85 5.65 -31.75 36.52
CA LYS E 85 4.54 -31.19 35.77
C LYS E 85 3.75 -30.24 36.67
N ILE E 86 3.49 -29.03 36.18
CA ILE E 86 2.75 -28.02 36.92
C ILE E 86 1.61 -27.49 36.06
N TYR E 87 0.45 -27.31 36.67
CA TYR E 87 -0.77 -26.96 35.95
C TYR E 87 -1.05 -25.46 36.11
N LYS E 88 -1.12 -24.75 34.99
CA LYS E 88 -1.70 -23.41 34.98
C LYS E 88 -3.22 -23.48 34.88
N ASN E 89 -3.72 -24.23 33.91
CA ASN E 89 -5.13 -24.50 33.71
C ASN E 89 -5.31 -25.98 33.43
N ASP E 90 -6.56 -26.41 33.27
CA ASP E 90 -6.80 -27.79 32.84
C ASP E 90 -6.37 -27.99 31.39
N TYR E 91 -6.38 -26.92 30.59
CA TYR E 91 -6.01 -26.99 29.19
C TYR E 91 -4.54 -26.69 28.95
N ASN E 92 -3.86 -26.01 29.87
CA ASN E 92 -2.49 -25.58 29.70
C ASN E 92 -1.67 -26.00 30.92
N TYR E 93 -0.59 -26.74 30.69
CA TYR E 93 0.34 -27.09 31.74
C TYR E 93 1.77 -27.04 31.20
N VAL E 94 2.72 -27.27 32.11
CA VAL E 94 4.14 -27.08 31.84
C VAL E 94 4.90 -28.30 32.39
N LEU E 95 5.87 -28.78 31.61
CA LEU E 95 6.66 -29.96 31.92
C LEU E 95 8.13 -29.56 31.99
N ILE E 96 8.74 -29.75 33.16
CA ILE E 96 10.17 -29.53 33.34
C ILE E 96 10.87 -30.87 33.22
N VAL E 97 11.86 -30.94 32.32
CA VAL E 97 12.53 -32.19 31.97
C VAL E 97 14.04 -31.96 32.01
N GLN E 98 14.78 -33.07 31.94
CA GLN E 98 16.24 -33.06 31.96
C GLN E 98 16.78 -33.98 30.89
N ASP E 99 17.74 -33.51 30.11
CA ASP E 99 18.43 -34.36 29.14
C ASP E 99 19.22 -35.43 29.88
N GLN E 100 18.93 -36.70 29.56
CA GLN E 100 19.66 -37.79 30.20
C GLN E 100 21.13 -37.80 29.80
N GLU E 101 21.44 -37.35 28.58
CA GLU E 101 22.81 -37.38 28.09
C GLU E 101 23.59 -36.12 28.48
N THR E 102 23.07 -34.95 28.13
CA THR E 102 23.80 -33.70 28.36
C THR E 102 23.70 -33.24 29.81
N GLY E 103 22.58 -33.51 30.48
CA GLY E 103 22.37 -33.05 31.83
C GLY E 103 21.70 -31.70 31.94
N GLU E 104 21.42 -31.02 30.82
CA GLU E 104 20.76 -29.74 30.84
C GLU E 104 19.28 -29.90 31.15
N TYR E 105 18.68 -28.85 31.71
CA TYR E 105 17.27 -28.84 32.04
C TYR E 105 16.51 -28.01 31.01
N THR E 106 15.38 -28.54 30.54
CA THR E 106 14.62 -27.90 29.47
C THR E 106 13.14 -27.96 29.83
N LEU E 107 12.32 -27.31 29.01
CA LEU E 107 10.92 -27.05 29.33
C LEU E 107 10.07 -27.36 28.11
N PHE E 108 8.87 -27.89 28.36
CA PHE E 108 7.89 -28.19 27.31
C PHE E 108 6.52 -27.78 27.79
N GLU E 109 5.85 -26.89 27.05
CA GLU E 109 4.54 -26.39 27.44
C GLU E 109 3.47 -26.97 26.52
N ARG E 110 2.26 -27.14 27.06
CA ARG E 110 1.16 -27.65 26.26
C ARG E 110 -0.01 -26.67 26.28
N ALA E 111 -0.84 -26.76 25.24
CA ALA E 111 -2.04 -25.94 25.11
C ALA E 111 -2.95 -26.59 24.08
N GLU E 112 -4.24 -26.28 24.19
CA GLU E 112 -5.22 -26.89 23.30
C GLU E 112 -5.10 -26.37 21.87
N CYS E 113 -4.71 -25.11 21.70
CA CYS E 113 -4.65 -24.50 20.37
C CYS E 113 -3.43 -23.61 20.26
N GLU E 114 -2.99 -23.40 19.02
CA GLU E 114 -1.93 -22.47 18.70
C GLU E 114 -2.47 -21.45 17.70
N PHE E 115 -2.19 -20.18 17.96
CA PHE E 115 -2.65 -19.05 17.17
C PHE E 115 -1.52 -18.52 16.30
N LEU E 116 -1.78 -18.35 15.01
CA LEU E 116 -0.78 -17.83 14.09
C LEU E 116 -0.93 -16.32 13.90
N THR E 117 -2.07 -15.89 13.37
CA THR E 117 -2.38 -14.48 13.17
C THR E 117 -3.86 -14.35 12.89
N GLU E 118 -4.40 -13.15 13.17
CA GLU E 118 -5.80 -12.83 12.94
C GLU E 118 -6.70 -13.82 13.63
N HIS E 119 -7.53 -14.55 12.86
CA HIS E 119 -8.36 -15.60 13.42
C HIS E 119 -7.91 -16.99 12.97
N TYR E 120 -6.64 -17.12 12.58
CA TYR E 120 -6.13 -18.38 12.03
C TYR E 120 -5.28 -19.11 13.07
N GLY E 121 -5.53 -20.41 13.19
CA GLY E 121 -4.81 -21.24 14.13
C GLY E 121 -5.29 -22.67 14.03
N PHE E 122 -4.79 -23.50 14.94
CA PHE E 122 -5.14 -24.92 14.88
C PHE E 122 -5.16 -25.53 16.27
N GLN E 123 -5.88 -26.65 16.39
CA GLN E 123 -5.95 -27.42 17.62
C GLN E 123 -4.82 -28.44 17.66
N TRP E 124 -4.54 -28.95 18.86
CA TRP E 124 -3.42 -29.85 19.09
C TRP E 124 -3.92 -31.21 19.55
N ASP E 125 -3.09 -32.23 19.31
CA ASP E 125 -3.31 -33.59 19.82
C ASP E 125 -2.25 -33.80 20.90
N ASN E 126 -2.61 -33.46 22.15
CA ASN E 126 -1.68 -33.48 23.27
C ASN E 126 -1.71 -34.81 24.02
N ASP E 127 -2.16 -35.89 23.39
CA ASP E 127 -2.33 -37.15 24.13
C ASP E 127 -1.00 -37.75 24.55
N LYS E 128 0.04 -37.61 23.70
CA LYS E 128 1.33 -38.18 24.05
C LYS E 128 1.95 -37.48 25.25
N ILE E 129 1.88 -36.14 25.28
CA ILE E 129 2.45 -35.43 26.42
C ILE E 129 1.55 -35.56 27.64
N ASP E 130 0.24 -35.78 27.44
CA ASP E 130 -0.66 -35.98 28.58
C ASP E 130 -0.48 -37.35 29.20
N SER E 131 -0.07 -38.34 28.41
CA SER E 131 0.26 -39.64 28.98
C SER E 131 1.50 -39.59 29.86
N LEU E 132 2.37 -38.62 29.64
CA LEU E 132 3.60 -38.52 30.41
C LEU E 132 3.31 -38.03 31.82
N LYS E 133 3.90 -38.72 32.81
CA LYS E 133 3.80 -38.34 34.21
C LYS E 133 5.20 -38.07 34.75
N LYS E 134 5.29 -37.77 36.04
CA LYS E 134 6.58 -37.48 36.63
C LYS E 134 7.46 -38.72 36.63
N ASP E 135 8.74 -38.53 36.31
CA ASP E 135 9.76 -39.58 36.24
C ASP E 135 9.57 -40.52 35.06
N ASP E 136 8.81 -40.12 34.04
CA ASP E 136 8.74 -40.87 32.80
C ASP E 136 9.88 -40.48 31.86
N THR E 137 10.03 -41.23 30.78
CA THR E 137 11.14 -41.08 29.87
C THR E 137 10.65 -40.75 28.47
N ILE E 138 11.25 -39.71 27.87
CA ILE E 138 10.97 -39.32 26.50
C ILE E 138 12.14 -39.79 25.63
N GLU E 139 11.82 -40.44 24.51
CA GLU E 139 12.84 -41.00 23.64
C GLU E 139 13.41 -39.92 22.72
N LYS E 140 14.43 -40.29 21.94
CA LYS E 140 15.12 -39.33 21.09
C LYS E 140 14.22 -38.80 19.99
N ASP E 141 13.28 -39.60 19.50
CA ASP E 141 12.29 -39.16 18.52
C ASP E 141 10.91 -39.45 19.07
N THR E 142 10.18 -38.40 19.45
CA THR E 142 8.85 -38.55 20.04
C THR E 142 8.04 -37.30 19.72
N VAL E 143 6.79 -37.50 19.30
CA VAL E 143 5.89 -36.40 18.97
C VAL E 143 5.12 -36.07 20.24
N LEU E 144 5.59 -35.07 20.98
CA LEU E 144 4.93 -34.68 22.22
C LEU E 144 3.56 -34.07 21.96
N TYR E 145 3.47 -33.19 20.98
CA TYR E 145 2.18 -32.66 20.54
C TYR E 145 2.24 -32.43 19.03
N LYS E 146 1.16 -32.78 18.34
CA LYS E 146 1.09 -32.74 16.89
C LYS E 146 -0.18 -32.04 16.45
N ASN E 147 -0.16 -31.55 15.21
CA ASN E 147 -1.35 -30.95 14.61
C ASN E 147 -2.27 -32.05 14.08
N THR E 148 -3.48 -31.63 13.68
CA THR E 148 -4.41 -32.58 13.07
C THR E 148 -3.99 -32.97 11.66
N CYS E 149 -3.08 -32.23 11.04
CA CYS E 149 -2.62 -32.56 9.70
C CYS E 149 -1.86 -33.87 9.68
N TYR E 150 -1.19 -34.21 10.78
CA TYR E 150 -0.42 -35.43 10.89
C TYR E 150 -1.25 -36.49 11.60
N ASP E 151 -1.27 -37.71 11.05
CA ASP E 151 -2.05 -38.79 11.62
C ASP E 151 -1.20 -39.55 12.65
N GLU E 152 -1.54 -40.81 12.92
CA GLU E 152 -0.88 -41.54 14.00
C GLU E 152 0.55 -41.92 13.61
N ASN E 153 0.76 -42.28 12.34
CA ASN E 153 2.08 -42.69 11.87
C ASN E 153 2.83 -41.56 11.18
N MET E 154 2.54 -40.31 11.57
CA MET E 154 3.24 -39.12 11.09
C MET E 154 3.11 -38.91 9.59
N ASN E 155 2.10 -39.52 8.97
CA ASN E 155 1.80 -39.21 7.57
C ASN E 155 1.14 -37.83 7.49
N PHE E 156 1.56 -37.04 6.52
CA PHE E 156 1.15 -35.64 6.41
C PHE E 156 0.14 -35.48 5.29
N GLY E 157 -0.98 -34.82 5.59
CA GLY E 157 -2.01 -34.54 4.61
C GLY E 157 -2.59 -33.16 4.77
N TYR E 158 -2.53 -32.35 3.71
CA TYR E 158 -2.98 -30.96 3.76
C TYR E 158 -4.46 -30.79 3.43
N GLY E 159 -5.14 -31.86 3.02
CA GLY E 159 -6.55 -31.76 2.68
C GLY E 159 -7.32 -33.05 2.87
N VAL E 160 -8.51 -33.12 2.29
CA VAL E 160 -9.33 -34.32 2.37
C VAL E 160 -9.41 -34.96 0.98
N ASN E 161 -9.89 -36.20 0.95
CA ASN E 161 -10.16 -36.91 -0.29
C ASN E 161 -11.68 -36.95 -0.48
N LEU E 162 -12.14 -36.40 -1.60
CA LEU E 162 -13.57 -36.30 -1.85
C LEU E 162 -13.93 -36.91 -3.19
N ASN E 163 -15.04 -37.66 -3.21
CA ASN E 163 -15.55 -38.19 -4.47
C ASN E 163 -16.16 -37.07 -5.29
N ALA E 164 -15.62 -36.85 -6.48
CA ALA E 164 -16.01 -35.76 -7.35
C ALA E 164 -16.59 -36.29 -8.66
N ALA E 165 -17.36 -35.43 -9.32
CA ALA E 165 -17.90 -35.69 -10.63
C ALA E 165 -17.99 -34.36 -11.38
N TYR E 166 -17.85 -34.43 -12.70
CA TYR E 166 -17.98 -33.26 -13.56
C TYR E 166 -19.42 -33.17 -14.02
N PHE E 167 -20.16 -32.20 -13.48
CA PHE E 167 -21.60 -32.18 -13.64
C PHE E 167 -22.10 -30.74 -13.63
N SER E 168 -23.21 -30.52 -14.31
CA SER E 168 -23.85 -29.20 -14.41
C SER E 168 -25.13 -29.26 -13.57
N TYR E 169 -25.07 -28.74 -12.35
CA TYR E 169 -26.17 -28.84 -11.39
C TYR E 169 -27.00 -27.56 -11.46
N LYS E 170 -28.04 -27.57 -12.29
CA LYS E 170 -29.01 -26.47 -12.37
C LYS E 170 -28.34 -25.12 -12.60
N ASN E 171 -27.26 -25.14 -13.39
CA ASN E 171 -26.46 -23.95 -13.69
C ASN E 171 -25.89 -23.30 -12.44
N GLU E 172 -25.81 -24.05 -11.33
CA GLU E 172 -25.15 -23.57 -10.12
C GLU E 172 -23.64 -23.72 -10.17
N THR E 173 -23.10 -24.28 -11.25
CA THR E 173 -21.67 -24.43 -11.44
C THR E 173 -21.13 -23.53 -12.54
N LEU E 174 -21.87 -22.48 -12.89
CA LEU E 174 -21.43 -21.58 -13.96
C LEU E 174 -20.11 -20.92 -13.59
N GLU E 175 -19.33 -20.60 -14.62
CA GLU E 175 -17.93 -20.21 -14.48
C GLU E 175 -17.19 -21.33 -13.76
N ASP E 176 -16.86 -21.14 -12.49
CA ASP E 176 -16.25 -22.18 -11.67
C ASP E 176 -16.84 -22.09 -10.26
N ALA E 177 -17.82 -22.96 -9.98
CA ALA E 177 -18.42 -23.06 -8.66
C ALA E 177 -18.60 -24.54 -8.33
N ILE E 178 -18.68 -24.84 -7.04
CA ILE E 178 -18.76 -26.20 -6.54
C ILE E 178 -20.01 -26.35 -5.69
N VAL E 179 -20.76 -27.42 -5.92
CA VAL E 179 -21.86 -27.84 -5.06
C VAL E 179 -21.42 -29.09 -4.31
N ILE E 180 -21.61 -29.09 -3.00
CA ILE E 180 -21.04 -30.12 -2.14
C ILE E 180 -22.14 -30.66 -1.23
N SER E 181 -22.05 -31.96 -0.93
CA SER E 181 -22.97 -32.59 -0.01
C SER E 181 -22.62 -32.24 1.43
N GLU E 182 -23.63 -32.35 2.30
CA GLU E 182 -23.44 -32.02 3.71
C GLU E 182 -22.45 -32.98 4.37
N SER E 183 -22.51 -34.26 4.01
CA SER E 183 -21.56 -35.22 4.58
C SER E 183 -20.12 -34.86 4.19
N ALA E 184 -19.91 -34.44 2.94
CA ALA E 184 -18.60 -33.97 2.55
C ALA E 184 -18.27 -32.63 3.20
N ALA E 185 -19.29 -31.82 3.48
CA ALA E 185 -19.06 -30.55 4.16
C ALA E 185 -18.55 -30.76 5.57
N LYS E 186 -18.96 -31.86 6.22
CA LYS E 186 -18.44 -32.16 7.56
C LYS E 186 -16.94 -32.40 7.53
N LYS E 187 -16.45 -33.09 6.49
CA LYS E 187 -15.02 -33.35 6.37
C LYS E 187 -14.22 -32.10 6.08
N LEU E 188 -14.85 -31.07 5.51
CA LEU E 188 -14.16 -29.83 5.19
C LEU E 188 -14.48 -28.76 6.25
N GLY E 189 -14.02 -29.03 7.46
CA GLY E 189 -14.18 -28.11 8.57
C GLY E 189 -12.82 -27.71 9.12
N THR E 190 -12.74 -26.48 9.62
CA THR E 190 -11.47 -25.93 10.08
C THR E 190 -11.62 -25.33 11.47
N PHE E 191 -10.48 -24.91 12.03
CA PHE E 191 -10.43 -24.28 13.35
C PHE E 191 -10.30 -22.77 13.22
N SER E 192 -10.81 -22.07 14.21
CA SER E 192 -10.72 -20.61 14.28
C SER E 192 -10.34 -20.22 15.69
N VAL E 193 -9.16 -19.63 15.86
CA VAL E 193 -8.69 -19.17 17.16
C VAL E 193 -8.50 -17.67 17.11
N ASN E 194 -8.86 -17.00 18.20
CA ASN E 194 -8.77 -15.55 18.32
C ASN E 194 -8.21 -15.18 19.68
N LYS E 195 -7.27 -14.25 19.70
CA LYS E 195 -6.70 -13.71 20.93
C LYS E 195 -7.25 -12.30 21.11
N VAL E 196 -8.26 -12.17 21.97
CA VAL E 196 -8.98 -10.90 22.15
C VAL E 196 -8.63 -10.35 23.53
N LYS E 197 -8.27 -9.06 23.57
CA LYS E 197 -7.89 -8.39 24.80
C LYS E 197 -8.95 -7.36 25.17
N VAL E 198 -9.48 -7.48 26.38
CA VAL E 198 -10.41 -6.50 26.94
C VAL E 198 -9.71 -5.80 28.10
N SER E 199 -9.67 -4.47 28.05
CA SER E 199 -8.98 -3.66 29.04
C SER E 199 -10.01 -2.99 29.92
N VAL E 200 -9.84 -3.11 31.25
CA VAL E 200 -10.76 -2.53 32.22
C VAL E 200 -9.98 -1.54 33.07
N ASN E 201 -10.56 -0.37 33.28
CA ASN E 201 -9.97 0.64 34.16
C ASN E 201 -10.85 0.80 35.39
N THR E 202 -10.41 1.68 36.29
CA THR E 202 -11.21 1.98 37.49
C THR E 202 -12.52 2.65 37.15
N ASN E 203 -12.61 3.32 35.99
CA ASN E 203 -13.85 3.99 35.61
C ASN E 203 -14.91 2.96 35.23
N ASP E 204 -14.54 1.95 34.44
CA ASP E 204 -15.51 1.00 33.92
C ASP E 204 -15.54 -0.28 34.75
N ILE E 205 -16.72 -0.89 34.80
CA ILE E 205 -16.96 -2.12 35.53
C ILE E 205 -17.61 -3.13 34.57
N LEU E 206 -17.42 -4.41 34.88
CA LEU E 206 -17.93 -5.49 34.06
C LEU E 206 -19.38 -5.80 34.42
N LEU E 207 -20.06 -6.50 33.52
CA LEU E 207 -21.48 -6.80 33.66
C LEU E 207 -21.69 -8.30 33.86
N ASN E 208 -22.68 -8.63 34.68
CA ASN E 208 -22.99 -10.03 35.01
C ASN E 208 -23.71 -10.69 33.85
N LEU E 209 -22.98 -10.88 32.76
CA LEU E 209 -23.53 -11.55 31.59
C LEU E 209 -23.65 -13.06 31.80
N TYR E 210 -22.76 -13.64 32.61
CA TYR E 210 -22.73 -15.08 32.83
C TYR E 210 -23.00 -15.37 34.29
N GLY E 211 -23.97 -16.25 34.56
CA GLY E 211 -24.27 -16.67 35.90
C GLY E 211 -25.65 -16.30 36.38
N ASP E 212 -25.84 -16.29 37.70
CA ASP E 212 -27.14 -16.01 38.31
C ASP E 212 -27.07 -14.85 39.27
N ASN E 213 -28.03 -14.79 40.21
CA ASN E 213 -28.02 -13.71 41.19
C ASN E 213 -26.97 -13.93 42.27
N GLU E 214 -26.72 -15.19 42.65
CA GLU E 214 -25.72 -15.45 43.67
C GLU E 214 -24.31 -15.38 43.10
N ASN E 215 -24.11 -15.79 41.86
CA ASN E 215 -22.79 -15.86 41.24
C ASN E 215 -22.67 -14.76 40.20
N TYR E 216 -21.63 -13.92 40.34
CA TYR E 216 -21.37 -12.81 39.43
C TYR E 216 -20.14 -13.16 38.59
N LYS E 217 -20.36 -13.38 37.30
CA LYS E 217 -19.29 -13.66 36.35
C LYS E 217 -19.47 -12.77 35.13
N GLY E 218 -18.49 -11.91 34.87
CA GLY E 218 -18.54 -11.06 33.69
C GLY E 218 -17.99 -11.67 32.42
N PHE E 219 -17.30 -12.81 32.54
CA PHE E 219 -16.69 -13.48 31.41
C PHE E 219 -16.78 -14.98 31.63
N PRO E 220 -16.80 -15.77 30.55
CA PRO E 220 -16.91 -17.22 30.70
C PRO E 220 -15.69 -17.80 31.40
N ASP E 221 -15.91 -18.91 32.10
CA ASP E 221 -14.81 -19.64 32.72
C ASP E 221 -13.98 -20.33 31.65
N ILE E 222 -13.00 -21.11 32.09
CA ILE E 222 -12.09 -21.76 31.15
C ILE E 222 -12.82 -22.78 30.29
N GLY E 223 -13.61 -23.65 30.93
CA GLY E 223 -14.32 -24.67 30.18
C GLY E 223 -15.57 -24.20 29.48
N GLU E 224 -16.13 -23.06 29.90
CA GLU E 224 -17.40 -22.61 29.37
C GLU E 224 -17.26 -22.09 27.94
N HIS E 225 -18.38 -22.07 27.23
CA HIS E 225 -18.46 -21.54 25.87
C HIS E 225 -19.09 -20.15 25.89
N ILE E 226 -18.93 -19.44 24.77
CA ILE E 226 -19.44 -18.09 24.64
C ILE E 226 -20.95 -18.15 24.37
N LYS E 227 -21.69 -17.26 25.03
CA LYS E 227 -23.12 -17.12 24.82
C LYS E 227 -23.41 -15.72 24.28
N ASN E 228 -24.35 -15.65 23.34
CA ASN E 228 -24.79 -14.39 22.74
C ASN E 228 -23.66 -13.64 22.03
N GLN E 229 -22.57 -14.33 21.72
CA GLN E 229 -21.45 -13.76 20.95
C GLN E 229 -20.82 -12.55 21.63
N ILE E 230 -20.86 -12.51 22.97
CA ILE E 230 -20.28 -11.40 23.72
C ILE E 230 -19.39 -11.97 24.81
N ILE E 231 -18.09 -11.66 24.73
CA ILE E 231 -17.15 -12.07 25.78
C ILE E 231 -17.39 -11.27 27.05
N ALA E 232 -17.71 -9.97 26.92
CA ALA E 232 -17.91 -9.12 28.08
C ALA E 232 -18.46 -7.77 27.61
N SER E 233 -18.87 -6.96 28.59
CA SER E 233 -19.34 -5.61 28.35
C SER E 233 -18.96 -4.75 29.55
N ARG E 234 -18.60 -3.49 29.29
CA ARG E 234 -18.13 -2.61 30.35
C ARG E 234 -18.93 -1.31 30.37
N ARG E 235 -19.23 -0.84 31.59
CA ARG E 235 -19.92 0.43 31.81
C ARG E 235 -19.00 1.40 32.52
N ARG E 236 -18.92 2.63 32.04
CA ARG E 236 -18.20 3.68 32.76
C ARG E 236 -19.01 4.12 33.97
N PHE E 237 -18.36 4.21 35.12
CA PHE E 237 -19.02 4.52 36.38
C PHE E 237 -18.72 5.97 36.76
N ASP E 238 -19.77 6.75 36.99
CA ASP E 238 -19.67 8.10 37.51
C ASP E 238 -20.77 8.30 38.54
N TYR E 239 -20.45 8.99 39.63
CA TYR E 239 -21.38 9.09 40.75
C TYR E 239 -22.68 9.80 40.36
N ASN E 240 -22.63 10.66 39.35
CA ASN E 240 -23.84 11.36 38.94
C ASN E 240 -24.83 10.43 38.26
N THR E 241 -24.33 9.51 37.42
CA THR E 241 -25.17 8.57 36.70
C THR E 241 -25.25 7.21 37.36
N ALA E 242 -24.67 7.07 38.56
CA ALA E 242 -24.56 5.75 39.20
C ALA E 242 -25.89 5.26 39.76
N LEU E 243 -26.78 6.17 40.14
CA LEU E 243 -28.00 5.75 40.84
C LEU E 243 -28.91 4.93 39.94
N TYR E 244 -29.04 5.31 38.67
CA TYR E 244 -29.94 4.62 37.76
C TYR E 244 -29.23 3.65 36.83
N GLU E 245 -28.01 3.98 36.38
CA GLU E 245 -27.34 3.14 35.40
C GLU E 245 -26.76 1.88 36.05
N LEU E 246 -26.24 1.99 37.28
CA LEU E 246 -25.62 0.84 37.91
C LEU E 246 -26.64 -0.21 38.33
N LYS E 247 -27.87 0.20 38.63
CA LYS E 247 -28.93 -0.76 38.89
C LYS E 247 -29.21 -1.58 37.63
N ASN E 248 -29.58 -2.84 37.83
CA ASN E 248 -29.73 -3.80 36.73
C ASN E 248 -28.41 -3.98 35.98
N LEU E 249 -27.35 -4.28 36.75
CA LEU E 249 -26.04 -4.56 36.18
C LEU E 249 -26.02 -5.85 35.35
N ASN E 250 -27.09 -6.63 35.39
CA ASN E 250 -27.13 -7.90 34.67
C ASN E 250 -27.48 -7.74 33.20
N GLU E 251 -28.22 -6.70 32.85
CA GLU E 251 -28.69 -6.50 31.49
C GLU E 251 -27.95 -5.36 30.82
N MET E 252 -27.97 -5.38 29.48
CA MET E 252 -27.19 -4.43 28.69
C MET E 252 -27.92 -3.11 28.54
N ARG E 253 -27.15 -2.04 28.38
CA ARG E 253 -27.67 -0.70 28.15
C ARG E 253 -26.95 -0.09 26.95
N ASP E 254 -27.53 0.98 26.41
CA ASP E 254 -26.94 1.61 25.22
C ASP E 254 -25.57 2.21 25.51
N SER E 255 -25.31 2.59 26.76
CA SER E 255 -24.04 3.21 27.10
C SER E 255 -22.90 2.20 27.18
N ASP E 256 -23.19 0.92 27.27
CA ASP E 256 -22.16 -0.07 27.53
C ASP E 256 -21.29 -0.30 26.28
N THR E 257 -20.05 -0.70 26.52
CA THR E 257 -19.15 -1.09 25.44
C THR E 257 -19.07 -2.60 25.40
N PRO E 258 -19.56 -3.26 24.34
CA PRO E 258 -19.50 -4.73 24.28
C PRO E 258 -18.29 -5.23 23.49
N PHE E 259 -17.87 -6.46 23.75
CA PHE E 259 -16.77 -7.08 23.03
C PHE E 259 -17.24 -8.40 22.45
N PHE E 260 -17.05 -8.59 21.14
CA PHE E 260 -17.63 -9.71 20.40
C PHE E 260 -16.58 -10.76 20.07
N ALA E 261 -16.93 -12.02 20.30
CA ALA E 261 -16.12 -13.18 19.96
C ALA E 261 -16.97 -14.42 20.17
N ASP E 262 -16.59 -15.52 19.52
CA ASP E 262 -17.39 -16.74 19.56
C ASP E 262 -16.48 -17.95 19.56
N GLY E 263 -16.77 -18.90 20.43
CA GLY E 263 -16.03 -20.14 20.50
C GLY E 263 -16.01 -20.67 21.93
N LYS E 264 -14.89 -21.30 22.29
CA LYS E 264 -14.67 -21.82 23.63
C LYS E 264 -13.41 -21.22 24.20
N ILE E 265 -13.48 -20.75 25.45
CA ILE E 265 -12.28 -20.26 26.12
C ILE E 265 -11.31 -21.41 26.32
N VAL E 266 -10.02 -21.11 26.19
CA VAL E 266 -8.98 -22.10 26.47
C VAL E 266 -7.84 -21.54 27.31
N ASP E 267 -7.67 -20.22 27.40
CA ASP E 267 -6.67 -19.65 28.29
C ASP E 267 -6.98 -18.17 28.49
N ILE E 268 -7.00 -17.75 29.76
CA ILE E 268 -7.21 -16.35 30.11
C ILE E 268 -6.03 -15.89 30.97
N GLU E 269 -5.45 -14.74 30.62
CA GLU E 269 -4.36 -14.16 31.40
C GLU E 269 -4.70 -12.73 31.73
N ILE E 270 -4.68 -12.41 33.02
CA ILE E 270 -5.05 -11.08 33.51
C ILE E 270 -3.81 -10.42 34.12
N PHE E 271 -3.48 -9.23 33.64
CA PHE E 271 -2.39 -8.42 34.19
C PHE E 271 -3.01 -7.23 34.91
N SER E 272 -2.78 -7.13 36.21
CA SER E 272 -3.44 -6.15 37.06
C SER E 272 -2.42 -5.24 37.70
N ASN E 273 -2.58 -3.93 37.51
CA ASN E 273 -1.83 -2.92 38.23
C ASN E 273 -2.59 -2.35 39.41
N VAL E 274 -3.81 -2.82 39.65
CA VAL E 274 -4.62 -2.38 40.78
C VAL E 274 -4.15 -3.12 42.04
N PRO E 275 -4.23 -2.48 43.21
CA PRO E 275 -3.94 -3.21 44.45
C PRO E 275 -4.92 -4.36 44.65
N GLU E 276 -4.39 -5.51 45.05
CA GLU E 276 -5.23 -6.70 45.16
C GLU E 276 -6.33 -6.52 46.20
N GLU E 277 -6.07 -5.72 47.23
CA GLU E 277 -7.06 -5.49 48.28
C GLU E 277 -8.33 -4.85 47.72
N GLU E 278 -8.16 -3.84 46.86
CA GLU E 278 -9.33 -3.18 46.27
C GLU E 278 -10.14 -4.16 45.41
N LEU E 279 -9.46 -5.06 44.70
CA LEU E 279 -10.18 -6.10 43.97
C LEU E 279 -10.91 -7.04 44.91
N LYS E 280 -10.31 -7.33 46.07
CA LYS E 280 -10.99 -8.16 47.07
C LYS E 280 -12.28 -7.49 47.53
N VAL E 281 -12.27 -6.16 47.63
CA VAL E 281 -13.49 -5.44 48.00
C VAL E 281 -14.54 -5.58 46.90
N GLN E 282 -14.15 -5.34 45.65
CA GLN E 282 -15.10 -5.28 44.54
C GLN E 282 -15.70 -6.65 44.25
N LYS E 283 -17.02 -6.73 44.26
CA LYS E 283 -17.72 -7.98 43.93
C LYS E 283 -17.77 -8.24 42.43
N TYR E 284 -17.88 -7.18 41.63
CA TYR E 284 -18.03 -7.37 40.19
C TYR E 284 -16.77 -7.95 39.56
N ASN E 285 -15.60 -7.70 40.16
CA ASN E 285 -14.34 -8.21 39.63
C ASN E 285 -13.81 -9.39 40.45
N GLU E 286 -14.70 -10.14 41.09
CA GLU E 286 -14.29 -11.27 41.92
C GLU E 286 -13.64 -12.37 41.09
N GLN E 287 -14.19 -12.66 39.91
CA GLN E 287 -13.64 -13.68 39.04
C GLN E 287 -12.22 -13.30 38.58
N VAL E 288 -12.00 -12.02 38.33
CA VAL E 288 -10.66 -11.54 37.99
C VAL E 288 -9.70 -11.80 39.14
N LEU E 289 -10.15 -11.56 40.38
CA LEU E 289 -9.32 -11.86 41.54
C LEU E 289 -9.00 -13.34 41.63
N TYR E 290 -9.99 -14.20 41.34
CA TYR E 290 -9.78 -15.63 41.41
C TYR E 290 -8.73 -16.08 40.41
N TYR E 291 -8.83 -15.61 39.17
CA TYR E 291 -7.84 -15.98 38.15
C TYR E 291 -6.47 -15.37 38.45
N ILE E 292 -6.44 -14.17 39.03
CA ILE E 292 -5.18 -13.56 39.43
C ILE E 292 -4.48 -14.44 40.47
N ASN E 293 -5.24 -14.88 41.47
CA ASN E 293 -4.67 -15.76 42.49
C ASN E 293 -4.25 -17.10 41.88
N LYS E 294 -4.96 -17.57 40.85
CA LYS E 294 -4.56 -18.82 40.20
C LYS E 294 -3.19 -18.66 39.52
N GLN E 295 -3.03 -17.58 38.76
CA GLN E 295 -1.73 -17.33 38.12
C GLN E 295 -0.62 -17.18 39.15
N LYS E 296 -0.91 -16.45 40.24
CA LYS E 296 0.11 -16.24 41.27
C LYS E 296 0.46 -17.55 41.96
N GLU E 297 -0.52 -18.43 42.16
CA GLU E 297 -0.23 -19.73 42.77
C GLU E 297 0.59 -20.61 41.84
N PHE E 298 0.29 -20.58 40.55
CA PHE E 298 1.10 -21.33 39.59
C PHE E 298 2.54 -20.84 39.59
N SER E 299 2.73 -19.52 39.62
CA SER E 299 4.08 -18.98 39.65
C SER E 299 4.80 -19.30 40.97
N ASN E 300 4.06 -19.27 42.09
CA ASN E 300 4.64 -19.69 43.36
C ASN E 300 5.07 -21.16 43.30
N ASN E 301 4.25 -22.00 42.68
CA ASN E 301 4.61 -23.42 42.54
C ASN E 301 5.89 -23.58 41.72
N VAL E 302 5.98 -22.89 40.58
CA VAL E 302 7.16 -23.07 39.74
C VAL E 302 8.40 -22.54 40.45
N TYR E 303 8.26 -21.42 41.20
CA TYR E 303 9.39 -20.92 41.97
C TYR E 303 9.84 -21.93 43.02
N GLN E 304 8.90 -22.39 43.84
CA GLN E 304 9.23 -23.32 44.92
C GLN E 304 9.84 -24.60 44.39
N LYS E 305 9.40 -25.05 43.22
CA LYS E 305 9.81 -26.34 42.72
C LYS E 305 11.07 -26.29 41.86
N LEU E 306 11.39 -25.13 41.26
CA LEU E 306 12.53 -25.03 40.38
C LEU E 306 13.63 -24.11 40.92
N LYS E 307 13.49 -23.61 42.15
CA LYS E 307 14.58 -22.82 42.72
C LYS E 307 15.85 -23.64 42.84
N LYS E 308 15.74 -24.90 43.27
CA LYS E 308 16.92 -25.75 43.40
C LYS E 308 17.58 -26.00 42.06
N ILE E 309 16.78 -26.16 41.00
CA ILE E 309 17.35 -26.44 39.68
C ILE E 309 18.00 -25.20 39.09
N VAL E 310 17.35 -24.04 39.22
CA VAL E 310 17.86 -22.83 38.59
C VAL E 310 19.06 -22.27 39.36
N GLU E 311 19.00 -22.29 40.69
CA GLU E 311 20.03 -21.66 41.52
C GLU E 311 21.13 -22.63 41.92
N GLY E 312 21.12 -23.86 41.44
CA GLY E 312 22.21 -24.78 41.68
C GLY E 312 23.40 -24.42 40.81
N LYS E 313 24.56 -24.17 41.43
CA LYS E 313 25.73 -23.76 40.66
C LYS E 313 26.18 -24.85 39.70
N ASP E 314 26.24 -26.09 40.18
CA ASP E 314 26.64 -27.22 39.34
C ASP E 314 25.42 -27.80 38.60
N ASN E 315 24.74 -26.93 37.87
CA ASN E 315 23.57 -27.31 37.10
C ASN E 315 23.48 -26.43 35.86
N ASN E 316 22.85 -26.96 34.82
CA ASN E 316 22.66 -26.24 33.57
C ASN E 316 21.17 -26.13 33.27
N VAL E 317 20.70 -24.91 33.05
CA VAL E 317 19.29 -24.63 32.78
C VAL E 317 19.21 -23.96 31.41
N SER E 318 18.27 -24.44 30.59
CA SER E 318 18.06 -23.83 29.28
C SER E 318 17.60 -22.39 29.43
N ASP E 319 17.93 -21.57 28.42
CA ASP E 319 17.56 -20.15 28.48
C ASP E 319 16.05 -19.97 28.52
N LYS E 320 15.30 -20.84 27.85
CA LYS E 320 13.84 -20.77 27.92
C LYS E 320 13.35 -21.00 29.34
N LEU E 321 13.86 -22.05 30.00
CA LEU E 321 13.47 -22.33 31.38
C LEU E 321 13.87 -21.18 32.30
N LEU E 322 15.06 -20.61 32.08
CA LEU E 322 15.50 -19.50 32.93
C LEU E 322 14.61 -18.28 32.75
N HIS E 323 14.26 -17.95 31.51
CA HIS E 323 13.38 -16.80 31.28
C HIS E 323 11.99 -17.03 31.87
N PHE E 324 11.49 -18.27 31.76
CA PHE E 324 10.20 -18.60 32.34
C PHE E 324 10.21 -18.46 33.85
N TYR E 325 11.25 -19.00 34.50
CA TYR E 325 11.38 -18.89 35.94
C TYR E 325 11.53 -17.45 36.37
N ASN E 326 12.29 -16.66 35.63
CA ASN E 326 12.48 -15.25 35.97
C ASN E 326 11.19 -14.47 35.82
N ASN E 327 10.41 -14.75 34.78
CA ASN E 327 9.14 -14.06 34.59
C ASN E 327 8.16 -14.40 35.72
N CYS E 328 8.08 -15.68 36.08
CA CYS E 328 7.19 -16.06 37.18
C CYS E 328 7.65 -15.44 38.50
N LYS E 329 8.97 -15.38 38.72
CA LYS E 329 9.47 -14.78 39.95
C LYS E 329 9.22 -13.28 39.99
N MET E 330 9.31 -12.61 38.84
CA MET E 330 8.92 -11.21 38.76
C MET E 330 7.44 -11.04 39.10
N ARG E 331 6.59 -11.94 38.58
CA ARG E 331 5.17 -11.82 38.84
C ARG E 331 4.83 -12.04 40.32
N ILE E 332 5.55 -12.95 40.99
CA ILE E 332 5.32 -13.11 42.42
C ILE E 332 6.04 -12.06 43.25
N ASP E 333 7.01 -11.36 42.67
CA ASP E 333 7.76 -10.36 43.42
C ASP E 333 6.89 -9.14 43.70
N GLU E 334 7.19 -8.47 44.81
CA GLU E 334 6.47 -7.26 45.18
C GLU E 334 6.89 -6.09 44.30
N ASN E 335 6.03 -5.09 44.23
CA ASN E 335 6.26 -3.88 43.45
C ASN E 335 6.40 -4.17 41.95
N ILE E 336 5.74 -5.23 41.48
CA ILE E 336 5.74 -5.55 40.05
C ILE E 336 4.75 -4.65 39.34
N SER E 337 5.16 -4.11 38.19
CA SER E 337 4.33 -3.18 37.43
C SER E 337 4.33 -3.60 35.97
N TYR E 338 3.14 -3.69 35.38
CA TYR E 338 2.98 -4.12 34.01
C TYR E 338 2.73 -2.90 33.12
N THR E 339 3.35 -2.88 31.95
CA THR E 339 3.20 -1.81 30.98
C THR E 339 2.75 -2.38 29.64
N TYR E 340 1.77 -1.72 29.03
CA TYR E 340 1.28 -2.09 27.71
C TYR E 340 1.54 -0.94 26.75
N GLN E 341 2.21 -1.25 25.65
CA GLN E 341 2.62 -0.24 24.65
C GLN E 341 3.44 0.86 25.30
N ASN E 342 4.36 0.47 26.18
CA ASN E 342 5.25 1.39 26.89
C ASN E 342 4.46 2.45 27.65
N SER E 343 3.46 2.00 28.40
CA SER E 343 2.62 2.90 29.19
C SER E 343 1.99 2.14 30.33
N LYS E 344 2.12 2.68 31.54
CA LYS E 344 1.45 2.09 32.70
C LYS E 344 -0.06 2.23 32.54
N PHE E 345 -0.76 1.11 32.59
CA PHE E 345 -2.20 1.09 32.36
C PHE E 345 -2.96 1.08 33.69
N SER E 346 -4.09 1.78 33.72
CA SER E 346 -4.97 1.75 34.86
C SER E 346 -5.81 0.46 34.86
N GLY E 347 -6.20 0.03 36.04
CA GLY E 347 -7.00 -1.18 36.13
C GLY E 347 -6.20 -2.41 35.74
N PHE E 348 -6.84 -3.28 34.95
CA PHE E 348 -6.22 -4.52 34.50
C PHE E 348 -6.51 -4.73 33.02
N ILE E 349 -5.83 -5.71 32.45
CA ILE E 349 -5.98 -6.10 31.05
C ILE E 349 -6.12 -7.61 30.99
N MET E 350 -7.17 -8.09 30.32
CA MET E 350 -7.47 -9.50 30.22
C MET E 350 -7.29 -9.95 28.78
N GLU E 351 -6.53 -11.03 28.58
CA GLU E 351 -6.32 -11.60 27.27
C GLU E 351 -6.96 -12.99 27.23
N PHE E 352 -7.88 -13.19 26.29
CA PHE E 352 -8.63 -14.42 26.12
C PHE E 352 -8.18 -15.10 24.84
N THR E 353 -7.96 -16.41 24.91
CA THR E 353 -7.77 -17.24 23.73
C THR E 353 -9.05 -18.05 23.53
N ILE E 354 -9.68 -17.88 22.36
CA ILE E 354 -10.98 -18.47 22.08
C ILE E 354 -10.85 -19.35 20.84
N LEU E 355 -11.34 -20.59 20.95
CA LEU E 355 -11.22 -21.58 19.89
C LEU E 355 -12.61 -22.08 19.51
N GLU E 356 -12.87 -22.14 18.20
CA GLU E 356 -14.13 -22.68 17.71
C GLU E 356 -13.87 -23.50 16.45
N GLU E 357 -14.86 -24.30 16.08
CA GLU E 357 -14.82 -25.09 14.85
C GLU E 357 -15.74 -24.45 13.84
N GLU E 358 -15.17 -23.91 12.76
CA GLU E 358 -15.96 -23.29 11.71
C GLU E 358 -16.07 -24.21 10.51
N PRO E 359 -17.29 -24.51 10.05
CA PRO E 359 -17.47 -25.45 8.94
C PRO E 359 -17.47 -24.77 7.58
N LEU E 360 -17.84 -25.52 6.55
CA LEU E 360 -17.89 -25.00 5.19
C LEU E 360 -19.19 -24.24 4.97
N ASN E 361 -19.09 -23.06 4.37
CA ASN E 361 -20.24 -22.20 4.13
C ASN E 361 -20.25 -21.76 2.68
N LYS E 362 -21.40 -21.24 2.25
CA LYS E 362 -21.50 -20.66 0.91
C LYS E 362 -20.55 -19.48 0.79
N GLY E 363 -19.89 -19.39 -0.36
CA GLY E 363 -18.86 -18.39 -0.58
C GLY E 363 -17.47 -18.80 -0.17
N SER E 364 -17.33 -19.86 0.63
CA SER E 364 -16.01 -20.36 0.98
C SER E 364 -15.36 -21.02 -0.23
N LYS E 365 -14.04 -20.85 -0.33
CA LYS E 365 -13.28 -21.35 -1.46
C LYS E 365 -12.55 -22.63 -1.08
N ILE E 366 -12.76 -23.68 -1.86
CA ILE E 366 -12.01 -24.92 -1.76
C ILE E 366 -11.44 -25.24 -3.14
N THR E 367 -10.21 -25.76 -3.16
CA THR E 367 -9.53 -26.03 -4.41
C THR E 367 -8.86 -27.39 -4.35
N GLY E 368 -8.44 -27.87 -5.52
CA GLY E 368 -7.65 -29.08 -5.63
C GLY E 368 -6.17 -28.79 -5.63
N ARG E 369 -5.40 -29.75 -6.12
CA ARG E 369 -3.96 -29.63 -6.17
C ARG E 369 -3.44 -29.14 -7.50
N TYR E 370 -4.33 -28.81 -8.44
CA TYR E 370 -3.95 -28.46 -9.80
C TYR E 370 -4.46 -27.08 -10.19
N GLY E 371 -4.53 -26.16 -9.22
CA GLY E 371 -4.99 -24.82 -9.47
C GLY E 371 -6.47 -24.69 -9.74
N ASN E 372 -7.26 -25.74 -9.51
CA ASN E 372 -8.69 -25.71 -9.78
C ASN E 372 -9.40 -25.01 -8.63
N LYS E 373 -9.39 -23.68 -8.69
CA LYS E 373 -10.09 -22.89 -7.70
C LYS E 373 -11.60 -23.00 -7.89
N GLY E 374 -12.33 -22.90 -6.78
CA GLY E 374 -13.78 -22.99 -6.82
C GLY E 374 -14.40 -22.35 -5.60
N VAL E 375 -15.59 -21.79 -5.79
CA VAL E 375 -16.35 -21.16 -4.71
C VAL E 375 -17.60 -21.99 -4.48
N ILE E 376 -17.83 -22.36 -3.22
CA ILE E 376 -18.98 -23.19 -2.86
C ILE E 376 -20.25 -22.39 -3.10
N SER E 377 -21.04 -22.81 -4.10
CA SER E 377 -22.28 -22.15 -4.46
C SER E 377 -23.46 -22.65 -3.61
N LYS E 378 -23.60 -23.96 -3.45
CA LYS E 378 -24.70 -24.53 -2.69
C LYS E 378 -24.22 -25.71 -1.88
N ILE E 379 -24.62 -25.76 -0.62
CA ILE E 379 -24.46 -26.95 0.23
C ILE E 379 -25.83 -27.62 0.31
N LEU E 380 -25.93 -28.80 -0.29
CA LEU E 380 -27.21 -29.47 -0.49
C LEU E 380 -27.27 -30.77 0.29
N PRO E 381 -28.49 -31.29 0.52
CA PRO E 381 -28.59 -32.64 1.11
C PRO E 381 -27.92 -33.67 0.21
N ASP E 382 -27.24 -34.62 0.84
CA ASP E 382 -26.53 -35.65 0.09
C ASP E 382 -27.46 -36.55 -0.72
N ASP E 383 -28.75 -36.59 -0.37
CA ASP E 383 -29.70 -37.36 -1.16
C ASP E 383 -30.08 -36.63 -2.44
N GLN E 384 -30.16 -35.30 -2.39
CA GLN E 384 -30.53 -34.48 -3.54
C GLN E 384 -29.30 -34.20 -4.41
N MET E 385 -28.64 -35.26 -4.83
CA MET E 385 -27.39 -35.18 -5.58
C MET E 385 -27.27 -36.45 -6.42
N PRO E 386 -26.46 -36.42 -7.52
CA PRO E 386 -26.29 -37.62 -8.35
C PRO E 386 -26.03 -38.91 -7.59
N THR E 387 -26.89 -39.89 -7.80
CA THR E 387 -26.76 -41.22 -7.21
C THR E 387 -26.80 -42.26 -8.31
N VAL E 388 -25.93 -43.25 -8.21
CA VAL E 388 -25.84 -44.32 -9.21
C VAL E 388 -26.70 -45.48 -8.76
N ALA E 389 -27.53 -46.01 -9.67
CA ALA E 389 -28.45 -47.09 -9.37
C ALA E 389 -28.30 -48.27 -10.31
N GLU E 390 -27.12 -48.46 -10.89
CA GLU E 390 -26.85 -49.56 -11.81
C GLU E 390 -25.55 -50.23 -11.44
N GLY E 391 -25.59 -51.54 -11.25
CA GLY E 391 -24.39 -52.33 -11.05
C GLY E 391 -24.08 -52.61 -9.60
N ARG E 392 -22.79 -52.90 -9.35
CA ARG E 392 -22.32 -53.20 -8.00
C ARG E 392 -22.19 -51.96 -7.14
N PHE E 393 -21.96 -50.80 -7.76
CA PHE E 393 -21.69 -49.57 -7.04
C PHE E 393 -22.97 -48.78 -6.71
N LYS E 394 -24.12 -49.44 -6.69
CA LYS E 394 -25.37 -48.75 -6.40
C LYS E 394 -25.33 -48.10 -5.03
N GLY E 395 -26.04 -46.99 -4.89
CA GLY E 395 -26.08 -46.24 -3.66
C GLY E 395 -24.95 -45.25 -3.47
N LEU E 396 -23.90 -45.32 -4.28
CA LEU E 396 -22.79 -44.37 -4.16
C LEU E 396 -23.23 -42.99 -4.62
N LYS E 397 -22.87 -41.97 -3.85
CA LYS E 397 -23.25 -40.60 -4.15
C LYS E 397 -22.00 -39.76 -4.35
N ALA E 398 -22.16 -38.65 -5.07
CA ALA E 398 -21.05 -37.75 -5.33
C ALA E 398 -20.90 -36.77 -4.19
N ASP E 399 -19.69 -36.70 -3.61
CA ASP E 399 -19.45 -35.78 -2.50
C ASP E 399 -19.41 -34.34 -2.98
N ILE E 400 -18.75 -34.08 -4.11
CA ILE E 400 -18.70 -32.76 -4.71
C ILE E 400 -18.96 -32.88 -6.21
N CYS E 401 -19.44 -31.78 -6.80
CA CYS E 401 -19.71 -31.72 -8.23
C CYS E 401 -19.04 -30.48 -8.79
N LEU E 402 -18.28 -30.65 -9.87
CA LEU E 402 -17.48 -29.58 -10.43
C LEU E 402 -17.95 -29.22 -11.83
N ASN E 403 -17.59 -28.02 -12.27
CA ASN E 403 -17.96 -27.55 -13.59
C ASN E 403 -17.19 -28.31 -14.66
N PRO E 404 -17.86 -28.87 -15.67
CA PRO E 404 -17.16 -29.59 -16.74
C PRO E 404 -16.91 -28.80 -18.02
N LEU E 405 -17.29 -27.52 -18.08
CA LEU E 405 -17.24 -26.78 -19.34
C LEU E 405 -15.82 -26.61 -19.83
N GLY E 406 -14.99 -25.87 -19.09
CA GLY E 406 -13.67 -25.54 -19.57
C GLY E 406 -12.53 -26.29 -18.92
N VAL E 407 -12.70 -27.59 -18.68
CA VAL E 407 -11.63 -28.38 -18.06
C VAL E 407 -10.44 -28.48 -19.00
N PHE E 408 -10.69 -28.65 -20.30
CA PHE E 408 -9.58 -28.70 -21.25
C PHE E 408 -8.92 -27.34 -21.40
N ASN E 409 -9.71 -26.27 -21.42
CA ASN E 409 -9.16 -24.94 -21.65
C ASN E 409 -8.26 -24.48 -20.52
N ARG E 410 -8.52 -24.95 -19.29
CA ARG E 410 -7.68 -24.57 -18.16
C ARG E 410 -6.30 -25.23 -18.19
N LEU E 411 -6.08 -26.17 -19.11
CA LEU E 411 -4.77 -26.79 -19.30
C LEU E 411 -4.29 -27.50 -18.02
N ASN E 412 -5.22 -28.17 -17.34
CA ASN E 412 -4.91 -28.94 -16.13
C ASN E 412 -5.45 -30.35 -16.29
N PRO E 413 -4.77 -31.19 -17.07
CA PRO E 413 -5.27 -32.56 -17.29
C PRO E 413 -5.08 -33.47 -16.08
N SER E 414 -4.22 -33.09 -15.13
CA SER E 414 -3.92 -33.97 -14.00
C SER E 414 -5.16 -34.20 -13.12
N GLN E 415 -6.07 -33.23 -13.08
CA GLN E 415 -7.34 -33.41 -12.38
C GLN E 415 -8.07 -34.64 -12.89
N LEU E 416 -8.29 -34.68 -14.21
CA LEU E 416 -8.94 -35.82 -14.84
C LEU E 416 -8.15 -37.10 -14.58
N ILE E 417 -6.83 -37.03 -14.59
CA ILE E 417 -6.01 -38.22 -14.41
C ILE E 417 -6.21 -38.81 -13.01
N GLU E 418 -6.13 -37.96 -11.98
CA GLU E 418 -6.36 -38.45 -10.62
C GLU E 418 -7.75 -39.03 -10.46
N GLN E 419 -8.76 -38.35 -11.04
CA GLN E 419 -10.12 -38.87 -10.95
C GLN E 419 -10.24 -40.24 -11.61
N GLU E 420 -9.65 -40.40 -12.81
CA GLU E 420 -9.71 -41.67 -13.51
C GLU E 420 -9.04 -42.79 -12.73
N LEU E 421 -7.86 -42.50 -12.16
CA LEU E 421 -7.15 -43.55 -11.43
C LEU E 421 -7.89 -43.96 -10.16
N ASN E 422 -8.46 -43.01 -9.42
CA ASN E 422 -9.24 -43.42 -8.25
C ASN E 422 -10.52 -44.15 -8.67
N TRP E 423 -11.08 -43.78 -9.83
CA TRP E 423 -12.28 -44.45 -10.32
C TRP E 423 -12.00 -45.91 -10.65
N ILE E 424 -10.90 -46.19 -11.35
CA ILE E 424 -10.55 -47.58 -11.64
C ILE E 424 -10.10 -48.30 -10.37
N ALA E 425 -9.53 -47.57 -9.41
CA ALA E 425 -9.19 -48.14 -8.11
C ALA E 425 -10.43 -48.66 -7.40
N LYS E 426 -11.57 -47.98 -7.57
CA LYS E 426 -12.82 -48.49 -7.01
C LYS E 426 -13.13 -49.91 -7.53
N PHE E 427 -13.02 -50.11 -8.85
CA PHE E 427 -13.28 -51.42 -9.41
C PHE E 427 -12.27 -52.46 -8.92
N ILE E 428 -11.00 -52.05 -8.80
CA ILE E 428 -10.00 -52.98 -8.29
C ILE E 428 -10.33 -53.41 -6.87
N ARG E 429 -10.75 -52.46 -6.03
CA ARG E 429 -11.11 -52.80 -4.65
C ARG E 429 -12.33 -53.70 -4.60
N LYS E 430 -13.32 -53.45 -5.46
CA LYS E 430 -14.50 -54.31 -5.47
C LYS E 430 -14.14 -55.73 -5.90
N ASP E 431 -13.30 -55.86 -6.93
CA ASP E 431 -12.84 -57.18 -7.34
C ASP E 431 -12.09 -57.88 -6.21
N MET E 432 -11.29 -57.14 -5.46
CA MET E 432 -10.61 -57.72 -4.29
C MET E 432 -11.62 -58.19 -3.26
N GLU E 433 -12.65 -57.39 -2.99
CA GLU E 433 -13.63 -57.76 -1.97
C GLU E 433 -14.38 -59.02 -2.36
N GLU E 434 -14.71 -59.17 -3.65
CA GLU E 434 -15.48 -60.33 -4.08
C GLU E 434 -14.70 -61.62 -3.90
N ALA E 435 -13.38 -61.57 -4.02
CA ALA E 435 -12.57 -62.78 -3.86
C ALA E 435 -12.48 -63.16 -2.39
N GLY E 436 -12.44 -64.47 -2.14
CA GLY E 436 -12.35 -65.01 -0.80
C GLY E 436 -10.97 -65.45 -0.37
N SER E 437 -9.98 -65.39 -1.26
CA SER E 437 -8.61 -65.80 -0.96
C SER E 437 -7.74 -64.56 -0.78
N ASN E 438 -6.93 -64.56 0.28
CA ASN E 438 -6.04 -63.43 0.53
C ASN E 438 -4.97 -63.34 -0.56
N GLU E 439 -4.46 -64.49 -1.00
CA GLU E 439 -3.50 -64.51 -2.09
C GLU E 439 -4.08 -63.92 -3.37
N GLU E 440 -5.35 -64.21 -3.66
CA GLU E 440 -6.00 -63.62 -4.82
C GLU E 440 -6.09 -62.11 -4.68
N LYS E 441 -6.40 -61.63 -3.48
CA LYS E 441 -6.49 -60.19 -3.23
C LYS E 441 -5.15 -59.51 -3.50
N VAL E 442 -4.08 -60.05 -2.93
CA VAL E 442 -2.78 -59.42 -3.13
C VAL E 442 -2.34 -59.54 -4.58
N SER E 443 -2.76 -60.61 -5.28
CA SER E 443 -2.43 -60.73 -6.70
C SER E 443 -3.10 -59.62 -7.51
N ILE E 444 -4.40 -59.40 -7.28
CA ILE E 444 -5.12 -58.33 -7.99
C ILE E 444 -4.47 -56.98 -7.69
N LEU E 445 -4.15 -56.74 -6.42
CA LEU E 445 -3.57 -55.45 -6.02
C LEU E 445 -2.22 -55.23 -6.69
N LEU E 446 -1.37 -56.25 -6.67
CA LEU E 446 -0.05 -56.12 -7.29
C LEU E 446 -0.16 -55.95 -8.79
N ASP E 447 -1.14 -56.60 -9.43
CA ASP E 447 -1.34 -56.40 -10.85
C ASP E 447 -1.67 -54.95 -11.16
N PHE E 448 -2.66 -54.39 -10.46
CA PHE E 448 -3.03 -52.99 -10.71
C PHE E 448 -1.85 -52.04 -10.44
N LEU E 449 -1.13 -52.26 -9.34
CA LEU E 449 -0.03 -51.38 -9.01
C LEU E 449 1.08 -51.47 -10.06
N ASN E 450 1.47 -52.68 -10.45
CA ASN E 450 2.46 -52.86 -11.50
C ASN E 450 2.03 -52.16 -12.78
N ARG E 451 0.72 -52.14 -13.06
CA ARG E 451 0.26 -51.37 -14.20
C ARG E 451 0.42 -49.87 -13.99
N VAL E 452 0.29 -49.39 -12.75
CA VAL E 452 0.45 -47.96 -12.52
C VAL E 452 1.92 -47.62 -12.25
N ASN E 453 2.40 -47.90 -11.03
CA ASN E 453 3.76 -47.58 -10.62
C ASN E 453 4.46 -48.85 -10.15
N LYS E 454 5.54 -49.20 -10.81
CA LYS E 454 6.20 -50.48 -10.54
C LYS E 454 6.92 -50.47 -9.19
N GLU E 455 7.53 -49.33 -8.84
CA GLU E 455 8.28 -49.27 -7.58
C GLU E 455 7.37 -49.45 -6.39
N GLU E 456 6.18 -48.82 -6.43
CA GLU E 456 5.19 -49.05 -5.38
C GLU E 456 4.77 -50.51 -5.32
N THR E 457 4.73 -51.19 -6.47
CA THR E 457 4.39 -52.61 -6.49
C THR E 457 5.44 -53.43 -5.76
N GLU E 458 6.71 -53.16 -6.05
CA GLU E 458 7.78 -53.88 -5.35
C GLU E 458 7.74 -53.61 -3.86
N LEU E 459 7.55 -52.34 -3.48
CA LEU E 459 7.51 -52.01 -2.06
C LEU E 459 6.33 -52.64 -1.36
N MET E 460 5.17 -52.70 -2.03
CA MET E 460 4.00 -53.33 -1.43
C MET E 460 4.17 -54.84 -1.34
N GLU E 461 4.85 -55.46 -2.31
CA GLU E 461 5.18 -56.87 -2.21
C GLU E 461 6.04 -57.13 -0.98
N GLU E 462 7.08 -56.33 -0.78
CA GLU E 462 7.93 -56.48 0.41
C GLU E 462 7.11 -56.28 1.68
N PHE E 463 6.29 -55.23 1.72
CA PHE E 463 5.50 -54.92 2.90
C PHE E 463 4.52 -56.03 3.23
N ILE E 464 3.88 -56.61 2.21
CA ILE E 464 2.93 -57.69 2.44
C ILE E 464 3.64 -58.95 2.90
N ASN E 465 4.79 -59.25 2.30
CA ASN E 465 5.55 -60.44 2.72
C ASN E 465 6.05 -60.31 4.15
N SER E 466 6.33 -59.08 4.60
CA SER E 466 6.79 -58.88 5.97
C SER E 466 5.66 -58.95 7.00
N LEU E 467 4.43 -58.73 6.58
CA LEU E 467 3.32 -58.64 7.52
C LEU E 467 2.90 -60.01 8.05
N ASN E 468 2.37 -60.02 9.27
CA ASN E 468 1.71 -61.19 9.81
C ASN E 468 0.35 -61.38 9.12
N LYS E 469 -0.16 -62.60 9.17
CA LYS E 469 -1.40 -62.92 8.47
C LYS E 469 -2.57 -62.07 8.97
N THR E 470 -2.65 -61.84 10.29
CA THR E 470 -3.68 -60.97 10.82
C THR E 470 -3.47 -59.53 10.38
N GLU E 471 -2.22 -59.06 10.41
CA GLU E 471 -1.91 -57.72 9.95
C GLU E 471 -2.19 -57.58 8.45
N LEU E 472 -1.89 -58.63 7.68
CA LEU E 472 -2.20 -58.60 6.25
C LEU E 472 -3.70 -58.56 6.01
N GLU E 473 -4.48 -59.28 6.83
CA GLU E 473 -5.92 -59.25 6.69
C GLU E 473 -6.47 -57.86 7.00
N GLU E 474 -5.97 -57.24 8.07
CA GLU E 474 -6.37 -55.87 8.40
C GLU E 474 -6.01 -54.90 7.27
N PHE E 475 -4.79 -55.04 6.73
CA PHE E 475 -4.34 -54.23 5.61
C PHE E 475 -5.30 -54.37 4.43
N LEU E 476 -5.60 -55.61 4.04
CA LEU E 476 -6.48 -55.87 2.91
C LEU E 476 -7.88 -55.30 3.14
N ASN E 477 -8.43 -55.50 4.33
CA ASN E 477 -9.79 -55.04 4.61
C ASN E 477 -9.88 -53.51 4.56
N ASP E 478 -8.95 -52.84 5.25
CA ASP E 478 -8.96 -51.38 5.26
C ASP E 478 -8.68 -50.82 3.87
N ILE E 479 -7.89 -51.52 3.05
CA ILE E 479 -7.70 -51.10 1.68
C ILE E 479 -9.00 -51.25 0.89
N ILE E 480 -9.74 -52.33 1.14
CA ILE E 480 -10.99 -52.56 0.43
C ILE E 480 -12.00 -51.47 0.74
N GLU E 481 -12.13 -51.09 2.02
CA GLU E 481 -13.17 -50.13 2.36
C GLU E 481 -12.70 -48.67 2.23
N ASN E 482 -11.54 -48.34 2.81
CA ASN E 482 -11.12 -46.94 2.85
C ASN E 482 -10.61 -46.47 1.49
N GLY E 483 -9.85 -47.31 0.80
CA GLY E 483 -9.27 -46.92 -0.48
C GLY E 483 -7.86 -47.44 -0.65
N ILE E 484 -7.36 -47.42 -1.88
CA ILE E 484 -6.01 -47.90 -2.18
C ILE E 484 -5.10 -46.72 -2.47
N PRO E 485 -3.90 -46.68 -1.89
CA PRO E 485 -2.95 -45.62 -2.22
C PRO E 485 -2.32 -45.87 -3.60
N ILE E 486 -2.33 -44.84 -4.43
CA ILE E 486 -1.71 -44.88 -5.75
C ILE E 486 -0.68 -43.74 -5.81
N CYS E 487 0.50 -44.06 -6.33
CA CYS E 487 1.60 -43.12 -6.37
C CYS E 487 1.79 -42.60 -7.80
N GLN E 488 1.60 -41.30 -7.98
CA GLN E 488 1.85 -40.62 -9.25
C GLN E 488 2.83 -39.48 -8.96
N LYS E 489 4.13 -39.78 -9.04
CA LYS E 489 5.15 -38.78 -8.77
C LYS E 489 5.02 -37.61 -9.74
N PRO E 490 5.51 -36.42 -9.36
CA PRO E 490 5.22 -35.22 -10.17
C PRO E 490 5.74 -35.29 -11.59
N PHE E 491 7.02 -35.63 -11.77
CA PHE E 491 7.65 -35.53 -13.08
C PHE E 491 8.08 -36.88 -13.66
N PHE E 492 8.64 -37.77 -12.84
CA PHE E 492 9.10 -39.07 -13.30
C PHE E 492 8.34 -40.17 -12.55
N GLY E 493 7.73 -41.07 -13.31
CA GLY E 493 6.89 -42.10 -12.73
C GLY E 493 5.41 -41.85 -12.87
N ASN E 494 5.01 -40.76 -13.52
CA ASN E 494 3.60 -40.48 -13.73
C ASN E 494 3.02 -41.42 -14.78
N ILE E 495 1.70 -41.51 -14.79
CA ILE E 495 0.96 -42.35 -15.73
C ILE E 495 0.46 -41.49 -16.88
N GLY E 496 0.93 -41.77 -18.09
CA GLY E 496 0.58 -40.98 -19.26
C GLY E 496 -0.65 -41.50 -19.96
N LEU E 497 -0.90 -40.93 -21.14
CA LEU E 497 -2.09 -41.29 -21.91
C LEU E 497 -2.02 -42.74 -22.37
N ASP E 498 -0.84 -43.21 -22.80
CA ASP E 498 -0.73 -44.57 -23.30
C ASP E 498 -0.89 -45.60 -22.18
N GLU E 499 -0.38 -45.29 -20.99
CA GLU E 499 -0.56 -46.21 -19.87
C GLU E 499 -2.03 -46.32 -19.49
N LEU E 500 -2.74 -45.18 -19.47
CA LEU E 500 -4.17 -45.21 -19.21
C LEU E 500 -4.92 -45.93 -20.32
N TRP E 501 -4.44 -45.82 -21.56
CA TRP E 501 -5.03 -46.56 -22.67
C TRP E 501 -4.91 -48.07 -22.45
N GLU E 502 -3.72 -48.51 -22.04
CA GLU E 502 -3.51 -49.92 -21.74
C GLU E 502 -4.39 -50.37 -20.59
N LEU E 503 -4.47 -49.57 -19.53
CA LEU E 503 -5.31 -49.91 -18.39
C LEU E 503 -6.78 -50.03 -18.79
N TYR E 504 -7.25 -49.12 -19.64
CA TYR E 504 -8.65 -49.15 -20.04
C TYR E 504 -8.96 -50.29 -21.00
N ASN E 505 -8.00 -50.68 -21.84
CA ASN E 505 -8.26 -51.79 -22.73
C ASN E 505 -8.15 -53.14 -22.02
N HIS E 506 -7.35 -53.23 -20.96
CA HIS E 506 -7.28 -54.48 -20.22
C HIS E 506 -8.57 -54.73 -19.43
N TYR E 507 -8.98 -53.75 -18.63
CA TYR E 507 -10.19 -53.87 -17.82
C TYR E 507 -11.39 -53.51 -18.69
N ASP E 508 -11.87 -54.52 -19.43
CA ASP E 508 -12.96 -54.29 -20.36
C ASP E 508 -14.28 -54.03 -19.66
N HIS E 509 -14.45 -54.52 -18.43
CA HIS E 509 -15.72 -54.40 -17.74
C HIS E 509 -15.99 -52.98 -17.26
N ILE E 510 -14.96 -52.15 -17.09
CA ILE E 510 -15.15 -50.82 -16.52
C ILE E 510 -15.83 -49.91 -17.55
N ASP E 511 -16.88 -49.23 -17.11
CA ASP E 511 -17.62 -48.32 -17.98
C ASP E 511 -18.23 -47.20 -17.13
N TYR E 512 -18.70 -46.17 -17.81
CA TYR E 512 -19.26 -45.00 -17.13
C TYR E 512 -20.43 -45.40 -16.24
N PHE E 513 -20.55 -44.71 -15.11
CA PHE E 513 -21.65 -44.95 -14.19
C PHE E 513 -22.92 -44.28 -14.69
N LYS E 514 -24.03 -45.02 -14.68
CA LYS E 514 -25.33 -44.49 -15.05
C LYS E 514 -26.05 -44.06 -13.78
N CYS E 515 -26.30 -42.76 -13.65
CA CYS E 515 -26.85 -42.18 -12.43
C CYS E 515 -28.34 -41.88 -12.59
N GLU E 516 -29.02 -41.81 -11.45
CA GLU E 516 -30.46 -41.63 -11.43
C GLU E 516 -30.86 -40.28 -12.02
N GLY E 517 -31.82 -40.30 -12.95
CA GLY E 517 -32.34 -39.09 -13.55
C GLY E 517 -31.40 -38.35 -14.46
N ILE E 518 -30.18 -38.83 -14.65
CA ILE E 518 -29.18 -38.16 -15.48
C ILE E 518 -28.97 -38.99 -16.73
N SER E 519 -29.18 -38.36 -17.90
CA SER E 519 -29.05 -39.08 -19.16
C SER E 519 -27.59 -39.42 -19.44
N THR E 520 -26.68 -38.48 -19.23
CA THR E 520 -25.28 -38.68 -19.57
C THR E 520 -24.61 -39.58 -18.54
N PRO E 521 -24.08 -40.74 -18.95
CA PRO E 521 -23.28 -41.55 -18.01
C PRO E 521 -21.98 -40.83 -17.67
N LEU E 522 -21.75 -40.65 -16.38
CA LEU E 522 -20.63 -39.86 -15.89
C LEU E 522 -19.72 -40.71 -15.01
N ILE E 523 -18.56 -40.14 -14.69
CA ILE E 523 -17.53 -40.80 -13.89
C ILE E 523 -17.41 -40.07 -12.55
N ILE E 524 -17.40 -40.83 -11.46
CA ILE E 524 -17.15 -40.30 -10.13
C ILE E 524 -15.86 -40.91 -9.60
N GLY E 525 -15.03 -40.09 -8.97
CA GLY E 525 -13.75 -40.55 -8.47
C GLY E 525 -13.18 -39.62 -7.44
N GLU E 526 -12.38 -40.16 -6.53
CA GLU E 526 -11.83 -39.36 -5.45
C GLU E 526 -10.69 -38.47 -5.96
N ILE E 527 -10.75 -37.19 -5.62
CA ILE E 527 -9.67 -36.25 -5.83
C ILE E 527 -9.41 -35.50 -4.53
N TYR E 528 -8.23 -34.88 -4.45
CA TYR E 528 -7.82 -34.19 -3.24
C TYR E 528 -8.35 -32.77 -3.24
N MET E 529 -8.91 -32.35 -2.10
CA MET E 529 -9.49 -31.03 -1.95
C MET E 529 -8.89 -30.35 -0.73
N VAL E 530 -8.48 -29.10 -0.90
CA VAL E 530 -7.92 -28.28 0.17
C VAL E 530 -8.79 -27.05 0.33
N ARG E 531 -8.80 -26.48 1.53
CA ARG E 531 -9.61 -25.30 1.82
C ARG E 531 -8.74 -24.05 1.84
N LEU E 532 -9.20 -23.01 1.16
CA LEU E 532 -8.46 -21.75 1.08
C LEU E 532 -8.90 -20.80 2.18
N LYS E 533 -8.06 -19.79 2.42
CA LYS E 533 -8.31 -18.88 3.53
C LYS E 533 -9.42 -17.88 3.23
N HIS E 534 -9.58 -17.48 1.97
CA HIS E 534 -10.61 -16.52 1.62
C HIS E 534 -12.00 -17.11 1.85
N GLU E 535 -12.86 -16.33 2.49
CA GLU E 535 -14.16 -16.82 2.96
C GLU E 535 -15.12 -15.65 3.00
N PRO E 536 -16.43 -15.91 3.10
CA PRO E 536 -17.39 -14.80 3.19
C PRO E 536 -17.18 -13.91 4.40
N HIS E 537 -16.67 -14.45 5.50
CA HIS E 537 -16.38 -13.65 6.69
C HIS E 537 -15.13 -12.80 6.54
N SER E 538 -14.30 -13.07 5.53
CA SER E 538 -13.00 -12.43 5.44
C SER E 538 -13.13 -10.95 5.10
N LYS E 539 -13.90 -10.63 4.05
CA LYS E 539 -14.00 -9.26 3.56
C LYS E 539 -15.42 -8.70 3.66
N PHE E 540 -16.24 -9.27 4.53
CA PHE E 540 -17.59 -8.74 4.73
C PHE E 540 -17.52 -7.43 5.50
N SER E 541 -18.30 -6.45 5.05
CA SER E 541 -18.38 -5.15 5.71
C SER E 541 -19.79 -4.61 5.55
N ALA E 542 -20.26 -3.89 6.57
CA ALA E 542 -21.61 -3.33 6.57
C ALA E 542 -21.60 -2.12 7.50
N ARG E 543 -21.59 -0.93 6.92
CA ARG E 543 -21.55 0.33 7.66
C ARG E 543 -22.79 1.14 7.34
N SER E 544 -23.51 1.57 8.39
CA SER E 544 -24.60 2.52 8.26
C SER E 544 -24.16 3.88 8.79
N THR E 545 -23.87 3.95 10.08
CA THR E 545 -23.25 5.10 10.72
C THR E 545 -22.13 4.60 11.61
N SER E 546 -20.95 5.19 11.47
CA SER E 546 -19.80 4.80 12.27
C SER E 546 -19.00 6.07 12.60
N PHE E 547 -17.81 5.87 13.15
CA PHE E 547 -16.98 6.98 13.60
C PHE E 547 -16.60 7.88 12.44
N MET E 548 -16.71 9.18 12.65
CA MET E 548 -16.34 10.18 11.66
C MET E 548 -14.92 10.68 11.92
N ASN E 549 -14.21 10.99 10.85
CA ASN E 549 -12.83 11.44 10.95
C ASN E 549 -12.78 12.85 11.55
N LEU E 550 -11.55 13.31 11.79
CA LEU E 550 -11.36 14.67 12.30
C LEU E 550 -11.86 15.72 11.31
N ARG E 551 -11.89 15.39 10.01
CA ARG E 551 -12.36 16.29 8.99
C ARG E 551 -13.86 16.19 8.74
N GLY E 552 -14.58 15.47 9.59
CA GLY E 552 -16.01 15.31 9.43
C GLY E 552 -16.43 14.35 8.35
N LEU E 553 -15.50 13.61 7.77
CA LEU E 553 -15.77 12.65 6.70
C LEU E 553 -15.62 11.23 7.22
N PRO E 554 -16.42 10.30 6.71
CA PRO E 554 -16.36 8.92 7.22
C PRO E 554 -14.98 8.29 6.99
N ALA E 555 -14.57 7.46 7.94
CA ALA E 555 -13.28 6.79 7.87
C ALA E 555 -13.32 5.52 8.71
N LYS E 556 -12.38 4.63 8.43
CA LYS E 556 -12.33 3.34 9.11
C LYS E 556 -11.89 3.52 10.56
N SER E 557 -12.29 2.56 11.40
CA SER E 557 -11.90 2.51 12.80
C SER E 557 -11.28 1.16 13.12
N LYS E 558 -10.45 1.13 14.14
CA LYS E 558 -9.79 -0.09 14.60
C LYS E 558 -10.68 -0.94 15.51
N ASN E 559 -11.99 -0.70 15.51
CA ASN E 559 -12.87 -1.40 16.43
C ASN E 559 -12.97 -2.89 16.08
N PHE E 560 -12.97 -3.21 14.78
CA PHE E 560 -13.05 -4.61 14.39
C PHE E 560 -11.79 -5.37 14.78
N LYS E 561 -10.63 -4.72 14.74
CA LYS E 561 -9.40 -5.36 15.19
C LYS E 561 -9.43 -5.62 16.69
N GLU E 562 -9.95 -4.67 17.46
CA GLU E 562 -10.05 -4.81 18.92
C GLU E 562 -11.27 -5.61 19.35
N HIS E 563 -11.99 -6.21 18.40
CA HIS E 563 -13.18 -7.02 18.69
C HIS E 563 -14.25 -6.22 19.43
N LYS E 564 -14.33 -4.92 19.16
CA LYS E 564 -15.40 -4.08 19.68
C LYS E 564 -16.63 -4.08 18.78
N ASP E 565 -16.52 -4.62 17.57
CA ASP E 565 -17.61 -4.66 16.61
C ASP E 565 -17.64 -6.02 15.94
N LEU E 566 -18.81 -6.40 15.46
CA LEU E 566 -19.01 -7.73 14.89
C LEU E 566 -18.62 -7.79 13.42
N TYR E 567 -19.03 -6.79 12.65
CA TYR E 567 -18.63 -6.65 11.25
C TYR E 567 -17.78 -5.40 11.08
N SER E 568 -17.13 -5.30 9.91
CA SER E 568 -16.04 -4.36 9.72
C SER E 568 -16.48 -2.92 9.92
N LYS E 569 -17.65 -2.56 9.41
CA LYS E 569 -18.13 -1.17 9.42
C LYS E 569 -17.16 -0.25 8.67
N THR E 570 -16.51 -0.78 7.64
CA THR E 570 -15.51 -0.06 6.86
C THR E 570 -16.16 0.62 5.67
N PRO E 571 -15.95 1.93 5.49
CA PRO E 571 -16.63 2.65 4.40
C PRO E 571 -16.06 2.30 3.03
N VAL E 572 -16.96 2.19 2.06
CA VAL E 572 -16.57 2.00 0.66
C VAL E 572 -16.15 3.35 0.09
N ARG E 573 -15.21 3.33 -0.85
CA ARG E 573 -14.83 4.54 -1.58
C ARG E 573 -15.50 4.53 -2.94
N ILE E 574 -16.10 5.66 -3.30
CA ILE E 574 -16.61 5.89 -4.65
C ILE E 574 -15.47 6.48 -5.46
N GLY E 575 -14.90 5.68 -6.35
CA GLY E 575 -13.75 6.14 -7.12
C GLY E 575 -14.12 7.16 -8.16
N ASN E 576 -13.08 7.75 -8.76
CA ASN E 576 -13.29 8.68 -9.87
C ASN E 576 -13.90 7.97 -11.07
N MET E 577 -13.42 6.75 -11.36
CA MET E 577 -14.02 5.94 -12.41
C MET E 577 -15.47 5.61 -12.07
N GLU E 578 -15.76 5.37 -10.80
CA GLU E 578 -17.14 5.12 -10.38
C GLU E 578 -18.00 6.35 -10.59
N ILE E 579 -17.45 7.54 -10.33
CA ILE E 579 -18.19 8.77 -10.61
C ILE E 579 -18.45 8.91 -12.09
N SER E 580 -17.45 8.58 -12.93
CA SER E 580 -17.64 8.65 -14.37
C SER E 580 -18.75 7.71 -14.83
N ASN E 581 -18.75 6.48 -14.31
CA ASN E 581 -19.77 5.51 -14.69
C ASN E 581 -21.15 5.95 -14.21
N LEU E 582 -21.24 6.47 -12.99
CA LEU E 582 -22.50 6.98 -12.47
C LEU E 582 -22.99 8.18 -13.26
N SER E 583 -22.08 8.93 -13.88
CA SER E 583 -22.46 10.08 -14.69
C SER E 583 -23.25 9.68 -15.93
N LEU E 584 -23.39 8.37 -16.21
CA LEU E 584 -24.27 7.94 -17.29
C LEU E 584 -25.70 8.44 -17.06
N THR E 585 -26.20 8.30 -15.85
CA THR E 585 -27.42 8.98 -15.46
C THR E 585 -27.13 10.48 -15.35
N ASN E 586 -27.80 11.25 -16.19
CA ASN E 586 -27.54 12.69 -16.26
C ASN E 586 -28.14 13.46 -15.09
N GLU E 587 -28.59 12.76 -14.05
CA GLU E 587 -29.11 13.41 -12.85
C GLU E 587 -27.96 13.60 -11.86
N MET E 588 -27.13 14.62 -12.16
CA MET E 588 -26.02 14.95 -11.28
C MET E 588 -26.51 15.43 -9.91
N GLY E 589 -27.72 15.98 -9.86
CA GLY E 589 -28.27 16.40 -8.58
C GLY E 589 -28.46 15.25 -7.61
N SER E 590 -28.94 14.11 -8.13
CA SER E 590 -29.14 12.94 -7.27
C SER E 590 -27.81 12.37 -6.80
N ILE E 591 -26.80 12.34 -7.68
CA ILE E 591 -25.48 11.85 -7.29
C ILE E 591 -24.87 12.76 -6.23
N MET E 592 -24.99 14.08 -6.41
CA MET E 592 -24.48 15.01 -5.41
C MET E 592 -25.23 14.89 -4.10
N ASP E 593 -26.54 14.65 -4.15
CA ASP E 593 -27.30 14.42 -2.93
C ASP E 593 -26.82 13.16 -2.22
N MET E 594 -26.57 12.09 -2.98
CA MET E 594 -26.03 10.87 -2.39
C MET E 594 -24.71 11.15 -1.67
N LEU E 595 -23.77 11.78 -2.37
CA LEU E 595 -22.45 12.01 -1.77
C LEU E 595 -22.51 12.98 -0.60
N ASN E 596 -23.39 14.00 -0.68
CA ASN E 596 -23.46 14.99 0.39
C ASN E 596 -24.12 14.41 1.63
N SER E 597 -25.26 13.73 1.47
CA SER E 597 -25.96 13.16 2.61
C SER E 597 -25.16 12.01 3.24
N TYR E 598 -24.46 11.23 2.42
CA TYR E 598 -23.70 10.12 2.98
C TYR E 598 -22.35 10.55 3.55
N SER E 599 -21.78 11.65 3.07
CA SER E 599 -20.41 11.99 3.47
C SER E 599 -20.17 13.49 3.65
N ASN E 600 -20.35 14.27 2.58
CA ASN E 600 -19.79 15.61 2.54
C ASN E 600 -20.48 16.55 3.53
N ASN E 601 -21.80 16.51 3.61
CA ASN E 601 -22.56 17.47 4.41
C ASN E 601 -23.09 16.79 5.67
N GLU E 602 -22.90 17.45 6.81
CA GLU E 602 -23.42 16.93 8.08
C GLU E 602 -24.91 17.16 8.22
N THR E 603 -25.38 18.35 7.80
CA THR E 603 -26.80 18.67 7.95
C THR E 603 -27.65 17.74 7.11
N ASN E 604 -27.24 17.46 5.88
CA ASN E 604 -27.98 16.54 5.03
C ASN E 604 -27.98 15.12 5.62
N ARG E 605 -26.86 14.72 6.22
CA ARG E 605 -26.80 13.40 6.85
C ARG E 605 -27.76 13.31 8.02
N ARG E 606 -27.77 14.33 8.89
CA ARG E 606 -28.69 14.33 10.01
C ARG E 606 -30.13 14.33 9.55
N GLU E 607 -30.44 15.09 8.49
CA GLU E 607 -31.78 15.10 7.94
C GLU E 607 -32.16 13.72 7.40
N LEU E 608 -31.24 13.06 6.70
CA LEU E 608 -31.53 11.73 6.16
C LEU E 608 -31.80 10.74 7.28
N ILE E 609 -30.97 10.75 8.33
CA ILE E 609 -31.16 9.84 9.44
C ILE E 609 -32.49 10.11 10.13
N MET E 610 -32.88 11.39 10.26
CA MET E 610 -34.14 11.69 10.90
C MET E 610 -35.33 11.26 10.05
N GLN E 611 -35.25 11.47 8.74
CA GLN E 611 -36.34 11.03 7.85
C GLN E 611 -36.49 9.52 7.89
N LEU E 612 -35.39 8.77 7.91
CA LEU E 612 -35.49 7.32 7.95
C LEU E 612 -35.91 6.82 9.32
N LEU E 613 -35.59 7.56 10.38
CA LEU E 613 -35.92 7.12 11.74
C LEU E 613 -37.38 7.38 12.08
N THR E 614 -37.91 8.54 11.69
CA THR E 614 -39.31 8.88 11.91
C THR E 614 -39.95 9.28 10.60
N GLY E 615 -41.14 8.79 10.36
CA GLY E 615 -41.84 8.97 9.12
C GLY E 615 -42.44 7.65 8.67
N ASN E 616 -42.69 7.53 7.36
CA ASN E 616 -43.27 6.31 6.82
C ASN E 616 -42.16 5.32 6.48
N PRO E 617 -42.13 4.13 7.08
CA PRO E 617 -41.05 3.19 6.78
C PRO E 617 -41.06 2.68 5.35
N PHE E 618 -42.24 2.52 4.74
CA PHE E 618 -42.34 1.93 3.41
C PHE E 618 -42.16 2.94 2.29
N ASP E 619 -42.59 4.19 2.50
CA ASP E 619 -42.39 5.25 1.51
C ASP E 619 -41.50 6.32 2.14
N THR E 620 -40.25 6.37 1.71
CA THR E 620 -39.25 7.29 2.25
C THR E 620 -38.95 8.36 1.21
N ASN E 621 -39.39 9.59 1.49
CA ASN E 621 -39.12 10.74 0.64
C ASN E 621 -38.42 11.79 1.49
N ILE E 622 -37.24 12.21 1.07
CA ILE E 622 -36.40 13.13 1.83
C ILE E 622 -36.30 14.46 1.11
N ASP E 623 -36.23 15.53 1.88
CA ASP E 623 -35.96 16.88 1.38
C ASP E 623 -34.67 17.36 2.03
N LEU E 624 -33.70 17.74 1.20
CA LEU E 624 -32.36 18.06 1.67
C LEU E 624 -32.08 19.55 1.51
N SER E 625 -31.29 20.08 2.44
CA SER E 625 -30.92 21.49 2.42
C SER E 625 -29.79 21.74 1.41
N ASP E 626 -29.58 23.01 1.10
CA ASP E 626 -28.55 23.43 0.15
C ASP E 626 -27.37 24.10 0.85
N VAL E 627 -27.15 23.79 2.13
CA VAL E 627 -26.00 24.32 2.84
C VAL E 627 -24.72 23.76 2.22
N GLU E 628 -23.68 24.60 2.19
CA GLU E 628 -22.42 24.19 1.57
C GLU E 628 -21.85 22.96 2.28
N SER E 629 -21.24 22.08 1.48
CA SER E 629 -20.68 20.85 2.02
C SER E 629 -19.38 21.13 2.75
N GLY E 630 -19.05 20.25 3.71
CA GLY E 630 -17.80 20.38 4.43
C GLY E 630 -16.58 20.23 3.55
N THR E 631 -16.67 19.37 2.52
CA THR E 631 -15.59 19.26 1.55
C THR E 631 -15.37 20.57 0.83
N SER E 632 -16.47 21.26 0.48
CA SER E 632 -16.34 22.58 -0.14
C SER E 632 -15.69 23.57 0.81
N LYS E 633 -15.98 23.47 2.11
CA LYS E 633 -15.35 24.35 3.09
C LYS E 633 -13.85 24.10 3.18
N ILE E 634 -13.45 22.82 3.21
CA ILE E 634 -12.03 22.49 3.27
C ILE E 634 -11.31 22.97 2.02
N LEU E 635 -11.93 22.76 0.84
CA LEU E 635 -11.38 23.27 -0.41
C LEU E 635 -11.21 24.78 -0.36
N LYS E 636 -12.24 25.48 0.12
CA LYS E 636 -12.20 26.94 0.20
C LYS E 636 -11.06 27.39 1.09
N SER E 637 -10.89 26.76 2.26
CA SER E 637 -9.83 27.15 3.18
C SER E 637 -8.45 26.90 2.58
N LEU E 638 -8.26 25.72 1.97
CA LEU E 638 -6.97 25.39 1.38
C LEU E 638 -6.61 26.37 0.27
N PHE E 639 -7.55 26.64 -0.64
CA PHE E 639 -7.28 27.57 -1.72
C PHE E 639 -7.08 29.00 -1.19
N THR E 640 -7.81 29.37 -0.14
CA THR E 640 -7.59 30.67 0.49
C THR E 640 -6.17 30.81 0.99
N CYS E 641 -5.65 29.76 1.63
CA CYS E 641 -4.25 29.79 2.03
C CYS E 641 -3.31 29.84 0.83
N LEU E 642 -3.72 29.23 -0.29
CA LEU E 642 -2.93 29.35 -1.52
C LEU E 642 -2.93 30.77 -2.05
N GLY E 643 -3.99 31.53 -1.82
CA GLY E 643 -4.18 32.84 -2.41
C GLY E 643 -5.15 32.89 -3.56
N LEU E 644 -5.83 31.78 -3.87
CA LEU E 644 -6.81 31.71 -4.93
C LEU E 644 -8.16 31.35 -4.34
N SER E 645 -9.23 31.81 -4.97
CA SER E 645 -10.59 31.52 -4.52
C SER E 645 -11.46 31.24 -5.72
N ILE E 646 -12.02 30.03 -5.77
CA ILE E 646 -12.92 29.67 -6.86
C ILE E 646 -14.25 30.41 -6.67
N ASP E 647 -14.70 31.08 -7.73
CA ASP E 647 -15.94 31.82 -7.71
C ASP E 647 -16.72 31.54 -8.99
N ASP E 648 -18.02 31.33 -8.86
CA ASP E 648 -18.85 31.02 -10.01
C ASP E 648 -19.00 32.25 -10.90
N VAL E 649 -18.95 32.02 -12.22
CA VAL E 649 -19.06 33.10 -13.19
C VAL E 649 -20.50 33.55 -13.32
#